data_8Y8F
#
_entry.id   8Y8F
#
_cell.length_a   1.00
_cell.length_b   1.00
_cell.length_c   1.00
_cell.angle_alpha   90.00
_cell.angle_beta   90.00
_cell.angle_gamma   90.00
#
_symmetry.space_group_name_H-M   'P 1'
#
loop_
_entity.id
_entity.type
_entity.pdbx_description
1 polymer 'Spike glycoprotein'
2 branched 2-acetamido-2-deoxy-beta-D-glucopyranose-(1-4)-2-acetamido-2-deoxy-beta-D-glucopyranose
3 branched beta-D-mannopyranose-(1-4)-2-acetamido-2-deoxy-beta-D-glucopyranose-(1-4)-2-acetamido-2-deoxy-beta-D-glucopyranose
4 non-polymer 2-acetamido-2-deoxy-beta-D-glucopyranose
#
_entity_poly.entity_id   1
_entity_poly.type   'polypeptide(L)'
_entity_poly.pdbx_seq_one_letter_code
;VIGDFNCTNSFINDYNKTIPRISEDVVDVSLGLGTYYVLNRVYLNTTLLFTGYFPKSGANFRDLALKGSIYLSTLWYKPP
FLSDFNNGIFSKVKNTKLYVNNTLYSEFSTIVIGSVFVNTSYTIVVQPHNGILEITACQYTMCEYPHTVCKSKGSIRNES
WHIDSSEPLCLFKKNFTYNVSADWLYFHFYQERGVFYAYYADVGMPTTFLFSLYLGTILSHYYVMPLTCNAISSNTDNET
LEYWVTPLSRRQYLLNFDEHGVITNAVDCSSSFLSEIQCKTQSFAPNTGVYDLSGFTVKPVATVYRRIPNLPDCDIDNWL
NNVSVPSPLNWERRIFSNCNFNLSTLLRLVHVDSFSCNNLDKSKIFGSCFNSITVDKFAIPNRRRDDLQLGSSGFLQSSN
YKIDISSSSCQLYYSLPLVNVTINNFNPSSWNRRYGFGSFNLSSYDVVYSDHCFSVNSDFCPCADPSVVNSCAKSKPPSA
ICPAGTKYRHCDLDTTLYVKNWCRCSCLPDPISTYSPNTCPQKKVVVGIGEHCPGLGINEEKCGTQLNHSSCFCSPDAFL
GWSFDSCISNNRCNIFSNFIFNGINSGTTCSNDLLYSNTEISTGVCVNYDLYGITGQGIFKEVSAAYYNNWQNLLYDSNG
NIIGFKDFLTNKTYTILPCYSGRVSAAFYQNSSSPALLYRNLKCSYVLNNISFISQPFYFDSYLGCVLNAVNLTSYSVSS
CDLRMGSGFCIDYALPSSGGSGSGISSPYRFVTFEPFNVSFVNDSVETVGGLFEIQIPTNFTIAGHEEFIQTSSPKVTID
CSAFVCSNYAACHDLLSEYGTFCDNINSILNEVNDLLDITQLQVANALMQGVTLSSNLNTNLHSDVDNIDFKSLLGCLGS
QCGSSSRSPLEDLLFNKVKLSDVGFVEAYNNCTGGSEIRDLLCVQSFNGIKVLPPILSETQISGYTTAATVAAMFPPWSA
AAGVPFPLNVQYRINGLGVTMDVLNKNQKLIANAFNKALLSIQNGFTATPSALAKIQSVVNANAQALNSLLQQLFNKFGA
ISSSLQEILSRLDPPEAQVQIDRLINGRLTALNAYVSQQLSDITLIKAGASRAIEKVNECVKSQSPRINFCGNGNHILSL
VQNAPYGLLFIHFSYKPTSFKTVLVSPGLCLSGDRGIAPKQGYFIKQNDSWMFTGSSYYYPEPISDKNVVFMNSCSVNFT
KAPFIYLNNSIPNLSDFEAELSLWFKNHTSIAPNLTFNSHINATFLDLYYEMNVIQESIKSLN
;
_entity_poly.pdbx_strand_id   A,B,C
#
loop_
_chem_comp.id
_chem_comp.type
_chem_comp.name
_chem_comp.formula
BMA D-saccharide, beta linking beta-D-mannopyranose 'C6 H12 O6'
NAG D-saccharide, beta linking 2-acetamido-2-deoxy-beta-D-glucopyranose 'C8 H15 N O6'
#
# COMPACT_ATOMS: atom_id res chain seq x y z
N VAL A 1 -62.88 8.98 -14.62
CA VAL A 1 -61.96 8.11 -13.91
C VAL A 1 -60.75 8.91 -13.44
N ILE A 2 -60.30 9.86 -14.27
CA ILE A 2 -59.18 10.72 -13.90
C ILE A 2 -59.56 11.58 -12.70
N GLY A 3 -60.71 12.26 -12.78
CA GLY A 3 -61.23 13.04 -11.70
C GLY A 3 -62.48 12.44 -11.09
N ASP A 4 -63.18 13.26 -10.30
CA ASP A 4 -64.42 12.83 -9.65
C ASP A 4 -65.47 13.93 -9.75
N PHE A 5 -65.58 14.55 -10.92
CA PHE A 5 -66.55 15.62 -11.15
C PHE A 5 -67.34 15.33 -12.42
N ASN A 6 -68.61 15.72 -12.42
CA ASN A 6 -69.51 15.50 -13.54
C ASN A 6 -69.51 16.78 -14.38
N CYS A 7 -68.92 16.71 -15.57
CA CYS A 7 -68.73 17.88 -16.42
C CYS A 7 -69.47 17.81 -17.74
N THR A 8 -69.50 16.66 -18.41
CA THR A 8 -70.10 16.55 -19.73
C THR A 8 -71.38 15.75 -19.75
N ASN A 9 -71.37 14.52 -19.24
CA ASN A 9 -72.53 13.65 -19.10
C ASN A 9 -73.24 13.39 -20.44
N SER A 10 -72.62 13.79 -21.54
CA SER A 10 -73.20 13.62 -22.87
C SER A 10 -72.19 12.95 -23.79
N PHE A 11 -72.70 12.10 -24.68
CA PHE A 11 -71.88 11.38 -25.67
C PHE A 11 -70.78 10.57 -24.98
N ILE A 12 -71.21 9.67 -24.10
CA ILE A 12 -70.31 8.81 -23.34
C ILE A 12 -70.73 7.37 -23.57
N ASN A 13 -69.96 6.64 -24.38
CA ASN A 13 -70.21 5.23 -24.64
C ASN A 13 -69.37 4.36 -23.72
N ASP A 14 -69.92 3.21 -23.36
CA ASP A 14 -69.26 2.28 -22.46
C ASP A 14 -69.36 0.85 -22.98
N TYR A 15 -69.13 0.67 -24.29
CA TYR A 15 -69.17 -0.66 -24.91
C TYR A 15 -68.16 -0.66 -26.06
N ASN A 16 -66.96 -1.13 -25.77
CA ASN A 16 -65.87 -1.20 -26.74
C ASN A 16 -64.79 -2.10 -26.16
N LYS A 17 -63.67 -2.21 -26.86
CA LYS A 17 -62.54 -3.03 -26.41
C LYS A 17 -61.26 -2.20 -26.38
N THR A 18 -60.13 -2.86 -26.14
CA THR A 18 -58.84 -2.17 -26.09
C THR A 18 -58.35 -1.89 -27.50
N ILE A 19 -57.96 -0.65 -27.75
CA ILE A 19 -57.49 -0.23 -29.07
C ILE A 19 -56.09 -0.80 -29.32
N PRO A 20 -55.68 -0.99 -30.57
CA PRO A 20 -54.34 -1.52 -30.84
C PRO A 20 -53.26 -0.49 -30.61
N ARG A 21 -52.81 -0.37 -29.36
CA ARG A 21 -51.76 0.57 -28.99
C ARG A 21 -50.53 0.38 -29.86
N ILE A 22 -50.18 1.42 -30.62
CA ILE A 22 -49.05 1.34 -31.54
C ILE A 22 -47.76 1.66 -30.79
N SER A 23 -46.80 0.73 -30.83
CA SER A 23 -45.52 0.90 -30.16
C SER A 23 -44.39 0.42 -31.06
N GLU A 24 -44.46 0.74 -32.35
CA GLU A 24 -43.46 0.30 -33.31
C GLU A 24 -42.28 1.26 -33.39
N ASP A 25 -41.68 1.57 -32.24
CA ASP A 25 -40.53 2.45 -32.17
C ASP A 25 -39.55 1.90 -31.14
N VAL A 26 -38.26 1.99 -31.47
CA VAL A 26 -37.18 1.54 -30.61
C VAL A 26 -36.30 2.74 -30.28
N VAL A 27 -35.91 2.85 -29.01
CA VAL A 27 -35.09 3.97 -28.56
C VAL A 27 -33.72 3.87 -29.23
N ASP A 28 -33.37 4.89 -30.01
CA ASP A 28 -32.08 4.97 -30.69
C ASP A 28 -31.38 6.24 -30.25
N VAL A 29 -30.32 6.09 -29.45
CA VAL A 29 -29.59 7.22 -28.91
C VAL A 29 -28.29 7.47 -29.68
N SER A 30 -28.10 6.82 -30.83
CA SER A 30 -26.87 6.96 -31.58
C SER A 30 -26.68 8.36 -32.16
N LEU A 31 -27.74 9.16 -32.21
CA LEU A 31 -27.66 10.53 -32.73
C LEU A 31 -27.85 11.58 -31.66
N GLY A 32 -28.13 11.20 -30.43
CA GLY A 32 -28.34 12.14 -29.34
C GLY A 32 -29.76 12.26 -28.85
N LEU A 33 -30.66 11.38 -29.28
CA LEU A 33 -32.05 11.44 -28.86
C LEU A 33 -32.17 10.98 -27.40
N GLY A 34 -32.49 11.91 -26.51
CA GLY A 34 -32.66 11.60 -25.11
C GLY A 34 -31.65 12.21 -24.16
N THR A 35 -30.78 13.10 -24.65
CA THR A 35 -29.77 13.73 -23.82
C THR A 35 -30.05 15.23 -23.70
N TYR A 36 -29.43 15.83 -22.68
CA TYR A 36 -29.58 17.26 -22.45
C TYR A 36 -28.22 17.86 -22.12
N TYR A 37 -28.14 19.19 -22.22
CA TYR A 37 -26.91 19.90 -21.92
C TYR A 37 -26.78 20.14 -20.42
N VAL A 38 -25.56 20.34 -19.97
CA VAL A 38 -25.27 20.62 -18.57
C VAL A 38 -25.32 22.12 -18.33
N LEU A 39 -25.72 22.50 -17.13
CA LEU A 39 -25.89 23.92 -16.80
C LEU A 39 -24.54 24.60 -16.65
N ASN A 40 -24.33 25.68 -17.42
CA ASN A 40 -23.13 26.51 -17.32
C ASN A 40 -21.86 25.70 -17.56
N ARG A 41 -21.93 24.77 -18.51
CA ARG A 41 -20.77 23.96 -18.87
C ARG A 41 -20.75 23.77 -20.38
N VAL A 42 -19.59 23.99 -20.98
CA VAL A 42 -19.40 23.85 -22.42
C VAL A 42 -18.25 22.89 -22.68
N TYR A 43 -18.48 21.91 -23.56
CA TYR A 43 -17.47 20.93 -23.95
C TYR A 43 -17.28 20.99 -25.45
N LEU A 44 -16.02 21.06 -25.89
CA LEU A 44 -15.70 21.23 -27.30
C LEU A 44 -14.73 20.14 -27.73
N ASN A 45 -15.13 19.35 -28.72
CA ASN A 45 -14.26 18.35 -29.34
C ASN A 45 -13.74 17.34 -28.32
N THR A 46 -14.62 16.91 -27.41
CA THR A 46 -14.24 15.96 -26.38
C THR A 46 -15.22 14.78 -26.32
N THR A 47 -15.06 13.92 -25.32
CA THR A 47 -15.93 12.76 -25.12
C THR A 47 -16.09 12.56 -23.62
N LEU A 48 -17.23 12.98 -23.08
CA LEU A 48 -17.46 12.99 -21.65
C LEU A 48 -18.33 11.81 -21.22
N LEU A 49 -18.04 11.28 -20.04
CA LEU A 49 -18.84 10.23 -19.41
C LEU A 49 -19.76 10.89 -18.40
N PHE A 50 -21.01 11.12 -18.79
CA PHE A 50 -21.99 11.79 -17.95
C PHE A 50 -23.04 10.80 -17.47
N THR A 51 -23.51 11.02 -16.24
CA THR A 51 -24.53 10.19 -15.62
C THR A 51 -25.71 11.06 -15.22
N GLY A 52 -26.88 10.73 -15.72
CA GLY A 52 -28.07 11.51 -15.42
C GLY A 52 -29.33 10.74 -15.75
N TYR A 53 -30.44 11.47 -15.79
CA TYR A 53 -31.74 10.89 -16.10
C TYR A 53 -31.87 10.77 -17.62
N PHE A 54 -31.60 9.58 -18.14
CA PHE A 54 -31.63 9.31 -19.57
C PHE A 54 -32.50 8.09 -19.85
N PRO A 55 -33.11 8.02 -21.03
CA PRO A 55 -33.93 6.85 -21.36
C PRO A 55 -33.06 5.62 -21.59
N LYS A 56 -33.70 4.46 -21.47
CA LYS A 56 -33.04 3.18 -21.64
C LYS A 56 -33.01 2.80 -23.11
N SER A 57 -31.82 2.50 -23.62
CA SER A 57 -31.68 2.09 -25.02
C SER A 57 -32.29 0.70 -25.22
N GLY A 58 -32.95 0.51 -26.35
CA GLY A 58 -33.63 -0.73 -26.65
C GLY A 58 -35.06 -0.81 -26.17
N ALA A 59 -35.55 0.20 -25.46
CA ALA A 59 -36.92 0.20 -24.98
C ALA A 59 -37.87 0.53 -26.12
N ASN A 60 -39.17 0.56 -25.82
CA ASN A 60 -40.21 0.81 -26.80
C ASN A 60 -41.02 2.03 -26.40
N PHE A 61 -41.23 2.94 -27.35
CA PHE A 61 -42.08 4.09 -27.10
C PHE A 61 -43.54 3.66 -27.02
N ARG A 62 -44.38 4.59 -26.55
CA ARG A 62 -45.82 4.35 -26.43
C ARG A 62 -46.56 5.57 -26.96
N ASP A 63 -47.25 5.40 -28.09
CA ASP A 63 -48.03 6.48 -28.68
C ASP A 63 -49.31 6.65 -27.88
N LEU A 64 -49.34 7.66 -27.00
CA LEU A 64 -50.48 7.91 -26.13
C LEU A 64 -51.42 8.97 -26.70
N ALA A 65 -51.37 9.20 -28.01
CA ALA A 65 -52.25 10.19 -28.62
C ALA A 65 -53.60 9.58 -28.94
N LEU A 66 -54.66 10.36 -28.73
CA LEU A 66 -56.02 9.92 -28.97
C LEU A 66 -56.76 10.99 -29.76
N LYS A 67 -57.48 10.58 -30.80
CA LYS A 67 -58.23 11.47 -31.65
C LYS A 67 -59.69 11.05 -31.65
N GLY A 68 -60.59 12.02 -31.51
CA GLY A 68 -62.01 11.75 -31.53
C GLY A 68 -62.77 12.88 -32.19
N SER A 69 -63.98 12.57 -32.62
CA SER A 69 -64.84 13.54 -33.29
C SER A 69 -66.08 13.88 -32.46
N ILE A 70 -66.88 12.88 -32.10
CA ILE A 70 -68.09 13.12 -31.32
C ILE A 70 -68.11 12.25 -30.07
N TYR A 71 -67.92 10.95 -30.25
CA TYR A 71 -68.01 10.01 -29.15
C TYR A 71 -66.71 9.97 -28.35
N LEU A 72 -66.84 9.69 -27.05
CA LEU A 72 -65.70 9.56 -26.15
C LEU A 72 -65.88 8.27 -25.35
N SER A 73 -65.03 7.28 -25.62
CA SER A 73 -65.12 6.00 -24.94
C SER A 73 -64.56 6.09 -23.52
N THR A 74 -65.10 5.25 -22.64
CA THR A 74 -64.64 5.22 -21.25
C THR A 74 -63.33 4.45 -21.08
N LEU A 75 -62.90 3.70 -22.10
CA LEU A 75 -61.64 2.98 -22.03
C LEU A 75 -60.43 3.89 -22.23
N TRP A 76 -60.64 5.14 -22.64
CA TRP A 76 -59.55 6.07 -22.87
C TRP A 76 -59.03 6.72 -21.60
N TYR A 77 -59.63 6.44 -20.45
CA TYR A 77 -59.23 7.06 -19.19
C TYR A 77 -58.92 6.01 -18.14
N LYS A 78 -58.39 4.86 -18.55
CA LYS A 78 -58.03 3.77 -17.67
C LYS A 78 -56.73 3.17 -18.17
N PRO A 79 -56.01 2.44 -17.31
CA PRO A 79 -54.77 1.78 -17.75
C PRO A 79 -55.02 0.89 -18.96
N PRO A 80 -54.02 0.74 -19.84
CA PRO A 80 -52.65 1.27 -19.70
C PRO A 80 -52.49 2.71 -20.19
N PHE A 81 -53.60 3.40 -20.44
CA PHE A 81 -53.50 4.80 -20.86
C PHE A 81 -53.03 5.68 -19.71
N LEU A 82 -53.52 5.43 -18.50
CA LEU A 82 -53.08 6.15 -17.31
C LEU A 82 -51.89 5.42 -16.74
N SER A 83 -50.69 5.83 -17.15
CA SER A 83 -49.47 5.17 -16.75
C SER A 83 -48.97 5.72 -15.40
N ASP A 84 -47.83 5.20 -14.96
CA ASP A 84 -47.24 5.59 -13.68
C ASP A 84 -46.04 6.50 -13.91
N PHE A 85 -45.83 7.41 -12.97
CA PHE A 85 -44.72 8.36 -13.02
C PHE A 85 -43.81 8.05 -11.84
N ASN A 86 -42.85 7.13 -12.07
CA ASN A 86 -41.94 6.72 -11.02
C ASN A 86 -40.80 7.71 -10.85
N ASN A 87 -39.98 7.87 -11.89
CA ASN A 87 -38.85 8.79 -11.87
C ASN A 87 -38.95 9.88 -12.93
N GLY A 88 -39.36 9.53 -14.14
CA GLY A 88 -39.48 10.51 -15.20
C GLY A 88 -39.81 9.84 -16.52
N ILE A 89 -40.17 10.69 -17.49
CA ILE A 89 -40.54 10.24 -18.82
C ILE A 89 -39.93 11.16 -19.86
N PHE A 90 -39.69 10.60 -21.04
CA PHE A 90 -39.21 11.35 -22.20
C PHE A 90 -40.27 11.29 -23.29
N SER A 91 -40.63 12.45 -23.84
CA SER A 91 -41.75 12.56 -24.76
C SER A 91 -41.28 13.10 -26.10
N LYS A 92 -41.75 12.48 -27.18
CA LYS A 92 -41.54 12.97 -28.54
C LYS A 92 -42.88 13.46 -29.07
N VAL A 93 -42.96 14.77 -29.35
CA VAL A 93 -44.20 15.42 -29.74
C VAL A 93 -44.14 15.73 -31.23
N LYS A 94 -45.20 15.36 -31.95
CA LYS A 94 -45.34 15.69 -33.37
C LYS A 94 -46.21 16.92 -33.51
N ASN A 95 -45.74 17.89 -34.29
CA ASN A 95 -46.44 19.15 -34.47
C ASN A 95 -47.35 19.05 -35.69
N THR A 96 -48.66 19.14 -35.45
CA THR A 96 -49.65 19.09 -36.52
C THR A 96 -49.95 20.50 -37.01
N LYS A 97 -49.85 20.70 -38.32
CA LYS A 97 -50.06 22.00 -38.94
C LYS A 97 -51.35 21.95 -39.77
N LEU A 98 -52.28 22.85 -39.45
CA LEU A 98 -53.57 22.93 -40.14
C LEU A 98 -53.77 24.35 -40.65
N TYR A 99 -54.01 24.48 -41.95
CA TYR A 99 -54.20 25.78 -42.57
C TYR A 99 -55.53 25.81 -43.31
N VAL A 100 -56.10 26.99 -43.47
CA VAL A 100 -57.21 27.23 -44.39
C VAL A 100 -56.76 28.34 -45.32
N ASN A 101 -56.03 27.96 -46.38
CA ASN A 101 -55.60 28.82 -47.48
C ASN A 101 -54.57 29.88 -47.03
N ASN A 102 -54.45 30.08 -45.72
CA ASN A 102 -53.41 30.92 -45.14
C ASN A 102 -53.38 30.71 -43.62
N THR A 103 -52.30 30.14 -43.10
CA THR A 103 -52.17 29.92 -41.66
C THR A 103 -50.79 29.36 -41.36
N LEU A 104 -50.44 29.39 -40.08
CA LEU A 104 -49.25 28.73 -39.56
C LEU A 104 -49.54 28.07 -38.21
N TYR A 105 -50.77 27.61 -38.02
CA TYR A 105 -51.21 27.10 -36.73
C TYR A 105 -50.44 25.83 -36.36
N SER A 106 -50.20 25.68 -35.05
CA SER A 106 -49.49 24.52 -34.51
C SER A 106 -50.26 24.02 -33.28
N GLU A 107 -50.68 22.76 -33.31
CA GLU A 107 -51.45 22.18 -32.22
C GLU A 107 -51.01 20.74 -31.98
N PHE A 108 -50.97 20.35 -30.71
CA PHE A 108 -50.68 18.98 -30.33
C PHE A 108 -51.39 18.68 -29.02
N SER A 109 -51.16 17.48 -28.50
CA SER A 109 -51.89 17.00 -27.34
C SER A 109 -51.44 17.74 -26.07
N THR A 110 -52.15 17.48 -24.98
CA THR A 110 -51.88 18.08 -23.68
C THR A 110 -51.58 16.99 -22.66
N ILE A 111 -50.51 17.18 -21.90
CA ILE A 111 -50.07 16.21 -20.90
C ILE A 111 -50.29 16.80 -19.52
N VAL A 112 -50.88 16.01 -18.62
CA VAL A 112 -51.10 16.41 -17.24
C VAL A 112 -50.38 15.43 -16.32
N ILE A 113 -49.86 15.95 -15.21
CA ILE A 113 -49.13 15.16 -14.23
C ILE A 113 -49.69 15.47 -12.85
N GLY A 114 -49.99 14.43 -12.09
CA GLY A 114 -50.52 14.61 -10.76
C GLY A 114 -50.46 13.34 -9.95
N SER A 115 -51.16 13.33 -8.82
CA SER A 115 -51.20 12.19 -7.92
C SER A 115 -52.58 11.56 -7.83
N VAL A 116 -53.61 12.34 -7.50
CA VAL A 116 -54.96 11.81 -7.35
C VAL A 116 -55.94 12.64 -8.16
N PHE A 117 -55.47 13.78 -8.67
CA PHE A 117 -56.25 14.65 -9.56
C PHE A 117 -57.54 15.13 -8.87
N VAL A 118 -57.35 15.81 -7.74
CA VAL A 118 -58.45 16.42 -6.99
C VAL A 118 -58.05 17.86 -6.64
N ASN A 119 -58.99 18.59 -6.07
CA ASN A 119 -58.75 19.98 -5.70
C ASN A 119 -58.09 20.12 -4.34
N THR A 120 -57.57 19.03 -3.76
CA THR A 120 -56.77 19.08 -2.56
C THR A 120 -55.31 18.74 -2.82
N SER A 121 -54.91 18.66 -4.09
CA SER A 121 -53.54 18.38 -4.47
C SER A 121 -53.21 19.16 -5.73
N TYR A 122 -51.92 19.32 -5.98
CA TYR A 122 -51.45 20.10 -7.12
C TYR A 122 -51.32 19.22 -8.36
N THR A 123 -51.59 19.82 -9.52
CA THR A 123 -51.52 19.13 -10.80
C THR A 123 -50.84 20.03 -11.82
N ILE A 124 -49.88 19.48 -12.55
CA ILE A 124 -49.11 20.22 -13.55
C ILE A 124 -49.74 19.97 -14.92
N VAL A 125 -50.08 21.05 -15.62
CA VAL A 125 -50.70 20.98 -16.94
C VAL A 125 -49.85 21.78 -17.91
N VAL A 126 -49.57 21.20 -19.07
CA VAL A 126 -48.77 21.83 -20.11
C VAL A 126 -49.62 21.82 -21.39
N GLN A 127 -50.24 22.95 -21.70
CA GLN A 127 -51.12 23.07 -22.85
C GLN A 127 -50.62 24.15 -23.80
N PRO A 128 -50.51 23.86 -25.09
CA PRO A 128 -50.09 24.89 -26.05
C PRO A 128 -51.26 25.69 -26.60
N HIS A 129 -50.98 26.96 -26.91
CA HIS A 129 -51.97 27.86 -27.50
C HIS A 129 -51.31 28.61 -28.66
N ASN A 130 -51.34 28.00 -29.84
CA ASN A 130 -50.85 28.60 -31.08
C ASN A 130 -49.45 29.20 -30.90
N GLY A 131 -48.50 28.33 -30.57
CA GLY A 131 -47.13 28.75 -30.38
C GLY A 131 -46.78 29.20 -28.98
N ILE A 132 -47.76 29.32 -28.09
CA ILE A 132 -47.53 29.72 -26.70
C ILE A 132 -47.74 28.49 -25.82
N LEU A 133 -46.69 28.12 -25.09
CA LEU A 133 -46.72 26.93 -24.23
C LEU A 133 -47.07 27.36 -22.82
N GLU A 134 -48.33 27.17 -22.43
CA GLU A 134 -48.81 27.55 -21.11
C GLU A 134 -48.57 26.41 -20.13
N ILE A 135 -47.81 26.69 -19.07
CA ILE A 135 -47.50 25.71 -18.04
C ILE A 135 -47.96 26.27 -16.70
N THR A 136 -48.89 25.57 -16.05
CA THR A 136 -49.42 26.00 -14.77
C THR A 136 -49.43 24.82 -13.80
N ALA A 137 -49.43 25.14 -12.51
CA ALA A 137 -49.45 24.14 -11.44
C ALA A 137 -50.37 24.67 -10.33
N CYS A 138 -51.63 24.29 -10.39
CA CYS A 138 -52.61 24.73 -9.40
C CYS A 138 -53.35 23.53 -8.80
N GLN A 139 -54.37 23.81 -7.99
CA GLN A 139 -55.23 22.75 -7.44
C GLN A 139 -56.51 22.72 -8.26
N TYR A 140 -56.43 22.05 -9.40
CA TYR A 140 -57.56 21.98 -10.32
C TYR A 140 -58.54 20.89 -9.92
N THR A 141 -59.82 21.13 -10.19
CA THR A 141 -60.86 20.13 -9.99
C THR A 141 -61.05 19.40 -11.31
N MET A 142 -60.22 18.39 -11.53
CA MET A 142 -60.21 17.68 -12.81
C MET A 142 -61.53 16.94 -13.03
N CYS A 143 -61.99 16.97 -14.28
CA CYS A 143 -63.21 16.27 -14.66
C CYS A 143 -62.96 14.77 -14.76
N GLU A 144 -64.03 14.00 -14.93
CA GLU A 144 -63.90 12.56 -15.09
C GLU A 144 -63.53 12.17 -16.52
N TYR A 145 -63.81 13.02 -17.50
CA TYR A 145 -63.48 12.74 -18.90
C TYR A 145 -63.01 14.04 -19.55
N PRO A 146 -61.76 14.43 -19.30
CA PRO A 146 -61.24 15.67 -19.89
C PRO A 146 -60.84 15.48 -21.34
N HIS A 147 -60.91 16.59 -22.09
CA HIS A 147 -60.55 16.59 -23.50
C HIS A 147 -60.36 18.03 -23.96
N THR A 148 -59.42 18.21 -24.87
CA THR A 148 -59.14 19.53 -25.44
C THR A 148 -60.03 19.77 -26.66
N VAL A 149 -59.95 20.98 -27.22
CA VAL A 149 -60.76 21.37 -28.36
C VAL A 149 -59.84 21.86 -29.47
N CYS A 150 -60.40 21.97 -30.67
CA CYS A 150 -59.69 22.45 -31.85
C CYS A 150 -60.03 23.92 -32.04
N LYS A 151 -59.06 24.80 -31.79
CA LYS A 151 -59.28 26.23 -31.89
C LYS A 151 -58.93 26.79 -33.26
N SER A 152 -58.36 25.99 -34.16
CA SER A 152 -57.98 26.44 -35.49
C SER A 152 -59.03 26.10 -36.55
N LYS A 153 -59.67 24.93 -36.44
CA LYS A 153 -60.67 24.51 -37.40
C LYS A 153 -62.03 24.26 -36.77
N GLY A 154 -62.19 24.49 -35.46
CA GLY A 154 -63.46 24.27 -34.80
C GLY A 154 -63.66 22.83 -34.40
N SER A 155 -64.72 22.59 -33.63
CA SER A 155 -65.07 21.26 -33.17
C SER A 155 -66.55 21.26 -32.78
N ILE A 156 -67.02 20.09 -32.35
CA ILE A 156 -68.41 19.95 -31.95
C ILE A 156 -68.58 20.14 -30.44
N ARG A 157 -67.66 19.59 -29.66
CA ARG A 157 -67.71 19.68 -28.21
C ARG A 157 -66.97 20.94 -27.72
N ASN A 158 -67.16 21.24 -26.44
CA ASN A 158 -66.52 22.40 -25.82
C ASN A 158 -65.37 21.94 -24.92
N GLU A 159 -64.30 22.72 -24.91
CA GLU A 159 -63.13 22.39 -24.10
C GLU A 159 -63.46 22.55 -22.62
N SER A 160 -63.30 21.48 -21.85
CA SER A 160 -63.61 21.51 -20.42
C SER A 160 -62.84 20.39 -19.75
N TRP A 161 -61.86 20.75 -18.91
CA TRP A 161 -61.14 19.78 -18.11
C TRP A 161 -61.14 20.11 -16.63
N HIS A 162 -61.70 21.26 -16.23
CA HIS A 162 -61.81 21.62 -14.82
C HIS A 162 -62.94 22.61 -14.66
N ILE A 163 -63.69 22.48 -13.58
CA ILE A 163 -64.82 23.36 -13.28
C ILE A 163 -64.46 24.11 -12.00
N ASP A 164 -63.95 25.33 -12.15
CA ASP A 164 -63.58 26.18 -11.02
C ASP A 164 -64.18 27.56 -11.21
N SER A 165 -64.74 28.10 -10.12
CA SER A 165 -65.33 29.44 -10.15
C SER A 165 -64.31 30.50 -9.72
N SER A 166 -63.67 30.31 -8.58
CA SER A 166 -62.66 31.24 -8.10
C SER A 166 -61.29 30.80 -8.63
N GLU A 167 -60.22 31.42 -8.13
CA GLU A 167 -58.88 31.05 -8.57
C GLU A 167 -58.27 30.06 -7.60
N PRO A 168 -57.82 28.90 -8.06
CA PRO A 168 -57.21 27.92 -7.16
C PRO A 168 -55.83 28.37 -6.70
N LEU A 169 -55.35 27.73 -5.64
CA LEU A 169 -54.02 28.02 -5.11
C LEU A 169 -52.97 27.48 -6.07
N CYS A 170 -52.22 28.38 -6.70
CA CYS A 170 -51.22 28.03 -7.69
C CYS A 170 -49.82 28.26 -7.13
N LEU A 171 -48.87 27.44 -7.60
CA LEU A 171 -47.48 27.59 -7.23
C LEU A 171 -46.58 27.99 -8.39
N PHE A 172 -47.07 27.89 -9.63
CA PHE A 172 -46.27 28.22 -10.80
C PHE A 172 -47.20 28.48 -11.97
N LYS A 173 -47.03 29.62 -12.64
CA LYS A 173 -47.84 29.97 -13.79
C LYS A 173 -47.02 30.90 -14.68
N LYS A 174 -46.47 30.35 -15.76
CA LYS A 174 -45.68 31.12 -16.70
C LYS A 174 -45.99 30.66 -18.12
N ASN A 175 -45.64 31.52 -19.08
CA ASN A 175 -45.86 31.24 -20.50
C ASN A 175 -44.51 31.18 -21.21
N PHE A 176 -44.30 30.13 -21.99
CA PHE A 176 -43.08 29.95 -22.76
C PHE A 176 -43.41 29.89 -24.25
N THR A 177 -42.46 30.33 -25.06
CA THR A 177 -42.63 30.37 -26.51
C THR A 177 -41.68 29.38 -27.17
N TYR A 178 -42.18 28.68 -28.19
CA TYR A 178 -41.40 27.70 -28.93
C TYR A 178 -41.49 28.02 -30.42
N ASN A 179 -40.63 27.36 -31.19
CA ASN A 179 -40.60 27.56 -32.63
C ASN A 179 -41.89 27.03 -33.26
N VAL A 180 -42.63 27.91 -33.93
CA VAL A 180 -43.89 27.52 -34.54
C VAL A 180 -43.65 26.56 -35.71
N SER A 181 -42.69 26.91 -36.58
CA SER A 181 -42.35 26.08 -37.74
C SER A 181 -41.38 24.99 -37.29
N ALA A 182 -41.92 24.01 -36.56
CA ALA A 182 -41.15 22.90 -36.05
C ALA A 182 -41.87 21.59 -36.38
N ASP A 183 -41.08 20.52 -36.44
CA ASP A 183 -41.60 19.19 -36.76
C ASP A 183 -41.67 18.26 -35.55
N TRP A 184 -40.71 18.35 -34.63
CA TRP A 184 -40.68 17.48 -33.47
C TRP A 184 -40.23 18.28 -32.25
N LEU A 185 -40.95 18.11 -31.14
CA LEU A 185 -40.64 18.76 -29.88
C LEU A 185 -40.36 17.70 -28.82
N TYR A 186 -39.28 17.88 -28.06
CA TYR A 186 -38.87 16.93 -27.04
C TYR A 186 -38.93 17.56 -25.67
N PHE A 187 -39.21 16.73 -24.67
CA PHE A 187 -39.34 17.20 -23.29
C PHE A 187 -38.73 16.17 -22.35
N HIS A 188 -38.40 16.63 -21.14
CA HIS A 188 -37.84 15.79 -20.09
C HIS A 188 -38.44 16.23 -18.76
N PHE A 189 -39.35 15.42 -18.22
CA PHE A 189 -40.00 15.70 -16.95
C PHE A 189 -39.58 14.63 -15.95
N TYR A 190 -38.84 15.02 -14.92
CA TYR A 190 -38.43 14.11 -13.87
C TYR A 190 -38.44 14.84 -12.53
N GLN A 191 -38.35 14.07 -11.45
CA GLN A 191 -38.38 14.61 -10.10
C GLN A 191 -37.22 14.04 -9.29
N GLU A 192 -36.79 14.80 -8.28
CA GLU A 192 -35.69 14.38 -7.42
C GLU A 192 -35.79 15.14 -6.11
N ARG A 193 -36.02 14.41 -5.01
CA ARG A 193 -36.11 14.99 -3.68
C ARG A 193 -37.19 16.07 -3.60
N GLY A 194 -38.36 15.77 -4.18
CA GLY A 194 -39.47 16.71 -4.12
C GLY A 194 -39.32 17.93 -4.98
N VAL A 195 -38.42 17.92 -5.95
CA VAL A 195 -38.20 19.05 -6.86
C VAL A 195 -38.50 18.57 -8.27
N PHE A 196 -39.40 19.27 -8.95
CA PHE A 196 -39.82 18.91 -10.30
C PHE A 196 -38.98 19.67 -11.32
N TYR A 197 -38.30 18.93 -12.19
CA TYR A 197 -37.48 19.51 -13.25
C TYR A 197 -38.14 19.27 -14.61
N ALA A 198 -37.97 20.24 -15.50
CA ALA A 198 -38.57 20.16 -16.83
C ALA A 198 -37.61 20.71 -17.88
N TYR A 199 -37.39 19.95 -18.94
CA TYR A 199 -36.58 20.35 -20.06
C TYR A 199 -37.46 20.50 -21.30
N TYR A 200 -36.90 21.15 -22.32
CA TYR A 200 -37.66 21.44 -23.54
C TYR A 200 -36.69 21.74 -24.67
N ALA A 201 -37.08 21.32 -25.87
CA ALA A 201 -36.27 21.56 -27.07
C ALA A 201 -37.20 21.75 -28.26
N ASP A 202 -36.96 22.81 -29.03
CA ASP A 202 -37.72 23.09 -30.24
C ASP A 202 -36.95 22.78 -31.51
N VAL A 203 -35.66 23.14 -31.56
CA VAL A 203 -34.80 22.84 -32.68
C VAL A 203 -33.68 21.94 -32.18
N GLY A 204 -33.54 20.77 -32.80
CA GLY A 204 -32.54 19.81 -32.39
C GLY A 204 -33.08 18.77 -31.43
N MET A 205 -32.39 17.64 -31.36
CA MET A 205 -32.78 16.54 -30.50
C MET A 205 -32.39 16.74 -29.04
N PRO A 206 -31.18 17.21 -28.72
CA PRO A 206 -30.85 17.47 -27.31
C PRO A 206 -31.73 18.58 -26.75
N THR A 207 -32.04 18.47 -25.46
CA THR A 207 -32.94 19.40 -24.78
C THR A 207 -32.15 20.36 -23.90
N THR A 208 -32.84 21.40 -23.45
CA THR A 208 -32.26 22.45 -22.63
C THR A 208 -33.15 22.69 -21.41
N PHE A 209 -32.53 23.08 -20.31
CA PHE A 209 -33.26 23.34 -19.07
C PHE A 209 -34.28 24.46 -19.27
N LEU A 210 -35.48 24.26 -18.73
CA LEU A 210 -36.57 25.21 -18.88
C LEU A 210 -36.95 25.87 -17.56
N PHE A 211 -37.28 25.08 -16.53
CA PHE A 211 -37.64 25.63 -15.24
C PHE A 211 -37.64 24.50 -14.21
N SER A 212 -37.61 24.89 -12.94
CA SER A 212 -37.70 23.96 -11.83
C SER A 212 -38.78 24.43 -10.86
N LEU A 213 -39.34 23.47 -10.11
CA LEU A 213 -40.42 23.78 -9.19
C LEU A 213 -40.35 22.83 -8.00
N TYR A 214 -40.53 23.39 -6.80
CA TYR A 214 -40.57 22.61 -5.57
C TYR A 214 -42.02 22.29 -5.22
N LEU A 215 -42.28 21.03 -4.93
CA LEU A 215 -43.62 20.57 -4.58
C LEU A 215 -43.70 19.90 -3.22
N GLY A 216 -42.69 19.11 -2.85
CA GLY A 216 -42.72 18.40 -1.58
C GLY A 216 -43.59 17.18 -1.56
N THR A 217 -44.11 16.74 -2.71
CA THR A 217 -44.97 15.58 -2.78
C THR A 217 -44.56 14.73 -3.98
N ILE A 218 -44.50 13.41 -3.78
CA ILE A 218 -44.10 12.51 -4.85
C ILE A 218 -45.21 12.39 -5.87
N LEU A 219 -44.87 12.61 -7.14
CA LEU A 219 -45.83 12.45 -8.23
C LEU A 219 -46.06 10.97 -8.51
N SER A 220 -47.28 10.64 -8.89
CA SER A 220 -47.69 9.25 -9.05
C SER A 220 -48.01 8.89 -10.49
N HIS A 221 -48.93 9.61 -11.14
CA HIS A 221 -49.42 9.22 -12.46
C HIS A 221 -49.35 10.40 -13.41
N TYR A 222 -49.49 10.09 -14.69
CA TYR A 222 -49.58 11.10 -15.75
C TYR A 222 -50.55 10.59 -16.82
N TYR A 223 -51.08 11.52 -17.60
CA TYR A 223 -52.07 11.16 -18.61
C TYR A 223 -52.05 12.20 -19.72
N VAL A 224 -52.10 11.72 -20.96
CA VAL A 224 -52.15 12.58 -22.14
C VAL A 224 -53.63 12.79 -22.49
N MET A 225 -54.07 14.05 -22.49
CA MET A 225 -55.47 14.35 -22.73
C MET A 225 -55.80 14.16 -24.21
N PRO A 226 -56.97 13.61 -24.53
CA PRO A 226 -57.37 13.46 -25.92
C PRO A 226 -57.69 14.81 -26.56
N LEU A 227 -57.68 14.81 -27.89
CA LEU A 227 -57.99 16.00 -28.68
C LEU A 227 -59.20 15.71 -29.56
N THR A 228 -60.13 16.65 -29.59
CA THR A 228 -61.36 16.52 -30.38
C THR A 228 -61.33 17.58 -31.48
N CYS A 229 -61.21 17.13 -32.72
CA CYS A 229 -61.17 18.01 -33.87
C CYS A 229 -62.03 17.44 -34.98
N ASN A 230 -62.51 18.33 -35.85
CA ASN A 230 -63.32 17.93 -36.99
C ASN A 230 -62.56 18.02 -38.31
N ALA A 231 -61.23 18.19 -38.26
CA ALA A 231 -60.44 18.31 -39.48
C ALA A 231 -59.14 17.52 -39.41
N ILE A 232 -58.99 16.61 -38.45
CA ILE A 232 -57.79 15.79 -38.32
C ILE A 232 -58.22 14.34 -38.51
N SER A 233 -58.16 13.86 -39.76
CA SER A 233 -58.54 12.50 -40.11
C SER A 233 -58.07 12.25 -41.53
N SER A 234 -58.13 10.98 -41.94
CA SER A 234 -57.74 10.61 -43.30
C SER A 234 -58.92 10.72 -44.27
N ASN A 235 -59.60 11.86 -44.22
CA ASN A 235 -60.67 12.16 -45.18
C ASN A 235 -60.66 13.58 -45.71
N THR A 236 -59.97 14.52 -45.07
CA THR A 236 -59.93 15.90 -45.51
C THR A 236 -58.51 16.45 -45.63
N ASP A 237 -57.61 16.07 -44.72
CA ASP A 237 -56.25 16.57 -44.71
C ASP A 237 -55.18 15.50 -44.57
N ASN A 238 -55.54 14.28 -44.17
CA ASN A 238 -54.59 13.18 -44.01
C ASN A 238 -53.50 13.53 -42.99
N GLU A 239 -53.93 13.82 -41.77
CA GLU A 239 -53.04 14.16 -40.67
C GLU A 239 -53.34 13.25 -39.49
N THR A 240 -52.36 13.14 -38.59
CA THR A 240 -52.48 12.29 -37.41
C THR A 240 -51.75 12.94 -36.25
N LEU A 241 -52.09 12.48 -35.04
CA LEU A 241 -51.46 12.95 -33.82
C LEU A 241 -50.56 11.87 -33.25
N GLU A 242 -49.34 12.24 -32.87
CA GLU A 242 -48.36 11.31 -32.34
C GLU A 242 -47.77 11.87 -31.05
N TYR A 243 -47.74 11.05 -30.00
CA TYR A 243 -47.17 11.46 -28.72
C TYR A 243 -46.55 10.21 -28.08
N TRP A 244 -45.24 10.05 -28.30
CA TRP A 244 -44.52 8.88 -27.81
C TRP A 244 -43.91 9.17 -26.45
N VAL A 245 -44.01 8.22 -25.54
CA VAL A 245 -43.53 8.37 -24.16
C VAL A 245 -42.69 7.15 -23.81
N THR A 246 -41.53 7.39 -23.19
CA THR A 246 -40.64 6.34 -22.72
C THR A 246 -40.16 6.70 -21.32
N PRO A 247 -40.03 5.72 -20.42
CA PRO A 247 -39.61 6.03 -19.05
C PRO A 247 -38.15 6.44 -18.99
N LEU A 248 -37.78 6.99 -17.84
CA LEU A 248 -36.43 7.47 -17.58
C LEU A 248 -35.84 6.80 -16.36
N SER A 249 -34.52 6.83 -16.28
CA SER A 249 -33.79 6.26 -15.14
C SER A 249 -32.40 6.88 -15.10
N ARG A 250 -31.72 6.69 -13.98
CA ARG A 250 -30.36 7.21 -13.78
C ARG A 250 -29.37 6.22 -14.38
N ARG A 251 -28.88 6.54 -15.57
CA ARG A 251 -27.95 5.67 -16.30
C ARG A 251 -26.71 6.47 -16.68
N GLN A 252 -25.69 5.75 -17.15
CA GLN A 252 -24.44 6.34 -17.59
C GLN A 252 -24.37 6.34 -19.11
N TYR A 253 -24.03 7.48 -19.68
CA TYR A 253 -23.97 7.65 -21.13
C TYR A 253 -22.60 8.15 -21.56
N LEU A 254 -22.32 7.98 -22.84
CA LEU A 254 -21.07 8.44 -23.46
C LEU A 254 -21.42 9.52 -24.47
N LEU A 255 -21.23 10.78 -24.08
CA LEU A 255 -21.61 11.91 -24.92
C LEU A 255 -20.45 12.32 -25.83
N ASN A 256 -20.79 12.77 -27.03
CA ASN A 256 -19.83 13.25 -28.02
C ASN A 256 -20.15 14.70 -28.34
N PHE A 257 -19.15 15.57 -28.19
CA PHE A 257 -19.30 16.99 -28.47
C PHE A 257 -18.46 17.36 -29.69
N ASP A 258 -19.03 18.24 -30.53
CA ASP A 258 -18.35 18.68 -31.74
C ASP A 258 -17.54 19.94 -31.44
N GLU A 259 -17.03 20.59 -32.50
CA GLU A 259 -16.26 21.81 -32.33
C GLU A 259 -17.10 23.01 -31.94
N HIS A 260 -18.43 22.92 -32.05
CA HIS A 260 -19.31 24.00 -31.66
C HIS A 260 -20.00 23.77 -30.32
N GLY A 261 -19.91 22.57 -29.77
CA GLY A 261 -20.54 22.25 -28.51
C GLY A 261 -21.91 21.62 -28.60
N VAL A 262 -22.25 20.99 -29.71
CA VAL A 262 -23.54 20.34 -29.90
C VAL A 262 -23.35 18.84 -29.80
N ILE A 263 -24.23 18.19 -29.02
CA ILE A 263 -24.15 16.74 -28.85
C ILE A 263 -24.52 16.08 -30.17
N THR A 264 -23.62 15.22 -30.67
CA THR A 264 -23.83 14.53 -31.93
C THR A 264 -24.16 13.06 -31.78
N ASN A 265 -23.59 12.38 -30.78
CA ASN A 265 -23.83 10.96 -30.57
C ASN A 265 -23.94 10.68 -29.09
N ALA A 266 -24.50 9.51 -28.76
CA ALA A 266 -24.64 9.07 -27.39
C ALA A 266 -24.66 7.55 -27.36
N VAL A 267 -24.16 6.98 -26.27
CA VAL A 267 -24.05 5.53 -26.12
C VAL A 267 -24.50 5.15 -24.72
N ASP A 268 -25.57 4.37 -24.63
CA ASP A 268 -26.04 3.82 -23.36
C ASP A 268 -25.30 2.51 -23.11
N CYS A 269 -24.41 2.51 -22.12
CA CYS A 269 -23.54 1.36 -21.88
C CYS A 269 -24.18 0.33 -20.94
N SER A 270 -25.42 -0.07 -21.26
CA SER A 270 -26.07 -1.15 -20.54
C SER A 270 -26.94 -2.02 -21.43
N SER A 271 -27.00 -1.77 -22.74
CA SER A 271 -27.87 -2.51 -23.64
C SER A 271 -27.14 -3.66 -24.32
N SER A 272 -26.07 -3.35 -25.05
CA SER A 272 -25.31 -4.35 -25.81
C SER A 272 -23.87 -4.38 -25.31
N PHE A 273 -23.07 -5.24 -25.93
CA PHE A 273 -21.67 -5.40 -25.58
C PHE A 273 -20.77 -4.38 -26.28
N LEU A 274 -21.14 -3.97 -27.49
CA LEU A 274 -20.40 -2.91 -28.16
C LEU A 274 -20.44 -1.61 -27.37
N SER A 275 -21.56 -1.34 -26.70
CA SER A 275 -21.64 -0.17 -25.83
C SER A 275 -20.65 -0.28 -24.67
N GLU A 276 -20.54 -1.47 -24.08
CA GLU A 276 -19.57 -1.67 -23.00
C GLU A 276 -18.14 -1.51 -23.50
N ILE A 277 -17.86 -1.99 -24.71
CA ILE A 277 -16.52 -1.82 -25.29
C ILE A 277 -16.22 -0.34 -25.50
N GLN A 278 -17.18 0.40 -26.07
CA GLN A 278 -16.97 1.82 -26.31
C GLN A 278 -16.87 2.61 -25.00
N CYS A 279 -17.50 2.12 -23.93
CA CYS A 279 -17.36 2.77 -22.63
C CYS A 279 -15.99 2.52 -22.04
N LYS A 280 -15.56 1.26 -22.02
CA LYS A 280 -14.26 0.93 -21.44
C LYS A 280 -13.10 1.48 -22.26
N THR A 281 -13.32 1.77 -23.55
CA THR A 281 -12.31 2.40 -24.38
C THR A 281 -12.48 3.91 -24.49
N GLN A 282 -13.65 4.44 -24.10
CA GLN A 282 -13.93 5.87 -24.17
C GLN A 282 -13.72 6.41 -25.59
N SER A 283 -14.20 5.66 -26.57
CA SER A 283 -14.07 6.05 -27.97
C SER A 283 -15.20 5.43 -28.77
N PHE A 284 -15.75 6.19 -29.72
CA PHE A 284 -16.82 5.69 -30.58
C PHE A 284 -16.32 4.79 -31.70
N ALA A 285 -15.01 4.70 -31.89
CA ALA A 285 -14.42 3.82 -32.91
C ALA A 285 -13.25 3.07 -32.29
N PRO A 286 -13.52 2.04 -31.49
CA PRO A 286 -12.43 1.31 -30.84
C PRO A 286 -11.65 0.48 -31.84
N ASN A 287 -10.40 0.19 -31.47
CA ASN A 287 -9.51 -0.57 -32.34
C ASN A 287 -9.86 -2.05 -32.29
N THR A 288 -9.29 -2.80 -33.24
CA THR A 288 -9.53 -4.23 -33.31
C THR A 288 -8.77 -4.95 -32.19
N GLY A 289 -9.48 -5.81 -31.47
CA GLY A 289 -8.86 -6.54 -30.38
C GLY A 289 -9.88 -7.43 -29.71
N VAL A 290 -9.37 -8.25 -28.79
CA VAL A 290 -10.19 -9.17 -28.01
C VAL A 290 -10.43 -8.53 -26.65
N TYR A 291 -11.63 -8.01 -26.44
CA TYR A 291 -11.98 -7.33 -25.20
C TYR A 291 -12.69 -8.30 -24.27
N ASP A 292 -12.13 -8.51 -23.08
CA ASP A 292 -12.73 -9.37 -22.08
C ASP A 292 -13.66 -8.52 -21.23
N LEU A 293 -14.97 -8.73 -21.37
CA LEU A 293 -15.96 -7.90 -20.72
C LEU A 293 -16.05 -8.24 -19.23
N SER A 294 -16.91 -7.51 -18.53
CA SER A 294 -17.08 -7.70 -17.10
C SER A 294 -17.81 -9.01 -16.82
N GLY A 295 -17.68 -9.47 -15.57
CA GLY A 295 -18.29 -10.72 -15.18
C GLY A 295 -19.80 -10.61 -14.99
N PHE A 296 -20.44 -11.77 -14.95
CA PHE A 296 -21.88 -11.85 -14.75
C PHE A 296 -22.18 -12.96 -13.76
N THR A 297 -23.45 -13.03 -13.35
CA THR A 297 -23.89 -14.02 -12.38
C THR A 297 -25.32 -14.44 -12.72
N VAL A 298 -25.60 -15.73 -12.59
CA VAL A 298 -26.94 -16.24 -12.86
C VAL A 298 -27.92 -15.69 -11.84
N LYS A 299 -28.99 -15.06 -12.32
CA LYS A 299 -29.97 -14.47 -11.42
C LYS A 299 -30.81 -15.58 -10.77
N PRO A 300 -31.21 -15.41 -9.52
CA PRO A 300 -32.03 -16.43 -8.86
C PRO A 300 -33.40 -16.54 -9.51
N VAL A 301 -33.97 -17.74 -9.43
CA VAL A 301 -35.28 -18.03 -10.00
C VAL A 301 -36.35 -18.27 -8.95
N ALA A 302 -35.98 -18.48 -7.70
CA ALA A 302 -36.95 -18.71 -6.63
C ALA A 302 -36.33 -18.27 -5.31
N THR A 303 -37.02 -18.56 -4.21
CA THR A 303 -36.56 -18.19 -2.87
C THR A 303 -36.94 -19.30 -1.90
N VAL A 304 -36.00 -19.70 -1.05
CA VAL A 304 -36.21 -20.72 -0.05
C VAL A 304 -36.37 -20.06 1.31
N TYR A 305 -37.40 -20.45 2.05
CA TYR A 305 -37.69 -19.88 3.37
C TYR A 305 -38.06 -21.02 4.30
N ARG A 306 -37.18 -21.32 5.26
CA ARG A 306 -37.39 -22.42 6.19
C ARG A 306 -37.24 -21.90 7.61
N ARG A 307 -38.27 -22.08 8.42
CA ARG A 307 -38.24 -21.68 9.82
C ARG A 307 -39.16 -22.59 10.62
N ILE A 308 -38.86 -22.71 11.91
CA ILE A 308 -39.59 -23.61 12.80
C ILE A 308 -40.88 -22.94 13.25
N PRO A 309 -42.05 -23.53 12.96
CA PRO A 309 -43.31 -22.93 13.41
C PRO A 309 -43.71 -23.39 14.81
N ASN A 310 -44.82 -22.86 15.31
CA ASN A 310 -45.39 -23.25 16.60
C ASN A 310 -44.38 -23.04 17.74
N LEU A 311 -44.01 -21.78 17.94
CA LEU A 311 -43.12 -21.40 19.02
C LEU A 311 -43.78 -20.33 19.89
N PRO A 312 -43.52 -20.34 21.19
CA PRO A 312 -44.16 -19.36 22.08
C PRO A 312 -43.61 -17.96 21.91
N ASP A 313 -44.19 -16.99 22.62
CA ASP A 313 -43.76 -15.62 22.55
C ASP A 313 -42.70 -15.33 23.62
N CYS A 314 -41.91 -14.28 23.38
CA CYS A 314 -40.83 -13.94 24.30
C CYS A 314 -41.36 -13.20 25.53
N ASP A 315 -42.39 -12.37 25.35
CA ASP A 315 -43.02 -11.60 26.42
C ASP A 315 -42.00 -10.71 27.13
N ILE A 316 -41.41 -9.80 26.34
CA ILE A 316 -40.46 -8.85 26.89
C ILE A 316 -41.18 -7.68 27.55
N ASP A 317 -42.39 -7.36 27.10
CA ASP A 317 -43.14 -6.25 27.68
C ASP A 317 -43.53 -6.54 29.12
N ASN A 318 -43.87 -7.80 29.42
CA ASN A 318 -44.20 -8.17 30.79
C ASN A 318 -43.00 -8.08 31.71
N TRP A 319 -41.79 -8.27 31.17
CA TRP A 319 -40.58 -8.15 31.97
C TRP A 319 -40.16 -6.70 32.14
N LEU A 320 -40.35 -5.86 31.12
CA LEU A 320 -39.97 -4.46 31.23
C LEU A 320 -40.98 -3.64 32.02
N ASN A 321 -42.25 -4.02 32.00
CA ASN A 321 -43.31 -3.28 32.69
C ASN A 321 -43.70 -3.93 34.01
N ASN A 322 -42.75 -4.53 34.72
CA ASN A 322 -43.06 -5.14 36.00
C ASN A 322 -43.14 -4.08 37.09
N VAL A 323 -43.75 -4.45 38.21
CA VAL A 323 -43.98 -3.53 39.32
C VAL A 323 -42.83 -3.59 40.30
N SER A 324 -41.76 -4.30 39.94
CA SER A 324 -40.57 -4.46 40.78
C SER A 324 -39.38 -3.96 39.98
N VAL A 325 -39.09 -2.67 40.09
CA VAL A 325 -37.98 -2.04 39.38
C VAL A 325 -36.75 -2.10 40.29
N PRO A 326 -35.66 -2.74 39.87
CA PRO A 326 -34.47 -2.82 40.70
C PRO A 326 -33.64 -1.54 40.61
N SER A 327 -32.51 -1.56 41.29
CA SER A 327 -31.56 -0.46 41.32
C SER A 327 -30.28 -0.84 40.59
N PRO A 328 -29.47 0.14 40.18
CA PRO A 328 -28.20 -0.18 39.51
C PRO A 328 -27.26 -1.03 40.36
N LEU A 329 -27.42 -1.04 41.67
CA LEU A 329 -26.56 -1.86 42.52
C LEU A 329 -26.90 -3.34 42.41
N ASN A 330 -28.17 -3.67 42.15
CA ASN A 330 -28.64 -5.05 42.07
C ASN A 330 -29.47 -5.25 40.80
N TRP A 331 -28.93 -4.80 39.67
CA TRP A 331 -29.64 -4.95 38.40
C TRP A 331 -29.86 -6.42 38.07
N GLU A 332 -30.96 -6.69 37.37
CA GLU A 332 -31.38 -8.04 37.05
C GLU A 332 -31.17 -8.33 35.57
N ARG A 333 -31.33 -9.60 35.21
CA ARG A 333 -31.12 -10.05 33.84
C ARG A 333 -31.99 -11.27 33.57
N ARG A 334 -32.62 -11.28 32.40
CA ARG A 334 -33.42 -12.42 31.94
C ARG A 334 -33.03 -12.74 30.52
N ILE A 335 -32.84 -14.03 30.24
CA ILE A 335 -32.42 -14.51 28.92
C ILE A 335 -33.64 -14.99 28.15
N PHE A 336 -33.81 -14.47 26.95
CA PHE A 336 -34.91 -14.85 26.07
C PHE A 336 -34.35 -15.66 24.90
N SER A 337 -34.80 -16.91 24.78
CA SER A 337 -34.35 -17.79 23.72
C SER A 337 -35.48 -18.71 23.30
N ASN A 338 -35.46 -19.10 22.02
CA ASN A 338 -36.46 -20.00 21.44
C ASN A 338 -37.87 -19.43 21.61
N CYS A 339 -38.06 -18.25 21.03
CA CYS A 339 -39.35 -17.57 21.10
C CYS A 339 -39.44 -16.58 19.95
N ASN A 340 -40.63 -16.03 19.76
CA ASN A 340 -40.90 -15.04 18.71
C ASN A 340 -41.16 -13.69 19.34
N PHE A 341 -40.70 -12.63 18.67
CA PHE A 341 -40.86 -11.28 19.17
C PHE A 341 -40.95 -10.33 17.99
N ASN A 342 -41.43 -9.12 18.26
CA ASN A 342 -41.52 -8.07 17.25
C ASN A 342 -41.28 -6.73 17.92
N LEU A 343 -40.55 -5.85 17.22
CA LEU A 343 -40.20 -4.55 17.79
C LEU A 343 -41.39 -3.59 17.79
N SER A 344 -42.33 -3.76 16.86
CA SER A 344 -43.47 -2.85 16.78
C SER A 344 -44.32 -2.93 18.04
N THR A 345 -44.77 -4.13 18.40
CA THR A 345 -45.59 -4.29 19.60
C THR A 345 -44.80 -3.95 20.85
N LEU A 346 -43.51 -4.25 20.88
CA LEU A 346 -42.68 -3.94 22.04
C LEU A 346 -42.61 -2.44 22.27
N LEU A 347 -42.35 -1.67 21.20
CA LEU A 347 -42.29 -0.22 21.33
C LEU A 347 -43.67 0.41 21.51
N ARG A 348 -44.73 -0.29 21.11
CA ARG A 348 -46.07 0.27 21.28
C ARG A 348 -46.60 0.07 22.69
N LEU A 349 -46.41 -1.11 23.27
CA LEU A 349 -46.92 -1.41 24.60
C LEU A 349 -46.08 -0.80 25.72
N VAL A 350 -44.92 -0.23 25.40
CA VAL A 350 -44.04 0.39 26.38
C VAL A 350 -43.89 1.86 26.02
N HIS A 351 -43.98 2.72 27.02
CA HIS A 351 -43.84 4.16 26.79
C HIS A 351 -42.38 4.51 26.51
N VAL A 352 -42.01 4.52 25.23
CA VAL A 352 -40.63 4.68 24.81
C VAL A 352 -40.28 6.16 24.76
N ASP A 353 -39.14 6.52 25.32
CA ASP A 353 -38.60 7.87 25.26
C ASP A 353 -37.51 8.02 24.22
N SER A 354 -36.57 7.07 24.17
CA SER A 354 -35.48 7.10 23.20
C SER A 354 -34.97 5.68 23.00
N PHE A 355 -34.85 5.27 21.75
CA PHE A 355 -34.39 3.92 21.41
C PHE A 355 -33.24 4.03 20.41
N SER A 356 -32.03 3.76 20.88
CA SER A 356 -30.83 3.79 20.06
C SER A 356 -30.18 2.40 20.04
N CYS A 357 -29.21 2.24 19.16
CA CYS A 357 -28.50 0.97 19.01
C CYS A 357 -27.04 1.24 18.68
N ASN A 358 -26.19 0.29 19.04
CA ASN A 358 -24.76 0.36 18.79
C ASN A 358 -24.30 -0.91 18.08
N ASN A 359 -23.46 -0.73 17.06
CA ASN A 359 -22.94 -1.82 16.23
C ASN A 359 -24.05 -2.63 15.57
N LEU A 360 -25.24 -2.04 15.43
CA LEU A 360 -26.40 -2.70 14.85
C LEU A 360 -27.44 -1.64 14.55
N ASP A 361 -28.26 -1.89 13.53
CA ASP A 361 -29.30 -0.97 13.12
C ASP A 361 -30.67 -1.61 13.32
N LYS A 362 -31.67 -0.77 13.61
CA LYS A 362 -33.00 -1.27 13.88
C LYS A 362 -33.65 -1.86 12.63
N SER A 363 -33.32 -1.34 11.45
CA SER A 363 -33.91 -1.83 10.21
C SER A 363 -33.42 -3.22 9.83
N LYS A 364 -32.40 -3.74 10.51
CA LYS A 364 -31.87 -5.07 10.22
C LYS A 364 -32.37 -6.13 11.20
N ILE A 365 -33.20 -5.76 12.17
CA ILE A 365 -33.74 -6.72 13.12
C ILE A 365 -35.06 -7.32 12.66
N PHE A 366 -35.78 -6.64 11.77
CA PHE A 366 -37.07 -7.11 11.29
C PHE A 366 -36.86 -8.32 10.39
N GLY A 367 -37.10 -9.52 10.93
CA GLY A 367 -36.99 -10.74 10.17
C GLY A 367 -35.75 -11.57 10.44
N SER A 368 -34.83 -11.07 11.26
CA SER A 368 -33.60 -11.80 11.55
C SER A 368 -33.80 -12.75 12.72
N CYS A 369 -32.89 -13.71 12.83
CA CYS A 369 -32.90 -14.70 13.90
C CYS A 369 -31.65 -14.54 14.76
N PHE A 370 -31.78 -14.92 16.03
CA PHE A 370 -30.69 -14.81 16.98
C PHE A 370 -30.68 -16.03 17.90
N ASN A 371 -29.53 -16.27 18.54
CA ASN A 371 -29.43 -17.37 19.49
C ASN A 371 -30.16 -17.04 20.78
N SER A 372 -29.91 -15.87 21.34
CA SER A 372 -30.55 -15.45 22.58
C SER A 372 -30.46 -13.93 22.68
N ILE A 373 -31.35 -13.36 23.50
CA ILE A 373 -31.41 -11.93 23.73
C ILE A 373 -31.29 -11.68 25.24
N THR A 374 -30.37 -10.81 25.61
CA THR A 374 -30.13 -10.46 27.01
C THR A 374 -30.71 -9.07 27.29
N VAL A 375 -31.53 -8.98 28.34
CA VAL A 375 -32.19 -7.74 28.72
C VAL A 375 -31.81 -7.42 30.17
N ASP A 376 -31.30 -6.22 30.39
CA ASP A 376 -30.95 -5.74 31.72
C ASP A 376 -31.70 -4.45 32.00
N LYS A 377 -32.23 -4.32 33.22
CA LYS A 377 -33.02 -3.16 33.59
C LYS A 377 -32.66 -2.70 35.00
N PHE A 378 -32.74 -1.40 35.20
CA PHE A 378 -32.54 -0.78 36.52
C PHE A 378 -33.03 0.65 36.45
N ALA A 379 -33.32 1.21 37.63
CA ALA A 379 -33.82 2.57 37.70
C ALA A 379 -32.71 3.58 37.40
N ILE A 380 -33.11 4.74 36.91
CA ILE A 380 -32.20 5.81 36.53
C ILE A 380 -32.32 6.92 37.56
N PRO A 381 -31.29 7.17 38.37
CA PRO A 381 -31.32 8.35 39.25
C PRO A 381 -31.28 9.63 38.45
N ASN A 382 -32.08 10.61 38.87
CA ASN A 382 -32.16 11.87 38.14
C ASN A 382 -30.89 12.68 38.27
N ARG A 383 -30.12 12.48 39.34
CA ARG A 383 -28.90 13.24 39.54
C ARG A 383 -27.83 12.85 38.52
N ARG A 384 -27.69 11.56 38.24
CA ARG A 384 -26.66 11.05 37.33
C ARG A 384 -27.36 10.29 36.20
N ARG A 385 -27.65 10.99 35.11
CA ARG A 385 -28.26 10.41 33.92
C ARG A 385 -27.32 10.35 32.74
N ASP A 386 -26.48 11.37 32.55
CA ASP A 386 -25.54 11.39 31.43
C ASP A 386 -24.42 10.38 31.59
N ASP A 387 -24.33 9.70 32.73
CA ASP A 387 -23.30 8.69 32.94
C ASP A 387 -23.59 7.39 32.19
N LEU A 388 -24.79 7.23 31.63
CA LEU A 388 -25.17 6.04 30.90
C LEU A 388 -24.82 6.11 29.42
N GLN A 389 -23.89 6.98 29.04
CA GLN A 389 -23.47 7.11 27.65
C GLN A 389 -22.26 6.23 27.38
N LEU A 390 -22.11 5.83 26.12
CA LEU A 390 -21.01 4.98 25.72
C LEU A 390 -19.69 5.75 25.81
N GLY A 391 -18.74 5.20 26.57
CA GLY A 391 -17.45 5.83 26.74
C GLY A 391 -17.29 6.61 28.02
N SER A 392 -18.36 6.81 28.78
CA SER A 392 -18.28 7.57 30.02
C SER A 392 -17.59 6.75 31.10
N SER A 393 -17.15 7.44 32.15
CA SER A 393 -16.47 6.82 33.28
C SER A 393 -17.00 7.38 34.58
N GLY A 394 -18.31 7.54 34.69
CA GLY A 394 -18.94 8.05 35.89
C GLY A 394 -19.02 7.02 37.00
N PHE A 395 -19.87 7.30 37.98
CA PHE A 395 -20.05 6.41 39.11
C PHE A 395 -21.02 5.27 38.83
N LEU A 396 -21.60 5.21 37.62
CA LEU A 396 -22.51 4.13 37.25
C LEU A 396 -21.86 3.10 36.34
N GLN A 397 -21.03 3.52 35.40
CA GLN A 397 -20.32 2.61 34.51
C GLN A 397 -18.98 2.16 35.08
N SER A 398 -18.71 2.47 36.34
CA SER A 398 -17.48 2.03 37.00
C SER A 398 -17.72 1.34 38.33
N SER A 399 -18.93 1.43 38.90
CA SER A 399 -19.21 0.77 40.17
C SER A 399 -20.53 0.02 40.21
N ASN A 400 -21.44 0.23 39.26
CA ASN A 400 -22.74 -0.43 39.26
C ASN A 400 -22.97 -1.32 38.07
N TYR A 401 -22.75 -0.82 36.85
CA TYR A 401 -23.02 -1.59 35.64
C TYR A 401 -22.27 -0.95 34.48
N LYS A 402 -21.41 -1.73 33.83
CA LYS A 402 -20.63 -1.28 32.69
C LYS A 402 -21.27 -1.74 31.40
N ILE A 403 -21.45 -0.82 30.46
CA ILE A 403 -22.06 -1.12 29.17
C ILE A 403 -20.96 -1.44 28.17
N ASP A 404 -21.02 -2.64 27.60
CA ASP A 404 -20.02 -3.05 26.61
C ASP A 404 -20.22 -2.27 25.31
N ILE A 405 -19.11 -1.91 24.67
CA ILE A 405 -19.14 -1.15 23.43
C ILE A 405 -18.72 -1.95 22.22
N SER A 406 -18.22 -3.17 22.40
CA SER A 406 -17.77 -4.01 21.30
C SER A 406 -18.81 -5.02 20.85
N SER A 407 -19.99 -5.02 21.48
CA SER A 407 -21.05 -5.95 21.12
C SER A 407 -22.25 -5.20 20.57
N SER A 408 -23.00 -5.87 19.70
CA SER A 408 -24.20 -5.29 19.11
C SER A 408 -25.27 -5.16 20.19
N SER A 409 -25.54 -3.93 20.63
CA SER A 409 -26.48 -3.68 21.71
C SER A 409 -27.37 -2.50 21.34
N CYS A 410 -28.52 -2.43 22.02
CA CYS A 410 -29.48 -1.36 21.85
C CYS A 410 -29.89 -0.84 23.22
N GLN A 411 -29.90 0.48 23.38
CA GLN A 411 -30.29 1.11 24.63
C GLN A 411 -31.72 1.63 24.52
N LEU A 412 -32.51 1.39 25.57
CA LEU A 412 -33.92 1.76 25.59
C LEU A 412 -34.22 2.53 26.87
N TYR A 413 -34.81 3.72 26.71
CA TYR A 413 -35.24 4.54 27.84
C TYR A 413 -36.76 4.59 27.85
N TYR A 414 -37.36 4.25 28.99
CA TYR A 414 -38.81 4.24 29.12
C TYR A 414 -39.17 4.63 30.55
N SER A 415 -40.48 4.70 30.82
CA SER A 415 -40.96 5.10 32.12
C SER A 415 -42.27 4.40 32.41
N LEU A 416 -42.65 4.40 33.69
CA LEU A 416 -43.87 3.76 34.16
C LEU A 416 -44.54 4.66 35.18
N PRO A 417 -45.86 4.57 35.33
CA PRO A 417 -46.55 5.39 36.33
C PRO A 417 -46.08 5.06 37.74
N LEU A 418 -46.21 6.04 38.63
CA LEU A 418 -45.74 5.90 40.00
C LEU A 418 -46.68 5.07 40.88
N VAL A 419 -47.87 4.72 40.38
CA VAL A 419 -48.80 3.96 41.20
C VAL A 419 -48.34 2.51 41.35
N ASN A 420 -47.63 1.99 40.35
CA ASN A 420 -47.20 0.59 40.35
C ASN A 420 -45.71 0.40 40.64
N VAL A 421 -44.88 1.39 40.39
CA VAL A 421 -43.44 1.23 40.56
C VAL A 421 -43.10 1.16 42.04
N THR A 422 -42.35 0.12 42.42
CA THR A 422 -41.87 -0.05 43.78
C THR A 422 -40.38 -0.38 43.71
N ILE A 423 -39.54 0.55 44.17
CA ILE A 423 -38.09 0.37 44.08
C ILE A 423 -37.65 -0.69 45.08
N ASN A 424 -36.86 -1.65 44.61
CA ASN A 424 -36.35 -2.74 45.42
C ASN A 424 -34.85 -2.57 45.60
N ASN A 425 -34.45 -2.06 46.76
CA ASN A 425 -33.04 -1.88 47.10
C ASN A 425 -32.53 -3.10 47.85
N PHE A 426 -31.41 -3.67 47.38
CA PHE A 426 -30.87 -4.88 47.97
C PHE A 426 -29.39 -4.95 47.64
N ASN A 427 -28.57 -5.22 48.65
CA ASN A 427 -27.12 -5.30 48.47
C ASN A 427 -26.77 -6.73 48.07
N PRO A 428 -26.27 -6.96 46.84
CA PRO A 428 -25.95 -8.32 46.41
C PRO A 428 -24.62 -8.84 46.94
N SER A 429 -23.89 -8.05 47.72
CA SER A 429 -22.59 -8.49 48.22
C SER A 429 -22.76 -9.60 49.25
N SER A 430 -21.73 -10.44 49.37
CA SER A 430 -21.72 -11.56 50.28
C SER A 430 -21.06 -11.23 51.62
N TRP A 431 -19.84 -10.70 51.58
CA TRP A 431 -19.13 -10.37 52.81
C TRP A 431 -19.70 -9.15 53.52
N ASN A 432 -20.65 -8.45 52.91
CA ASN A 432 -21.36 -7.36 53.59
C ASN A 432 -22.57 -7.87 54.35
N ARG A 433 -23.36 -8.77 53.74
CA ARG A 433 -24.48 -9.37 54.44
C ARG A 433 -24.04 -10.45 55.43
N ARG A 434 -22.81 -10.95 55.30
CA ARG A 434 -22.29 -11.90 56.26
C ARG A 434 -21.99 -11.27 57.61
N TYR A 435 -21.84 -9.95 57.66
CA TYR A 435 -21.45 -9.23 58.87
C TYR A 435 -22.50 -8.22 59.29
N GLY A 436 -23.78 -8.61 59.21
CA GLY A 436 -24.85 -7.80 59.76
C GLY A 436 -25.26 -6.60 58.93
N PHE A 437 -25.78 -6.85 57.73
CA PHE A 437 -26.32 -5.80 56.87
C PHE A 437 -27.78 -6.12 56.60
N GLY A 438 -28.69 -5.28 57.11
CA GLY A 438 -30.10 -5.55 57.00
C GLY A 438 -30.78 -4.92 55.80
N SER A 439 -30.69 -3.61 55.67
CA SER A 439 -31.36 -2.87 54.60
C SER A 439 -30.78 -1.46 54.55
N PHE A 440 -31.41 -0.59 53.75
CA PHE A 440 -31.01 0.80 53.63
C PHE A 440 -31.94 1.76 54.36
N ASN A 441 -33.21 1.40 54.53
CA ASN A 441 -34.20 2.21 55.24
C ASN A 441 -34.34 3.59 54.60
N LEU A 442 -34.79 3.60 53.36
CA LEU A 442 -35.04 4.82 52.61
C LEU A 442 -36.54 4.95 52.32
N SER A 443 -36.90 5.97 51.54
CA SER A 443 -38.29 6.23 51.23
C SER A 443 -38.76 5.29 50.12
N SER A 444 -39.95 5.58 49.56
CA SER A 444 -40.56 4.67 48.60
C SER A 444 -39.94 4.80 47.21
N TYR A 445 -39.54 6.01 46.82
CA TYR A 445 -39.08 6.28 45.47
C TYR A 445 -37.65 6.79 45.46
N ASP A 446 -36.77 6.16 46.24
CA ASP A 446 -35.35 6.49 46.24
C ASP A 446 -34.56 5.33 45.64
N VAL A 447 -33.54 5.68 44.85
CA VAL A 447 -32.70 4.71 44.14
C VAL A 447 -31.29 4.80 44.71
N VAL A 448 -30.70 3.65 45.01
CA VAL A 448 -29.38 3.58 45.63
C VAL A 448 -28.36 3.23 44.54
N TYR A 449 -27.24 3.93 44.54
CA TYR A 449 -26.14 3.64 43.63
C TYR A 449 -24.82 3.77 44.39
N SER A 450 -23.87 2.91 44.05
CA SER A 450 -22.60 2.87 44.75
C SER A 450 -21.55 3.73 44.03
N ASP A 451 -20.66 4.32 44.83
CA ASP A 451 -19.56 5.13 44.30
C ASP A 451 -18.22 4.43 44.37
N HIS A 452 -18.00 3.57 45.38
CA HIS A 452 -16.75 2.83 45.52
C HIS A 452 -17.08 1.38 45.84
N CYS A 453 -16.44 0.46 45.15
CA CYS A 453 -16.65 -0.97 45.34
C CYS A 453 -15.34 -1.63 45.72
N PHE A 454 -15.36 -2.40 46.80
CA PHE A 454 -14.18 -3.04 47.36
C PHE A 454 -14.29 -4.55 47.24
N SER A 455 -13.15 -5.20 47.01
CA SER A 455 -13.07 -6.65 46.90
C SER A 455 -12.07 -7.18 47.91
N VAL A 456 -12.49 -8.19 48.68
CA VAL A 456 -11.64 -8.79 49.70
C VAL A 456 -11.47 -10.27 49.40
N ASN A 457 -10.66 -10.96 50.21
CA ASN A 457 -10.43 -12.38 50.05
C ASN A 457 -11.49 -13.18 50.81
N SER A 458 -11.29 -14.48 50.92
CA SER A 458 -12.23 -15.37 51.61
C SER A 458 -11.89 -15.55 53.08
N ASP A 459 -10.89 -14.83 53.60
CA ASP A 459 -10.48 -14.92 55.00
C ASP A 459 -10.45 -13.53 55.62
N PHE A 460 -11.49 -12.75 55.38
CA PHE A 460 -11.57 -11.37 55.85
C PHE A 460 -12.47 -11.31 57.08
N CYS A 461 -11.95 -10.77 58.17
CA CYS A 461 -12.72 -10.53 59.39
C CYS A 461 -12.62 -9.06 59.76
N PRO A 462 -13.73 -8.34 59.89
CA PRO A 462 -13.64 -6.90 60.12
C PRO A 462 -13.28 -6.52 61.55
N CYS A 463 -13.74 -7.30 62.52
CA CYS A 463 -13.49 -7.00 63.93
C CYS A 463 -12.31 -7.82 64.44
N ALA A 464 -11.52 -7.22 65.32
CA ALA A 464 -10.26 -7.80 65.77
C ALA A 464 -10.51 -8.94 66.75
N ASP A 465 -9.40 -9.52 67.24
CA ASP A 465 -9.43 -10.66 68.15
C ASP A 465 -9.36 -10.16 69.60
N PRO A 466 -10.21 -10.68 70.51
CA PRO A 466 -10.22 -10.24 71.90
C PRO A 466 -9.16 -10.91 72.78
N SER A 467 -7.93 -10.97 72.26
CA SER A 467 -6.81 -11.50 73.02
C SER A 467 -5.54 -10.68 72.88
N VAL A 468 -5.54 -9.63 72.07
CA VAL A 468 -4.37 -8.77 71.91
C VAL A 468 -4.76 -7.35 72.30
N VAL A 469 -6.06 -7.03 72.16
CA VAL A 469 -6.53 -5.69 72.47
C VAL A 469 -6.56 -5.43 73.97
N ASN A 470 -6.63 -6.48 74.79
CA ASN A 470 -6.66 -6.28 76.23
C ASN A 470 -5.37 -5.65 76.74
N SER A 471 -4.25 -5.91 76.06
CA SER A 471 -2.97 -5.31 76.43
C SER A 471 -2.71 -4.02 75.67
N CYS A 472 -3.68 -3.11 75.74
CA CYS A 472 -3.59 -1.82 75.05
C CYS A 472 -4.61 -0.87 75.65
N ALA A 473 -4.21 0.37 75.87
CA ALA A 473 -5.08 1.39 76.44
C ALA A 473 -5.34 2.56 75.51
N LYS A 474 -4.37 2.96 74.70
CA LYS A 474 -4.53 4.08 73.77
C LYS A 474 -5.12 3.57 72.47
N SER A 475 -6.31 4.06 72.11
CA SER A 475 -7.00 3.70 70.88
C SER A 475 -7.23 2.20 70.78
N LYS A 476 -8.01 1.68 71.74
CA LYS A 476 -8.33 0.26 71.78
C LYS A 476 -9.59 0.01 70.96
N PRO A 477 -9.51 -0.69 69.84
CA PRO A 477 -10.70 -0.94 69.03
C PRO A 477 -11.50 -2.10 69.56
N PRO A 478 -12.77 -2.23 69.20
CA PRO A 478 -13.56 -3.38 69.63
C PRO A 478 -13.03 -4.67 69.00
N SER A 479 -13.45 -5.78 69.59
CA SER A 479 -12.98 -7.09 69.15
C SER A 479 -14.05 -8.14 69.44
N ALA A 480 -14.05 -9.20 68.63
CA ALA A 480 -14.98 -10.30 68.79
C ALA A 480 -14.40 -11.52 68.10
N ILE A 481 -15.01 -12.68 68.38
CA ILE A 481 -14.51 -13.94 67.84
C ILE A 481 -14.85 -14.00 66.34
N CYS A 482 -13.82 -14.18 65.52
CA CYS A 482 -14.02 -14.32 64.08
C CYS A 482 -14.48 -15.74 63.76
N PRO A 483 -15.24 -15.91 62.69
CA PRO A 483 -15.67 -17.26 62.30
C PRO A 483 -14.50 -18.13 61.88
N ALA A 484 -14.76 -19.44 61.84
CA ALA A 484 -13.71 -20.40 61.52
C ALA A 484 -13.27 -20.25 60.07
N GLY A 485 -11.98 -20.06 59.87
CA GLY A 485 -11.42 -19.92 58.54
C GLY A 485 -11.16 -18.50 58.07
N THR A 486 -11.12 -17.54 58.98
CA THR A 486 -10.89 -16.14 58.64
C THR A 486 -9.72 -15.60 59.43
N LYS A 487 -8.93 -14.73 58.81
CA LYS A 487 -7.79 -14.11 59.47
C LYS A 487 -8.23 -12.90 60.27
N TYR A 488 -7.55 -12.67 61.40
CA TYR A 488 -7.91 -11.58 62.28
C TYR A 488 -7.35 -10.25 61.75
N ARG A 489 -7.90 -9.16 62.28
CA ARG A 489 -7.48 -7.83 61.86
C ARG A 489 -6.11 -7.51 62.43
N HIS A 490 -5.21 -7.06 61.55
CA HIS A 490 -3.83 -6.76 61.95
C HIS A 490 -3.82 -5.53 62.85
N CYS A 491 -3.43 -5.71 64.10
CA CYS A 491 -3.36 -4.64 65.10
C CYS A 491 -2.05 -4.70 65.87
N ASP A 492 -0.94 -4.82 65.13
CA ASP A 492 0.37 -4.89 65.78
C ASP A 492 0.65 -3.61 66.56
N LEU A 493 1.30 -3.78 67.71
CA LEU A 493 1.63 -2.67 68.59
C LEU A 493 3.07 -2.24 68.39
N ASP A 494 3.46 -1.16 69.07
CA ASP A 494 4.81 -0.62 68.98
C ASP A 494 5.52 -0.57 70.33
N THR A 495 4.81 -0.24 71.40
CA THR A 495 5.37 -0.16 72.75
C THR A 495 6.53 0.83 72.80
N THR A 496 6.22 2.09 72.51
CA THR A 496 7.22 3.15 72.51
C THR A 496 7.38 3.76 73.90
N LYS A 500 -1.05 0.29 77.42
CA LYS A 500 -0.98 1.32 76.38
C LYS A 500 -0.35 0.77 75.11
N ASN A 501 0.90 1.14 74.87
CA ASN A 501 1.74 0.72 73.74
C ASN A 501 1.25 1.27 72.41
N TRP A 502 0.13 2.00 72.37
CA TRP A 502 -0.40 2.62 71.16
C TRP A 502 -0.57 1.58 70.04
N CYS A 503 -1.47 0.62 70.30
CA CYS A 503 -1.75 -0.44 69.34
C CYS A 503 -2.39 0.17 68.10
N ARG A 504 -1.69 0.12 66.97
CA ARG A 504 -2.15 0.70 65.72
C ARG A 504 -2.63 -0.43 64.80
N CYS A 505 -3.88 -0.35 64.37
CA CYS A 505 -4.47 -1.32 63.47
C CYS A 505 -4.36 -0.83 62.03
N SER A 506 -5.02 -1.54 61.12
CA SER A 506 -5.05 -1.18 59.70
C SER A 506 -6.39 -0.54 59.35
N CYS A 507 -6.42 0.07 58.15
CA CYS A 507 -7.60 0.75 57.63
C CYS A 507 -8.04 1.89 58.56
N LEU A 508 -7.12 2.85 58.75
CA LEU A 508 -7.37 4.01 59.58
C LEU A 508 -7.32 5.27 58.72
N PRO A 509 -8.29 6.18 58.84
CA PRO A 509 -9.47 6.02 59.70
C PRO A 509 -10.58 5.21 59.04
N ASP A 510 -10.60 5.22 57.71
CA ASP A 510 -11.59 4.51 56.92
C ASP A 510 -10.94 4.09 55.61
N PRO A 511 -11.41 3.01 54.98
CA PRO A 511 -10.80 2.57 53.71
C PRO A 511 -10.99 3.57 52.57
N ILE A 512 -11.92 4.51 52.70
CA ILE A 512 -12.13 5.49 51.63
C ILE A 512 -11.03 6.54 51.64
N SER A 513 -10.71 7.08 52.81
CA SER A 513 -9.70 8.13 52.96
C SER A 513 -8.46 7.62 53.69
N THR A 514 -8.06 6.39 53.41
CA THR A 514 -6.87 5.83 54.04
C THR A 514 -5.61 6.35 53.37
N TYR A 515 -4.51 6.29 54.11
CA TYR A 515 -3.21 6.74 53.63
C TYR A 515 -2.24 5.60 53.38
N SER A 516 -2.62 4.36 53.69
CA SER A 516 -1.78 3.18 53.48
C SER A 516 -2.61 2.12 52.77
N PRO A 517 -2.75 2.22 51.45
CA PRO A 517 -3.53 1.21 50.73
C PRO A 517 -2.91 -0.19 50.77
N ASN A 518 -1.58 -0.28 50.82
CA ASN A 518 -0.91 -1.58 50.85
C ASN A 518 -1.08 -2.29 52.18
N THR A 519 -1.55 -1.60 53.22
CA THR A 519 -1.75 -2.21 54.53
C THR A 519 -3.19 -2.62 54.78
N CYS A 520 -4.16 -1.81 54.35
CA CYS A 520 -5.55 -2.14 54.57
C CYS A 520 -5.96 -3.32 53.68
N PRO A 521 -6.72 -4.28 54.22
CA PRO A 521 -7.08 -5.45 53.41
C PRO A 521 -8.07 -5.16 52.29
N GLN A 522 -8.87 -4.10 52.41
CA GLN A 522 -9.85 -3.77 51.38
C GLN A 522 -9.17 -3.06 50.22
N LYS A 523 -9.37 -3.57 49.02
CA LYS A 523 -8.77 -3.03 47.80
C LYS A 523 -9.84 -2.44 46.90
N LYS A 524 -9.53 -1.29 46.31
CA LYS A 524 -10.46 -0.62 45.41
C LYS A 524 -10.36 -1.23 44.01
N VAL A 525 -11.49 -1.69 43.48
CA VAL A 525 -11.54 -2.29 42.16
C VAL A 525 -12.75 -1.72 41.42
N VAL A 526 -12.79 -2.01 40.12
CA VAL A 526 -13.89 -1.57 39.26
C VAL A 526 -14.71 -2.80 38.87
N VAL A 527 -15.97 -2.54 38.51
CA VAL A 527 -16.88 -3.62 38.12
C VAL A 527 -16.66 -3.96 36.66
N GLY A 528 -16.50 -5.26 36.37
CA GLY A 528 -16.31 -5.71 35.01
C GLY A 528 -17.61 -5.95 34.29
N ILE A 529 -17.49 -6.41 33.04
CA ILE A 529 -18.65 -6.67 32.21
C ILE A 529 -19.35 -7.94 32.71
N GLY A 530 -20.66 -7.84 32.94
CA GLY A 530 -21.42 -8.96 33.43
C GLY A 530 -21.27 -9.25 34.91
N GLU A 531 -20.69 -8.33 35.67
CA GLU A 531 -20.47 -8.49 37.10
C GLU A 531 -21.20 -7.39 37.87
N HIS A 532 -21.20 -7.53 39.18
CA HIS A 532 -21.83 -6.57 40.09
C HIS A 532 -20.77 -5.92 40.97
N CYS A 533 -21.22 -5.04 41.85
CA CYS A 533 -20.33 -4.40 42.81
C CYS A 533 -19.86 -5.43 43.83
N PRO A 534 -18.55 -5.67 43.97
CA PRO A 534 -18.10 -6.70 44.92
C PRO A 534 -18.51 -6.41 46.36
N GLY A 535 -18.65 -5.15 46.74
CA GLY A 535 -19.09 -4.83 48.09
C GLY A 535 -18.87 -3.38 48.40
N LEU A 536 -19.31 -3.00 49.60
CA LEU A 536 -19.16 -1.65 50.11
C LEU A 536 -18.12 -1.62 51.23
N GLY A 537 -17.44 -0.50 51.36
CA GLY A 537 -16.41 -0.37 52.38
C GLY A 537 -17.02 -0.38 53.77
N ILE A 538 -16.46 -1.22 54.64
CA ILE A 538 -16.93 -1.38 56.00
C ILE A 538 -15.91 -0.74 56.94
N ASN A 539 -16.35 0.24 57.73
CA ASN A 539 -15.48 0.90 58.68
C ASN A 539 -15.24 -0.01 59.88
N GLU A 540 -13.98 -0.38 60.12
CA GLU A 540 -13.65 -1.28 61.21
C GLU A 540 -13.79 -0.63 62.58
N GLU A 541 -13.88 0.70 62.65
CA GLU A 541 -14.03 1.37 63.93
C GLU A 541 -15.41 1.13 64.53
N LYS A 542 -16.44 1.09 63.68
CA LYS A 542 -17.80 0.87 64.14
C LYS A 542 -18.15 -0.61 64.29
N CYS A 543 -17.25 -1.51 63.90
CA CYS A 543 -17.49 -2.94 64.06
C CYS A 543 -17.14 -3.38 65.47
N GLY A 544 -18.08 -4.05 66.12
CA GLY A 544 -17.89 -4.52 67.49
C GLY A 544 -18.73 -5.74 67.75
N THR A 545 -19.08 -5.95 69.02
CA THR A 545 -19.89 -7.07 69.44
C THR A 545 -21.29 -6.59 69.82
N GLN A 546 -22.29 -7.42 69.52
CA GLN A 546 -23.67 -7.11 69.85
C GLN A 546 -24.00 -7.67 71.23
N LEU A 547 -25.29 -7.74 71.56
CA LEU A 547 -25.71 -8.30 72.84
C LEU A 547 -25.27 -9.75 72.96
N ASN A 548 -25.77 -10.61 72.07
CA ASN A 548 -25.38 -12.02 72.00
C ASN A 548 -25.13 -12.36 70.53
N HIS A 549 -23.91 -12.11 70.08
CA HIS A 549 -23.52 -12.39 68.70
C HIS A 549 -22.26 -13.24 68.59
N SER A 550 -21.30 -13.04 69.48
CA SER A 550 -20.03 -13.78 69.50
C SER A 550 -19.25 -13.63 68.19
N SER A 551 -19.54 -12.59 67.41
CA SER A 551 -18.86 -12.34 66.15
C SER A 551 -18.97 -10.86 65.83
N CYS A 552 -18.47 -10.49 64.65
CA CYS A 552 -18.57 -9.10 64.21
C CYS A 552 -20.00 -8.78 63.82
N PHE A 553 -20.51 -7.66 64.34
CA PHE A 553 -21.88 -7.21 64.09
C PHE A 553 -21.88 -5.72 63.75
N CYS A 554 -21.04 -5.35 62.78
CA CYS A 554 -20.87 -3.96 62.35
C CYS A 554 -22.21 -3.24 62.22
N SER A 555 -22.30 -2.08 62.86
CA SER A 555 -23.51 -1.29 62.85
C SER A 555 -23.81 -0.78 61.44
N PRO A 556 -25.07 -0.43 61.15
CA PRO A 556 -25.41 0.03 59.79
C PRO A 556 -24.67 1.28 59.35
N ASP A 557 -24.11 2.06 60.29
CA ASP A 557 -23.39 3.28 59.92
C ASP A 557 -21.94 3.01 59.55
N ALA A 558 -21.52 1.74 59.51
CA ALA A 558 -20.15 1.40 59.15
C ALA A 558 -19.93 1.26 57.66
N PHE A 559 -21.00 1.11 56.89
CA PHE A 559 -20.90 0.95 55.43
C PHE A 559 -20.97 2.33 54.77
N LEU A 560 -19.92 2.68 54.03
CA LEU A 560 -19.83 3.97 53.37
C LEU A 560 -19.57 3.77 51.89
N GLY A 561 -19.93 4.79 51.11
CA GLY A 561 -19.73 4.77 49.68
C GLY A 561 -20.98 4.69 48.83
N TRP A 562 -22.16 4.86 49.42
CA TRP A 562 -23.42 4.77 48.72
C TRP A 562 -24.20 6.07 48.84
N SER A 563 -24.99 6.37 47.82
CA SER A 563 -25.82 7.57 47.82
C SER A 563 -27.27 7.21 47.52
N PHE A 564 -28.12 8.22 47.33
CA PHE A 564 -29.53 7.98 47.06
C PHE A 564 -30.07 9.11 46.17
N ASP A 565 -31.06 8.76 45.36
CA ASP A 565 -31.68 9.73 44.45
C ASP A 565 -33.02 9.17 44.02
N SER A 566 -33.90 10.07 43.58
CA SER A 566 -35.23 9.71 43.12
C SER A 566 -35.31 9.72 41.60
N CYS A 567 -36.34 9.05 41.07
CA CYS A 567 -36.61 9.01 39.64
C CYS A 567 -37.85 9.82 39.27
N ILE A 568 -38.27 10.74 40.13
CA ILE A 568 -39.48 11.54 39.87
C ILE A 568 -39.23 12.47 38.71
N SER A 569 -39.96 12.27 37.62
CA SER A 569 -39.84 13.13 36.44
C SER A 569 -41.16 13.06 35.69
N ASN A 570 -41.91 14.16 35.68
CA ASN A 570 -43.23 14.23 35.06
C ASN A 570 -44.16 13.16 35.62
N ASN A 571 -44.12 12.97 36.93
CA ASN A 571 -44.95 11.99 37.63
C ASN A 571 -44.70 10.57 37.12
N ARG A 572 -43.50 10.29 36.64
CA ARG A 572 -43.13 8.97 36.15
C ARG A 572 -41.69 8.67 36.56
N CYS A 573 -41.39 7.38 36.69
CA CYS A 573 -40.07 6.92 37.09
C CYS A 573 -39.33 6.40 35.87
N ASN A 574 -38.12 6.92 35.64
CA ASN A 574 -37.34 6.54 34.47
C ASN A 574 -36.60 5.24 34.73
N ILE A 575 -36.58 4.37 33.71
CA ILE A 575 -35.93 3.07 33.79
C ILE A 575 -35.04 2.89 32.58
N PHE A 576 -33.88 2.26 32.78
CA PHE A 576 -32.93 1.98 31.70
C PHE A 576 -33.07 0.53 31.26
N SER A 577 -32.86 0.31 29.97
CA SER A 577 -32.91 -1.03 29.40
C SER A 577 -31.80 -1.18 28.38
N ASN A 578 -31.13 -2.34 28.41
CA ASN A 578 -30.01 -2.62 27.52
C ASN A 578 -30.22 -4.00 26.90
N PHE A 579 -30.48 -4.04 25.59
CA PHE A 579 -30.66 -5.29 24.87
C PHE A 579 -29.33 -5.74 24.28
N ILE A 580 -29.03 -7.03 24.44
CA ILE A 580 -27.80 -7.63 23.91
C ILE A 580 -28.19 -8.78 23.01
N PHE A 581 -27.75 -8.72 21.75
CA PHE A 581 -28.06 -9.74 20.76
C PHE A 581 -26.86 -10.66 20.61
N ASN A 582 -26.97 -11.88 21.14
CA ASN A 582 -25.91 -12.88 21.07
C ASN A 582 -26.21 -13.81 19.89
N GLY A 583 -25.38 -13.72 18.85
CA GLY A 583 -25.57 -14.54 17.67
C GLY A 583 -26.41 -13.87 16.62
N ILE A 584 -25.82 -13.57 15.47
CA ILE A 584 -26.49 -12.88 14.38
C ILE A 584 -26.74 -13.86 13.25
N ASN A 585 -27.96 -13.85 12.70
CA ASN A 585 -28.35 -14.69 11.58
C ASN A 585 -28.18 -16.17 11.88
N SER A 586 -28.39 -16.56 13.14
CA SER A 586 -28.27 -17.96 13.54
C SER A 586 -28.96 -18.14 14.89
N GLY A 587 -29.84 -19.13 14.97
CA GLY A 587 -30.53 -19.45 16.20
C GLY A 587 -31.99 -19.71 15.94
N THR A 588 -32.78 -19.64 17.02
CA THR A 588 -34.22 -19.86 16.95
C THR A 588 -35.05 -18.66 17.38
N THR A 589 -34.43 -17.64 17.97
CA THR A 589 -35.15 -16.43 18.37
C THR A 589 -35.21 -15.50 17.16
N CYS A 590 -36.30 -15.62 16.41
CA CYS A 590 -36.50 -14.86 15.19
C CYS A 590 -37.57 -13.78 15.40
N SER A 591 -37.52 -12.77 14.53
CA SER A 591 -38.51 -11.70 14.53
C SER A 591 -39.60 -12.00 13.53
N ASN A 592 -40.85 -11.88 13.95
CA ASN A 592 -42.01 -12.19 13.11
C ASN A 592 -42.65 -10.94 12.52
N ASP A 593 -41.85 -9.90 12.24
CA ASP A 593 -42.38 -8.71 11.60
C ASP A 593 -42.58 -8.92 10.11
N LEU A 594 -41.52 -9.33 9.41
CA LEU A 594 -41.60 -9.64 7.98
C LEU A 594 -41.73 -11.16 7.84
N LEU A 595 -42.95 -11.65 7.99
CA LEU A 595 -43.21 -13.08 7.95
C LEU A 595 -43.43 -13.55 6.52
N TYR A 596 -43.03 -14.80 6.27
CA TYR A 596 -43.19 -15.42 4.96
C TYR A 596 -43.62 -16.87 5.15
N SER A 597 -44.17 -17.45 4.10
CA SER A 597 -44.61 -18.84 4.11
C SER A 597 -43.45 -19.76 3.78
N ASN A 598 -43.47 -20.95 4.40
CA ASN A 598 -42.43 -21.92 4.15
C ASN A 598 -42.56 -22.53 2.76
N THR A 599 -41.42 -22.88 2.18
CA THR A 599 -41.39 -23.48 0.85
C THR A 599 -40.63 -24.80 0.87
N GLU A 600 -40.42 -25.38 -0.31
CA GLU A 600 -39.69 -26.63 -0.44
C GLU A 600 -38.26 -26.37 -0.91
N ILE A 601 -37.36 -27.26 -0.53
CA ILE A 601 -35.95 -27.13 -0.90
C ILE A 601 -35.81 -27.48 -2.37
N SER A 602 -35.46 -26.49 -3.19
CA SER A 602 -35.28 -26.70 -4.62
C SER A 602 -33.83 -27.08 -4.90
N THR A 603 -33.66 -28.19 -5.62
CA THR A 603 -32.33 -28.72 -5.93
C THR A 603 -32.08 -28.62 -7.43
N GLY A 604 -30.90 -28.13 -7.79
CA GLY A 604 -30.50 -28.03 -9.18
C GLY A 604 -30.70 -26.67 -9.81
N VAL A 605 -31.13 -25.67 -9.05
CA VAL A 605 -31.35 -24.33 -9.57
C VAL A 605 -30.75 -23.32 -8.59
N CYS A 606 -30.20 -22.24 -9.14
CA CYS A 606 -29.62 -21.17 -8.33
C CYS A 606 -30.75 -20.35 -7.72
N VAL A 607 -30.95 -20.47 -6.41
CA VAL A 607 -32.03 -19.80 -5.70
C VAL A 607 -31.48 -19.20 -4.42
N ASN A 608 -32.20 -18.18 -3.93
CA ASN A 608 -31.87 -17.58 -2.64
C ASN A 608 -32.52 -18.38 -1.52
N TYR A 609 -31.82 -18.45 -0.37
CA TYR A 609 -32.28 -19.25 0.74
C TYR A 609 -32.14 -18.47 2.04
N ASP A 610 -33.08 -18.70 2.95
CA ASP A 610 -33.04 -18.16 4.30
C ASP A 610 -33.29 -19.34 5.23
N LEU A 611 -32.21 -20.05 5.58
CA LEU A 611 -32.30 -21.29 6.34
C LEU A 611 -32.11 -20.98 7.82
N TYR A 612 -33.22 -20.67 8.50
CA TYR A 612 -33.23 -20.42 9.94
C TYR A 612 -32.29 -19.28 10.33
N GLY A 613 -32.10 -18.32 9.43
CA GLY A 613 -31.22 -17.20 9.71
C GLY A 613 -30.08 -17.09 8.72
N ILE A 614 -29.58 -18.23 8.25
CA ILE A 614 -28.48 -18.24 7.29
C ILE A 614 -29.02 -17.83 5.92
N THR A 615 -28.45 -16.78 5.36
CA THR A 615 -28.87 -16.25 4.06
C THR A 615 -27.75 -16.41 3.04
N GLY A 616 -28.10 -16.21 1.79
CA GLY A 616 -27.14 -16.31 0.70
C GLY A 616 -27.83 -16.80 -0.56
N GLN A 617 -27.01 -17.35 -1.46
CA GLN A 617 -27.50 -17.90 -2.72
C GLN A 617 -26.60 -19.04 -3.15
N GLY A 618 -27.19 -20.08 -3.70
CA GLY A 618 -26.42 -21.23 -4.13
C GLY A 618 -27.32 -22.30 -4.71
N ILE A 619 -26.73 -23.47 -4.92
CA ILE A 619 -27.42 -24.62 -5.49
C ILE A 619 -27.38 -25.76 -4.46
N PHE A 620 -28.53 -26.39 -4.25
CA PHE A 620 -28.67 -27.47 -3.30
C PHE A 620 -28.60 -28.82 -3.98
N LYS A 621 -28.31 -29.86 -3.21
CA LYS A 621 -28.21 -31.22 -3.72
C LYS A 621 -28.40 -32.18 -2.56
N GLU A 622 -29.39 -33.06 -2.67
CA GLU A 622 -29.68 -34.00 -1.59
C GLU A 622 -28.61 -35.09 -1.54
N VAL A 623 -27.96 -35.23 -0.39
CA VAL A 623 -26.92 -36.23 -0.17
C VAL A 623 -27.28 -37.01 1.08
N SER A 624 -27.21 -38.33 1.00
CA SER A 624 -27.51 -39.21 2.13
C SER A 624 -26.30 -39.23 3.05
N ALA A 625 -26.38 -38.46 4.14
CA ALA A 625 -25.30 -38.34 5.10
C ALA A 625 -25.73 -38.91 6.45
N ALA A 626 -24.73 -39.29 7.27
CA ALA A 626 -25.01 -39.85 8.58
C ALA A 626 -24.06 -39.33 9.65
N TYR A 627 -23.39 -38.20 9.41
CA TYR A 627 -22.44 -37.64 10.37
C TYR A 627 -23.04 -36.47 11.16
N TYR A 628 -24.36 -36.44 11.30
CA TYR A 628 -25.04 -35.41 12.07
C TYR A 628 -25.56 -36.00 13.38
N ASN A 629 -25.18 -35.39 14.48
CA ASN A 629 -25.64 -35.83 15.80
C ASN A 629 -26.92 -35.07 16.16
N ASN A 630 -27.36 -35.20 17.41
CA ASN A 630 -28.58 -34.53 17.86
C ASN A 630 -28.35 -33.06 18.20
N TRP A 631 -27.10 -32.59 18.19
CA TRP A 631 -26.80 -31.19 18.47
C TRP A 631 -26.08 -30.51 17.32
N GLN A 632 -25.91 -31.18 16.19
CA GLN A 632 -25.19 -30.65 15.04
C GLN A 632 -26.13 -30.61 13.84
N ASN A 633 -26.25 -29.43 13.22
CA ASN A 633 -27.13 -29.27 12.07
C ASN A 633 -26.51 -28.49 10.92
N LEU A 634 -25.30 -27.94 11.07
CA LEU A 634 -24.65 -27.17 10.03
C LEU A 634 -23.27 -27.71 9.76
N LEU A 635 -22.88 -27.73 8.49
CA LEU A 635 -21.57 -28.19 8.06
C LEU A 635 -20.72 -26.99 7.64
N TYR A 636 -19.50 -26.92 8.16
CA TYR A 636 -18.58 -25.83 7.87
C TYR A 636 -17.27 -26.36 7.33
N ASP A 637 -16.48 -25.46 6.75
CA ASP A 637 -15.17 -25.77 6.22
C ASP A 637 -14.10 -25.04 7.05
N SER A 638 -12.85 -25.15 6.60
CA SER A 638 -11.75 -24.52 7.32
C SER A 638 -11.80 -22.99 7.28
N ASN A 639 -12.52 -22.42 6.32
CA ASN A 639 -12.61 -20.97 6.17
C ASN A 639 -13.85 -20.38 6.83
N GLY A 640 -14.73 -21.21 7.38
CA GLY A 640 -15.92 -20.72 8.05
C GLY A 640 -17.14 -20.55 7.18
N ASN A 641 -17.14 -21.12 5.98
CA ASN A 641 -18.29 -21.03 5.09
C ASN A 641 -19.21 -22.22 5.29
N ILE A 642 -20.50 -22.01 4.98
CA ILE A 642 -21.50 -23.06 5.12
C ILE A 642 -21.52 -23.87 3.83
N ILE A 643 -21.27 -25.17 3.96
CA ILE A 643 -21.25 -26.08 2.82
C ILE A 643 -22.25 -27.23 3.01
N GLY A 644 -23.21 -27.06 3.89
CA GLY A 644 -24.21 -28.08 4.14
C GLY A 644 -25.09 -27.78 5.33
N PHE A 645 -26.26 -28.42 5.40
CA PHE A 645 -27.18 -28.18 6.50
C PHE A 645 -28.11 -29.38 6.63
N LYS A 646 -28.77 -29.46 7.78
CA LYS A 646 -29.74 -30.52 8.06
C LYS A 646 -31.06 -29.87 8.46
N ASP A 647 -32.11 -30.17 7.72
CA ASP A 647 -33.41 -29.59 7.99
C ASP A 647 -34.01 -30.17 9.26
N PHE A 648 -34.58 -29.31 10.10
CA PHE A 648 -35.18 -29.75 11.35
C PHE A 648 -36.55 -30.39 11.15
N LEU A 649 -37.25 -30.00 10.10
CA LEU A 649 -38.62 -30.49 9.88
C LEU A 649 -38.66 -31.79 9.11
N THR A 650 -37.71 -32.03 8.20
CA THR A 650 -37.71 -33.23 7.37
C THR A 650 -36.55 -34.18 7.67
N ASN A 651 -35.57 -33.76 8.45
CA ASN A 651 -34.40 -34.59 8.77
C ASN A 651 -33.68 -35.05 7.51
N LYS A 652 -33.51 -34.13 6.56
CA LYS A 652 -32.84 -34.42 5.30
C LYS A 652 -31.57 -33.59 5.19
N THR A 653 -30.56 -34.16 4.54
CA THR A 653 -29.25 -33.53 4.40
C THR A 653 -29.06 -33.06 2.97
N TYR A 654 -28.52 -31.85 2.81
CA TYR A 654 -28.26 -31.26 1.52
C TYR A 654 -26.83 -30.72 1.49
N THR A 655 -26.41 -30.31 0.29
CA THR A 655 -25.07 -29.75 0.09
C THR A 655 -25.20 -28.44 -0.68
N ILE A 656 -24.59 -27.39 -0.16
CA ILE A 656 -24.67 -26.05 -0.74
C ILE A 656 -23.46 -25.82 -1.63
N LEU A 657 -23.70 -25.40 -2.86
CA LEU A 657 -22.65 -25.09 -3.83
C LEU A 657 -22.92 -23.74 -4.45
N PRO A 658 -21.87 -22.95 -4.71
CA PRO A 658 -22.08 -21.62 -5.30
C PRO A 658 -22.53 -21.71 -6.75
N CYS A 659 -23.19 -20.65 -7.20
CA CYS A 659 -23.67 -20.58 -8.56
C CYS A 659 -22.56 -20.14 -9.51
N TYR A 660 -22.79 -20.32 -10.80
CA TYR A 660 -21.79 -19.99 -11.80
C TYR A 660 -21.62 -18.47 -11.90
N SER A 661 -20.38 -18.04 -12.10
CA SER A 661 -20.07 -16.63 -12.26
C SER A 661 -18.82 -16.52 -13.12
N GLY A 662 -18.99 -16.07 -14.36
CA GLY A 662 -17.87 -15.94 -15.27
C GLY A 662 -17.96 -14.70 -16.13
N ARG A 663 -17.12 -14.63 -17.17
CA ARG A 663 -17.08 -13.47 -18.05
C ARG A 663 -16.98 -13.95 -19.50
N VAL A 664 -17.47 -13.12 -20.41
CA VAL A 664 -17.50 -13.43 -21.83
C VAL A 664 -16.37 -12.70 -22.52
N SER A 665 -15.82 -13.32 -23.57
CA SER A 665 -14.75 -12.75 -24.37
C SER A 665 -15.32 -12.34 -25.73
N ALA A 666 -15.18 -11.06 -26.06
CA ALA A 666 -15.75 -10.50 -27.28
C ALA A 666 -14.61 -10.13 -28.24
N ALA A 667 -14.67 -10.65 -29.46
CA ALA A 667 -13.73 -10.32 -30.52
C ALA A 667 -14.38 -9.34 -31.47
N PHE A 668 -13.85 -8.11 -31.52
CA PHE A 668 -14.44 -7.02 -32.28
C PHE A 668 -13.45 -6.54 -33.34
N TYR A 669 -13.97 -6.26 -34.53
CA TYR A 669 -13.17 -5.75 -35.64
C TYR A 669 -13.20 -4.22 -35.64
N GLN A 670 -12.55 -3.63 -36.64
CA GLN A 670 -12.49 -2.16 -36.71
C GLN A 670 -13.88 -1.55 -36.87
N ASN A 671 -14.55 -1.87 -37.97
CA ASN A 671 -15.89 -1.36 -38.25
C ASN A 671 -16.84 -2.56 -38.37
N SER A 672 -17.63 -2.79 -37.33
CA SER A 672 -18.57 -3.89 -37.32
C SER A 672 -19.78 -3.51 -36.47
N SER A 673 -20.92 -4.15 -36.77
CA SER A 673 -22.14 -3.86 -36.02
C SER A 673 -22.14 -4.53 -34.66
N SER A 674 -21.90 -5.85 -34.63
CA SER A 674 -21.88 -6.60 -33.39
C SER A 674 -20.65 -7.52 -33.39
N PRO A 675 -19.90 -7.60 -32.30
CA PRO A 675 -18.72 -8.46 -32.28
C PRO A 675 -19.09 -9.92 -32.01
N ALA A 676 -18.09 -10.78 -32.13
CA ALA A 676 -18.27 -12.18 -31.83
C ALA A 676 -18.27 -12.42 -30.33
N LEU A 677 -18.79 -13.58 -29.92
CA LEU A 677 -18.89 -13.94 -28.51
C LEU A 677 -18.36 -15.35 -28.31
N LEU A 678 -17.64 -15.54 -27.20
CA LEU A 678 -17.07 -16.85 -26.86
C LEU A 678 -17.22 -17.06 -25.36
N TYR A 679 -18.12 -17.98 -24.99
CA TYR A 679 -18.28 -18.39 -23.59
C TYR A 679 -17.36 -19.58 -23.36
N ARG A 680 -16.19 -19.33 -22.78
CA ARG A 680 -15.18 -20.38 -22.62
C ARG A 680 -15.66 -21.46 -21.67
N ASN A 681 -15.44 -22.72 -22.05
CA ASN A 681 -15.73 -23.88 -21.21
C ASN A 681 -17.21 -23.96 -20.87
N LEU A 682 -18.07 -23.64 -21.83
CA LEU A 682 -19.51 -23.67 -21.64
C LEU A 682 -20.18 -24.18 -22.91
N LYS A 683 -21.12 -25.10 -22.75
CA LYS A 683 -21.89 -25.59 -23.89
C LYS A 683 -22.92 -24.55 -24.32
N CYS A 684 -23.34 -24.64 -25.59
CA CYS A 684 -24.30 -23.68 -26.10
C CYS A 684 -25.67 -23.84 -25.46
N SER A 685 -26.04 -25.08 -25.09
CA SER A 685 -27.33 -25.30 -24.46
C SER A 685 -27.42 -24.58 -23.12
N TYR A 686 -26.37 -24.68 -22.30
CA TYR A 686 -26.37 -23.99 -21.01
C TYR A 686 -26.45 -22.49 -21.18
N VAL A 687 -25.72 -21.94 -22.16
CA VAL A 687 -25.73 -20.50 -22.38
C VAL A 687 -27.11 -20.04 -22.85
N LEU A 688 -27.74 -20.80 -23.73
CA LEU A 688 -29.03 -20.41 -24.28
C LEU A 688 -30.19 -20.67 -23.31
N ASN A 689 -30.00 -21.53 -22.32
CA ASN A 689 -31.09 -21.84 -21.39
C ASN A 689 -30.96 -21.16 -20.04
N ASN A 690 -29.75 -20.77 -19.63
CA ASN A 690 -29.58 -20.22 -18.29
C ASN A 690 -28.87 -18.87 -18.28
N ILE A 691 -27.92 -18.64 -19.18
CA ILE A 691 -27.10 -17.44 -19.13
C ILE A 691 -27.78 -16.30 -19.88
N SER A 692 -28.01 -16.49 -21.18
CA SER A 692 -28.57 -15.45 -22.04
C SER A 692 -29.90 -15.91 -22.62
N PHE A 693 -30.77 -14.94 -22.88
CA PHE A 693 -32.08 -15.19 -23.49
C PHE A 693 -32.26 -14.42 -24.79
N ILE A 694 -31.16 -14.06 -25.45
CA ILE A 694 -31.21 -13.29 -26.70
C ILE A 694 -31.68 -14.21 -27.83
N SER A 695 -32.03 -13.60 -28.97
CA SER A 695 -32.52 -14.33 -30.13
C SER A 695 -31.42 -14.64 -31.13
N GLN A 696 -30.20 -14.83 -30.66
CA GLN A 696 -29.08 -15.13 -31.55
C GLN A 696 -29.29 -16.49 -32.20
N PRO A 697 -29.40 -16.56 -33.53
CA PRO A 697 -29.65 -17.85 -34.19
C PRO A 697 -28.40 -18.61 -34.61
N PHE A 698 -27.21 -18.04 -34.42
CA PHE A 698 -25.95 -18.66 -34.82
C PHE A 698 -25.19 -19.09 -33.57
N TYR A 699 -24.98 -20.40 -33.43
CA TYR A 699 -24.24 -20.93 -32.28
C TYR A 699 -23.76 -22.34 -32.63
N PHE A 700 -22.59 -22.68 -32.10
CA PHE A 700 -22.02 -24.01 -32.32
C PHE A 700 -20.94 -24.25 -31.27
N ASP A 701 -20.88 -25.49 -30.78
CA ASP A 701 -19.87 -25.85 -29.80
C ASP A 701 -18.49 -25.93 -30.43
N SER A 702 -17.47 -25.58 -29.65
CA SER A 702 -16.09 -25.63 -30.10
C SER A 702 -15.25 -26.25 -28.98
N TYR A 703 -13.93 -26.34 -29.23
CA TYR A 703 -13.03 -26.89 -28.22
C TYR A 703 -12.90 -25.96 -27.02
N LEU A 704 -13.07 -24.65 -27.22
CA LEU A 704 -12.96 -23.69 -26.13
C LEU A 704 -14.31 -23.42 -25.47
N GLY A 705 -15.38 -23.38 -26.25
CA GLY A 705 -16.70 -23.13 -25.70
C GLY A 705 -17.67 -22.79 -26.81
N CYS A 706 -18.81 -22.22 -26.40
CA CYS A 706 -19.85 -21.84 -27.35
C CYS A 706 -19.45 -20.53 -28.04
N VAL A 707 -19.49 -20.52 -29.36
CA VAL A 707 -19.14 -19.36 -30.16
C VAL A 707 -20.42 -18.80 -30.78
N LEU A 708 -20.68 -17.52 -30.54
CA LEU A 708 -21.86 -16.84 -31.06
C LEU A 708 -21.46 -15.89 -32.17
N ASN A 709 -22.36 -15.74 -33.15
CA ASN A 709 -22.17 -14.83 -34.28
C ASN A 709 -20.91 -15.19 -35.06
N ALA A 710 -20.80 -16.47 -35.43
CA ALA A 710 -19.67 -16.94 -36.21
C ALA A 710 -20.05 -18.24 -36.89
N VAL A 711 -19.27 -18.60 -37.91
CA VAL A 711 -19.51 -19.81 -38.69
C VAL A 711 -18.36 -20.77 -38.45
N ASN A 712 -18.66 -22.06 -38.56
CA ASN A 712 -17.67 -23.13 -38.34
C ASN A 712 -16.95 -23.38 -39.66
N LEU A 713 -15.70 -22.90 -39.74
CA LEU A 713 -14.86 -23.06 -40.93
C LEU A 713 -13.46 -23.50 -40.51
N THR A 714 -13.39 -24.50 -39.64
CA THR A 714 -12.10 -24.99 -39.15
C THR A 714 -11.27 -25.66 -40.23
N SER A 715 -11.86 -26.01 -41.38
CA SER A 715 -11.10 -26.61 -42.46
C SER A 715 -10.19 -25.61 -43.16
N TYR A 716 -10.41 -24.32 -42.96
CA TYR A 716 -9.59 -23.28 -43.57
C TYR A 716 -8.46 -22.89 -42.63
N SER A 717 -7.34 -22.47 -43.22
CA SER A 717 -6.15 -22.13 -42.46
C SER A 717 -5.63 -20.76 -42.91
N VAL A 718 -5.04 -20.04 -41.96
CA VAL A 718 -4.46 -18.73 -42.20
C VAL A 718 -3.12 -18.65 -41.47
N SER A 719 -2.26 -17.74 -41.95
CA SER A 719 -0.93 -17.57 -41.40
C SER A 719 -0.77 -16.29 -40.57
N SER A 720 -1.81 -15.45 -40.52
CA SER A 720 -1.73 -14.21 -39.75
C SER A 720 -3.11 -13.85 -39.25
N CYS A 721 -3.21 -13.50 -37.97
CA CYS A 721 -4.47 -13.11 -37.36
C CYS A 721 -4.22 -12.03 -36.32
N ASP A 722 -5.14 -11.07 -36.26
CA ASP A 722 -5.12 -10.06 -35.21
C ASP A 722 -6.01 -10.43 -34.02
N LEU A 723 -6.81 -11.50 -34.14
CA LEU A 723 -7.70 -11.96 -33.09
C LEU A 723 -7.42 -13.43 -32.85
N ARG A 724 -6.50 -13.72 -31.93
CA ARG A 724 -6.15 -15.09 -31.57
C ARG A 724 -6.87 -15.46 -30.28
N MET A 725 -7.66 -16.53 -30.32
CA MET A 725 -8.45 -16.97 -29.18
C MET A 725 -7.79 -18.07 -28.38
N GLY A 726 -6.69 -18.64 -28.88
CA GLY A 726 -5.97 -19.69 -28.17
C GLY A 726 -6.25 -21.07 -28.76
N SER A 727 -5.39 -22.00 -28.35
CA SER A 727 -5.47 -23.41 -28.76
C SER A 727 -5.39 -23.56 -30.28
N GLY A 728 -4.65 -22.66 -30.93
CA GLY A 728 -4.47 -22.75 -32.37
C GLY A 728 -5.68 -22.37 -33.19
N PHE A 729 -6.54 -21.49 -32.67
CA PHE A 729 -7.72 -21.04 -33.38
C PHE A 729 -7.65 -19.52 -33.59
N CYS A 730 -8.46 -19.04 -34.51
CA CYS A 730 -8.51 -17.62 -34.84
C CYS A 730 -9.89 -17.27 -35.36
N ILE A 731 -10.17 -15.96 -35.39
CA ILE A 731 -11.44 -15.44 -35.89
C ILE A 731 -11.11 -14.40 -36.96
N ASP A 732 -11.52 -14.68 -38.20
CA ASP A 732 -11.27 -13.79 -39.32
C ASP A 732 -12.54 -13.05 -39.71
N TYR A 733 -12.38 -11.83 -40.21
CA TYR A 733 -13.50 -10.98 -40.62
C TYR A 733 -13.49 -10.85 -42.14
N ALA A 734 -14.58 -11.24 -42.77
CA ALA A 734 -14.73 -11.14 -44.21
C ALA A 734 -15.63 -9.97 -44.55
N LEU A 735 -15.20 -9.16 -45.52
CA LEU A 735 -15.98 -7.99 -45.94
C LEU A 735 -17.25 -8.44 -46.64
N PRO A 736 -18.44 -8.00 -46.19
CA PRO A 736 -19.71 -8.38 -46.82
C PRO A 736 -19.92 -7.71 -48.16
N SER A 746 -25.42 -14.12 -43.67
CA SER A 746 -24.55 -14.89 -42.78
C SER A 746 -23.67 -13.96 -41.96
N SER A 747 -23.07 -14.51 -40.90
CA SER A 747 -22.20 -13.72 -40.05
C SER A 747 -20.88 -13.44 -40.76
N PRO A 748 -20.36 -12.21 -40.66
CA PRO A 748 -19.07 -11.90 -41.31
C PRO A 748 -17.85 -12.43 -40.60
N TYR A 749 -18.02 -13.14 -39.48
CA TYR A 749 -16.90 -13.69 -38.72
C TYR A 749 -16.71 -15.16 -39.09
N ARG A 750 -15.45 -15.56 -39.25
CA ARG A 750 -15.09 -16.91 -39.63
C ARG A 750 -14.20 -17.52 -38.56
N PHE A 751 -14.59 -18.68 -38.06
CA PHE A 751 -13.82 -19.39 -37.03
C PHE A 751 -12.91 -20.39 -37.72
N VAL A 752 -11.63 -20.04 -37.86
CA VAL A 752 -10.67 -20.87 -38.58
C VAL A 752 -9.52 -21.23 -37.65
N THR A 753 -8.56 -22.00 -38.18
CA THR A 753 -7.38 -22.39 -37.42
C THR A 753 -6.26 -21.38 -37.60
N PHE A 754 -5.16 -21.60 -36.88
CA PHE A 754 -4.01 -20.69 -36.90
C PHE A 754 -2.76 -21.52 -37.11
N GLU A 755 -2.21 -21.49 -38.33
CA GLU A 755 -0.95 -22.17 -38.68
C GLU A 755 0.06 -21.10 -39.05
N PRO A 756 0.89 -20.66 -38.12
CA PRO A 756 1.81 -19.56 -38.40
C PRO A 756 3.03 -19.98 -39.21
N PHE A 757 3.44 -21.24 -39.09
CA PHE A 757 4.65 -21.72 -39.76
C PHE A 757 4.38 -23.06 -40.42
N ASN A 758 4.96 -23.25 -41.60
CA ASN A 758 4.88 -24.51 -42.32
C ASN A 758 6.26 -24.86 -42.87
N VAL A 759 6.40 -26.08 -43.38
CA VAL A 759 7.67 -26.60 -43.86
C VAL A 759 7.57 -26.78 -45.38
N SER A 760 8.65 -26.42 -46.08
CA SER A 760 8.70 -26.61 -47.51
C SER A 760 8.84 -28.08 -47.87
N PHE A 761 8.21 -28.47 -48.98
CA PHE A 761 8.21 -29.85 -49.44
C PHE A 761 8.87 -29.95 -50.80
N VAL A 762 9.48 -31.10 -51.06
CA VAL A 762 10.10 -31.40 -52.33
C VAL A 762 9.51 -32.70 -52.87
N ASN A 763 9.71 -32.93 -54.17
CA ASN A 763 9.18 -34.09 -54.86
C ASN A 763 10.24 -35.15 -55.10
N ASP A 764 11.17 -35.31 -54.16
CA ASP A 764 12.23 -36.30 -54.28
C ASP A 764 11.81 -37.59 -53.60
N SER A 765 12.73 -38.56 -53.58
CA SER A 765 12.48 -39.87 -52.97
C SER A 765 13.25 -39.98 -51.67
N VAL A 766 12.57 -40.43 -50.62
CA VAL A 766 13.20 -40.60 -49.32
C VAL A 766 14.09 -41.83 -49.31
N GLU A 767 13.56 -42.96 -49.75
CA GLU A 767 14.36 -44.17 -49.85
C GLU A 767 15.36 -44.07 -50.99
N THR A 768 16.52 -44.68 -50.80
CA THR A 768 17.57 -44.61 -51.82
C THR A 768 17.17 -45.40 -53.05
N VAL A 769 17.58 -44.88 -54.22
CA VAL A 769 17.31 -45.57 -55.49
C VAL A 769 18.32 -46.69 -55.75
N GLY A 770 19.30 -46.87 -54.87
CA GLY A 770 20.31 -47.88 -55.05
C GLY A 770 21.68 -47.29 -55.31
N GLY A 771 22.52 -47.23 -54.28
CA GLY A 771 23.85 -46.67 -54.40
C GLY A 771 23.90 -45.17 -54.25
N LEU A 772 22.90 -44.46 -54.79
CA LEU A 772 22.89 -43.01 -54.80
C LEU A 772 21.59 -42.51 -54.18
N PHE A 773 21.59 -41.21 -53.85
CA PHE A 773 20.42 -40.52 -53.32
C PHE A 773 19.93 -39.48 -54.32
N GLU A 774 18.93 -38.70 -53.91
CA GLU A 774 18.37 -37.63 -54.73
C GLU A 774 18.46 -36.33 -53.95
N ILE A 775 19.27 -35.40 -54.45
CA ILE A 775 19.49 -34.11 -53.81
C ILE A 775 19.36 -33.01 -54.86
N GLN A 776 18.62 -31.96 -54.53
CA GLN A 776 18.46 -30.82 -55.42
C GLN A 776 19.51 -29.76 -55.06
N ILE A 777 20.45 -29.56 -55.96
CA ILE A 777 21.55 -28.60 -55.76
C ILE A 777 21.20 -27.33 -56.52
N PRO A 778 21.33 -26.15 -55.91
CA PRO A 778 21.01 -24.91 -56.61
C PRO A 778 21.93 -24.68 -57.81
N THR A 779 21.42 -23.93 -58.78
CA THR A 779 22.16 -23.60 -59.99
C THR A 779 22.46 -22.12 -60.13
N ASN A 780 21.49 -21.25 -59.84
CA ASN A 780 21.67 -19.81 -59.89
C ASN A 780 21.32 -19.22 -58.53
N PHE A 781 22.02 -18.14 -58.16
CA PHE A 781 21.86 -17.55 -56.84
C PHE A 781 21.76 -16.04 -56.95
N THR A 782 21.28 -15.43 -55.87
CA THR A 782 21.19 -13.98 -55.76
C THR A 782 21.50 -13.61 -54.31
N ILE A 783 21.36 -12.33 -53.97
CA ILE A 783 21.65 -11.83 -52.63
C ILE A 783 20.43 -11.07 -52.13
N ALA A 784 19.98 -11.41 -50.92
CA ALA A 784 18.82 -10.78 -50.30
C ALA A 784 19.26 -10.03 -49.05
N GLY A 785 18.43 -9.08 -48.64
CA GLY A 785 18.72 -8.26 -47.48
C GLY A 785 17.58 -8.27 -46.50
N HIS A 786 17.93 -8.17 -45.22
CA HIS A 786 16.97 -8.14 -44.13
C HIS A 786 17.31 -7.00 -43.18
N GLU A 787 16.35 -6.67 -42.31
CA GLU A 787 16.52 -5.62 -41.32
C GLU A 787 16.06 -6.11 -39.96
N GLU A 788 16.67 -5.57 -38.91
CA GLU A 788 16.34 -5.94 -37.54
C GLU A 788 16.66 -4.78 -36.61
N PHE A 789 15.73 -4.49 -35.70
CA PHE A 789 15.88 -3.42 -34.72
C PHE A 789 15.90 -4.02 -33.32
N ILE A 790 16.90 -3.62 -32.53
CA ILE A 790 17.04 -4.08 -31.16
C ILE A 790 17.08 -2.85 -30.26
N GLN A 791 16.21 -2.84 -29.25
CA GLN A 791 16.13 -1.72 -28.32
C GLN A 791 17.29 -1.77 -27.33
N THR A 792 17.97 -0.64 -27.17
CA THR A 792 19.12 -0.55 -26.27
C THR A 792 18.97 0.51 -25.18
N SER A 793 18.07 1.48 -25.34
CA SER A 793 17.90 2.55 -24.38
C SER A 793 16.42 2.85 -24.22
N SER A 794 16.11 3.83 -23.37
CA SER A 794 14.75 4.24 -23.10
C SER A 794 14.77 5.66 -22.55
N PRO A 795 13.67 6.39 -22.68
CA PRO A 795 13.62 7.75 -22.12
C PRO A 795 13.81 7.74 -20.61
N LYS A 796 14.58 8.71 -20.12
CA LYS A 796 14.88 8.84 -18.70
C LYS A 796 13.83 9.74 -18.06
N VAL A 797 12.96 9.14 -17.24
CA VAL A 797 11.86 9.86 -16.62
C VAL A 797 12.22 10.19 -15.18
N THR A 798 12.06 11.45 -14.80
CA THR A 798 12.30 11.91 -13.44
C THR A 798 11.00 12.42 -12.84
N ILE A 799 10.75 12.05 -11.59
CA ILE A 799 9.52 12.40 -10.89
C ILE A 799 9.88 12.99 -9.53
N ASP A 800 9.21 14.09 -9.18
CA ASP A 800 9.37 14.74 -7.88
C ASP A 800 8.15 14.44 -7.03
N CYS A 801 8.39 13.99 -5.79
CA CYS A 801 7.28 13.65 -4.90
C CYS A 801 6.48 14.89 -4.53
N SER A 802 7.17 15.98 -4.18
CA SER A 802 6.49 17.19 -3.75
C SER A 802 5.66 17.78 -4.89
N ALA A 803 6.29 18.02 -6.04
CA ALA A 803 5.59 18.63 -7.17
C ALA A 803 4.41 17.79 -7.65
N PHE A 804 4.42 16.49 -7.37
CA PHE A 804 3.33 15.61 -7.80
C PHE A 804 2.21 15.53 -6.77
N VAL A 805 2.56 15.53 -5.48
CA VAL A 805 1.55 15.39 -4.43
C VAL A 805 0.97 16.75 -4.08
N CYS A 806 1.82 17.65 -3.60
CA CYS A 806 1.41 18.99 -3.17
C CYS A 806 1.98 20.01 -4.15
N SER A 807 1.13 20.52 -5.04
CA SER A 807 1.59 21.43 -6.06
C SER A 807 2.18 22.71 -5.47
N ASN A 808 1.36 23.49 -4.78
CA ASN A 808 1.82 24.75 -4.21
C ASN A 808 1.11 25.08 -2.90
N TYR A 809 0.74 24.06 -2.13
CA TYR A 809 -0.01 24.24 -0.90
C TYR A 809 0.86 23.88 0.31
N ALA A 810 0.78 24.70 1.35
CA ALA A 810 1.57 24.46 2.56
C ALA A 810 0.90 23.50 3.53
N ALA A 811 -0.44 23.51 3.59
CA ALA A 811 -1.13 22.55 4.45
C ALA A 811 -0.92 21.12 3.96
N CYS A 812 -0.65 20.95 2.67
CA CYS A 812 -0.33 19.62 2.14
C CYS A 812 1.12 19.26 2.43
N HIS A 813 2.03 20.24 2.36
CA HIS A 813 3.42 19.98 2.68
C HIS A 813 3.59 19.60 4.15
N ASP A 814 2.77 20.20 5.03
CA ASP A 814 2.85 19.89 6.45
C ASP A 814 2.53 18.41 6.71
N LEU A 815 1.64 17.83 5.93
CA LEU A 815 1.33 16.40 6.07
C LEU A 815 2.33 15.54 5.32
N LEU A 816 2.82 16.01 4.17
CA LEU A 816 3.79 15.23 3.41
C LEU A 816 5.12 15.13 4.15
N SER A 817 5.42 16.09 5.02
CA SER A 817 6.65 16.04 5.81
C SER A 817 6.68 14.83 6.74
N GLU A 818 5.52 14.29 7.12
CA GLU A 818 5.50 13.10 7.95
C GLU A 818 6.00 11.88 7.19
N TYR A 819 5.64 11.77 5.90
CA TYR A 819 6.14 10.70 5.04
C TYR A 819 7.47 11.12 4.42
N GLY A 820 8.46 11.32 5.30
CA GLY A 820 9.75 11.81 4.84
C GLY A 820 10.52 10.76 4.05
N THR A 821 10.56 9.53 4.55
CA THR A 821 11.30 8.46 3.89
C THR A 821 10.66 7.99 2.59
N PHE A 822 9.40 8.35 2.35
CA PHE A 822 8.74 7.96 1.10
C PHE A 822 9.12 8.84 -0.07
N CYS A 823 9.70 10.03 0.18
CA CYS A 823 10.10 10.92 -0.89
C CYS A 823 11.50 10.59 -1.41
N ASP A 824 12.46 10.43 -0.51
CA ASP A 824 13.84 10.14 -0.92
C ASP A 824 14.07 8.64 -1.10
N ASN A 825 13.15 8.00 -1.80
CA ASN A 825 13.32 6.64 -2.32
C ASN A 825 12.98 6.56 -3.80
N ILE A 826 11.93 7.28 -4.24
CA ILE A 826 11.60 7.33 -5.65
C ILE A 826 12.72 8.00 -6.43
N ASN A 827 13.24 9.11 -5.90
CA ASN A 827 14.35 9.78 -6.56
C ASN A 827 15.58 8.88 -6.63
N SER A 828 15.84 8.12 -5.57
CA SER A 828 16.99 7.21 -5.59
C SER A 828 16.80 6.10 -6.62
N ILE A 829 15.60 5.53 -6.71
CA ILE A 829 15.35 4.48 -7.69
C ILE A 829 15.49 5.04 -9.11
N LEU A 830 14.97 6.24 -9.35
CA LEU A 830 15.06 6.83 -10.68
C LEU A 830 16.51 7.17 -11.02
N ASN A 831 17.29 7.63 -10.04
CA ASN A 831 18.70 7.90 -10.29
C ASN A 831 19.46 6.63 -10.60
N GLU A 832 19.15 5.54 -9.90
CA GLU A 832 19.78 4.26 -10.21
C GLU A 832 19.42 3.80 -11.61
N VAL A 833 18.16 3.97 -12.01
CA VAL A 833 17.75 3.60 -13.37
C VAL A 833 18.49 4.43 -14.39
N ASN A 834 18.62 5.73 -14.15
CA ASN A 834 19.33 6.61 -15.09
C ASN A 834 20.80 6.23 -15.17
N ASP A 835 21.42 5.89 -14.03
CA ASP A 835 22.82 5.48 -14.05
C ASP A 835 23.00 4.16 -14.80
N LEU A 836 22.06 3.23 -14.64
CA LEU A 836 22.14 1.99 -15.40
C LEU A 836 22.00 2.24 -16.90
N LEU A 837 21.09 3.14 -17.28
CA LEU A 837 20.95 3.48 -18.70
C LEU A 837 22.21 4.14 -19.24
N ASP A 838 22.83 5.01 -18.45
CA ASP A 838 24.07 5.66 -18.89
C ASP A 838 25.20 4.65 -19.04
N ILE A 839 25.31 3.71 -18.10
CA ILE A 839 26.34 2.67 -18.21
C ILE A 839 26.09 1.81 -19.44
N THR A 840 24.81 1.50 -19.72
CA THR A 840 24.49 0.72 -20.91
C THR A 840 24.88 1.47 -22.18
N GLN A 841 24.57 2.77 -22.26
CA GLN A 841 24.93 3.54 -23.44
C GLN A 841 26.45 3.63 -23.59
N LEU A 842 27.17 3.78 -22.48
CA LEU A 842 28.63 3.81 -22.55
C LEU A 842 29.19 2.47 -23.03
N GLN A 843 28.59 1.37 -22.58
CA GLN A 843 29.05 0.06 -23.04
C GLN A 843 28.77 -0.12 -24.53
N VAL A 844 27.63 0.35 -25.01
CA VAL A 844 27.33 0.27 -26.44
C VAL A 844 28.33 1.09 -27.23
N ALA A 845 28.65 2.31 -26.76
CA ALA A 845 29.61 3.15 -27.44
C ALA A 845 30.99 2.50 -27.45
N ASN A 846 31.39 1.88 -26.35
CA ASN A 846 32.68 1.20 -26.28
C ASN A 846 32.73 0.01 -27.24
N ALA A 847 31.65 -0.75 -27.33
CA ALA A 847 31.60 -1.87 -28.26
C ALA A 847 31.63 -1.40 -29.70
N LEU A 848 31.04 -0.24 -29.99
CA LEU A 848 31.08 0.31 -31.34
C LEU A 848 32.43 0.96 -31.66
N MET A 849 33.19 1.36 -30.66
CA MET A 849 34.45 2.07 -30.88
C MET A 849 35.63 1.34 -30.24
N GLN A 850 35.70 0.03 -30.41
CA GLN A 850 36.75 -0.79 -29.82
C GLN A 850 37.68 -1.26 -30.93
N GLY A 851 38.94 -0.81 -30.89
CA GLY A 851 39.92 -1.21 -31.87
C GLY A 851 39.58 -0.80 -33.29
N VAL A 852 39.53 0.50 -33.54
CA VAL A 852 39.21 1.06 -34.85
C VAL A 852 40.33 1.99 -35.25
N THR A 853 41.17 1.56 -36.18
CA THR A 853 42.27 2.36 -36.69
C THR A 853 41.92 2.86 -38.08
N LEU A 854 41.86 4.19 -38.23
CA LEU A 854 41.51 4.82 -39.50
C LEU A 854 42.61 5.79 -39.90
N SER A 855 42.70 6.04 -41.21
CA SER A 855 43.69 6.96 -41.73
C SER A 855 43.23 8.41 -41.55
N SER A 856 44.19 9.33 -41.71
CA SER A 856 43.92 10.76 -41.58
C SER A 856 43.73 11.44 -42.93
N ASN A 857 43.65 10.66 -44.02
CA ASN A 857 43.46 11.21 -45.35
C ASN A 857 42.08 10.88 -45.92
N LEU A 858 41.11 10.59 -45.05
CA LEU A 858 39.76 10.25 -45.47
C LEU A 858 38.85 11.45 -45.18
N ASN A 859 38.15 11.92 -46.21
CA ASN A 859 37.27 13.07 -46.09
C ASN A 859 35.80 12.71 -46.13
N THR A 860 35.46 11.45 -46.40
CA THR A 860 34.10 10.90 -46.35
C THR A 860 33.24 11.41 -47.50
N ASN A 861 33.74 12.38 -48.27
CA ASN A 861 33.04 12.89 -49.43
C ASN A 861 33.73 12.56 -50.75
N LEU A 862 35.06 12.43 -50.75
CA LEU A 862 35.76 12.03 -51.97
C LEU A 862 35.77 10.51 -52.12
N HIS A 863 35.79 9.78 -51.00
CA HIS A 863 35.79 8.32 -51.01
C HIS A 863 34.48 7.84 -50.39
N SER A 864 33.56 7.37 -51.24
CA SER A 864 32.27 6.90 -50.75
C SER A 864 31.80 5.62 -51.43
N ASP A 865 32.60 5.00 -52.29
CA ASP A 865 32.22 3.77 -52.96
C ASP A 865 33.46 2.94 -53.23
N VAL A 866 33.33 1.63 -53.07
CA VAL A 866 34.43 0.69 -53.31
C VAL A 866 33.89 -0.51 -54.07
N ASP A 867 34.74 -1.06 -54.94
CA ASP A 867 34.44 -2.22 -55.80
C ASP A 867 33.00 -2.17 -56.33
N ASN A 868 32.66 -1.02 -56.91
CA ASN A 868 31.35 -0.82 -57.56
C ASN A 868 30.19 -1.03 -56.60
N ILE A 869 30.39 -0.77 -55.31
CA ILE A 869 29.34 -0.86 -54.30
C ILE A 869 29.25 0.49 -53.60
N ASP A 870 28.08 1.10 -53.63
CA ASP A 870 27.89 2.41 -53.05
C ASP A 870 27.61 2.31 -51.55
N PHE A 871 28.11 3.29 -50.80
CA PHE A 871 27.90 3.37 -49.37
C PHE A 871 27.51 4.78 -48.94
N LYS A 872 26.88 5.54 -49.84
CA LYS A 872 26.50 6.90 -49.52
C LYS A 872 25.36 6.93 -48.49
N SER A 873 24.40 6.03 -48.62
CA SER A 873 23.25 5.99 -47.72
C SER A 873 23.58 5.35 -46.38
N LEU A 874 24.82 4.95 -46.15
CA LEU A 874 25.21 4.32 -44.90
C LEU A 874 26.31 5.07 -44.15
N LEU A 875 26.82 6.17 -44.71
CA LEU A 875 27.87 6.94 -44.09
C LEU A 875 27.39 8.36 -43.83
N GLY A 876 27.86 8.94 -42.73
CA GLY A 876 27.51 10.30 -42.37
C GLY A 876 28.58 11.30 -42.76
N CYS A 877 29.35 11.76 -41.78
CA CYS A 877 30.44 12.70 -42.05
C CYS A 877 31.57 12.41 -41.09
N LEU A 878 32.77 12.22 -41.64
CA LEU A 878 33.97 11.91 -40.84
C LEU A 878 35.16 12.63 -41.43
N GLY A 879 35.90 13.34 -40.58
CA GLY A 879 37.06 14.11 -40.99
C GLY A 879 37.01 15.52 -40.43
N SER A 880 38.04 16.29 -40.79
CA SER A 880 38.13 17.68 -40.33
C SER A 880 37.47 18.63 -41.33
N GLN A 881 36.23 18.30 -41.72
CA GLN A 881 35.45 19.16 -42.60
C GLN A 881 33.97 19.18 -42.24
N CYS A 882 33.56 18.53 -41.15
CA CYS A 882 32.16 18.36 -40.82
C CYS A 882 31.70 19.46 -39.85
N GLY A 883 30.49 19.32 -39.34
CA GLY A 883 29.91 20.27 -38.41
C GLY A 883 28.90 19.62 -37.51
N SER A 884 27.78 20.28 -37.30
CA SER A 884 26.73 19.72 -36.45
C SER A 884 26.06 18.52 -37.12
N SER A 885 25.74 18.64 -38.40
CA SER A 885 25.09 17.56 -39.14
C SER A 885 26.12 16.49 -39.47
N SER A 886 25.92 15.28 -38.93
CA SER A 886 26.85 14.19 -39.17
C SER A 886 26.16 12.86 -39.43
N ARG A 887 24.83 12.83 -39.56
CA ARG A 887 24.11 11.59 -39.78
C ARG A 887 24.10 11.24 -41.28
N SER A 888 23.52 10.09 -41.60
CA SER A 888 23.42 9.57 -42.95
C SER A 888 22.01 9.76 -43.50
N PRO A 889 21.84 9.70 -44.82
CA PRO A 889 20.48 9.83 -45.38
C PRO A 889 19.50 8.80 -44.85
N LEU A 890 19.95 7.57 -44.62
CA LEU A 890 19.07 6.55 -44.08
C LEU A 890 18.66 6.88 -42.65
N GLU A 891 19.60 7.33 -41.83
CA GLU A 891 19.27 7.73 -40.47
C GLU A 891 18.35 8.94 -40.45
N ASP A 892 18.56 9.88 -41.38
CA ASP A 892 17.67 11.04 -41.47
C ASP A 892 16.26 10.61 -41.86
N LEU A 893 16.14 9.70 -42.83
CA LEU A 893 14.82 9.21 -43.22
C LEU A 893 14.14 8.44 -42.09
N LEU A 894 14.93 7.73 -41.28
CA LEU A 894 14.34 6.99 -40.17
C LEU A 894 13.90 7.93 -39.04
N PHE A 895 14.68 8.98 -38.79
CA PHE A 895 14.36 9.91 -37.70
C PHE A 895 13.27 10.91 -38.09
N ASN A 896 13.07 11.17 -39.39
CA ASN A 896 12.05 12.12 -39.81
C ASN A 896 10.64 11.60 -39.59
N LYS A 897 10.47 10.33 -39.25
CA LYS A 897 9.15 9.76 -38.97
C LYS A 897 8.88 9.61 -37.47
N VAL A 898 9.89 9.77 -36.63
CA VAL A 898 9.74 9.66 -35.18
C VAL A 898 9.89 11.06 -34.59
N LYS A 899 8.84 11.53 -33.93
CA LYS A 899 8.83 12.87 -33.33
C LYS A 899 9.21 12.87 -31.86
N LEU A 900 8.77 11.87 -31.10
CA LEU A 900 9.01 11.81 -29.66
C LEU A 900 10.41 11.24 -29.36
N SER A 901 11.42 11.94 -29.86
CA SER A 901 12.82 11.63 -29.59
C SER A 901 13.38 12.65 -28.60
N ASP A 902 14.67 12.52 -28.30
CA ASP A 902 15.31 13.44 -27.37
C ASP A 902 15.25 14.87 -27.88
N VAL A 903 15.59 15.06 -29.17
CA VAL A 903 15.46 16.38 -29.77
C VAL A 903 14.00 16.82 -29.77
N GLY A 904 13.07 15.87 -29.96
CA GLY A 904 11.67 16.20 -29.88
C GLY A 904 11.24 16.65 -28.50
N PHE A 905 11.72 15.97 -27.46
CA PHE A 905 11.41 16.40 -26.09
C PHE A 905 11.99 17.77 -25.80
N VAL A 906 13.21 18.04 -26.27
CA VAL A 906 13.82 19.34 -26.07
C VAL A 906 13.00 20.43 -26.77
N GLU A 907 12.60 20.18 -28.01
CA GLU A 907 11.81 21.16 -28.75
C GLU A 907 10.45 21.39 -28.09
N ALA A 908 9.85 20.33 -27.54
CA ALA A 908 8.57 20.48 -26.87
C ALA A 908 8.71 21.31 -25.59
N TYR A 909 9.73 20.99 -24.78
CA TYR A 909 9.95 21.76 -23.56
C TYR A 909 10.37 23.19 -23.84
N ASN A 910 10.93 23.46 -25.03
CA ASN A 910 11.20 24.84 -25.42
C ASN A 910 9.91 25.55 -25.85
N ASN A 911 9.07 24.86 -26.63
CA ASN A 911 7.79 25.41 -27.06
C ASN A 911 6.74 25.42 -25.95
N CYS A 912 7.10 24.97 -24.75
CA CYS A 912 6.20 25.08 -23.60
C CYS A 912 6.09 26.56 -23.20
N THR A 913 5.48 26.78 -22.02
CA THR A 913 5.09 28.12 -21.56
C THR A 913 6.13 29.18 -21.86
N GLY A 914 5.67 30.34 -22.33
CA GLY A 914 6.53 31.39 -22.81
C GLY A 914 6.32 31.66 -24.28
N GLY A 915 5.08 31.46 -24.74
CA GLY A 915 4.74 31.51 -26.14
C GLY A 915 4.56 30.12 -26.71
N SER A 916 3.97 30.07 -27.91
CA SER A 916 3.71 28.82 -28.62
C SER A 916 2.85 27.90 -27.76
N GLU A 917 1.59 28.33 -27.59
CA GLU A 917 0.64 27.84 -26.58
C GLU A 917 0.80 26.36 -26.27
N ILE A 918 0.87 26.05 -24.98
CA ILE A 918 1.39 24.77 -24.49
C ILE A 918 0.26 23.85 -24.04
N ARG A 919 -0.90 23.96 -24.70
CA ARG A 919 -2.03 23.10 -24.38
C ARG A 919 -1.73 21.61 -24.56
N ASP A 920 -0.57 21.25 -25.11
CA ASP A 920 -0.19 19.86 -25.25
C ASP A 920 0.02 19.22 -23.87
N LEU A 921 -0.06 17.89 -23.85
CA LEU A 921 0.03 17.15 -22.58
C LEU A 921 1.45 17.14 -22.01
N LEU A 922 2.47 17.34 -22.84
CA LEU A 922 3.84 17.27 -22.34
C LEU A 922 4.13 18.38 -21.35
N CYS A 923 3.72 19.61 -21.67
CA CYS A 923 3.95 20.72 -20.76
C CYS A 923 3.09 20.60 -19.51
N VAL A 924 1.90 20.01 -19.64
CA VAL A 924 1.06 19.77 -18.46
C VAL A 924 1.71 18.77 -17.53
N GLN A 925 2.31 17.71 -18.09
CA GLN A 925 3.07 16.77 -17.27
C GLN A 925 4.30 17.43 -16.66
N SER A 926 4.94 18.33 -17.40
CA SER A 926 6.10 19.04 -16.87
C SER A 926 5.72 19.96 -15.72
N PHE A 927 4.50 20.49 -15.74
CA PHE A 927 4.05 21.35 -14.65
C PHE A 927 3.72 20.58 -13.38
N ASN A 928 3.76 19.25 -13.41
CA ASN A 928 3.44 18.44 -12.24
C ASN A 928 4.62 17.60 -11.76
N GLY A 929 5.81 17.80 -12.33
CA GLY A 929 7.01 17.09 -11.91
C GLY A 929 7.47 15.99 -12.84
N ILE A 930 6.65 15.59 -13.81
CA ILE A 930 7.01 14.53 -14.74
C ILE A 930 7.73 15.17 -15.91
N LYS A 931 9.01 14.85 -16.07
CA LYS A 931 9.82 15.42 -17.14
C LYS A 931 10.86 14.41 -17.56
N VAL A 932 11.19 14.42 -18.86
CA VAL A 932 12.15 13.49 -19.45
C VAL A 932 13.45 14.24 -19.70
N LEU A 933 14.58 13.65 -19.27
CA LEU A 933 15.90 14.23 -19.44
C LEU A 933 16.61 13.62 -20.64
N PRO A 934 17.40 14.40 -21.36
CA PRO A 934 18.12 13.86 -22.52
C PRO A 934 19.24 12.93 -22.09
N PRO A 935 19.66 12.01 -22.96
CA PRO A 935 20.75 11.10 -22.59
C PRO A 935 22.08 11.82 -22.53
N ILE A 936 23.08 11.07 -22.03
CA ILE A 936 24.43 11.65 -21.88
C ILE A 936 25.06 11.90 -23.25
N LEU A 937 24.98 10.91 -24.14
CA LEU A 937 25.54 11.02 -25.48
C LEU A 937 24.43 11.36 -26.46
N SER A 938 24.66 12.40 -27.26
CA SER A 938 23.68 12.83 -28.25
C SER A 938 23.63 11.82 -29.41
N GLU A 939 22.61 11.99 -30.26
CA GLU A 939 22.45 11.11 -31.41
C GLU A 939 23.55 11.34 -32.45
N THR A 940 24.09 12.56 -32.50
CA THR A 940 25.15 12.85 -33.46
C THR A 940 26.41 12.05 -33.16
N GLN A 941 26.76 11.92 -31.88
CA GLN A 941 27.95 11.14 -31.51
C GLN A 941 27.76 9.66 -31.82
N ILE A 942 26.56 9.13 -31.58
CA ILE A 942 26.30 7.73 -31.91
C ILE A 942 26.33 7.52 -33.42
N SER A 943 25.81 8.48 -34.18
CA SER A 943 25.87 8.39 -35.63
C SER A 943 27.31 8.42 -36.12
N GLY A 944 28.14 9.27 -35.52
CA GLY A 944 29.54 9.30 -35.88
C GLY A 944 30.26 8.00 -35.53
N TYR A 945 29.92 7.41 -34.38
CA TYR A 945 30.51 6.13 -34.01
C TYR A 945 30.13 5.05 -35.00
N THR A 946 28.86 5.00 -35.40
CA THR A 946 28.42 4.01 -36.39
C THR A 946 29.09 4.24 -37.74
N THR A 947 29.25 5.50 -38.13
CA THR A 947 29.93 5.80 -39.38
C THR A 947 31.39 5.35 -39.34
N ALA A 948 32.07 5.59 -38.21
CA ALA A 948 33.45 5.14 -38.09
C ALA A 948 33.54 3.61 -38.12
N ALA A 949 32.61 2.94 -37.45
CA ALA A 949 32.60 1.48 -37.45
C ALA A 949 32.36 0.93 -38.85
N THR A 950 31.51 1.60 -39.63
CA THR A 950 31.25 1.16 -41.00
C THR A 950 32.46 1.41 -41.90
N VAL A 951 33.13 2.56 -41.72
CA VAL A 951 34.30 2.87 -42.52
C VAL A 951 35.47 1.94 -42.19
N ALA A 952 35.54 1.47 -40.93
CA ALA A 952 36.64 0.61 -40.52
C ALA A 952 36.72 -0.66 -41.37
N ALA A 953 35.60 -1.08 -41.96
CA ALA A 953 35.57 -2.26 -42.82
C ALA A 953 35.32 -1.90 -44.27
N MET A 954 35.78 -0.71 -44.70
CA MET A 954 35.54 -0.25 -46.06
C MET A 954 36.82 0.23 -46.72
N PHE A 955 37.78 0.68 -45.92
CA PHE A 955 39.04 1.22 -46.42
C PHE A 955 40.20 0.69 -45.59
N PRO A 956 41.36 0.54 -46.20
CA PRO A 956 42.53 0.05 -45.44
C PRO A 956 43.00 1.09 -44.45
N PRO A 957 43.41 0.66 -43.25
CA PRO A 957 43.43 -0.75 -42.81
C PRO A 957 42.05 -1.25 -42.39
N TRP A 958 41.75 -2.51 -42.71
CA TRP A 958 40.45 -3.10 -42.40
C TRP A 958 40.50 -3.63 -40.97
N SER A 959 40.34 -2.71 -40.02
CA SER A 959 40.36 -3.08 -38.61
C SER A 959 39.10 -3.84 -38.18
N ALA A 960 38.06 -3.85 -38.99
CA ALA A 960 36.83 -4.56 -38.68
C ALA A 960 36.63 -5.81 -39.54
N ALA A 961 37.65 -6.20 -40.32
CA ALA A 961 37.56 -7.38 -41.17
C ALA A 961 38.81 -8.24 -41.07
N ALA A 962 39.56 -8.13 -39.96
CA ALA A 962 40.78 -8.90 -39.72
C ALA A 962 41.82 -8.68 -40.81
N GLY A 963 41.82 -7.49 -41.41
CA GLY A 963 42.79 -7.15 -42.43
C GLY A 963 42.48 -7.67 -43.82
N VAL A 964 41.30 -8.21 -44.04
CA VAL A 964 40.90 -8.76 -45.35
C VAL A 964 40.07 -7.71 -46.08
N PRO A 965 40.35 -7.43 -47.35
CA PRO A 965 39.52 -6.47 -48.09
C PRO A 965 38.07 -6.92 -48.20
N PHE A 966 37.20 -5.97 -48.54
CA PHE A 966 35.77 -6.26 -48.60
C PHE A 966 35.41 -7.30 -49.65
N PRO A 967 35.84 -7.18 -50.92
CA PRO A 967 35.47 -8.23 -51.89
C PRO A 967 36.01 -9.60 -51.54
N LEU A 968 37.27 -9.67 -51.09
CA LEU A 968 37.83 -10.95 -50.68
C LEU A 968 37.09 -11.53 -49.49
N ASN A 969 36.69 -10.67 -48.55
CA ASN A 969 35.93 -11.14 -47.39
C ASN A 969 34.58 -11.70 -47.82
N VAL A 970 33.89 -11.01 -48.73
CA VAL A 970 32.61 -11.51 -49.22
C VAL A 970 32.79 -12.84 -49.95
N GLN A 971 33.84 -12.94 -50.76
CA GLN A 971 34.10 -14.19 -51.48
C GLN A 971 34.39 -15.33 -50.52
N TYR A 972 35.15 -15.07 -49.46
CA TYR A 972 35.43 -16.11 -48.47
C TYR A 972 34.17 -16.51 -47.72
N ARG A 973 33.34 -15.54 -47.35
CA ARG A 973 32.09 -15.85 -46.64
C ARG A 973 31.13 -16.65 -47.51
N ILE A 974 31.13 -16.41 -48.82
CA ILE A 974 30.27 -17.19 -49.71
C ILE A 974 30.86 -18.58 -49.94
N ASN A 975 32.19 -18.66 -50.06
CA ASN A 975 32.84 -19.96 -50.24
C ASN A 975 32.66 -20.85 -49.02
N GLY A 976 32.58 -20.26 -47.82
CA GLY A 976 32.38 -21.03 -46.61
C GLY A 976 31.06 -21.78 -46.55
N LEU A 977 30.12 -21.48 -47.45
CA LEU A 977 28.84 -22.16 -47.49
C LEU A 977 28.81 -23.35 -48.44
N GLY A 978 29.85 -23.52 -49.25
CA GLY A 978 29.90 -24.63 -50.19
C GLY A 978 29.82 -24.21 -51.64
N VAL A 979 30.36 -23.03 -51.94
CA VAL A 979 30.37 -22.48 -53.30
C VAL A 979 31.81 -22.40 -53.77
N THR A 980 32.07 -22.89 -54.97
CA THR A 980 33.43 -22.90 -55.50
C THR A 980 33.91 -21.47 -55.77
N MET A 981 35.24 -21.31 -55.78
CA MET A 981 35.84 -20.00 -56.00
C MET A 981 35.79 -19.56 -57.46
N ASP A 982 35.56 -20.49 -58.40
CA ASP A 982 35.56 -20.13 -59.81
C ASP A 982 34.38 -19.22 -60.14
N VAL A 983 33.18 -19.58 -59.70
CA VAL A 983 32.00 -18.78 -59.97
C VAL A 983 32.09 -17.43 -59.27
N LEU A 984 32.67 -17.40 -58.07
CA LEU A 984 32.78 -16.14 -57.34
C LEU A 984 33.80 -15.21 -57.99
N ASN A 985 34.90 -15.78 -58.49
CA ASN A 985 35.90 -14.95 -59.16
C ASN A 985 35.42 -14.48 -60.53
N LYS A 986 34.63 -15.31 -61.22
CA LYS A 986 34.13 -14.91 -62.54
C LYS A 986 32.98 -13.94 -62.45
N ASN A 987 32.20 -13.97 -61.37
CA ASN A 987 31.03 -13.11 -61.20
C ASN A 987 31.28 -12.18 -60.02
N GLN A 988 31.61 -10.93 -60.31
CA GLN A 988 31.78 -9.89 -59.30
C GLN A 988 30.85 -8.70 -59.51
N LYS A 989 30.66 -8.28 -60.77
CA LYS A 989 29.71 -7.21 -61.05
C LYS A 989 28.30 -7.61 -60.67
N LEU A 990 27.96 -8.89 -60.84
CA LEU A 990 26.65 -9.37 -60.40
C LEU A 990 26.50 -9.22 -58.90
N ILE A 991 27.53 -9.56 -58.13
CA ILE A 991 27.47 -9.42 -56.67
C ILE A 991 27.34 -7.96 -56.29
N ALA A 992 28.09 -7.09 -56.98
CA ALA A 992 28.00 -5.66 -56.69
C ALA A 992 26.61 -5.12 -56.96
N ASN A 993 26.03 -5.50 -58.11
CA ASN A 993 24.68 -5.05 -58.45
C ASN A 993 23.65 -5.60 -57.47
N ALA A 994 23.85 -6.84 -57.00
CA ALA A 994 22.93 -7.41 -56.02
C ALA A 994 23.02 -6.66 -54.69
N PHE A 995 24.22 -6.33 -54.25
CA PHE A 995 24.37 -5.53 -53.03
C PHE A 995 23.72 -4.17 -53.17
N ASN A 996 23.92 -3.52 -54.34
CA ASN A 996 23.32 -2.21 -54.56
C ASN A 996 21.80 -2.29 -54.57
N LYS A 997 21.25 -3.33 -55.20
CA LYS A 997 19.80 -3.49 -55.24
C LYS A 997 19.23 -3.77 -53.87
N ALA A 998 19.95 -4.58 -53.06
CA ALA A 998 19.48 -4.84 -51.70
C ALA A 998 19.51 -3.57 -50.86
N LEU A 999 20.57 -2.78 -50.98
CA LEU A 999 20.63 -1.52 -50.24
C LEU A 999 19.52 -0.57 -50.68
N LEU A 1000 19.24 -0.51 -51.98
CA LEU A 1000 18.18 0.37 -52.47
C LEU A 1000 16.81 -0.10 -51.99
N SER A 1001 16.61 -1.42 -51.93
CA SER A 1001 15.33 -1.95 -51.45
C SER A 1001 15.16 -1.69 -49.96
N ILE A 1002 16.25 -1.78 -49.19
CA ILE A 1002 16.17 -1.46 -47.77
C ILE A 1002 15.90 0.02 -47.57
N GLN A 1003 16.51 0.88 -48.40
CA GLN A 1003 16.31 2.31 -48.27
C GLN A 1003 14.88 2.70 -48.62
N ASN A 1004 14.47 2.41 -49.86
CA ASN A 1004 13.12 2.75 -50.30
C ASN A 1004 12.12 1.69 -49.86
N GLY A 1005 12.08 1.41 -48.57
CA GLY A 1005 11.14 0.44 -48.03
C GLY A 1005 10.43 0.96 -46.81
N PHE A 1006 10.84 2.13 -46.32
CA PHE A 1006 10.25 2.74 -45.15
C PHE A 1006 9.00 3.56 -45.48
N THR A 1007 8.62 3.65 -46.76
CA THR A 1007 7.38 4.32 -47.12
C THR A 1007 6.18 3.61 -46.53
N ALA A 1008 6.23 2.28 -46.49
CA ALA A 1008 5.21 1.48 -45.83
C ALA A 1008 5.52 1.41 -44.34
N THR A 1009 4.83 0.52 -43.62
CA THR A 1009 5.06 0.34 -42.19
C THR A 1009 5.81 -0.95 -41.94
N PRO A 1010 7.13 -0.92 -41.78
CA PRO A 1010 7.89 -2.13 -41.50
C PRO A 1010 7.80 -2.50 -40.02
N SER A 1011 8.53 -3.55 -39.66
CA SER A 1011 8.52 -4.00 -38.26
C SER A 1011 9.41 -3.14 -37.38
N ALA A 1012 10.55 -2.69 -37.92
CA ALA A 1012 11.46 -1.84 -37.14
C ALA A 1012 10.79 -0.52 -36.75
N LEU A 1013 10.21 0.17 -37.73
CA LEU A 1013 9.48 1.40 -37.44
C LEU A 1013 8.27 1.13 -36.54
N ALA A 1014 7.63 -0.04 -36.71
CA ALA A 1014 6.51 -0.40 -35.85
C ALA A 1014 6.95 -0.47 -34.39
N LYS A 1015 8.10 -1.10 -34.13
CA LYS A 1015 8.58 -1.20 -32.75
C LYS A 1015 9.05 0.15 -32.23
N ILE A 1016 9.71 0.95 -33.09
CA ILE A 1016 10.19 2.26 -32.66
C ILE A 1016 9.02 3.18 -32.32
N GLN A 1017 7.88 3.01 -32.99
CA GLN A 1017 6.70 3.77 -32.61
C GLN A 1017 5.99 3.17 -31.41
N SER A 1018 6.01 1.83 -31.28
CA SER A 1018 5.31 1.19 -30.18
C SER A 1018 5.96 1.51 -28.84
N VAL A 1019 7.28 1.61 -28.80
CA VAL A 1019 7.95 1.91 -27.53
C VAL A 1019 7.57 3.31 -27.04
N VAL A 1020 7.58 4.30 -27.92
CA VAL A 1020 7.23 5.65 -27.50
C VAL A 1020 5.74 5.76 -27.24
N ASN A 1021 4.91 4.99 -27.94
CA ASN A 1021 3.49 4.99 -27.64
C ASN A 1021 3.22 4.42 -26.26
N ALA A 1022 3.92 3.35 -25.89
CA ALA A 1022 3.77 2.78 -24.54
C ALA A 1022 4.29 3.75 -23.48
N ASN A 1023 5.39 4.43 -23.75
CA ASN A 1023 5.89 5.42 -22.80
C ASN A 1023 4.88 6.55 -22.59
N ALA A 1024 4.30 7.05 -23.69
CA ALA A 1024 3.30 8.11 -23.58
C ALA A 1024 2.06 7.62 -22.86
N GLN A 1025 1.64 6.38 -23.11
CA GLN A 1025 0.48 5.83 -22.43
C GLN A 1025 0.73 5.71 -20.93
N ALA A 1026 1.93 5.26 -20.54
CA ALA A 1026 2.26 5.17 -19.13
C ALA A 1026 2.28 6.56 -18.48
N LEU A 1027 2.85 7.55 -19.17
CA LEU A 1027 2.89 8.89 -18.63
C LEU A 1027 1.48 9.47 -18.45
N ASN A 1028 0.61 9.25 -19.44
CA ASN A 1028 -0.76 9.76 -19.34
C ASN A 1028 -1.53 9.03 -18.25
N SER A 1029 -1.30 7.72 -18.08
CA SER A 1029 -1.96 6.99 -17.02
C SER A 1029 -1.50 7.46 -15.64
N LEU A 1030 -0.22 7.80 -15.52
CA LEU A 1030 0.27 8.33 -14.25
C LEU A 1030 -0.29 9.73 -13.99
N LEU A 1031 -0.43 10.54 -15.05
CA LEU A 1031 -0.97 11.88 -14.88
C LEU A 1031 -2.45 11.85 -14.51
N GLN A 1032 -3.20 10.90 -15.07
CA GLN A 1032 -4.63 10.79 -14.81
C GLN A 1032 -4.93 10.39 -13.37
N GLN A 1033 -3.93 9.93 -12.61
CA GLN A 1033 -4.17 9.53 -11.23
C GLN A 1033 -4.46 10.70 -10.32
N LEU A 1034 -4.14 11.93 -10.74
CA LEU A 1034 -4.38 13.11 -9.92
C LEU A 1034 -5.85 13.51 -9.87
N PHE A 1035 -6.70 12.91 -10.70
CA PHE A 1035 -8.12 13.23 -10.74
C PHE A 1035 -8.97 12.17 -10.06
N ASN A 1036 -8.38 11.35 -9.20
CA ASN A 1036 -9.10 10.33 -8.46
C ASN A 1036 -9.38 10.80 -7.04
N LYS A 1037 -10.51 10.36 -6.50
CA LYS A 1037 -10.92 10.77 -5.16
C LYS A 1037 -10.39 9.85 -4.07
N PHE A 1038 -10.23 8.56 -4.38
CA PHE A 1038 -9.77 7.55 -3.42
C PHE A 1038 -10.67 7.49 -2.19
N GLY A 1039 -11.94 7.86 -2.34
CA GLY A 1039 -12.86 7.85 -1.24
C GLY A 1039 -12.99 9.17 -0.49
N ALA A 1040 -12.52 10.26 -1.07
CA ALA A 1040 -12.58 11.56 -0.44
C ALA A 1040 -13.75 12.36 -1.04
N ILE A 1041 -13.86 13.64 -0.64
CA ILE A 1041 -14.95 14.48 -1.13
C ILE A 1041 -14.64 15.00 -2.53
N SER A 1042 -13.38 15.21 -2.86
CA SER A 1042 -13.00 15.73 -4.17
C SER A 1042 -11.55 15.37 -4.45
N SER A 1043 -11.18 15.46 -5.72
CA SER A 1043 -9.83 15.16 -6.16
C SER A 1043 -8.93 16.38 -6.24
N SER A 1044 -9.43 17.55 -5.85
CA SER A 1044 -8.66 18.79 -5.89
C SER A 1044 -8.48 19.31 -4.47
N LEU A 1045 -7.25 19.68 -4.12
CA LEU A 1045 -6.96 20.19 -2.80
C LEU A 1045 -7.49 21.60 -2.58
N GLN A 1046 -7.70 22.36 -3.66
CA GLN A 1046 -8.19 23.74 -3.52
C GLN A 1046 -9.58 23.76 -2.90
N GLU A 1047 -10.49 22.92 -3.40
CA GLU A 1047 -11.84 22.88 -2.85
C GLU A 1047 -11.85 22.41 -1.41
N ILE A 1048 -11.01 21.41 -1.09
CA ILE A 1048 -10.94 20.90 0.28
C ILE A 1048 -10.44 21.98 1.22
N LEU A 1049 -9.41 22.73 0.82
CA LEU A 1049 -8.85 23.76 1.67
C LEU A 1049 -9.75 24.99 1.75
N SER A 1050 -10.60 25.23 0.74
CA SER A 1050 -11.48 26.39 0.74
C SER A 1050 -12.89 26.06 1.24
N ARG A 1051 -13.18 24.81 1.56
CA ARG A 1051 -14.52 24.43 2.02
C ARG A 1051 -14.53 23.85 3.42
N LEU A 1052 -13.48 23.14 3.84
CA LEU A 1052 -13.44 22.51 5.15
C LEU A 1052 -12.32 23.11 6.00
N ASP A 1053 -12.46 22.92 7.31
CA ASP A 1053 -11.44 23.35 8.26
C ASP A 1053 -10.28 22.37 8.27
N PRO A 1054 -9.10 22.81 8.70
CA PRO A 1054 -7.92 21.93 8.73
C PRO A 1054 -8.16 20.64 9.51
N PRO A 1055 -8.79 20.70 10.70
CA PRO A 1055 -9.01 19.43 11.42
C PRO A 1055 -9.81 18.41 10.64
N GLU A 1056 -10.69 18.86 9.73
CA GLU A 1056 -11.44 17.96 8.87
C GLU A 1056 -10.83 17.81 7.48
N ALA A 1057 -9.86 18.65 7.13
CA ALA A 1057 -9.22 18.58 5.82
C ALA A 1057 -7.94 17.74 5.83
N GLN A 1058 -7.33 17.53 7.00
CA GLN A 1058 -6.12 16.72 7.07
C GLN A 1058 -6.39 15.28 6.61
N VAL A 1059 -7.53 14.71 7.02
CA VAL A 1059 -7.87 13.36 6.61
C VAL A 1059 -8.09 13.29 5.10
N GLN A 1060 -8.81 14.28 4.55
CA GLN A 1060 -9.06 14.30 3.11
C GLN A 1060 -7.77 14.46 2.32
N ILE A 1061 -6.80 15.21 2.85
CA ILE A 1061 -5.53 15.37 2.16
C ILE A 1061 -4.71 14.09 2.24
N ASP A 1062 -4.69 13.43 3.41
CA ASP A 1062 -3.96 12.19 3.55
C ASP A 1062 -4.55 11.09 2.67
N ARG A 1063 -5.87 11.11 2.47
CA ARG A 1063 -6.51 10.12 1.61
C ARG A 1063 -5.96 10.18 0.19
N LEU A 1064 -5.67 11.39 -0.30
CA LEU A 1064 -5.08 11.53 -1.63
C LEU A 1064 -3.58 11.28 -1.62
N ILE A 1065 -2.90 11.67 -0.52
CA ILE A 1065 -1.46 11.45 -0.43
C ILE A 1065 -1.14 9.96 -0.51
N ASN A 1066 -1.90 9.14 0.21
CA ASN A 1066 -1.67 7.70 0.20
C ASN A 1066 -1.82 7.13 -1.22
N GLY A 1067 -2.89 7.51 -1.91
CA GLY A 1067 -3.11 7.00 -3.26
C GLY A 1067 -2.04 7.44 -4.24
N ARG A 1068 -1.61 8.71 -4.14
CA ARG A 1068 -0.58 9.20 -5.05
C ARG A 1068 0.76 8.51 -4.79
N LEU A 1069 1.09 8.29 -3.50
CA LEU A 1069 2.31 7.56 -3.19
C LEU A 1069 2.25 6.12 -3.69
N THR A 1070 1.09 5.47 -3.56
CA THR A 1070 0.96 4.11 -4.07
C THR A 1070 1.11 4.08 -5.59
N ALA A 1071 0.54 5.07 -6.28
CA ALA A 1071 0.67 5.12 -7.74
C ALA A 1071 2.12 5.33 -8.15
N LEU A 1072 2.83 6.23 -7.48
CA LEU A 1072 4.24 6.45 -7.79
C LEU A 1072 5.07 5.19 -7.53
N ASN A 1073 4.76 4.47 -6.45
CA ASN A 1073 5.48 3.24 -6.16
C ASN A 1073 5.23 2.19 -7.23
N ALA A 1074 3.98 2.06 -7.67
CA ALA A 1074 3.67 1.11 -8.75
C ALA A 1074 4.40 1.50 -10.04
N TYR A 1075 4.47 2.80 -10.34
CA TYR A 1075 5.14 3.24 -11.55
C TYR A 1075 6.63 2.93 -11.50
N VAL A 1076 7.28 3.21 -10.37
CA VAL A 1076 8.71 2.95 -10.29
C VAL A 1076 8.98 1.45 -10.28
N SER A 1077 8.05 0.65 -9.72
CA SER A 1077 8.20 -0.80 -9.80
C SER A 1077 8.13 -1.29 -11.25
N GLN A 1078 7.18 -0.75 -12.02
CA GLN A 1078 7.09 -1.13 -13.44
C GLN A 1078 8.35 -0.71 -14.19
N GLN A 1079 8.89 0.47 -13.88
CA GLN A 1079 10.10 0.93 -14.55
C GLN A 1079 11.29 0.02 -14.22
N LEU A 1080 11.43 -0.35 -12.94
CA LEU A 1080 12.51 -1.25 -12.55
C LEU A 1080 12.32 -2.64 -13.13
N SER A 1081 11.09 -3.04 -13.40
CA SER A 1081 10.86 -4.32 -14.06
C SER A 1081 11.21 -4.27 -15.55
N ASP A 1082 10.94 -3.13 -16.20
CA ASP A 1082 11.19 -3.02 -17.63
C ASP A 1082 12.67 -2.78 -17.94
N ILE A 1083 13.40 -2.11 -17.03
CA ILE A 1083 14.80 -1.81 -17.31
C ILE A 1083 15.62 -3.08 -17.45
N THR A 1084 15.20 -4.17 -16.80
CA THR A 1084 15.94 -5.42 -16.91
C THR A 1084 15.84 -6.00 -18.32
N LEU A 1085 14.64 -6.01 -18.88
CA LEU A 1085 14.47 -6.45 -20.27
C LEU A 1085 15.21 -5.52 -21.22
N ILE A 1086 15.20 -4.22 -20.93
CA ILE A 1086 15.93 -3.27 -21.77
C ILE A 1086 17.41 -3.59 -21.77
N LYS A 1087 17.97 -3.86 -20.58
CA LYS A 1087 19.40 -4.17 -20.48
C LYS A 1087 19.73 -5.51 -21.14
N ALA A 1088 18.82 -6.48 -21.05
CA ALA A 1088 19.04 -7.75 -21.73
C ALA A 1088 19.08 -7.58 -23.24
N GLY A 1089 18.14 -6.81 -23.78
CA GLY A 1089 18.16 -6.52 -25.21
C GLY A 1089 19.40 -5.75 -25.63
N ALA A 1090 19.85 -4.82 -24.79
CA ALA A 1090 21.07 -4.07 -25.09
C ALA A 1090 22.29 -4.98 -25.10
N SER A 1091 22.35 -5.93 -24.17
CA SER A 1091 23.46 -6.88 -24.15
C SER A 1091 23.43 -7.77 -25.39
N ARG A 1092 22.24 -8.20 -25.80
CA ARG A 1092 22.12 -8.97 -27.04
C ARG A 1092 22.61 -8.16 -28.23
N ALA A 1093 22.25 -6.88 -28.29
CA ALA A 1093 22.70 -6.02 -29.38
C ALA A 1093 24.22 -5.85 -29.37
N ILE A 1094 24.80 -5.69 -28.17
CA ILE A 1094 26.25 -5.56 -28.06
C ILE A 1094 26.94 -6.84 -28.54
N GLU A 1095 26.38 -8.00 -28.18
CA GLU A 1095 26.95 -9.25 -28.63
C GLU A 1095 26.87 -9.38 -30.14
N LYS A 1096 25.74 -8.99 -30.73
CA LYS A 1096 25.60 -9.05 -32.19
C LYS A 1096 26.57 -8.10 -32.87
N VAL A 1097 26.83 -6.94 -32.26
CA VAL A 1097 27.77 -5.99 -32.85
C VAL A 1097 29.19 -6.55 -32.77
N ASN A 1098 29.55 -7.15 -31.64
CA ASN A 1098 30.90 -7.66 -31.46
C ASN A 1098 31.17 -8.95 -32.24
N GLU A 1099 30.13 -9.70 -32.59
CA GLU A 1099 30.33 -10.99 -33.26
C GLU A 1099 29.89 -11.02 -34.71
N CYS A 1100 28.89 -10.22 -35.10
CA CYS A 1100 28.37 -10.26 -36.45
C CYS A 1100 28.75 -9.07 -37.31
N VAL A 1101 29.22 -7.98 -36.72
CA VAL A 1101 29.51 -6.74 -37.44
C VAL A 1101 31.01 -6.52 -37.59
N LYS A 1102 31.72 -6.42 -36.47
CA LYS A 1102 33.16 -6.14 -36.51
C LYS A 1102 34.00 -7.39 -36.71
N SER A 1103 33.39 -8.54 -36.90
CA SER A 1103 34.13 -9.79 -37.12
C SER A 1103 33.19 -10.79 -37.80
N GLN A 1104 33.74 -11.97 -38.10
CA GLN A 1104 32.99 -13.05 -38.73
C GLN A 1104 33.08 -14.27 -37.81
N SER A 1105 32.02 -14.50 -37.03
CA SER A 1105 32.06 -15.60 -36.08
C SER A 1105 31.52 -16.88 -36.72
N PRO A 1106 32.17 -18.03 -36.47
CA PRO A 1106 31.72 -19.31 -37.03
C PRO A 1106 30.55 -19.94 -36.25
N ARG A 1107 29.52 -19.14 -35.99
CA ARG A 1107 28.33 -19.60 -35.28
C ARG A 1107 27.17 -19.63 -36.27
N ILE A 1108 26.74 -20.83 -36.62
CA ILE A 1108 25.65 -21.01 -37.59
C ILE A 1108 24.33 -20.68 -36.92
N ASN A 1109 23.42 -20.06 -37.68
CA ASN A 1109 22.08 -19.72 -37.22
C ASN A 1109 22.12 -18.76 -36.04
N PHE A 1110 23.07 -17.83 -36.06
CA PHE A 1110 23.18 -16.81 -35.02
C PHE A 1110 23.00 -15.40 -35.58
N CYS A 1111 23.75 -15.04 -36.62
CA CYS A 1111 23.62 -13.70 -37.20
C CYS A 1111 22.48 -13.62 -38.20
N GLY A 1112 22.29 -14.68 -38.99
CA GLY A 1112 21.25 -14.69 -40.00
C GLY A 1112 20.52 -16.01 -40.10
N ASN A 1113 19.91 -16.27 -41.25
CA ASN A 1113 19.15 -17.50 -41.48
C ASN A 1113 20.00 -18.54 -42.20
N GLY A 1114 21.05 -18.98 -41.51
CA GLY A 1114 21.93 -20.02 -42.04
C GLY A 1114 22.91 -19.60 -43.11
N ASN A 1115 22.45 -18.88 -44.13
CA ASN A 1115 23.30 -18.44 -45.23
C ASN A 1115 23.78 -17.01 -45.05
N HIS A 1116 24.01 -16.60 -43.81
CA HIS A 1116 24.45 -15.24 -43.53
C HIS A 1116 25.86 -15.01 -44.08
N ILE A 1117 26.09 -13.79 -44.55
CA ILE A 1117 27.37 -13.41 -45.15
C ILE A 1117 28.04 -12.34 -44.30
N LEU A 1118 27.38 -11.20 -44.15
CA LEU A 1118 27.91 -10.09 -43.36
C LEU A 1118 26.75 -9.26 -42.83
N SER A 1119 27.08 -8.37 -41.89
CA SER A 1119 26.08 -7.52 -41.26
C SER A 1119 26.65 -6.12 -41.08
N LEU A 1120 25.75 -5.14 -41.11
CA LEU A 1120 26.11 -3.74 -40.89
C LEU A 1120 25.17 -3.14 -39.85
N VAL A 1121 25.65 -2.10 -39.17
CA VAL A 1121 24.91 -1.46 -38.08
C VAL A 1121 24.70 0.00 -38.43
N GLN A 1122 23.52 0.52 -38.07
CA GLN A 1122 23.18 1.92 -38.28
C GLN A 1122 22.46 2.45 -37.06
N ASN A 1123 22.54 3.77 -36.87
CA ASN A 1123 21.92 4.39 -35.71
C ASN A 1123 20.40 4.42 -35.88
N ALA A 1124 19.70 4.12 -34.79
CA ALA A 1124 18.24 4.07 -34.78
C ALA A 1124 17.73 4.73 -33.51
N PRO A 1125 16.51 5.28 -33.54
CA PRO A 1125 15.95 5.89 -32.32
C PRO A 1125 15.74 4.86 -31.22
N TYR A 1126 16.40 5.08 -30.09
CA TYR A 1126 16.28 4.22 -28.91
C TYR A 1126 16.69 2.78 -29.23
N GLY A 1127 17.77 2.63 -29.98
CA GLY A 1127 18.26 1.31 -30.34
C GLY A 1127 19.24 1.38 -31.49
N LEU A 1128 19.36 0.26 -32.19
CA LEU A 1128 20.24 0.15 -33.34
C LEU A 1128 19.52 -0.60 -34.45
N LEU A 1129 19.93 -0.34 -35.69
CA LEU A 1129 19.36 -0.97 -36.87
C LEU A 1129 20.42 -1.81 -37.55
N PHE A 1130 20.12 -3.09 -37.75
CA PHE A 1130 21.04 -4.04 -38.36
C PHE A 1130 20.57 -4.41 -39.76
N ILE A 1131 21.52 -4.54 -40.67
CA ILE A 1131 21.25 -4.95 -42.06
C ILE A 1131 22.00 -6.24 -42.31
N HIS A 1132 21.26 -7.31 -42.61
CA HIS A 1132 21.83 -8.63 -42.80
C HIS A 1132 21.72 -9.04 -44.27
N PHE A 1133 22.83 -9.52 -44.83
CA PHE A 1133 22.86 -10.03 -46.20
C PHE A 1133 23.01 -11.54 -46.17
N SER A 1134 22.27 -12.21 -47.05
CA SER A 1134 22.26 -13.67 -47.07
C SER A 1134 22.55 -14.23 -48.46
N TYR A 1135 22.43 -15.54 -48.61
CA TYR A 1135 22.68 -16.23 -49.87
C TYR A 1135 21.39 -16.93 -50.28
N LYS A 1136 20.71 -16.40 -51.30
CA LYS A 1136 19.42 -16.92 -51.73
C LYS A 1136 19.56 -17.53 -53.11
N PRO A 1137 19.28 -18.83 -53.29
CA PRO A 1137 19.33 -19.43 -54.62
C PRO A 1137 18.17 -18.94 -55.49
N THR A 1138 18.27 -19.27 -56.77
CA THR A 1138 17.25 -18.89 -57.74
C THR A 1138 16.69 -20.06 -58.53
N SER A 1139 17.54 -21.03 -58.89
CA SER A 1139 17.12 -22.18 -59.66
C SER A 1139 17.78 -23.43 -59.10
N PHE A 1140 17.04 -24.54 -59.11
CA PHE A 1140 17.51 -25.81 -58.57
C PHE A 1140 17.63 -26.84 -59.68
N LYS A 1141 18.28 -27.96 -59.35
CA LYS A 1141 18.48 -29.05 -60.29
C LYS A 1141 18.62 -30.35 -59.52
N THR A 1142 17.84 -31.35 -59.90
CA THR A 1142 17.85 -32.64 -59.22
C THR A 1142 18.98 -33.50 -59.78
N VAL A 1143 19.91 -33.91 -58.91
CA VAL A 1143 21.04 -34.74 -59.29
C VAL A 1143 21.16 -35.88 -58.29
N LEU A 1144 21.97 -36.87 -58.65
CA LEU A 1144 22.22 -38.03 -57.81
C LEU A 1144 23.60 -37.90 -57.15
N VAL A 1145 23.63 -38.05 -55.83
CA VAL A 1145 24.85 -37.87 -55.06
C VAL A 1145 25.18 -39.19 -54.35
N SER A 1146 26.40 -39.26 -53.82
CA SER A 1146 26.87 -40.43 -53.09
C SER A 1146 27.50 -39.99 -51.78
N PRO A 1147 27.25 -40.72 -50.69
CA PRO A 1147 27.85 -40.36 -49.40
C PRO A 1147 29.36 -40.51 -49.41
N GLY A 1148 29.84 -41.65 -49.88
CA GLY A 1148 31.28 -41.91 -49.94
C GLY A 1148 31.64 -43.09 -50.82
N LEU A 1149 32.86 -43.09 -51.36
CA LEU A 1149 33.33 -44.16 -52.21
C LEU A 1149 34.65 -44.69 -51.68
N CYS A 1150 35.09 -45.80 -52.24
CA CYS A 1150 36.35 -46.44 -51.87
C CYS A 1150 37.21 -46.63 -53.11
N LEU A 1151 38.51 -46.36 -52.98
CA LEU A 1151 39.44 -46.47 -54.08
C LEU A 1151 40.05 -47.87 -54.09
N SER A 1152 41.06 -48.08 -54.93
CA SER A 1152 41.72 -49.37 -55.00
C SER A 1152 42.60 -49.59 -53.77
N GLY A 1153 43.00 -50.83 -53.57
CA GLY A 1153 43.81 -51.18 -52.42
C GLY A 1153 43.09 -51.12 -51.10
N ASP A 1154 41.77 -51.25 -51.10
CA ASP A 1154 40.94 -51.21 -49.89
C ASP A 1154 41.15 -49.89 -49.14
N ARG A 1155 40.98 -48.79 -49.86
CA ARG A 1155 41.14 -47.45 -49.31
C ARG A 1155 39.90 -46.63 -49.64
N GLY A 1156 39.36 -45.94 -48.64
CA GLY A 1156 38.16 -45.15 -48.83
C GLY A 1156 38.38 -43.66 -48.71
N ILE A 1157 37.47 -42.87 -49.29
CA ILE A 1157 37.54 -41.41 -49.23
C ILE A 1157 36.16 -40.88 -48.86
N ALA A 1158 36.14 -39.60 -48.47
CA ALA A 1158 34.91 -38.92 -48.08
C ALA A 1158 34.99 -37.45 -48.52
N PRO A 1159 33.88 -36.89 -48.97
CA PRO A 1159 33.90 -35.49 -49.43
C PRO A 1159 33.97 -34.51 -48.27
N LYS A 1160 34.38 -33.29 -48.60
CA LYS A 1160 34.49 -32.20 -47.63
C LYS A 1160 33.60 -31.05 -48.11
N GLN A 1161 32.46 -30.87 -47.44
CA GLN A 1161 31.49 -29.83 -47.78
C GLN A 1161 31.06 -29.95 -49.25
N GLY A 1162 30.50 -31.11 -49.57
CA GLY A 1162 30.06 -31.37 -50.92
C GLY A 1162 29.60 -32.80 -51.08
N TYR A 1163 29.41 -33.20 -52.33
CA TYR A 1163 28.93 -34.53 -52.67
C TYR A 1163 29.75 -35.09 -53.82
N PHE A 1164 29.52 -36.36 -54.13
CA PHE A 1164 30.14 -37.04 -55.25
C PHE A 1164 29.07 -37.36 -56.29
N ILE A 1165 29.25 -36.84 -57.49
CA ILE A 1165 28.30 -37.05 -58.57
C ILE A 1165 28.98 -37.87 -59.67
N LYS A 1166 28.16 -38.54 -60.47
CA LYS A 1166 28.62 -39.38 -61.57
C LYS A 1166 28.23 -38.70 -62.89
N GLN A 1167 29.23 -38.18 -63.60
CA GLN A 1167 29.02 -37.45 -64.85
C GLN A 1167 29.73 -38.19 -65.97
N ASN A 1168 28.96 -38.81 -66.85
CA ASN A 1168 29.47 -39.52 -68.03
C ASN A 1168 30.47 -40.62 -67.62
N ASP A 1169 29.97 -41.55 -66.80
CA ASP A 1169 30.75 -42.69 -66.34
C ASP A 1169 32.05 -42.26 -65.64
N SER A 1170 31.97 -41.16 -64.89
CA SER A 1170 33.11 -40.64 -64.17
C SER A 1170 32.63 -39.93 -62.91
N TRP A 1171 33.34 -40.15 -61.81
CA TRP A 1171 32.98 -39.56 -60.53
C TRP A 1171 33.71 -38.23 -60.35
N MET A 1172 32.95 -37.21 -59.94
CA MET A 1172 33.53 -35.89 -59.69
C MET A 1172 33.06 -35.34 -58.35
N PHE A 1173 33.39 -34.08 -58.07
CA PHE A 1173 33.02 -33.42 -56.83
C PHE A 1173 32.27 -32.14 -57.14
N THR A 1174 31.26 -31.84 -56.33
CA THR A 1174 30.46 -30.63 -56.49
C THR A 1174 30.16 -30.03 -55.13
N GLY A 1175 29.92 -28.72 -55.11
CA GLY A 1175 29.60 -28.05 -53.88
C GLY A 1175 28.21 -28.36 -53.38
N SER A 1176 28.01 -28.19 -52.07
CA SER A 1176 26.72 -28.45 -51.46
C SER A 1176 25.72 -27.32 -51.68
N SER A 1177 26.17 -26.15 -52.15
CA SER A 1177 25.29 -25.02 -52.38
C SER A 1177 25.34 -24.52 -53.81
N TYR A 1178 26.11 -25.15 -54.68
CA TYR A 1178 26.21 -24.75 -56.09
C TYR A 1178 26.61 -25.95 -56.92
N TYR A 1179 26.04 -26.05 -58.12
CA TYR A 1179 26.32 -27.16 -59.02
C TYR A 1179 27.47 -26.76 -59.94
N TYR A 1180 28.65 -27.31 -59.69
CA TYR A 1180 29.83 -27.03 -60.50
C TYR A 1180 30.79 -28.20 -60.37
N PRO A 1181 30.72 -29.16 -61.31
CA PRO A 1181 31.59 -30.34 -61.21
C PRO A 1181 33.06 -29.97 -61.37
N GLU A 1182 33.90 -30.64 -60.61
CA GLU A 1182 35.34 -30.43 -60.63
C GLU A 1182 36.03 -31.75 -60.35
N PRO A 1183 37.24 -31.97 -60.86
CA PRO A 1183 37.92 -33.24 -60.63
C PRO A 1183 38.30 -33.41 -59.16
N ILE A 1184 38.37 -34.67 -58.73
CA ILE A 1184 38.68 -34.98 -57.35
C ILE A 1184 40.14 -34.64 -57.07
N SER A 1185 40.37 -33.88 -56.00
CA SER A 1185 41.73 -33.45 -55.64
C SER A 1185 42.03 -33.83 -54.19
N ASP A 1186 43.14 -33.32 -53.66
CA ASP A 1186 43.52 -33.60 -52.28
C ASP A 1186 42.81 -32.68 -51.30
N LYS A 1187 42.56 -31.42 -51.69
CA LYS A 1187 42.02 -30.44 -50.77
C LYS A 1187 40.52 -30.60 -50.53
N ASN A 1188 39.81 -31.36 -51.36
CA ASN A 1188 38.37 -31.47 -51.24
C ASN A 1188 37.90 -32.82 -50.69
N VAL A 1189 38.81 -33.77 -50.46
CA VAL A 1189 38.46 -35.08 -49.90
C VAL A 1189 39.45 -35.39 -48.79
N VAL A 1190 39.14 -36.46 -48.05
CA VAL A 1190 40.00 -36.96 -46.98
C VAL A 1190 40.46 -38.36 -47.34
N PHE A 1191 41.63 -38.74 -46.81
CA PHE A 1191 42.21 -40.06 -47.06
C PHE A 1191 41.91 -40.94 -45.87
N MET A 1192 40.85 -41.75 -46.00
CA MET A 1192 40.44 -42.67 -44.94
C MET A 1192 41.10 -44.03 -45.16
N ASN A 1193 40.61 -45.04 -44.45
CA ASN A 1193 41.10 -46.42 -44.54
C ASN A 1193 39.97 -47.30 -45.07
N SER A 1194 40.18 -48.62 -44.98
CA SER A 1194 39.25 -49.63 -45.47
C SER A 1194 37.80 -49.27 -45.15
N CYS A 1195 36.97 -49.20 -46.19
CA CYS A 1195 35.60 -48.75 -46.06
C CYS A 1195 34.67 -49.90 -45.72
N SER A 1196 33.41 -49.57 -45.48
CA SER A 1196 32.38 -50.54 -45.17
C SER A 1196 31.76 -51.07 -46.46
N VAL A 1197 30.67 -51.83 -46.34
CA VAL A 1197 30.00 -52.39 -47.52
C VAL A 1197 28.92 -51.46 -48.07
N ASN A 1198 28.52 -50.44 -47.32
CA ASN A 1198 27.49 -49.50 -47.76
C ASN A 1198 28.07 -48.33 -48.55
N PHE A 1199 29.26 -48.49 -49.12
CA PHE A 1199 29.90 -47.47 -49.93
C PHE A 1199 30.08 -48.00 -51.35
N THR A 1200 29.86 -47.12 -52.33
CA THR A 1200 29.99 -47.53 -53.73
C THR A 1200 31.45 -47.74 -54.09
N LYS A 1201 31.73 -48.89 -54.70
CA LYS A 1201 33.09 -49.24 -55.11
C LYS A 1201 33.41 -48.64 -56.47
N ALA A 1202 34.63 -48.13 -56.61
CA ALA A 1202 35.08 -47.52 -57.87
C ALA A 1202 36.56 -47.82 -58.04
N PRO A 1203 36.90 -48.89 -58.77
CA PRO A 1203 38.32 -49.22 -58.95
C PRO A 1203 39.03 -48.39 -60.00
N PHE A 1204 38.29 -47.76 -60.91
CA PHE A 1204 38.89 -46.97 -61.99
C PHE A 1204 39.35 -45.59 -61.55
N ILE A 1205 39.26 -45.28 -60.26
CA ILE A 1205 39.69 -43.98 -59.74
C ILE A 1205 41.02 -44.18 -59.04
N TYR A 1206 42.10 -43.78 -59.70
CA TYR A 1206 43.46 -43.89 -59.16
C TYR A 1206 44.07 -42.52 -58.88
N LEU A 1207 43.23 -41.52 -58.63
CA LEU A 1207 43.70 -40.16 -58.35
C LEU A 1207 44.26 -40.13 -56.93
N ASN A 1208 45.58 -40.22 -56.82
CA ASN A 1208 46.24 -40.19 -55.52
C ASN A 1208 47.25 -39.06 -55.43
N VAL B 1 7.15 59.48 21.25
CA VAL B 1 6.42 59.51 22.51
C VAL B 1 6.14 58.09 22.99
N ILE B 2 6.62 57.77 24.19
CA ILE B 2 6.45 56.45 24.78
C ILE B 2 5.37 56.45 25.85
N GLY B 3 5.46 57.34 26.82
CA GLY B 3 4.49 57.43 27.89
C GLY B 3 3.55 58.61 27.74
N ASP B 4 2.82 58.89 28.82
CA ASP B 4 1.86 59.98 28.84
C ASP B 4 2.00 60.93 30.02
N PHE B 5 2.61 60.50 31.13
CA PHE B 5 2.74 61.36 32.30
C PHE B 5 3.86 62.37 32.08
N ASN B 6 3.65 63.58 32.57
CA ASN B 6 4.65 64.65 32.44
C ASN B 6 5.80 64.40 33.40
N CYS B 7 6.99 64.18 32.85
CA CYS B 7 8.17 63.86 33.66
C CYS B 7 9.06 65.08 33.86
N THR B 8 9.54 65.69 32.78
CA THR B 8 10.43 66.83 32.88
C THR B 8 10.53 67.50 31.50
N ASN B 9 10.96 68.75 31.50
CA ASN B 9 11.15 69.52 30.28
C ASN B 9 12.46 70.29 30.33
N SER B 10 13.53 69.63 30.79
CA SER B 10 14.81 70.30 30.95
C SER B 10 15.43 70.65 29.59
N PHE B 11 15.68 69.64 28.76
CA PHE B 11 16.30 69.85 27.45
C PHE B 11 15.57 68.95 26.46
N ILE B 12 14.69 69.54 25.65
CA ILE B 12 13.91 68.83 24.65
C ILE B 12 13.99 69.60 23.34
N ASN B 13 14.35 68.90 22.27
CA ASN B 13 14.44 69.52 20.95
C ASN B 13 13.11 69.39 20.23
N ASP B 14 13.07 69.79 18.96
CA ASP B 14 11.86 69.72 18.14
C ASP B 14 11.88 68.58 17.14
N TYR B 15 12.91 68.51 16.30
CA TYR B 15 13.04 67.43 15.33
C TYR B 15 14.48 67.31 14.85
N ARG B 21 18.50 51.54 13.47
CA ARG B 21 19.17 52.72 12.95
C ARG B 21 19.95 52.39 11.67
N ILE B 22 20.96 51.54 11.82
CA ILE B 22 21.79 51.12 10.70
C ILE B 22 21.72 49.60 10.59
N SER B 23 22.10 49.10 9.41
CA SER B 23 22.07 47.68 9.09
C SER B 23 23.37 47.25 8.43
N GLU B 24 24.49 47.66 9.03
CA GLU B 24 25.82 47.35 8.49
C GLU B 24 26.27 45.94 8.79
N ASP B 25 25.44 45.12 9.43
CA ASP B 25 25.78 43.75 9.76
C ASP B 25 24.73 42.80 9.19
N VAL B 26 25.19 41.63 8.73
CA VAL B 26 24.31 40.61 8.16
C VAL B 26 24.28 39.42 9.10
N VAL B 27 23.11 38.81 9.25
CA VAL B 27 22.95 37.66 10.13
C VAL B 27 23.75 36.49 9.58
N ASP B 28 24.75 36.05 10.35
CA ASP B 28 25.60 34.93 9.97
C ASP B 28 25.48 33.85 11.03
N VAL B 29 25.18 32.63 10.59
CA VAL B 29 24.98 31.50 11.49
C VAL B 29 25.99 30.39 11.25
N SER B 30 27.03 30.65 10.46
CA SER B 30 28.01 29.63 10.11
C SER B 30 28.87 29.20 11.29
N LEU B 31 28.83 29.93 12.41
CA LEU B 31 29.64 29.60 13.58
C LEU B 31 28.79 29.30 14.81
N GLY B 32 27.49 29.10 14.65
CA GLY B 32 26.61 28.79 15.75
C GLY B 32 25.80 29.95 16.29
N LEU B 33 25.92 31.13 15.70
CA LEU B 33 25.16 32.29 16.18
C LEU B 33 23.68 32.12 15.85
N GLY B 34 22.83 32.55 16.79
CA GLY B 34 21.40 32.45 16.63
C GLY B 34 20.78 31.17 17.12
N THR B 35 21.57 30.13 17.36
CA THR B 35 21.06 28.86 17.84
C THR B 35 21.11 28.81 19.37
N TYR B 36 20.50 27.76 19.93
CA TYR B 36 20.50 27.57 21.37
C TYR B 36 20.50 26.07 21.66
N TYR B 37 20.68 25.73 22.93
CA TYR B 37 20.69 24.35 23.37
C TYR B 37 19.28 23.91 23.76
N VAL B 38 18.95 22.68 23.38
CA VAL B 38 17.64 22.11 23.69
C VAL B 38 17.56 21.80 25.18
N LEU B 39 16.35 21.56 25.68
CA LEU B 39 16.13 21.37 27.11
C LEU B 39 16.61 20.00 27.54
N ASN B 40 17.58 19.97 28.44
CA ASN B 40 18.13 18.75 29.06
C ASN B 40 18.33 17.63 28.04
N ARG B 41 18.99 17.98 26.95
CA ARG B 41 19.37 17.01 25.92
C ARG B 41 20.80 17.25 25.50
N VAL B 42 21.54 16.17 25.28
CA VAL B 42 22.94 16.23 24.89
C VAL B 42 23.13 15.42 23.60
N TYR B 43 23.83 16.00 22.63
CA TYR B 43 24.15 15.33 21.38
C TYR B 43 25.66 15.39 21.18
N LEU B 44 26.26 14.24 20.88
CA LEU B 44 27.71 14.12 20.76
C LEU B 44 28.06 13.55 19.40
N ASN B 45 28.86 14.29 18.63
CA ASN B 45 29.40 13.82 17.35
C ASN B 45 28.29 13.43 16.38
N THR B 46 27.25 14.26 16.32
CA THR B 46 26.10 14.01 15.46
C THR B 46 25.79 15.27 14.65
N THR B 47 24.82 15.16 13.74
CA THR B 47 24.38 16.27 12.90
C THR B 47 22.86 16.16 12.79
N LEU B 48 22.15 16.94 13.59
CA LEU B 48 20.70 16.84 13.73
C LEU B 48 20.02 18.04 13.10
N LEU B 49 18.91 17.79 12.41
CA LEU B 49 18.06 18.85 11.88
C LEU B 49 17.05 19.26 12.95
N PHE B 50 17.02 20.56 13.26
CA PHE B 50 16.14 21.09 14.29
C PHE B 50 15.39 22.30 13.75
N THR B 51 14.11 22.39 14.09
CA THR B 51 13.25 23.49 13.68
C THR B 51 12.79 24.25 14.92
N GLY B 52 13.01 25.56 14.91
CA GLY B 52 12.61 26.37 16.06
C GLY B 52 12.70 27.85 15.74
N TYR B 53 12.58 28.65 16.78
CA TYR B 53 12.64 30.11 16.64
C TYR B 53 14.09 30.51 16.40
N PHE B 54 14.45 30.71 15.13
CA PHE B 54 15.79 31.08 14.71
C PHE B 54 15.73 32.29 13.80
N PRO B 55 16.75 33.14 13.84
CA PRO B 55 16.78 34.30 12.93
C PRO B 55 17.03 33.86 11.50
N LYS B 56 16.47 34.62 10.57
CA LYS B 56 16.62 34.30 9.16
C LYS B 56 18.03 34.64 8.68
N SER B 57 18.68 33.69 8.03
CA SER B 57 20.01 33.92 7.50
C SER B 57 19.97 34.93 6.36
N GLY B 58 20.96 35.82 6.33
CA GLY B 58 21.01 36.87 5.33
C GLY B 58 20.26 38.13 5.70
N ALA B 59 19.56 38.15 6.82
CA ALA B 59 18.84 39.34 7.25
C ALA B 59 19.83 40.39 7.75
N ASN B 60 19.30 41.56 8.10
CA ASN B 60 20.11 42.69 8.54
C ASN B 60 19.71 43.09 9.96
N PHE B 61 20.71 43.21 10.83
CA PHE B 61 20.46 43.68 12.18
C PHE B 61 20.10 45.17 12.16
N ARG B 62 19.68 45.67 13.32
CA ARG B 62 19.36 47.08 13.50
C ARG B 62 20.03 47.57 14.77
N ASP B 63 20.95 48.51 14.64
CA ASP B 63 21.67 49.07 15.78
C ASP B 63 20.74 50.03 16.52
N LEU B 64 19.76 49.45 17.22
CA LEU B 64 18.78 50.21 17.99
C LEU B 64 19.43 50.64 19.31
N ALA B 65 20.35 51.59 19.20
CA ALA B 65 21.06 52.12 20.35
C ALA B 65 21.39 53.58 20.10
N LEU B 66 21.06 54.44 21.06
CA LEU B 66 21.26 55.88 20.94
C LEU B 66 21.94 56.41 22.19
N LYS B 67 22.85 57.36 22.01
CA LYS B 67 23.60 57.96 23.11
C LYS B 67 23.54 59.48 22.98
N GLY B 68 23.12 60.14 24.05
CA GLY B 68 23.04 61.59 24.08
C GLY B 68 23.88 62.16 25.21
N SER B 69 24.40 63.37 24.99
CA SER B 69 25.25 64.02 25.98
C SER B 69 24.44 64.95 26.89
N ILE B 70 23.80 65.96 26.31
CA ILE B 70 23.02 66.91 27.08
C ILE B 70 21.59 66.95 26.56
N TYR B 71 21.42 67.29 25.29
CA TYR B 71 20.11 67.42 24.68
C TYR B 71 19.65 66.11 24.08
N LEU B 72 18.37 65.79 24.26
CA LEU B 72 17.75 64.61 23.68
C LEU B 72 16.76 65.02 22.61
N SER B 73 16.71 64.26 21.53
CA SER B 73 15.83 64.56 20.41
C SER B 73 14.47 63.89 20.58
N THR B 74 13.43 64.54 20.07
CA THR B 74 12.09 63.97 20.15
C THR B 74 11.91 62.81 19.19
N LEU B 75 12.65 62.80 18.08
CA LEU B 75 12.55 61.73 17.10
C LEU B 75 13.09 60.40 17.60
N TRP B 76 13.78 60.39 18.74
CA TRP B 76 14.33 59.15 19.27
C TRP B 76 13.23 58.24 19.79
N TYR B 77 12.18 58.82 20.37
CA TYR B 77 11.08 58.06 20.96
C TYR B 77 9.96 57.78 19.96
N LYS B 78 10.26 57.75 18.67
CA LYS B 78 9.30 57.51 17.62
C LYS B 78 9.89 56.52 16.62
N PRO B 79 9.05 55.88 15.80
CA PRO B 79 9.59 55.00 14.76
C PRO B 79 10.51 55.77 13.84
N PRO B 80 11.44 55.08 13.17
CA PRO B 80 11.64 53.62 13.16
C PRO B 80 12.40 53.07 14.37
N PHE B 81 12.57 53.89 15.41
CA PHE B 81 13.22 53.42 16.62
C PHE B 81 12.28 52.64 17.52
N LEU B 82 10.99 52.59 17.21
CA LEU B 82 10.01 51.81 17.94
C LEU B 82 9.47 50.73 17.01
N SER B 83 9.80 49.48 17.31
CA SER B 83 9.44 48.36 16.44
C SER B 83 8.25 47.60 17.01
N ASP B 84 7.88 46.52 16.32
CA ASP B 84 6.75 45.69 16.70
C ASP B 84 7.24 44.32 17.11
N PHE B 85 6.64 43.78 18.17
CA PHE B 85 6.99 42.46 18.69
C PHE B 85 5.89 41.48 18.26
N ASN B 86 6.09 40.86 17.09
CA ASN B 86 5.10 39.93 16.57
C ASN B 86 5.26 38.54 17.18
N ASN B 87 6.42 37.92 16.98
CA ASN B 87 6.70 36.59 17.51
C ASN B 87 7.87 36.59 18.49
N GLY B 88 9.01 37.13 18.09
CA GLY B 88 10.17 37.15 18.95
C GLY B 88 11.28 37.99 18.34
N ILE B 89 12.28 38.27 19.17
CA ILE B 89 13.42 39.07 18.77
C ILE B 89 14.69 38.44 19.32
N PHE B 90 15.77 38.51 18.54
CA PHE B 90 17.09 38.05 18.94
C PHE B 90 17.99 39.27 19.10
N SER B 91 18.53 39.47 20.29
CA SER B 91 19.33 40.64 20.62
C SER B 91 20.79 40.25 20.76
N LYS B 92 21.66 41.04 20.16
CA LYS B 92 23.11 40.88 20.27
C LYS B 92 23.64 42.10 21.02
N VAL B 93 23.74 41.96 22.33
CA VAL B 93 24.14 43.05 23.21
C VAL B 93 25.65 43.05 23.38
N LYS B 94 26.22 44.24 23.55
CA LYS B 94 27.65 44.42 23.74
C LYS B 94 27.89 45.00 25.12
N ASN B 95 28.56 44.22 25.98
CA ASN B 95 28.90 44.66 27.33
C ASN B 95 30.08 45.61 27.23
N THR B 96 29.79 46.91 27.19
CA THR B 96 30.82 47.92 27.06
C THR B 96 31.65 47.99 28.34
N LYS B 97 32.96 48.16 28.18
CA LYS B 97 33.90 48.20 29.29
C LYS B 97 34.23 49.65 29.62
N LEU B 98 33.86 50.08 30.83
CA LEU B 98 34.19 51.42 31.30
C LEU B 98 35.03 51.34 32.56
N TYR B 99 36.05 50.48 32.54
CA TYR B 99 36.86 50.23 33.72
C TYR B 99 37.66 51.46 34.11
N VAL B 100 37.52 51.86 35.38
CA VAL B 100 38.29 52.94 35.97
C VAL B 100 38.78 52.47 37.34
N ASN B 101 39.50 53.34 38.04
CA ASN B 101 40.15 52.97 39.29
C ASN B 101 39.15 52.48 40.33
N ASN B 102 39.22 51.17 40.63
CA ASN B 102 38.41 50.49 41.66
C ASN B 102 36.92 50.83 41.54
N THR B 103 36.47 51.19 40.34
CA THR B 103 35.06 51.51 40.11
C THR B 103 34.61 50.92 38.78
N LEU B 104 34.91 49.62 38.58
CA LEU B 104 34.49 48.91 37.38
C LEU B 104 32.98 49.00 37.19
N TYR B 105 32.56 49.67 36.13
CA TYR B 105 31.14 49.91 35.85
C TYR B 105 30.81 49.51 34.42
N SER B 106 31.25 48.31 34.02
CA SER B 106 30.94 47.80 32.70
C SER B 106 29.44 47.53 32.56
N GLU B 107 28.76 48.31 31.74
CA GLU B 107 27.31 48.19 31.56
C GLU B 107 26.97 48.42 30.10
N PHE B 108 25.68 48.34 29.79
CA PHE B 108 25.19 48.50 28.43
C PHE B 108 23.80 49.14 28.50
N SER B 109 23.07 49.08 27.37
CA SER B 109 21.78 49.72 27.26
C SER B 109 20.66 48.78 27.73
N THR B 110 19.49 49.36 27.94
CA THR B 110 18.30 48.65 28.40
C THR B 110 17.31 48.51 27.26
N ILE B 111 16.20 47.83 27.55
CA ILE B 111 15.13 47.63 26.57
C ILE B 111 13.84 47.38 27.33
N VAL B 112 12.77 48.02 26.87
CA VAL B 112 11.45 47.86 27.47
C VAL B 112 10.60 46.96 26.58
N ILE B 113 9.73 46.18 27.21
CA ILE B 113 8.85 45.25 26.50
C ILE B 113 7.46 45.39 27.11
N GLY B 114 6.53 45.97 26.36
CA GLY B 114 5.17 46.15 26.84
C GLY B 114 4.15 46.17 25.72
N SER B 115 2.94 46.64 26.02
CA SER B 115 1.85 46.71 25.06
C SER B 115 1.45 48.13 24.71
N VAL B 116 1.14 48.95 25.72
CA VAL B 116 0.68 50.32 25.49
C VAL B 116 1.49 51.28 26.34
N PHE B 117 2.35 50.73 27.21
CA PHE B 117 3.29 51.53 28.01
C PHE B 117 2.54 52.50 28.94
N VAL B 118 1.58 51.97 29.69
CA VAL B 118 0.84 52.73 30.67
C VAL B 118 0.82 51.94 31.99
N ASN B 119 0.13 52.50 32.98
CA ASN B 119 0.06 51.89 34.30
C ASN B 119 -1.15 50.97 34.48
N THR B 120 -1.75 50.51 33.37
CA THR B 120 -2.82 49.53 33.44
C THR B 120 -2.43 48.18 32.86
N SER B 121 -1.42 48.12 32.01
CA SER B 121 -0.92 46.87 31.45
C SER B 121 0.37 46.49 32.18
N TYR B 122 1.03 45.43 31.70
CA TYR B 122 2.27 44.94 32.27
C TYR B 122 3.41 45.17 31.27
N THR B 123 4.47 45.81 31.75
CA THR B 123 5.64 46.12 30.94
C THR B 123 6.88 45.48 31.57
N ILE B 124 7.68 44.80 30.75
CA ILE B 124 8.89 44.14 31.19
C ILE B 124 10.07 45.04 30.83
N VAL B 125 10.75 45.56 31.85
CA VAL B 125 11.88 46.46 31.67
C VAL B 125 13.10 45.85 32.36
N VAL B 126 14.24 45.87 31.68
CA VAL B 126 15.49 45.36 32.22
C VAL B 126 16.32 46.53 32.72
N GLN B 127 17.19 46.26 33.69
CA GLN B 127 18.05 47.27 34.29
C GLN B 127 19.50 46.79 34.23
N PRO B 128 20.28 47.25 33.24
CA PRO B 128 21.68 46.82 33.14
C PRO B 128 22.63 47.70 33.93
N HIS B 129 23.56 47.05 34.61
CA HIS B 129 24.62 47.74 35.36
C HIS B 129 25.68 46.70 35.69
N ASN B 130 26.74 47.15 36.36
CA ASN B 130 27.85 46.28 36.73
C ASN B 130 27.44 45.44 37.94
N GLY B 131 27.25 44.15 37.73
CA GLY B 131 26.89 43.25 38.81
C GLY B 131 25.62 42.47 38.55
N ILE B 132 24.61 42.68 39.39
CA ILE B 132 23.36 41.95 39.29
C ILE B 132 22.52 42.52 38.16
N LEU B 133 21.82 41.65 37.44
CA LEU B 133 20.93 42.06 36.36
C LEU B 133 19.49 42.03 36.85
N GLU B 134 18.78 43.13 36.65
CA GLU B 134 17.42 43.28 37.15
C GLU B 134 16.44 43.14 35.99
N ILE B 135 15.57 42.13 36.08
CA ILE B 135 14.50 41.91 35.11
C ILE B 135 13.21 41.73 35.90
N THR B 136 12.28 42.67 35.73
CA THR B 136 11.02 42.65 36.47
C THR B 136 9.87 42.98 35.53
N ALA B 137 8.66 42.70 35.99
CA ALA B 137 7.44 42.97 35.23
C ALA B 137 6.39 43.49 36.21
N CYS B 138 6.09 44.78 36.11
CA CYS B 138 5.11 45.41 36.99
C CYS B 138 4.24 46.33 36.14
N GLN B 139 3.39 47.13 36.80
CA GLN B 139 2.57 48.13 36.14
C GLN B 139 3.22 49.49 36.35
N TYR B 140 4.20 49.79 35.51
CA TYR B 140 4.97 51.02 35.62
C TYR B 140 4.31 52.14 34.83
N THR B 141 4.38 53.36 35.36
CA THR B 141 3.90 54.55 34.67
C THR B 141 5.06 55.09 33.84
N MET B 142 5.16 54.61 32.60
CA MET B 142 6.29 54.95 31.75
C MET B 142 6.28 56.44 31.42
N CYS B 143 7.44 57.07 31.53
CA CYS B 143 7.57 58.47 31.19
C CYS B 143 7.48 58.68 29.67
N GLU B 144 7.19 59.92 29.27
CA GLU B 144 7.11 60.24 27.86
C GLU B 144 8.47 60.12 27.19
N TYR B 145 9.52 60.64 27.84
CA TYR B 145 10.89 60.62 27.31
C TYR B 145 11.79 59.97 28.35
N PRO B 146 11.77 58.64 28.45
CA PRO B 146 12.61 57.95 29.44
C PRO B 146 14.04 57.80 28.96
N HIS B 147 14.95 57.75 29.92
CA HIS B 147 16.37 57.60 29.63
C HIS B 147 17.09 57.15 30.89
N THR B 148 18.15 56.37 30.71
CA THR B 148 18.97 55.88 31.81
C THR B 148 20.28 56.66 31.88
N VAL B 149 20.83 56.73 33.09
CA VAL B 149 22.08 57.44 33.35
C VAL B 149 23.05 56.47 34.00
N CYS B 150 24.30 56.50 33.54
CA CYS B 150 25.33 55.62 34.11
C CYS B 150 25.66 56.05 35.53
N LYS B 151 25.88 55.07 36.40
CA LYS B 151 26.13 55.35 37.81
C LYS B 151 27.42 56.13 38.00
N SER B 152 28.55 55.54 37.64
CA SER B 152 29.84 56.20 37.78
C SER B 152 30.05 57.19 36.63
N LYS B 153 30.77 58.27 36.94
CA LYS B 153 31.06 59.38 36.02
C LYS B 153 29.84 59.70 35.15
N GLY B 154 28.74 60.00 35.84
CA GLY B 154 27.47 60.25 35.19
C GLY B 154 27.39 61.60 34.51
N SER B 155 26.17 62.15 34.45
CA SER B 155 25.93 63.43 33.79
C SER B 155 25.05 64.32 34.65
N ILE B 156 24.58 65.43 34.08
CA ILE B 156 23.77 66.36 34.83
C ILE B 156 22.34 65.85 35.01
N ARG B 157 21.87 65.01 34.10
CA ARG B 157 20.51 64.48 34.18
C ARG B 157 20.48 63.24 35.08
N ASN B 158 19.31 63.00 35.68
CA ASN B 158 19.09 61.86 36.54
C ASN B 158 18.25 60.82 35.84
N GLU B 159 18.39 59.56 36.27
CA GLU B 159 17.61 58.47 35.70
C GLU B 159 16.15 58.62 36.10
N SER B 160 15.27 58.68 35.09
CA SER B 160 13.84 58.88 35.34
C SER B 160 13.08 58.20 34.21
N TRP B 161 12.57 56.99 34.47
CA TRP B 161 11.69 56.30 33.54
C TRP B 161 10.38 55.83 34.17
N HIS B 162 10.31 55.67 35.48
CA HIS B 162 9.08 55.37 36.19
C HIS B 162 8.84 56.43 37.25
N ILE B 163 7.60 56.91 37.35
CA ILE B 163 7.24 57.99 38.26
C ILE B 163 6.21 57.58 39.29
N ASP B 164 5.74 56.33 39.24
CA ASP B 164 4.77 55.86 40.23
C ASP B 164 5.38 55.88 41.62
N SER B 165 4.70 56.54 42.56
CA SER B 165 5.21 56.66 43.91
C SER B 165 5.07 55.34 44.67
N SER B 166 3.85 54.85 44.80
CA SER B 166 3.62 53.59 45.50
C SER B 166 4.09 52.42 44.65
N GLU B 167 4.27 51.27 45.31
CA GLU B 167 4.74 50.07 44.64
C GLU B 167 3.57 49.40 43.92
N PRO B 168 3.60 49.33 42.59
CA PRO B 168 2.52 48.68 41.85
C PRO B 168 2.62 47.17 41.92
N LEU B 169 1.52 46.51 41.53
CA LEU B 169 1.49 45.06 41.51
C LEU B 169 2.40 44.53 40.41
N CYS B 170 3.09 43.44 40.70
CA CYS B 170 4.07 42.85 39.80
C CYS B 170 3.72 41.39 39.53
N LEU B 171 4.47 40.78 38.60
CA LEU B 171 4.32 39.39 38.26
C LEU B 171 5.63 38.60 38.22
N PHE B 172 6.78 39.27 38.17
CA PHE B 172 8.07 38.58 38.10
C PHE B 172 9.08 39.40 38.88
N LYS B 173 9.53 38.87 40.01
CA LYS B 173 10.52 39.53 40.87
C LYS B 173 11.65 38.53 41.10
N LYS B 174 12.66 38.56 40.23
CA LYS B 174 13.78 37.64 40.32
C LYS B 174 15.03 38.34 39.81
N ASN B 175 16.15 38.09 40.48
CA ASN B 175 17.44 38.67 40.12
C ASN B 175 18.36 37.59 39.56
N PHE B 176 19.15 37.95 38.55
CA PHE B 176 20.06 37.03 37.91
C PHE B 176 21.41 37.69 37.71
N THR B 177 22.48 36.91 37.87
CA THR B 177 23.85 37.38 37.70
C THR B 177 24.39 36.93 36.35
N TYR B 178 25.53 37.53 35.97
CA TYR B 178 26.15 37.22 34.70
C TYR B 178 27.64 37.57 34.78
N ASN B 179 28.37 37.17 33.76
CA ASN B 179 29.81 37.45 33.70
C ASN B 179 30.04 38.94 33.49
N VAL B 180 30.77 39.57 34.41
CA VAL B 180 31.07 40.99 34.30
C VAL B 180 32.24 41.29 33.38
N SER B 181 32.87 40.26 32.81
CA SER B 181 34.01 40.44 31.92
C SER B 181 33.70 39.98 30.49
N ALA B 182 32.44 39.64 30.21
CA ALA B 182 32.07 39.19 28.88
C ALA B 182 32.08 40.35 27.89
N ASP B 183 32.31 40.02 26.62
CA ASP B 183 32.33 41.02 25.57
C ASP B 183 30.99 41.17 24.87
N TRP B 184 30.20 40.10 24.80
CA TRP B 184 28.90 40.14 24.14
C TRP B 184 27.91 39.29 24.92
N LEU B 185 26.66 39.74 24.96
CA LEU B 185 25.58 39.02 25.61
C LEU B 185 24.45 38.79 24.61
N TYR B 186 24.00 37.55 24.50
CA TYR B 186 22.96 37.18 23.55
C TYR B 186 21.71 36.75 24.30
N PHE B 187 20.55 37.08 23.76
CA PHE B 187 19.27 36.76 24.38
C PHE B 187 18.31 36.22 23.32
N HIS B 188 17.27 35.53 23.79
CA HIS B 188 16.20 35.01 22.93
C HIS B 188 14.88 35.29 23.62
N PHE B 189 14.27 36.42 23.30
CA PHE B 189 12.96 36.80 23.82
C PHE B 189 11.92 36.52 22.74
N TYR B 190 10.93 35.69 23.08
CA TYR B 190 9.84 35.38 22.16
C TYR B 190 8.62 34.98 22.94
N GLN B 191 7.44 35.24 22.36
CA GLN B 191 6.16 34.93 22.96
C GLN B 191 5.49 33.81 22.18
N GLU B 192 4.87 32.87 22.89
CA GLU B 192 4.18 31.76 22.26
C GLU B 192 3.10 31.26 23.22
N ARG B 193 1.85 31.26 22.74
CA ARG B 193 0.71 30.77 23.51
C ARG B 193 0.56 31.51 24.84
N GLY B 194 0.74 32.83 24.79
CA GLY B 194 0.57 33.65 25.97
C GLY B 194 1.63 33.50 27.04
N VAL B 195 2.75 32.84 26.71
CA VAL B 195 3.83 32.62 27.67
C VAL B 195 5.09 33.30 27.13
N PHE B 196 5.75 34.07 27.99
CA PHE B 196 6.97 34.79 27.63
C PHE B 196 8.18 33.94 27.98
N TYR B 197 9.05 33.72 27.01
CA TYR B 197 10.26 32.92 27.18
C TYR B 197 11.49 33.80 27.02
N ALA B 198 12.54 33.46 27.75
CA ALA B 198 13.78 34.24 27.74
C ALA B 198 14.98 33.31 27.78
N TYR B 199 16.05 33.72 27.12
CA TYR B 199 17.31 33.00 27.10
C TYR B 199 18.45 34.00 27.31
N TYR B 200 19.62 33.47 27.66
CA TYR B 200 20.80 34.31 27.88
C TYR B 200 22.05 33.51 27.55
N ALA B 201 23.15 34.24 27.36
CA ALA B 201 24.44 33.62 27.05
C ALA B 201 25.54 34.60 27.45
N ASP B 202 26.33 34.24 28.46
CA ASP B 202 27.44 35.06 28.89
C ASP B 202 28.72 34.77 28.11
N VAL B 203 28.92 33.52 27.69
CA VAL B 203 30.08 33.12 26.90
C VAL B 203 29.60 32.22 25.77
N GLY B 204 30.10 32.47 24.56
CA GLY B 204 29.71 31.70 23.40
C GLY B 204 28.48 32.24 22.71
N MET B 205 28.27 31.77 21.48
CA MET B 205 27.14 32.20 20.67
C MET B 205 25.82 31.54 21.08
N PRO B 206 25.77 30.21 21.28
CA PRO B 206 24.50 29.60 21.71
C PRO B 206 24.09 30.08 23.10
N THR B 207 22.78 30.07 23.33
CA THR B 207 22.21 30.57 24.57
C THR B 207 21.63 29.41 25.39
N THR B 208 21.19 29.76 26.61
CA THR B 208 20.64 28.79 27.54
C THR B 208 19.38 29.37 28.16
N PHE B 209 18.51 28.46 28.64
CA PHE B 209 17.24 28.88 29.22
C PHE B 209 17.46 29.75 30.45
N LEU B 210 16.62 30.78 30.61
CA LEU B 210 16.72 31.70 31.73
C LEU B 210 15.51 31.60 32.66
N PHE B 211 14.31 31.80 32.14
CA PHE B 211 13.09 31.77 32.94
C PHE B 211 11.89 31.80 32.00
N SER B 212 10.70 31.73 32.58
CA SER B 212 9.45 31.82 31.83
C SER B 212 8.44 32.59 32.66
N LEU B 213 7.40 33.09 31.99
CA LEU B 213 6.38 33.89 32.65
C LEU B 213 5.12 33.91 31.80
N TYR B 214 3.97 33.84 32.46
CA TYR B 214 2.68 33.91 31.81
C TYR B 214 2.07 35.29 32.01
N LEU B 215 1.64 35.92 30.93
CA LEU B 215 1.05 37.24 30.97
C LEU B 215 -0.43 37.26 30.60
N GLY B 216 -0.84 36.44 29.63
CA GLY B 216 -2.22 36.40 29.19
C GLY B 216 -2.58 37.40 28.12
N THR B 217 -1.65 38.29 27.75
CA THR B 217 -1.90 39.29 26.72
C THR B 217 -0.79 39.24 25.69
N ILE B 218 -1.07 39.77 24.51
CA ILE B 218 -0.13 39.76 23.39
C ILE B 218 0.75 40.99 23.49
N LEU B 219 2.06 40.77 23.51
CA LEU B 219 3.00 41.88 23.49
C LEU B 219 3.07 42.49 22.10
N SER B 220 3.12 43.83 22.03
CA SER B 220 3.03 44.54 20.77
C SER B 220 4.33 45.25 20.40
N HIS B 221 4.85 46.11 21.27
CA HIS B 221 5.99 46.95 20.94
C HIS B 221 7.13 46.72 21.93
N TYR B 222 8.34 47.09 21.49
CA TYR B 222 9.52 47.06 22.34
C TYR B 222 10.43 48.21 21.92
N TYR B 223 11.03 48.87 22.90
CA TYR B 223 11.84 50.06 22.66
C TYR B 223 13.12 49.98 23.49
N VAL B 224 14.18 50.56 22.94
CA VAL B 224 15.47 50.62 23.59
C VAL B 224 15.69 52.04 24.11
N MET B 225 15.76 52.18 25.43
CA MET B 225 15.93 53.50 26.02
C MET B 225 17.34 54.01 25.78
N PRO B 226 17.52 55.22 25.25
CA PRO B 226 18.86 55.76 25.05
C PRO B 226 19.55 56.04 26.37
N LEU B 227 20.88 55.89 26.36
CA LEU B 227 21.70 56.16 27.52
C LEU B 227 22.26 57.58 27.43
N THR B 228 22.29 58.27 28.58
CA THR B 228 22.72 59.67 28.65
C THR B 228 23.86 59.77 29.66
N CYS B 229 25.10 59.80 29.16
CA CYS B 229 26.27 60.01 30.00
C CYS B 229 27.38 60.63 29.17
N ASN B 230 28.30 61.29 29.85
CA ASN B 230 29.39 62.04 29.20
C ASN B 230 30.71 61.29 29.27
N ALA B 231 30.67 59.96 29.13
CA ALA B 231 31.88 59.15 29.14
C ALA B 231 32.01 58.25 27.92
N ILE B 232 31.06 58.28 26.99
CA ILE B 232 31.08 57.42 25.81
C ILE B 232 31.18 58.31 24.58
N SER B 233 31.82 59.47 24.72
CA SER B 233 31.95 60.43 23.64
C SER B 233 33.34 60.32 23.01
N SER B 234 33.60 61.17 22.02
CA SER B 234 34.89 61.16 21.33
C SER B 234 36.00 61.77 22.18
N ASN B 235 35.66 62.64 23.13
CA ASN B 235 36.66 63.24 23.99
C ASN B 235 37.22 62.28 25.02
N THR B 236 36.70 61.06 25.10
CA THR B 236 37.15 60.03 26.03
C THR B 236 37.68 58.84 25.25
N ASP B 237 37.96 57.75 25.96
CA ASP B 237 38.44 56.54 25.32
C ASP B 237 37.45 56.04 24.27
N ASN B 238 37.98 55.39 23.24
CA ASN B 238 37.19 54.96 22.10
C ASN B 238 36.25 53.82 22.52
N GLU B 239 34.98 54.13 22.71
CA GLU B 239 33.97 53.14 23.02
C GLU B 239 32.62 53.63 22.52
N THR B 240 31.79 52.69 22.10
CA THR B 240 30.46 53.02 21.58
C THR B 240 29.38 52.18 22.26
N LEU B 241 28.14 52.29 21.77
CA LEU B 241 27.01 51.52 22.29
C LEU B 241 26.33 50.85 21.10
N GLU B 242 26.43 49.53 21.03
CA GLU B 242 25.88 48.75 19.92
C GLU B 242 24.87 47.77 20.48
N TYR B 243 23.59 47.99 20.16
CA TYR B 243 22.50 47.09 20.55
C TYR B 243 21.77 46.68 19.28
N TRP B 244 21.87 45.40 18.93
CA TRP B 244 21.30 44.89 17.69
C TRP B 244 20.07 44.04 18.00
N VAL B 245 19.06 44.14 17.13
CA VAL B 245 17.81 43.40 17.29
C VAL B 245 17.39 42.87 15.92
N THR B 246 17.02 41.60 15.86
CA THR B 246 16.54 40.96 14.64
C THR B 246 15.33 40.10 14.97
N PRO B 247 14.33 40.07 14.08
CA PRO B 247 13.13 39.26 14.36
C PRO B 247 13.41 37.78 14.23
N LEU B 248 12.48 36.99 14.75
CA LEU B 248 12.56 35.54 14.74
C LEU B 248 11.38 34.94 13.99
N SER B 249 11.53 33.67 13.63
CA SER B 249 10.48 32.95 12.91
C SER B 249 10.74 31.46 13.03
N ARG B 250 9.74 30.67 12.65
CA ARG B 250 9.82 29.22 12.68
C ARG B 250 10.40 28.73 11.36
N ARG B 251 11.64 28.25 11.39
CA ARG B 251 12.31 27.78 10.19
C ARG B 251 13.21 26.61 10.55
N GLN B 252 13.64 25.88 9.52
CA GLN B 252 14.48 24.70 9.68
C GLN B 252 15.94 25.11 9.70
N TYR B 253 16.72 24.45 10.57
CA TYR B 253 18.14 24.72 10.71
C TYR B 253 18.89 23.41 10.88
N LEU B 254 20.16 23.43 10.50
CA LEU B 254 21.06 22.30 10.65
C LEU B 254 22.04 22.58 11.78
N LEU B 255 22.24 21.59 12.65
CA LEU B 255 23.10 21.73 13.81
C LEU B 255 24.22 20.70 13.75
N ASN B 256 25.42 21.11 14.17
CA ASN B 256 26.59 20.25 14.20
C ASN B 256 27.14 20.23 15.63
N PHE B 257 27.19 19.04 16.22
CA PHE B 257 27.70 18.86 17.57
C PHE B 257 29.04 18.15 17.52
N ASP B 258 29.99 18.63 18.31
CA ASP B 258 31.33 18.04 18.38
C ASP B 258 31.33 16.92 19.43
N GLU B 259 32.53 16.42 19.76
CA GLU B 259 32.65 15.36 20.75
C GLU B 259 32.42 15.85 22.18
N HIS B 260 32.29 17.15 22.39
CA HIS B 260 32.04 17.72 23.71
C HIS B 260 30.63 18.28 23.86
N GLY B 261 29.82 18.23 22.81
CA GLY B 261 28.46 18.73 22.90
C GLY B 261 28.32 20.23 22.74
N VAL B 262 29.20 20.86 21.94
CA VAL B 262 29.18 22.29 21.70
C VAL B 262 28.87 22.52 20.23
N ILE B 263 27.88 23.37 19.96
CA ILE B 263 27.53 23.68 18.57
C ILE B 263 28.63 24.50 17.94
N THR B 264 29.12 24.06 16.78
CA THR B 264 30.21 24.72 16.09
C THR B 264 29.81 25.32 14.75
N ASN B 265 28.89 24.70 14.01
CA ASN B 265 28.48 25.19 12.71
C ASN B 265 26.96 25.05 12.57
N ALA B 266 26.40 25.87 11.69
CA ALA B 266 24.97 25.85 11.42
C ALA B 266 24.70 26.52 10.09
N VAL B 267 23.70 26.03 9.38
CA VAL B 267 23.30 26.57 8.09
C VAL B 267 21.77 26.57 8.00
N ASP B 268 21.21 27.64 7.45
CA ASP B 268 19.77 27.75 7.27
C ASP B 268 19.40 27.18 5.90
N CYS B 269 18.51 26.19 5.89
CA CYS B 269 18.15 25.48 4.67
C CYS B 269 17.41 26.36 3.66
N SER B 270 16.93 27.53 4.08
CA SER B 270 16.20 28.44 3.20
C SER B 270 16.97 29.73 2.97
N SER B 271 18.29 29.61 2.80
CA SER B 271 19.16 30.76 2.55
C SER B 271 19.77 30.75 1.16
N SER B 272 20.30 29.62 0.72
CA SER B 272 20.91 29.51 -0.60
C SER B 272 20.76 28.07 -1.09
N PHE B 273 21.21 27.84 -2.32
CA PHE B 273 21.10 26.50 -2.91
C PHE B 273 22.12 25.54 -2.31
N LEU B 274 23.32 26.05 -1.98
CA LEU B 274 24.30 25.21 -1.30
C LEU B 274 23.78 24.75 0.06
N SER B 275 23.07 25.62 0.77
CA SER B 275 22.46 25.22 2.03
C SER B 275 21.38 24.18 1.82
N GLU B 276 20.63 24.29 0.71
CA GLU B 276 19.64 23.28 0.39
C GLU B 276 20.30 21.93 0.14
N ILE B 277 21.42 21.91 -0.59
CA ILE B 277 22.14 20.67 -0.83
C ILE B 277 22.67 20.10 0.48
N GLN B 278 23.17 20.96 1.36
CA GLN B 278 23.70 20.49 2.65
C GLN B 278 22.60 19.90 3.51
N CYS B 279 21.42 20.52 3.53
CA CYS B 279 20.31 19.97 4.32
C CYS B 279 19.74 18.72 3.68
N LYS B 280 19.86 18.58 2.36
CA LYS B 280 19.42 17.35 1.71
C LYS B 280 20.36 16.19 2.03
N THR B 281 21.66 16.47 2.05
CA THR B 281 22.65 15.44 2.37
C THR B 281 22.91 15.31 3.86
N GLN B 282 22.39 16.23 4.68
CA GLN B 282 22.58 16.22 6.13
C GLN B 282 24.06 16.20 6.50
N SER B 283 24.86 16.99 5.78
CA SER B 283 26.29 17.08 6.03
C SER B 283 26.73 18.51 5.76
N PHE B 284 28.05 18.73 5.79
CA PHE B 284 28.62 20.03 5.51
C PHE B 284 29.62 20.03 4.36
N ALA B 285 30.06 18.86 3.89
CA ALA B 285 30.96 18.73 2.75
C ALA B 285 30.40 17.64 1.84
N PRO B 286 29.38 17.97 1.05
CA PRO B 286 28.77 16.95 0.18
C PRO B 286 29.70 16.53 -0.95
N ASN B 287 29.41 15.35 -1.50
CA ASN B 287 30.22 14.81 -2.57
C ASN B 287 29.87 15.48 -3.90
N THR B 288 30.76 15.32 -4.87
CA THR B 288 30.56 15.90 -6.19
C THR B 288 29.45 15.17 -6.92
N GLY B 289 28.47 15.93 -7.42
CA GLY B 289 27.36 15.32 -8.13
C GLY B 289 26.41 16.39 -8.62
N VAL B 290 25.36 15.94 -9.30
CA VAL B 290 24.33 16.80 -9.86
C VAL B 290 23.08 16.64 -9.00
N TYR B 291 22.80 17.64 -8.17
CA TYR B 291 21.67 17.60 -7.26
C TYR B 291 20.49 18.37 -7.87
N ASP B 292 19.30 17.77 -7.82
CA ASP B 292 18.08 18.41 -8.29
C ASP B 292 17.39 19.09 -7.12
N LEU B 293 17.25 20.41 -7.20
CA LEU B 293 16.68 21.19 -6.12
C LEU B 293 15.15 21.05 -6.11
N SER B 294 14.52 21.66 -5.10
CA SER B 294 13.08 21.61 -4.98
C SER B 294 12.42 22.50 -6.02
N GLY B 295 11.15 22.20 -6.31
CA GLY B 295 10.42 22.96 -7.29
C GLY B 295 10.00 24.33 -6.78
N PHE B 296 9.62 25.18 -7.72
CA PHE B 296 9.18 26.53 -7.41
C PHE B 296 8.00 26.89 -8.32
N THR B 297 7.32 27.97 -7.94
CA THR B 297 6.17 28.47 -8.70
C THR B 297 6.25 29.98 -8.80
N VAL B 298 5.86 30.52 -9.95
CA VAL B 298 5.89 31.96 -10.15
C VAL B 298 4.90 32.62 -9.19
N LYS B 299 5.40 33.55 -8.38
CA LYS B 299 4.55 34.22 -7.41
C LYS B 299 3.56 35.14 -8.11
N PRO B 300 2.33 35.27 -7.60
CA PRO B 300 1.37 36.16 -8.24
C PRO B 300 1.79 37.61 -8.10
N VAL B 301 1.51 38.40 -9.15
CA VAL B 301 1.86 39.81 -9.17
C VAL B 301 0.66 40.72 -8.92
N ALA B 302 -0.56 40.22 -9.06
CA ALA B 302 -1.76 41.02 -8.86
C ALA B 302 -2.90 40.08 -8.49
N THR B 303 -4.12 40.62 -8.50
CA THR B 303 -5.30 39.84 -8.16
C THR B 303 -6.46 40.29 -9.02
N VAL B 304 -7.40 39.38 -9.27
CA VAL B 304 -8.59 39.65 -10.06
C VAL B 304 -9.81 39.37 -9.20
N TYR B 305 -10.74 40.33 -9.16
CA TYR B 305 -11.95 40.22 -8.35
C TYR B 305 -13.08 40.86 -9.13
N ARG B 306 -14.05 40.05 -9.57
CA ARG B 306 -15.18 40.55 -10.35
C ARG B 306 -16.46 39.94 -9.83
N ARG B 307 -17.49 40.79 -9.67
CA ARG B 307 -18.80 40.35 -9.22
C ARG B 307 -19.85 41.30 -9.76
N ILE B 308 -21.08 40.81 -9.86
CA ILE B 308 -22.19 41.58 -10.41
C ILE B 308 -22.71 42.55 -9.35
N PRO B 309 -22.69 43.86 -9.62
CA PRO B 309 -23.20 44.82 -8.64
C PRO B 309 -24.69 45.04 -8.75
N ASN B 310 -25.24 45.92 -7.91
CA ASN B 310 -26.65 46.31 -7.93
C ASN B 310 -27.56 45.09 -7.74
N LEU B 311 -27.21 44.28 -6.75
CA LEU B 311 -28.05 43.11 -6.47
C LEU B 311 -28.89 43.36 -5.22
N PRO B 312 -30.14 42.90 -5.20
CA PRO B 312 -30.99 43.10 -4.03
C PRO B 312 -30.57 42.21 -2.87
N ASP B 313 -31.07 42.54 -1.69
CA ASP B 313 -30.78 41.77 -0.50
C ASP B 313 -31.68 40.55 -0.41
N CYS B 314 -31.15 39.48 0.19
CA CYS B 314 -31.93 38.25 0.34
C CYS B 314 -33.05 38.41 1.37
N ASP B 315 -32.82 39.20 2.41
CA ASP B 315 -33.80 39.45 3.47
C ASP B 315 -34.24 38.13 4.13
N ILE B 316 -33.25 37.40 4.63
CA ILE B 316 -33.54 36.13 5.31
C ILE B 316 -34.10 36.38 6.70
N ASP B 317 -33.66 37.45 7.37
CA ASP B 317 -34.16 37.74 8.71
C ASP B 317 -35.64 38.10 8.70
N ASN B 318 -36.12 38.70 7.61
CA ASN B 318 -37.55 39.04 7.54
C ASN B 318 -38.41 37.79 7.49
N TRP B 319 -37.94 36.74 6.81
CA TRP B 319 -38.71 35.51 6.74
C TRP B 319 -38.50 34.64 7.98
N LEU B 320 -37.32 34.71 8.60
CA LEU B 320 -37.08 33.93 9.81
C LEU B 320 -37.83 34.50 11.01
N ASN B 321 -37.99 35.83 11.07
CA ASN B 321 -38.65 36.49 12.18
C ASN B 321 -40.12 36.79 11.90
N ASN B 322 -40.75 35.99 11.04
CA ASN B 322 -42.16 36.19 10.73
C ASN B 322 -43.03 35.70 11.89
N VAL B 323 -44.25 36.25 11.95
CA VAL B 323 -45.16 35.91 13.04
C VAL B 323 -45.92 34.62 12.81
N SER B 324 -45.84 34.04 11.61
CA SER B 324 -46.53 32.79 11.29
C SER B 324 -45.50 31.67 11.30
N VAL B 325 -45.27 31.10 12.49
CA VAL B 325 -44.31 30.02 12.67
C VAL B 325 -45.02 28.71 12.36
N PRO B 326 -44.55 27.91 11.42
CA PRO B 326 -45.20 26.65 11.08
C PRO B 326 -44.86 25.56 12.10
N SER B 327 -45.40 24.38 11.86
CA SER B 327 -45.18 23.20 12.68
C SER B 327 -44.30 22.20 11.95
N PRO B 328 -43.68 21.26 12.66
CA PRO B 328 -42.84 20.25 11.99
C PRO B 328 -43.59 19.40 10.98
N LEU B 329 -44.93 19.36 11.04
CA LEU B 329 -45.70 18.57 10.09
C LEU B 329 -45.87 19.28 8.76
N ASN B 330 -45.90 20.61 8.76
CA ASN B 330 -46.09 21.42 7.55
C ASN B 330 -44.99 22.46 7.44
N TRP B 331 -43.74 22.02 7.61
CA TRP B 331 -42.61 22.94 7.52
C TRP B 331 -42.53 23.57 6.14
N GLU B 332 -42.13 24.83 6.09
CA GLU B 332 -42.07 25.60 4.85
C GLU B 332 -40.64 25.73 4.36
N ARG B 333 -40.51 26.04 3.07
CA ARG B 333 -39.20 26.19 2.43
C ARG B 333 -39.24 27.40 1.51
N ARG B 334 -38.19 28.22 1.58
CA ARG B 334 -38.03 29.35 0.68
C ARG B 334 -36.62 29.33 0.10
N ILE B 335 -36.53 29.43 -1.22
CA ILE B 335 -35.25 29.38 -1.93
C ILE B 335 -34.83 30.81 -2.25
N PHE B 336 -33.59 31.14 -1.90
CA PHE B 336 -33.01 32.45 -2.17
C PHE B 336 -32.01 32.34 -3.30
N SER B 337 -32.22 33.11 -4.36
CA SER B 337 -31.36 33.08 -5.54
C SER B 337 -31.16 34.50 -6.06
N ASN B 338 -29.94 34.78 -6.53
CA ASN B 338 -29.58 36.07 -7.10
C ASN B 338 -29.83 37.21 -6.10
N CYS B 339 -29.10 37.14 -4.98
CA CYS B 339 -29.23 38.15 -3.94
C CYS B 339 -27.98 38.12 -3.07
N ASN B 340 -27.74 39.23 -2.38
CA ASN B 340 -26.64 39.36 -1.44
C ASN B 340 -27.14 39.25 -0.01
N PHE B 341 -26.26 38.74 0.87
CA PHE B 341 -26.65 38.51 2.25
C PHE B 341 -25.43 38.66 3.15
N ASN B 342 -25.70 38.81 4.45
CA ASN B 342 -24.67 38.86 5.47
C ASN B 342 -24.90 37.76 6.49
N LEU B 343 -23.85 37.42 7.23
CA LEU B 343 -23.93 36.47 8.33
C LEU B 343 -23.92 37.15 9.68
N SER B 344 -23.08 38.17 9.87
CA SER B 344 -23.06 38.90 11.13
C SER B 344 -24.38 39.63 11.36
N THR B 345 -24.90 40.29 10.33
CA THR B 345 -26.17 40.98 10.45
C THR B 345 -27.31 40.00 10.74
N LEU B 346 -27.28 38.83 10.09
CA LEU B 346 -28.31 37.84 10.32
C LEU B 346 -28.25 37.28 11.74
N LEU B 347 -27.04 37.04 12.25
CA LEU B 347 -26.91 36.54 13.61
C LEU B 347 -27.18 37.62 14.66
N ARG B 348 -27.06 38.89 14.29
CA ARG B 348 -27.34 39.97 15.23
C ARG B 348 -28.83 40.27 15.31
N LEU B 349 -29.50 40.36 14.15
CA LEU B 349 -30.91 40.70 14.12
C LEU B 349 -31.81 39.54 14.55
N VAL B 350 -31.24 38.34 14.77
CA VAL B 350 -31.99 37.18 15.22
C VAL B 350 -31.39 36.70 16.53
N HIS B 351 -32.25 36.38 17.50
CA HIS B 351 -31.79 35.92 18.80
C HIS B 351 -31.23 34.51 18.68
N VAL B 352 -29.92 34.39 18.47
CA VAL B 352 -29.28 33.11 18.20
C VAL B 352 -28.95 32.42 19.51
N ASP B 353 -29.36 31.16 19.63
CA ASP B 353 -29.01 30.32 20.78
C ASP B 353 -27.92 29.32 20.46
N SER B 354 -27.79 28.90 19.20
CA SER B 354 -26.76 27.96 18.77
C SER B 354 -26.65 28.02 17.26
N PHE B 355 -25.45 27.72 16.75
CA PHE B 355 -25.21 27.76 15.31
C PHE B 355 -24.08 26.79 15.00
N SER B 356 -24.44 25.63 14.45
CA SER B 356 -23.48 24.62 14.04
C SER B 356 -23.64 24.33 12.56
N CYS B 357 -22.56 23.86 11.93
CA CYS B 357 -22.53 23.57 10.51
C CYS B 357 -21.91 22.19 10.28
N ASN B 358 -22.47 21.45 9.33
CA ASN B 358 -21.95 20.15 8.94
C ASN B 358 -21.37 20.21 7.53
N ASN B 359 -20.22 19.56 7.35
CA ASN B 359 -19.51 19.52 6.07
C ASN B 359 -19.12 20.92 5.58
N LEU B 360 -19.06 21.89 6.49
CA LEU B 360 -18.73 23.27 6.16
C LEU B 360 -18.44 24.00 7.46
N ASP B 361 -17.61 25.03 7.38
CA ASP B 361 -17.27 25.86 8.52
C ASP B 361 -17.71 27.30 8.26
N LYS B 362 -17.98 28.03 9.34
CA LYS B 362 -18.46 29.40 9.22
C LYS B 362 -17.40 30.33 8.66
N SER B 363 -16.12 30.01 8.85
CA SER B 363 -15.05 30.89 8.40
C SER B 363 -14.90 30.90 6.88
N LYS B 364 -15.47 29.92 6.18
CA LYS B 364 -15.37 29.85 4.73
C LYS B 364 -16.61 30.37 4.01
N ILE B 365 -17.59 30.87 4.76
CA ILE B 365 -18.78 31.43 4.13
C ILE B 365 -18.61 32.92 3.81
N PHE B 366 -17.72 33.61 4.51
CA PHE B 366 -17.51 35.04 4.29
C PHE B 366 -16.82 35.24 2.93
N GLY B 367 -17.54 35.82 1.98
CA GLY B 367 -17.00 36.10 0.67
C GLY B 367 -17.24 35.02 -0.38
N SER B 368 -17.83 33.90 -0.01
CA SER B 368 -18.08 32.82 -0.95
C SER B 368 -19.40 33.05 -1.69
N CYS B 369 -19.51 32.41 -2.85
CA CYS B 369 -20.70 32.48 -3.68
C CYS B 369 -21.36 31.11 -3.77
N PHE B 370 -22.68 31.10 -3.96
CA PHE B 370 -23.44 29.87 -4.05
C PHE B 370 -24.51 30.02 -5.11
N ASN B 371 -24.97 28.87 -5.64
CA ASN B 371 -26.06 28.88 -6.61
C ASN B 371 -27.36 29.31 -5.94
N SER B 372 -27.72 28.69 -4.83
CA SER B 372 -28.95 29.02 -4.11
C SER B 372 -28.82 28.54 -2.68
N ILE B 373 -29.65 29.09 -1.81
CA ILE B 373 -29.68 28.75 -0.39
C ILE B 373 -31.09 28.32 -0.03
N THR B 374 -31.22 27.14 0.56
CA THR B 374 -32.50 26.60 1.00
C THR B 374 -32.61 26.74 2.51
N VAL B 375 -33.68 27.39 2.97
CA VAL B 375 -33.90 27.64 4.39
C VAL B 375 -35.23 27.01 4.77
N ASP B 376 -35.21 26.10 5.74
CA ASP B 376 -36.40 25.46 6.26
C ASP B 376 -36.55 25.83 7.74
N LYS B 377 -37.79 26.00 8.18
CA LYS B 377 -38.05 26.40 9.56
C LYS B 377 -39.32 25.72 10.07
N PHE B 378 -39.33 25.47 11.37
CA PHE B 378 -40.47 24.91 12.08
C PHE B 378 -40.22 25.02 13.57
N ALA B 379 -41.30 25.02 14.35
CA ALA B 379 -41.19 25.14 15.78
C ALA B 379 -40.63 23.85 16.39
N ILE B 380 -39.92 24.00 17.50
CA ILE B 380 -39.26 22.88 18.17
C ILE B 380 -40.09 22.50 19.39
N PRO B 381 -40.62 21.28 19.47
CA PRO B 381 -41.27 20.84 20.71
C PRO B 381 -40.24 20.64 21.82
N ASN B 382 -40.64 21.00 23.04
CA ASN B 382 -39.73 20.86 24.18
C ASN B 382 -39.48 19.40 24.56
N ARG B 383 -40.36 18.49 24.15
CA ARG B 383 -40.19 17.08 24.50
C ARG B 383 -39.19 16.40 23.59
N ARG B 384 -39.20 16.74 22.30
CA ARG B 384 -38.36 16.09 21.30
C ARG B 384 -37.20 16.99 20.87
N ARG B 385 -36.64 17.73 21.81
CA ARG B 385 -35.50 18.61 21.50
C ARG B 385 -34.26 17.81 21.12
N ASP B 386 -34.07 16.65 21.74
CA ASP B 386 -32.90 15.83 21.48
C ASP B 386 -33.01 15.01 20.20
N ASP B 387 -34.15 15.04 19.52
CA ASP B 387 -34.34 14.29 18.28
C ASP B 387 -33.85 15.04 17.05
N LEU B 388 -33.35 16.25 17.21
CA LEU B 388 -32.86 17.06 16.09
C LEU B 388 -31.37 16.89 15.84
N GLN B 389 -30.72 15.95 16.52
CA GLN B 389 -29.30 15.70 16.31
C GLN B 389 -29.09 14.95 15.00
N LEU B 390 -27.94 15.21 14.38
CA LEU B 390 -27.62 14.57 13.10
C LEU B 390 -27.35 13.09 13.31
N GLY B 391 -28.00 12.26 12.50
CA GLY B 391 -27.84 10.82 12.59
C GLY B 391 -28.71 10.14 13.63
N SER B 392 -29.68 10.85 14.19
CA SER B 392 -30.55 10.27 15.22
C SER B 392 -31.64 9.41 14.57
N SER B 393 -32.47 8.79 15.41
CA SER B 393 -33.55 7.94 14.95
C SER B 393 -34.84 8.25 15.70
N GLY B 394 -35.06 9.52 16.06
CA GLY B 394 -36.24 9.93 16.76
C GLY B 394 -37.46 9.98 15.87
N PHE B 395 -38.53 10.57 16.41
CA PHE B 395 -39.78 10.68 15.66
C PHE B 395 -39.74 11.83 14.65
N LEU B 396 -39.06 12.93 14.98
CA LEU B 396 -39.03 14.07 14.08
C LEU B 396 -38.24 13.75 12.81
N GLN B 397 -37.13 13.05 12.94
CA GLN B 397 -36.31 12.70 11.79
C GLN B 397 -36.80 11.46 11.06
N SER B 398 -37.89 10.84 11.52
CA SER B 398 -38.44 9.66 10.88
C SER B 398 -39.85 9.85 10.34
N SER B 399 -40.59 10.86 10.80
CA SER B 399 -41.94 11.09 10.34
C SER B 399 -42.27 12.54 10.03
N ASN B 400 -41.40 13.49 10.39
CA ASN B 400 -41.69 14.90 10.17
C ASN B 400 -40.70 15.57 9.22
N TYR B 401 -39.41 15.46 9.48
CA TYR B 401 -38.41 16.14 8.68
C TYR B 401 -37.07 15.45 8.86
N LYS B 402 -36.47 14.98 7.77
CA LYS B 402 -35.18 14.29 7.81
C LYS B 402 -34.09 15.24 7.35
N ILE B 403 -32.96 15.21 8.07
CA ILE B 403 -31.81 16.06 7.79
C ILE B 403 -30.78 15.24 7.03
N ASP B 404 -30.28 15.78 5.93
CA ASP B 404 -29.27 15.11 5.13
C ASP B 404 -27.89 15.24 5.79
N ILE B 405 -27.09 14.20 5.68
CA ILE B 405 -25.77 14.17 6.28
C ILE B 405 -24.66 14.44 5.26
N SER B 406 -24.82 13.93 4.04
CA SER B 406 -23.80 14.08 3.00
C SER B 406 -23.85 15.42 2.29
N SER B 407 -24.61 16.38 2.81
CA SER B 407 -24.72 17.70 2.21
C SER B 407 -24.22 18.76 3.18
N SER B 408 -23.62 19.82 2.63
CA SER B 408 -23.13 20.93 3.43
C SER B 408 -24.30 21.73 3.96
N SER B 409 -24.54 21.67 5.27
CA SER B 409 -25.68 22.32 5.88
C SER B 409 -25.28 22.92 7.22
N CYS B 410 -26.08 23.90 7.66
CA CYS B 410 -25.90 24.55 8.95
C CYS B 410 -27.21 24.53 9.71
N GLN B 411 -27.13 24.31 11.02
CA GLN B 411 -28.29 24.29 11.89
C GLN B 411 -28.29 25.52 12.78
N LEU B 412 -29.41 26.24 12.81
CA LEU B 412 -29.55 27.48 13.57
C LEU B 412 -30.72 27.33 14.53
N TYR B 413 -30.42 27.37 15.83
CA TYR B 413 -31.44 27.35 16.88
C TYR B 413 -31.64 28.77 17.38
N TYR B 414 -32.85 29.30 17.19
CA TYR B 414 -33.16 30.66 17.60
C TYR B 414 -34.57 30.68 18.19
N SER B 415 -34.97 31.85 18.67
CA SER B 415 -36.28 32.02 19.29
C SER B 415 -36.80 33.42 18.99
N LEU B 416 -38.10 33.59 19.19
CA LEU B 416 -38.79 34.84 18.96
C LEU B 416 -39.60 35.23 20.19
N PRO B 417 -39.83 36.53 20.40
CA PRO B 417 -40.64 36.95 21.53
C PRO B 417 -42.07 36.48 21.40
N LEU B 418 -42.69 36.19 22.55
CA LEU B 418 -44.03 35.63 22.61
C LEU B 418 -45.12 36.66 22.35
N VAL B 419 -44.77 37.87 21.89
CA VAL B 419 -45.76 38.91 21.67
C VAL B 419 -46.66 38.55 20.50
N ASN B 420 -46.06 38.39 19.32
CA ASN B 420 -46.80 38.08 18.09
C ASN B 420 -46.25 36.79 17.50
N VAL B 421 -46.79 35.66 17.96
CA VAL B 421 -46.41 34.35 17.45
C VAL B 421 -47.68 33.51 17.32
N THR B 422 -47.98 33.05 16.11
CA THR B 422 -49.14 32.21 15.85
C THR B 422 -48.67 30.92 15.22
N ILE B 423 -48.90 29.80 15.90
CA ILE B 423 -48.49 28.49 15.41
C ILE B 423 -49.48 28.06 14.34
N ASN B 424 -48.96 27.77 13.14
CA ASN B 424 -49.78 27.37 12.00
C ASN B 424 -49.75 25.85 11.89
N ASN B 425 -50.80 25.20 12.38
CA ASN B 425 -50.94 23.76 12.32
C ASN B 425 -51.82 23.40 11.13
N PHE B 426 -51.26 22.66 10.18
CA PHE B 426 -51.98 22.28 8.97
C PHE B 426 -51.49 20.91 8.51
N ASN B 427 -52.40 20.13 7.93
CA ASN B 427 -52.07 18.80 7.46
C ASN B 427 -51.92 18.83 5.95
N PRO B 428 -50.70 18.69 5.41
CA PRO B 428 -50.50 18.74 3.96
C PRO B 428 -50.90 17.47 3.23
N SER B 429 -51.48 16.48 3.91
CA SER B 429 -51.87 15.24 3.25
C SER B 429 -53.07 15.46 2.34
N SER B 430 -53.08 14.77 1.21
CA SER B 430 -54.15 14.91 0.23
C SER B 430 -55.31 13.98 0.52
N TRP B 431 -55.03 12.68 0.68
CA TRP B 431 -56.11 11.71 0.91
C TRP B 431 -56.73 11.85 2.29
N ASN B 432 -56.07 12.53 3.21
CA ASN B 432 -56.69 12.80 4.51
C ASN B 432 -57.74 13.91 4.40
N ARG B 433 -57.41 15.00 3.72
CA ARG B 433 -58.37 16.08 3.52
C ARG B 433 -59.41 15.73 2.46
N ARG B 434 -59.16 14.72 1.64
CA ARG B 434 -60.14 14.32 0.63
C ARG B 434 -61.36 13.67 1.28
N TYR B 435 -61.16 12.90 2.34
CA TYR B 435 -62.24 12.21 3.02
C TYR B 435 -62.68 12.91 4.30
N GLY B 436 -62.46 14.22 4.39
CA GLY B 436 -62.92 14.99 5.53
C GLY B 436 -61.87 15.19 6.61
N PHE B 437 -61.41 16.43 6.77
CA PHE B 437 -60.45 16.77 7.81
C PHE B 437 -60.53 18.26 8.07
N GLY B 438 -60.55 18.64 9.34
CA GLY B 438 -60.62 20.03 9.72
C GLY B 438 -59.29 20.59 10.17
N SER B 439 -59.17 20.84 11.48
CA SER B 439 -57.94 21.39 12.04
C SER B 439 -57.73 20.81 13.43
N PHE B 440 -56.53 21.02 13.95
CA PHE B 440 -56.18 20.56 15.29
C PHE B 440 -56.65 21.60 16.31
N ASN B 441 -57.66 21.25 17.09
CA ASN B 441 -58.21 22.14 18.11
C ASN B 441 -57.28 22.11 19.32
N LEU B 442 -56.31 23.02 19.32
CA LEU B 442 -55.32 23.06 20.39
C LEU B 442 -55.20 24.47 20.97
N SER B 443 -54.19 24.69 21.82
CA SER B 443 -53.99 25.97 22.46
C SER B 443 -53.31 26.93 21.49
N SER B 444 -52.86 28.08 22.00
CA SER B 444 -52.27 29.11 21.14
C SER B 444 -50.82 28.82 20.81
N TYR B 445 -50.07 28.23 21.74
CA TYR B 445 -48.64 27.97 21.54
C TYR B 445 -48.34 26.47 21.63
N ASP B 446 -49.16 25.66 21.00
CA ASP B 446 -48.95 24.23 20.94
C ASP B 446 -48.64 23.81 19.51
N VAL B 447 -47.69 22.89 19.35
CA VAL B 447 -47.26 22.41 18.05
C VAL B 447 -47.79 21.00 17.84
N VAL B 448 -47.72 20.53 16.60
CA VAL B 448 -48.18 19.20 16.23
C VAL B 448 -47.05 18.47 15.54
N TYR B 449 -46.79 17.23 15.96
CA TYR B 449 -45.81 16.37 15.34
C TYR B 449 -46.38 14.96 15.20
N SER B 450 -45.96 14.27 14.15
CA SER B 450 -46.49 12.95 13.81
C SER B 450 -45.51 11.87 14.24
N ASP B 451 -46.05 10.75 14.71
CA ASP B 451 -45.24 9.60 15.09
C ASP B 451 -45.24 8.49 14.04
N HIS B 452 -46.35 8.33 13.30
CA HIS B 452 -46.46 7.33 12.24
C HIS B 452 -47.05 7.99 11.00
N CYS B 453 -46.46 7.68 9.84
CA CYS B 453 -46.91 8.22 8.57
C CYS B 453 -47.16 7.08 7.61
N PHE B 454 -48.39 6.97 7.13
CA PHE B 454 -48.81 5.91 6.21
C PHE B 454 -48.97 6.44 4.80
N SER B 455 -48.80 5.56 3.83
CA SER B 455 -48.94 5.90 2.42
C SER B 455 -49.92 4.94 1.76
N VAL B 456 -50.80 5.48 0.93
CA VAL B 456 -51.81 4.69 0.23
C VAL B 456 -51.71 4.99 -1.26
N ASN B 457 -52.48 4.24 -2.04
CA ASN B 457 -52.49 4.39 -3.49
C ASN B 457 -53.47 5.51 -3.86
N SER B 458 -53.67 5.71 -5.17
CA SER B 458 -54.57 6.75 -5.66
C SER B 458 -56.03 6.31 -5.67
N ASP B 459 -56.33 5.08 -5.25
CA ASP B 459 -57.68 4.56 -5.24
C ASP B 459 -58.02 3.98 -3.87
N PHE B 460 -57.68 4.72 -2.81
CA PHE B 460 -57.94 4.28 -1.45
C PHE B 460 -59.26 4.85 -0.96
N CYS B 461 -60.08 4.00 -0.35
CA CYS B 461 -61.37 4.41 0.18
C CYS B 461 -61.62 3.72 1.52
N PRO B 462 -61.60 4.45 2.63
CA PRO B 462 -61.76 3.80 3.95
C PRO B 462 -63.22 3.56 4.32
N CYS B 463 -64.11 3.68 3.35
CA CYS B 463 -65.55 3.51 3.56
C CYS B 463 -66.01 2.25 2.84
N ALA B 464 -66.73 1.39 3.56
CA ALA B 464 -67.12 0.10 3.02
C ALA B 464 -68.19 0.26 1.93
N ASP B 465 -68.40 -0.82 1.18
CA ASP B 465 -69.38 -0.82 0.11
C ASP B 465 -70.78 -1.01 0.68
N PRO B 466 -71.71 -0.06 0.47
CA PRO B 466 -73.07 -0.24 1.01
C PRO B 466 -73.89 -1.27 0.26
N SER B 467 -73.39 -1.81 -0.84
CA SER B 467 -74.16 -2.80 -1.60
C SER B 467 -74.27 -4.11 -0.83
N VAL B 468 -73.14 -4.72 -0.51
CA VAL B 468 -73.11 -5.99 0.21
C VAL B 468 -72.75 -5.68 1.67
N VAL B 469 -73.77 -5.64 2.52
CA VAL B 469 -73.58 -5.40 3.95
C VAL B 469 -74.22 -6.55 4.73
N ASN B 470 -75.22 -7.19 4.11
CA ASN B 470 -75.93 -8.28 4.76
C ASN B 470 -75.49 -9.64 4.18
N PRO B 477 -70.47 -2.60 10.29
CA PRO B 477 -69.47 -1.67 9.77
C PRO B 477 -70.10 -0.53 8.97
N PRO B 478 -69.61 0.70 9.17
CA PRO B 478 -70.13 1.84 8.41
C PRO B 478 -69.86 1.68 6.92
N SER B 479 -70.75 2.27 6.12
CA SER B 479 -70.64 2.19 4.67
C SER B 479 -70.93 3.56 4.07
N ALA B 480 -70.33 3.82 2.91
CA ALA B 480 -70.53 5.08 2.21
C ALA B 480 -70.17 4.87 0.74
N ILE B 481 -70.46 5.89 -0.07
CA ILE B 481 -70.20 5.84 -1.50
C ILE B 481 -68.81 6.37 -1.77
N CYS B 482 -67.95 5.51 -2.32
CA CYS B 482 -66.60 5.94 -2.67
C CYS B 482 -66.63 6.81 -3.93
N PRO B 483 -65.69 7.74 -4.06
CA PRO B 483 -65.63 8.55 -5.28
C PRO B 483 -65.25 7.71 -6.49
N ALA B 484 -65.38 8.33 -7.66
CA ALA B 484 -65.09 7.64 -8.91
C ALA B 484 -63.61 7.30 -9.00
N GLY B 485 -63.33 6.10 -9.52
CA GLY B 485 -61.95 5.66 -9.68
C GLY B 485 -61.31 5.13 -8.43
N THR B 486 -62.10 4.76 -7.42
CA THR B 486 -61.57 4.24 -6.16
C THR B 486 -62.22 2.89 -5.87
N LYS B 487 -61.46 2.02 -5.21
CA LYS B 487 -61.94 0.70 -4.83
C LYS B 487 -62.71 0.81 -3.51
N TYR B 488 -63.01 -0.32 -2.89
CA TYR B 488 -63.72 -0.39 -1.63
C TYR B 488 -62.85 -1.09 -0.60
N ARG B 489 -63.35 -1.17 0.63
CA ARG B 489 -62.62 -1.80 1.73
C ARG B 489 -62.60 -3.32 1.57
N SER B 506 -58.48 -5.57 6.65
CA SER B 506 -59.58 -4.67 7.00
C SER B 506 -59.11 -3.61 7.99
N CYS B 507 -57.81 -3.61 8.28
CA CYS B 507 -57.20 -2.65 9.21
C CYS B 507 -57.87 -2.69 10.58
N LEU B 508 -58.09 -3.92 11.07
CA LEU B 508 -58.75 -4.09 12.36
C LEU B 508 -57.72 -4.40 13.44
N PRO B 509 -57.78 -3.73 14.60
CA PRO B 509 -58.76 -2.68 14.90
C PRO B 509 -58.35 -1.31 14.36
N ASP B 510 -57.04 -1.13 14.19
CA ASP B 510 -56.48 0.12 13.68
C ASP B 510 -55.20 -0.21 12.93
N PRO B 511 -54.82 0.60 11.93
CA PRO B 511 -53.60 0.30 11.16
C PRO B 511 -52.33 0.39 11.97
N ILE B 512 -52.36 0.91 13.19
CA ILE B 512 -51.16 1.03 14.01
C ILE B 512 -50.88 -0.25 14.78
N SER B 513 -51.89 -0.77 15.50
CA SER B 513 -51.74 -1.96 16.32
C SER B 513 -52.31 -3.21 15.65
N THR B 514 -52.41 -3.22 14.33
CA THR B 514 -52.92 -4.39 13.63
C THR B 514 -51.87 -5.50 13.59
N TYR B 515 -52.35 -6.73 13.46
CA TYR B 515 -51.49 -7.91 13.39
C TYR B 515 -51.51 -8.54 12.01
N SER B 516 -52.01 -7.83 10.99
CA SER B 516 -52.05 -8.34 9.62
C SER B 516 -51.74 -7.18 8.67
N PRO B 517 -50.46 -6.84 8.52
CA PRO B 517 -50.11 -5.71 7.64
C PRO B 517 -50.27 -6.02 6.16
N ASN B 518 -50.33 -7.30 5.78
CA ASN B 518 -50.46 -7.67 4.37
C ASN B 518 -51.86 -7.45 3.82
N THR B 519 -52.85 -7.17 4.67
CA THR B 519 -54.22 -6.95 4.24
C THR B 519 -54.66 -5.50 4.29
N CYS B 520 -54.12 -4.71 5.20
CA CYS B 520 -54.51 -3.31 5.30
C CYS B 520 -53.78 -2.50 4.24
N PRO B 521 -54.50 -1.68 3.45
CA PRO B 521 -53.83 -0.91 2.40
C PRO B 521 -52.83 0.10 2.94
N GLN B 522 -53.06 0.64 4.13
CA GLN B 522 -52.13 1.61 4.71
C GLN B 522 -50.86 0.91 5.18
N LYS B 523 -49.72 1.39 4.68
CA LYS B 523 -48.43 0.78 4.99
C LYS B 523 -47.52 1.82 5.62
N LYS B 524 -46.74 1.40 6.62
CA LYS B 524 -45.82 2.30 7.30
C LYS B 524 -44.62 2.60 6.40
N VAL B 525 -44.29 3.89 6.29
CA VAL B 525 -43.15 4.35 5.49
C VAL B 525 -42.38 5.39 6.29
N VAL B 526 -41.23 5.79 5.75
CA VAL B 526 -40.39 6.81 6.36
C VAL B 526 -40.34 8.02 5.43
N VAL B 527 -40.10 9.18 6.02
CA VAL B 527 -40.05 10.42 5.25
C VAL B 527 -38.65 10.59 4.67
N GLY B 528 -38.59 10.84 3.36
CA GLY B 528 -37.33 11.04 2.67
C GLY B 528 -36.86 12.48 2.73
N ILE B 529 -35.78 12.74 2.02
CA ILE B 529 -35.20 14.08 1.97
C ILE B 529 -36.04 14.96 1.06
N GLY B 530 -36.45 16.11 1.58
CA GLY B 530 -37.27 17.02 0.80
C GLY B 530 -38.71 16.62 0.63
N GLU B 531 -39.24 15.79 1.53
CA GLU B 531 -40.62 15.33 1.45
C GLU B 531 -41.29 15.53 2.80
N HIS B 532 -42.61 15.39 2.81
CA HIS B 532 -43.43 15.55 4.00
C HIS B 532 -44.02 14.21 4.43
N CYS B 533 -44.78 14.24 5.49
CA CYS B 533 -45.49 13.05 5.98
C CYS B 533 -46.60 12.69 5.00
N PRO B 534 -46.61 11.48 4.43
CA PRO B 534 -47.66 11.14 3.46
C PRO B 534 -49.07 11.21 4.02
N GLY B 535 -49.25 10.95 5.31
CA GLY B 535 -50.55 11.06 5.91
C GLY B 535 -50.63 10.25 7.19
N LEU B 536 -51.64 10.59 8.00
CA LEU B 536 -51.89 9.91 9.25
C LEU B 536 -52.83 8.71 9.04
N GLY B 537 -52.85 7.83 10.03
CA GLY B 537 -53.71 6.67 9.95
C GLY B 537 -55.17 7.03 10.14
N ILE B 538 -56.04 6.27 9.48
CA ILE B 538 -57.48 6.47 9.53
C ILE B 538 -58.13 5.20 10.04
N ASN B 539 -58.98 5.33 11.06
CA ASN B 539 -59.71 4.20 11.61
C ASN B 539 -60.94 3.93 10.72
N GLU B 540 -60.95 2.78 10.05
CA GLU B 540 -62.05 2.47 9.14
C GLU B 540 -63.33 2.17 9.89
N GLU B 541 -63.24 1.71 11.14
CA GLU B 541 -64.42 1.40 11.93
C GLU B 541 -65.17 2.63 12.41
N LYS B 542 -64.56 3.81 12.32
CA LYS B 542 -65.20 5.05 12.75
C LYS B 542 -65.51 5.99 11.60
N CYS B 543 -64.89 5.80 10.43
CA CYS B 543 -65.16 6.64 9.27
C CYS B 543 -66.39 6.12 8.54
N GLY B 544 -67.24 7.05 8.10
CA GLY B 544 -68.44 6.69 7.37
C GLY B 544 -69.72 7.15 8.03
N THR B 545 -70.75 7.40 7.23
CA THR B 545 -72.03 7.86 7.77
C THR B 545 -72.95 6.67 8.04
N SER B 550 -74.88 9.13 2.44
CA SER B 550 -74.21 10.14 1.63
C SER B 550 -72.80 9.70 1.27
N SER B 551 -71.91 10.69 1.07
CA SER B 551 -70.54 10.41 0.71
C SER B 551 -69.72 10.05 1.95
N CYS B 552 -68.43 9.81 1.75
CA CYS B 552 -67.54 9.47 2.86
C CYS B 552 -67.26 10.69 3.72
N PHE B 553 -67.17 10.48 5.03
CA PHE B 553 -66.79 11.54 5.95
C PHE B 553 -66.31 10.89 7.24
N CYS B 554 -65.01 11.01 7.52
CA CYS B 554 -64.45 10.44 8.73
C CYS B 554 -64.66 11.39 9.91
N SER B 555 -64.88 10.81 11.09
CA SER B 555 -65.06 11.61 12.29
C SER B 555 -63.76 12.31 12.66
N PRO B 556 -63.85 13.48 13.30
CA PRO B 556 -62.62 14.18 13.71
C PRO B 556 -61.76 13.38 14.67
N ASP B 557 -62.36 12.56 15.52
CA ASP B 557 -61.62 11.72 16.47
C ASP B 557 -61.34 10.35 15.89
N ALA B 558 -60.74 10.32 14.69
CA ALA B 558 -60.41 9.07 14.02
C ALA B 558 -59.01 9.01 13.46
N PHE B 559 -58.27 10.12 13.46
CA PHE B 559 -56.91 10.16 12.96
C PHE B 559 -55.94 9.94 14.13
N LEU B 560 -55.24 8.82 14.13
CA LEU B 560 -54.35 8.44 15.21
C LEU B 560 -52.91 8.43 14.70
N GLY B 561 -51.98 8.87 15.56
CA GLY B 561 -50.58 8.88 15.21
C GLY B 561 -49.93 10.25 15.31
N TRP B 562 -50.49 11.12 16.14
CA TRP B 562 -49.97 12.47 16.31
C TRP B 562 -50.10 12.89 17.77
N SER B 563 -49.16 13.74 18.20
CA SER B 563 -49.18 14.27 19.56
C SER B 563 -49.06 15.79 19.53
N PHE B 564 -48.87 16.42 20.68
CA PHE B 564 -48.77 17.87 20.75
C PHE B 564 -47.93 18.27 21.95
N ASP B 565 -47.29 19.42 21.84
CA ASP B 565 -46.48 19.98 22.93
C ASP B 565 -46.29 21.47 22.65
N SER B 566 -45.78 22.17 23.65
CA SER B 566 -45.57 23.61 23.58
C SER B 566 -44.10 23.92 23.36
N CYS B 567 -43.82 25.20 23.07
CA CYS B 567 -42.46 25.69 22.86
C CYS B 567 -42.07 26.76 23.87
N ILE B 568 -42.86 26.97 24.92
CA ILE B 568 -42.58 28.01 25.89
C ILE B 568 -41.35 27.61 26.70
N SER B 569 -40.22 28.27 26.43
CA SER B 569 -38.97 28.03 27.14
C SER B 569 -38.31 29.37 27.39
N ASN B 570 -38.21 29.77 28.66
CA ASN B 570 -37.69 31.08 29.05
C ASN B 570 -38.48 32.20 28.38
N ASN B 571 -39.81 32.04 28.35
CA ASN B 571 -40.72 33.01 27.76
C ASN B 571 -40.43 33.25 26.29
N ARG B 572 -39.95 32.23 25.58
CA ARG B 572 -39.66 32.33 24.16
C ARG B 572 -39.94 31.00 23.50
N CYS B 573 -40.45 31.04 22.27
CA CYS B 573 -40.75 29.85 21.49
C CYS B 573 -39.54 29.49 20.63
N ASN B 574 -39.06 28.26 20.77
CA ASN B 574 -37.89 27.82 20.04
C ASN B 574 -38.25 27.44 18.61
N ILE B 575 -37.40 27.83 17.66
CA ILE B 575 -37.61 27.56 16.25
C ILE B 575 -36.34 26.97 15.67
N PHE B 576 -36.50 25.95 14.84
CA PHE B 576 -35.38 25.31 14.16
C PHE B 576 -35.18 25.91 12.77
N SER B 577 -33.93 25.93 12.32
CA SER B 577 -33.59 26.45 11.01
C SER B 577 -32.48 25.60 10.41
N ASN B 578 -32.63 25.23 9.15
CA ASN B 578 -31.66 24.40 8.44
C ASN B 578 -31.28 25.09 7.13
N PHE B 579 -30.04 25.60 7.06
CA PHE B 579 -29.53 26.25 5.86
C PHE B 579 -28.82 25.22 5.00
N ILE B 580 -29.18 25.18 3.71
CA ILE B 580 -28.58 24.26 2.75
C ILE B 580 -27.91 25.09 1.66
N PHE B 581 -26.61 24.89 1.48
CA PHE B 581 -25.84 25.62 0.49
C PHE B 581 -25.61 24.73 -0.74
N ASN B 582 -26.12 25.17 -1.88
CA ASN B 582 -25.99 24.43 -3.13
C ASN B 582 -25.00 25.14 -4.04
N GLY B 583 -24.08 24.37 -4.62
CA GLY B 583 -23.09 24.93 -5.52
C GLY B 583 -22.07 25.81 -4.82
N ILE B 584 -21.21 25.21 -4.00
CA ILE B 584 -20.21 25.96 -3.26
C ILE B 584 -19.23 26.58 -4.25
N ASN B 585 -18.92 27.87 -4.03
CA ASN B 585 -17.95 28.60 -4.85
C ASN B 585 -18.37 28.68 -6.32
N SER B 586 -19.67 28.74 -6.57
CA SER B 586 -20.19 28.86 -7.94
C SER B 586 -21.63 29.31 -7.88
N GLY B 587 -21.94 30.44 -8.50
CA GLY B 587 -23.29 30.93 -8.57
C GLY B 587 -23.31 32.45 -8.46
N THR B 588 -24.46 32.97 -8.04
CA THR B 588 -24.68 34.40 -7.91
C THR B 588 -24.87 34.88 -6.48
N THR B 589 -25.44 34.06 -5.62
CA THR B 589 -25.66 34.42 -4.22
C THR B 589 -24.31 34.45 -3.50
N CYS B 590 -23.74 35.64 -3.36
CA CYS B 590 -22.45 35.82 -2.73
C CYS B 590 -22.62 36.58 -1.41
N SER B 591 -21.59 36.48 -0.57
CA SER B 591 -21.55 37.19 0.71
C SER B 591 -20.63 38.40 0.57
N ASN B 592 -21.19 39.59 0.80
CA ASN B 592 -20.44 40.84 0.67
C ASN B 592 -19.90 41.31 2.01
N ASP B 593 -19.60 40.39 2.92
CA ASP B 593 -18.96 40.77 4.19
C ASP B 593 -17.55 41.28 3.93
N LEU B 594 -16.72 40.47 3.29
CA LEU B 594 -15.38 40.89 2.88
C LEU B 594 -15.48 41.47 1.47
N LEU B 595 -15.83 42.75 1.40
CA LEU B 595 -16.07 43.41 0.13
C LEU B 595 -14.77 43.86 -0.51
N TYR B 596 -14.76 43.87 -1.85
CA TYR B 596 -13.62 44.32 -2.61
C TYR B 596 -14.11 45.03 -3.86
N SER B 597 -13.23 45.84 -4.45
CA SER B 597 -13.54 46.58 -5.65
C SER B 597 -13.23 45.76 -6.89
N ASN B 598 -14.07 45.94 -7.92
CA ASN B 598 -13.87 45.21 -9.16
C ASN B 598 -12.65 45.74 -9.91
N THR B 599 -11.84 44.83 -10.44
CA THR B 599 -10.63 45.16 -11.17
C THR B 599 -10.71 44.59 -12.57
N GLU B 600 -10.02 45.26 -13.51
CA GLU B 600 -9.99 44.80 -14.89
C GLU B 600 -9.19 43.51 -15.00
N ILE B 601 -9.49 42.74 -16.04
CA ILE B 601 -8.83 41.46 -16.27
C ILE B 601 -7.50 41.71 -16.98
N SER B 602 -6.41 41.28 -16.35
CA SER B 602 -5.07 41.42 -16.91
C SER B 602 -4.67 40.14 -17.61
N THR B 603 -3.97 40.27 -18.74
CA THR B 603 -3.53 39.15 -19.54
C THR B 603 -2.01 39.18 -19.67
N GLY B 604 -1.40 38.00 -19.60
CA GLY B 604 0.04 37.87 -19.74
C GLY B 604 0.79 37.65 -18.44
N VAL B 605 0.10 37.71 -17.30
CA VAL B 605 0.73 37.53 -16.00
C VAL B 605 -0.08 36.52 -15.20
N CYS B 606 0.62 35.75 -14.36
CA CYS B 606 -0.01 34.74 -13.52
C CYS B 606 -0.49 35.41 -12.24
N VAL B 607 -1.81 35.53 -12.08
CA VAL B 607 -2.41 36.21 -10.93
C VAL B 607 -3.52 35.34 -10.36
N ASN B 608 -3.88 35.64 -9.12
CA ASN B 608 -4.98 34.95 -8.47
C ASN B 608 -6.30 35.60 -8.84
N TYR B 609 -7.26 34.79 -9.28
CA TYR B 609 -8.54 35.29 -9.76
C TYR B 609 -9.67 34.77 -8.90
N ASP B 610 -10.70 35.61 -8.73
CA ASP B 610 -11.94 35.25 -8.04
C ASP B 610 -13.07 35.65 -8.97
N LEU B 611 -13.44 34.75 -9.89
CA LEU B 611 -14.41 35.04 -10.94
C LEU B 611 -15.76 34.43 -10.52
N TYR B 612 -16.54 35.22 -9.78
CA TYR B 612 -17.88 34.83 -9.36
C TYR B 612 -17.87 33.52 -8.57
N GLY B 613 -16.86 33.38 -7.70
CA GLY B 613 -16.70 32.20 -6.88
C GLY B 613 -15.63 31.24 -7.35
N ILE B 614 -15.17 31.38 -8.59
CA ILE B 614 -14.14 30.48 -9.13
C ILE B 614 -12.78 31.03 -8.70
N THR B 615 -12.07 30.28 -7.87
CA THR B 615 -10.78 30.67 -7.36
C THR B 615 -9.69 29.76 -7.89
N GLY B 616 -8.52 30.34 -8.14
CA GLY B 616 -7.39 29.58 -8.65
C GLY B 616 -6.18 30.44 -8.94
N GLN B 617 -5.41 30.04 -9.95
CA GLN B 617 -4.21 30.79 -10.34
C GLN B 617 -3.84 30.39 -11.76
N GLY B 618 -3.69 31.38 -12.63
CA GLY B 618 -3.33 31.09 -14.01
C GLY B 618 -3.08 32.36 -14.80
N ILE B 619 -2.97 32.19 -16.11
CA ILE B 619 -2.73 33.29 -17.04
C ILE B 619 -3.90 33.39 -17.98
N PHE B 620 -4.32 34.62 -18.26
CA PHE B 620 -5.45 34.89 -19.14
C PHE B 620 -4.96 35.30 -20.53
N LYS B 621 -5.87 35.21 -21.51
CA LYS B 621 -5.55 35.57 -22.89
C LYS B 621 -6.85 35.87 -23.61
N GLU B 622 -6.95 37.06 -24.20
CA GLU B 622 -8.15 37.44 -24.92
C GLU B 622 -8.23 36.71 -26.26
N VAL B 623 -9.37 36.04 -26.50
CA VAL B 623 -9.61 35.31 -27.72
C VAL B 623 -10.98 35.73 -28.26
N SER B 624 -11.37 35.12 -29.38
CA SER B 624 -12.65 35.37 -30.03
C SER B 624 -13.42 34.05 -30.09
N ALA B 625 -14.38 33.88 -29.19
CA ALA B 625 -15.17 32.66 -29.08
C ALA B 625 -16.62 32.97 -29.37
N ALA B 626 -17.25 32.14 -30.20
CA ALA B 626 -18.65 32.31 -30.56
C ALA B 626 -19.53 31.15 -30.12
N TYR B 627 -18.98 30.17 -29.41
CA TYR B 627 -19.75 29.00 -28.97
C TYR B 627 -20.48 29.24 -27.66
N TYR B 628 -20.31 30.40 -27.04
CA TYR B 628 -21.00 30.70 -25.78
C TYR B 628 -22.44 31.12 -26.08
N ASN B 629 -23.39 30.34 -25.58
CA ASN B 629 -24.80 30.65 -25.76
C ASN B 629 -25.26 31.61 -24.68
N ASN B 630 -26.57 31.82 -24.57
CA ASN B 630 -27.09 32.76 -23.57
C ASN B 630 -27.04 32.17 -22.16
N TRP B 631 -27.24 30.86 -22.04
CA TRP B 631 -27.24 30.18 -20.74
C TRP B 631 -25.91 29.48 -20.45
N GLN B 632 -24.84 29.90 -21.11
CA GLN B 632 -23.53 29.29 -20.94
C GLN B 632 -22.49 30.37 -20.71
N ASN B 633 -21.68 30.20 -19.66
CA ASN B 633 -20.65 31.18 -19.33
C ASN B 633 -19.33 30.56 -18.91
N LEU B 634 -19.18 29.24 -18.96
CA LEU B 634 -17.96 28.58 -18.52
C LEU B 634 -17.58 27.49 -19.52
N LEU B 635 -16.28 27.25 -19.64
CA LEU B 635 -15.73 26.24 -20.53
C LEU B 635 -14.96 25.23 -19.70
N TYR B 636 -15.36 23.96 -19.79
CA TYR B 636 -14.75 22.87 -19.03
C TYR B 636 -14.11 21.87 -19.98
N ASP B 637 -13.37 20.94 -19.39
CA ASP B 637 -12.73 19.86 -20.12
C ASP B 637 -13.27 18.51 -19.62
N SER B 638 -12.67 17.42 -20.09
CA SER B 638 -13.12 16.09 -19.70
C SER B 638 -12.79 15.77 -18.25
N ASN B 639 -11.87 16.51 -17.63
CA ASN B 639 -11.48 16.27 -16.25
C ASN B 639 -12.14 17.22 -15.26
N GLY B 640 -12.93 18.17 -15.74
CA GLY B 640 -13.61 19.10 -14.85
C GLY B 640 -12.78 20.29 -14.42
N ASN B 641 -12.01 20.88 -15.34
CA ASN B 641 -11.19 22.04 -15.05
C ASN B 641 -11.62 23.20 -15.93
N ILE B 642 -11.70 24.39 -15.33
CA ILE B 642 -12.10 25.59 -16.07
C ILE B 642 -10.96 26.01 -16.99
N ILE B 643 -11.25 26.12 -18.28
CA ILE B 643 -10.24 26.51 -19.27
C ILE B 643 -10.75 27.71 -20.07
N GLY B 644 -11.75 28.40 -19.54
CA GLY B 644 -12.30 29.55 -20.22
C GLY B 644 -13.54 30.10 -19.55
N PHE B 645 -13.91 31.34 -19.85
CA PHE B 645 -15.07 31.98 -19.25
C PHE B 645 -15.46 33.19 -20.10
N LYS B 646 -16.64 33.72 -19.79
CA LYS B 646 -17.16 34.92 -20.44
C LYS B 646 -17.69 35.86 -19.38
N ASP B 647 -17.19 37.09 -19.36
CA ASP B 647 -17.58 38.05 -18.35
C ASP B 647 -18.97 38.62 -18.65
N PHE B 648 -19.72 38.88 -17.58
CA PHE B 648 -21.08 39.39 -17.74
C PHE B 648 -21.10 40.87 -18.06
N LEU B 649 -20.29 41.67 -17.35
CA LEU B 649 -20.27 43.10 -17.58
C LEU B 649 -19.77 43.44 -18.98
N THR B 650 -18.66 42.83 -19.38
CA THR B 650 -18.11 43.01 -20.72
C THR B 650 -18.10 41.64 -21.41
N ASN B 651 -18.83 41.54 -22.52
CA ASN B 651 -18.97 40.27 -23.22
C ASN B 651 -17.69 39.93 -23.97
N LYS B 652 -16.64 39.56 -23.24
CA LYS B 652 -15.36 39.16 -23.81
C LYS B 652 -15.01 37.76 -23.35
N THR B 653 -14.22 37.06 -24.16
CA THR B 653 -13.84 35.69 -23.90
C THR B 653 -12.35 35.60 -23.57
N TYR B 654 -12.02 34.74 -22.61
CA TYR B 654 -10.64 34.56 -22.19
C TYR B 654 -10.36 33.07 -22.01
N THR B 655 -9.08 32.73 -21.98
CA THR B 655 -8.62 31.37 -21.76
C THR B 655 -7.69 31.35 -20.55
N ILE B 656 -7.81 30.30 -19.74
CA ILE B 656 -7.05 30.16 -18.49
C ILE B 656 -6.00 29.08 -18.69
N LEU B 657 -4.74 29.45 -18.48
CA LEU B 657 -3.61 28.51 -18.56
C LEU B 657 -2.69 28.76 -17.38
N PRO B 658 -2.15 27.71 -16.78
CA PRO B 658 -1.23 27.89 -15.65
C PRO B 658 0.14 28.36 -16.13
N CYS B 659 0.90 28.92 -15.17
CA CYS B 659 2.23 29.43 -15.48
C CYS B 659 3.27 28.34 -15.25
N TYR B 660 4.54 28.71 -15.33
CA TYR B 660 5.62 27.74 -15.26
C TYR B 660 5.80 27.22 -13.84
N SER B 661 6.23 25.97 -13.72
CA SER B 661 6.51 25.34 -12.44
C SER B 661 7.51 24.22 -12.68
N GLY B 662 8.76 24.43 -12.26
CA GLY B 662 9.80 23.45 -12.46
C GLY B 662 10.85 23.45 -11.36
N ARG B 663 11.94 22.74 -11.58
CA ARG B 663 13.02 22.63 -10.62
C ARG B 663 14.32 23.21 -11.21
N VAL B 664 15.38 23.18 -10.41
CA VAL B 664 16.68 23.71 -10.81
C VAL B 664 17.70 22.58 -10.68
N SER B 665 18.55 22.43 -11.71
CA SER B 665 19.62 21.45 -11.71
C SER B 665 20.92 22.15 -11.33
N ALA B 666 21.54 21.68 -10.25
CA ALA B 666 22.76 22.29 -9.72
C ALA B 666 23.89 21.26 -9.69
N ALA B 667 25.07 21.67 -10.14
CA ALA B 667 26.26 20.84 -10.13
C ALA B 667 27.26 21.43 -9.14
N PHE B 668 27.63 20.64 -8.14
CA PHE B 668 28.52 21.09 -7.07
C PHE B 668 29.73 20.17 -6.97
N TYR B 669 30.90 20.77 -6.77
CA TYR B 669 32.15 20.04 -6.69
C TYR B 669 32.42 19.67 -5.23
N GLN B 670 33.64 19.20 -4.94
CA GLN B 670 33.97 18.80 -3.57
C GLN B 670 34.05 20.02 -2.66
N ASN B 671 34.96 20.94 -2.94
CA ASN B 671 35.16 22.16 -2.15
C ASN B 671 34.99 23.36 -3.08
N SER B 672 33.81 23.99 -3.01
CA SER B 672 33.52 25.16 -3.82
C SER B 672 32.67 26.13 -3.02
N SER B 673 32.66 27.39 -3.46
CA SER B 673 31.90 28.42 -2.77
C SER B 673 30.41 28.32 -3.10
N SER B 674 30.06 28.28 -4.38
CA SER B 674 28.69 28.20 -4.82
C SER B 674 28.59 27.28 -6.03
N PRO B 675 27.56 26.43 -6.09
CA PRO B 675 27.43 25.51 -7.22
C PRO B 675 26.87 26.20 -8.45
N ALA B 676 27.13 25.58 -9.60
CA ALA B 676 26.61 26.07 -10.86
C ALA B 676 25.10 25.85 -10.94
N LEU B 677 24.46 26.59 -11.84
CA LEU B 677 23.01 26.53 -12.02
C LEU B 677 22.68 26.36 -13.49
N LEU B 678 21.64 25.58 -13.76
CA LEU B 678 21.17 25.36 -15.13
C LEU B 678 19.64 25.26 -15.11
N TYR B 679 18.99 26.22 -15.78
CA TYR B 679 17.54 26.21 -15.95
C TYR B 679 17.25 25.58 -17.30
N ARG B 680 16.84 24.31 -17.28
CA ARG B 680 16.64 23.56 -18.51
C ARG B 680 15.49 24.12 -19.32
N ASN B 681 15.72 24.33 -20.62
CA ASN B 681 14.68 24.72 -21.56
C ASN B 681 14.06 26.08 -21.22
N LEU B 682 14.87 26.98 -20.67
CA LEU B 682 14.42 28.33 -20.35
C LEU B 682 15.48 29.33 -20.79
N LYS B 683 15.02 30.46 -21.32
CA LYS B 683 15.93 31.52 -21.74
C LYS B 683 16.40 32.32 -20.54
N CYS B 684 17.58 32.93 -20.68
CA CYS B 684 18.13 33.71 -19.57
C CYS B 684 17.29 34.95 -19.27
N SER B 685 16.69 35.56 -20.30
CA SER B 685 15.87 36.74 -20.07
C SER B 685 14.66 36.43 -19.23
N TYR B 686 13.94 35.35 -19.56
CA TYR B 686 12.78 34.96 -18.79
C TYR B 686 13.15 34.65 -17.34
N VAL B 687 14.28 33.98 -17.14
CA VAL B 687 14.72 33.65 -15.79
C VAL B 687 15.04 34.92 -15.00
N LEU B 688 15.83 35.82 -15.60
CA LEU B 688 16.24 37.02 -14.90
C LEU B 688 15.11 38.02 -14.71
N ASN B 689 14.02 37.90 -15.47
CA ASN B 689 12.92 38.85 -15.36
C ASN B 689 11.73 38.32 -14.58
N ASN B 690 11.53 37.00 -14.50
CA ASN B 690 10.32 36.46 -13.89
C ASN B 690 10.58 35.60 -12.67
N ILE B 691 11.51 34.63 -12.76
CA ILE B 691 11.70 33.67 -11.68
C ILE B 691 12.93 33.96 -10.82
N SER B 692 13.78 34.90 -11.21
CA SER B 692 14.96 35.25 -10.45
C SER B 692 14.98 36.75 -10.17
N PHE B 693 15.48 37.11 -8.99
CA PHE B 693 15.59 38.51 -8.59
C PHE B 693 17.01 38.85 -8.13
N ILE B 694 18.00 38.03 -8.49
CA ILE B 694 19.38 38.24 -8.11
C ILE B 694 20.18 38.55 -9.37
N SER B 695 20.96 39.64 -9.32
CA SER B 695 21.75 40.07 -10.47
C SER B 695 22.96 39.16 -10.58
N GLN B 696 22.82 38.12 -11.40
CA GLN B 696 23.92 37.19 -11.63
C GLN B 696 24.90 37.78 -12.64
N PRO B 697 26.20 37.80 -12.35
CA PRO B 697 27.15 38.40 -13.30
C PRO B 697 27.39 37.54 -14.52
N PHE B 698 27.32 36.22 -14.40
CA PHE B 698 27.59 35.30 -15.50
C PHE B 698 26.30 34.61 -15.92
N TYR B 699 25.97 34.71 -17.19
CA TYR B 699 24.77 34.06 -17.73
C TYR B 699 24.89 34.00 -19.25
N PHE B 700 24.48 32.88 -19.82
CA PHE B 700 24.49 32.70 -21.26
C PHE B 700 23.56 31.55 -21.63
N ASP B 701 23.16 31.53 -22.89
CA ASP B 701 22.26 30.51 -23.41
C ASP B 701 23.04 29.32 -23.95
N SER B 702 22.45 28.13 -23.81
CA SER B 702 23.05 26.90 -24.28
C SER B 702 21.97 26.06 -24.95
N TYR B 703 22.36 24.84 -25.36
CA TYR B 703 21.40 23.94 -25.99
C TYR B 703 20.39 23.39 -24.98
N LEU B 704 20.77 23.34 -23.71
CA LEU B 704 19.88 22.82 -22.67
C LEU B 704 19.09 23.91 -21.96
N GLY B 705 19.64 25.12 -21.88
CA GLY B 705 18.94 26.21 -21.22
C GLY B 705 19.93 27.27 -20.77
N CYS B 706 19.47 28.10 -19.83
CA CYS B 706 20.31 29.18 -19.30
C CYS B 706 21.27 28.62 -18.25
N VAL B 707 22.55 28.88 -18.43
CA VAL B 707 23.60 28.41 -17.53
C VAL B 707 24.08 29.58 -16.68
N LEU B 708 24.08 29.40 -15.37
CA LEU B 708 24.53 30.42 -14.43
C LEU B 708 25.80 29.95 -13.72
N ASN B 709 26.69 30.90 -13.44
CA ASN B 709 27.94 30.64 -12.74
C ASN B 709 28.79 29.60 -13.47
N ALA B 710 29.07 29.90 -14.74
CA ALA B 710 29.88 29.02 -15.56
C ALA B 710 30.47 29.84 -16.71
N VAL B 711 31.47 29.27 -17.37
CA VAL B 711 32.16 29.91 -18.49
C VAL B 711 31.90 29.08 -19.74
N ASN B 712 31.57 29.74 -20.83
CA ASN B 712 31.30 29.08 -22.11
C ASN B 712 32.62 28.71 -22.77
N LEU B 713 33.01 27.43 -22.68
CA LEU B 713 34.24 26.91 -23.27
C LEU B 713 33.95 25.62 -24.01
N THR B 714 32.91 25.63 -24.84
CA THR B 714 32.52 24.44 -25.59
C THR B 714 33.55 24.03 -26.64
N SER B 715 34.51 24.90 -26.96
CA SER B 715 35.54 24.56 -27.92
C SER B 715 36.56 23.56 -27.38
N TYR B 716 36.55 23.31 -26.07
CA TYR B 716 37.46 22.36 -25.44
C TYR B 716 36.70 21.09 -25.08
N SER B 717 37.35 19.95 -25.29
CA SER B 717 36.75 18.65 -25.02
C SER B 717 37.55 17.91 -23.97
N VAL B 718 36.87 17.07 -23.20
CA VAL B 718 37.48 16.27 -22.15
C VAL B 718 37.12 14.81 -22.37
N SER B 719 37.85 13.93 -21.67
CA SER B 719 37.63 12.50 -21.79
C SER B 719 36.71 11.94 -20.71
N SER B 720 36.73 12.52 -19.52
CA SER B 720 35.88 12.05 -18.43
C SER B 720 35.57 13.21 -17.50
N CYS B 721 34.31 13.31 -17.08
CA CYS B 721 33.88 14.35 -16.16
C CYS B 721 32.78 13.79 -15.27
N ASP B 722 32.84 14.13 -13.98
CA ASP B 722 31.89 13.60 -13.01
C ASP B 722 30.58 14.37 -12.99
N LEU B 723 30.50 15.53 -13.61
CA LEU B 723 29.29 16.34 -13.65
C LEU B 723 28.76 16.31 -15.08
N ARG B 724 27.98 15.28 -15.40
CA ARG B 724 27.43 15.10 -16.73
C ARG B 724 26.04 15.74 -16.79
N MET B 725 25.84 16.64 -17.75
CA MET B 725 24.58 17.35 -17.89
C MET B 725 23.70 16.80 -19.01
N GLY B 726 24.29 16.13 -20.00
CA GLY B 726 23.51 15.57 -21.08
C GLY B 726 23.81 16.19 -22.44
N SER B 727 23.43 15.49 -23.51
CA SER B 727 23.63 15.96 -24.89
C SER B 727 25.10 16.21 -25.19
N GLY B 728 26.00 15.47 -24.55
CA GLY B 728 27.41 15.59 -24.81
C GLY B 728 28.10 16.74 -24.12
N PHE B 729 27.46 17.38 -23.16
CA PHE B 729 28.04 18.50 -22.42
C PHE B 729 28.23 18.12 -20.96
N CYS B 730 29.32 18.59 -20.36
CA CYS B 730 29.58 18.35 -18.95
C CYS B 730 30.35 19.53 -18.38
N ILE B 731 30.21 19.74 -17.08
CA ILE B 731 30.80 20.87 -16.38
C ILE B 731 32.09 20.42 -15.70
N ASP B 732 33.16 21.17 -15.92
CA ASP B 732 34.46 20.89 -15.32
C ASP B 732 34.81 21.97 -14.31
N TYR B 733 35.61 21.59 -13.32
CA TYR B 733 36.02 22.50 -12.25
C TYR B 733 37.53 22.71 -12.33
N ALA B 734 37.95 23.97 -12.36
CA ALA B 734 39.36 24.34 -12.43
C ALA B 734 39.68 25.29 -11.29
N LEU B 735 40.64 24.92 -10.46
CA LEU B 735 41.02 25.77 -9.34
C LEU B 735 41.77 27.00 -9.84
N PRO B 736 41.47 28.20 -9.31
CA PRO B 736 42.13 29.45 -9.72
C PRO B 736 43.64 29.43 -9.46
N SER B 746 36.95 35.28 -12.10
CA SER B 746 35.73 34.83 -12.75
C SER B 746 35.09 33.66 -12.00
N SER B 747 34.68 32.64 -12.75
CA SER B 747 34.06 31.46 -12.16
C SER B 747 34.91 30.23 -12.40
N PRO B 748 35.09 29.38 -11.39
CA PRO B 748 35.91 28.17 -11.59
C PRO B 748 35.25 27.12 -12.48
N TYR B 749 33.94 27.15 -12.64
CA TYR B 749 33.25 26.18 -13.47
C TYR B 749 33.38 26.53 -14.93
N ARG B 750 33.47 25.48 -15.77
CA ARG B 750 33.52 25.64 -17.22
C ARG B 750 32.51 24.72 -17.87
N PHE B 751 31.98 25.16 -19.00
CA PHE B 751 30.98 24.42 -19.77
C PHE B 751 31.66 23.88 -21.02
N VAL B 752 32.09 22.61 -20.97
CA VAL B 752 32.82 21.98 -22.06
C VAL B 752 32.03 20.81 -22.60
N THR B 753 32.56 20.16 -23.64
CA THR B 753 31.90 19.03 -24.25
C THR B 753 32.37 17.72 -23.63
N PHE B 754 31.75 16.62 -24.06
CA PHE B 754 32.04 15.29 -23.52
C PHE B 754 32.25 14.33 -24.68
N GLU B 755 33.42 13.69 -24.71
CA GLU B 755 33.74 12.72 -25.76
C GLU B 755 34.63 11.65 -25.14
N PRO B 756 34.03 10.56 -24.67
CA PRO B 756 34.82 9.54 -23.95
C PRO B 756 35.53 8.54 -24.84
N PHE B 757 35.23 8.50 -26.14
CA PHE B 757 35.83 7.52 -27.04
C PHE B 757 36.29 8.18 -28.32
N ASN B 758 37.42 7.72 -28.85
CA ASN B 758 37.97 8.22 -30.10
C ASN B 758 38.76 7.11 -30.78
N VAL B 759 38.95 7.27 -32.08
CA VAL B 759 39.68 6.31 -32.89
C VAL B 759 41.13 6.75 -33.02
N SER B 760 41.99 5.79 -33.37
CA SER B 760 43.40 6.07 -33.62
C SER B 760 43.58 6.46 -35.08
N PHE B 761 44.51 7.39 -35.32
CA PHE B 761 44.77 7.92 -36.65
C PHE B 761 46.18 7.58 -37.09
N VAL B 762 46.33 7.29 -38.38
CA VAL B 762 47.62 6.99 -38.99
C VAL B 762 47.80 7.90 -40.19
N ASN B 763 49.02 7.88 -40.74
CA ASN B 763 49.38 8.71 -41.89
C ASN B 763 49.55 7.88 -43.16
N ASP B 764 48.74 6.83 -43.30
CA ASP B 764 48.79 5.98 -44.48
C ASP B 764 47.86 6.54 -45.55
N SER B 765 47.69 5.79 -46.64
CA SER B 765 46.85 6.20 -47.75
C SER B 765 45.56 5.40 -47.75
N VAL B 766 44.53 5.97 -48.39
CA VAL B 766 43.24 5.34 -48.51
C VAL B 766 42.96 4.93 -49.96
N GLU B 767 43.99 4.85 -50.79
CA GLU B 767 43.86 4.48 -52.19
C GLU B 767 44.86 3.38 -52.52
N THR B 768 44.90 2.99 -53.79
CA THR B 768 45.80 1.95 -54.27
C THR B 768 47.01 2.62 -54.92
N VAL B 769 48.10 2.73 -54.18
CA VAL B 769 49.30 3.42 -54.65
C VAL B 769 50.13 2.46 -55.49
N GLY B 770 49.93 2.49 -56.80
CA GLY B 770 50.73 1.67 -57.71
C GLY B 770 50.41 0.20 -57.69
N GLY B 771 49.15 -0.16 -57.44
CA GLY B 771 48.74 -1.55 -57.41
C GLY B 771 48.86 -2.23 -56.06
N LEU B 772 49.49 -1.58 -55.08
CA LEU B 772 49.69 -2.15 -53.77
C LEU B 772 49.16 -1.21 -52.69
N PHE B 773 48.62 -1.79 -51.63
CA PHE B 773 48.10 -1.01 -50.52
C PHE B 773 49.20 -0.74 -49.49
N GLU B 774 48.95 0.26 -48.64
CA GLU B 774 49.91 0.68 -47.62
C GLU B 774 49.31 0.40 -46.25
N ILE B 775 49.86 -0.60 -45.56
CA ILE B 775 49.42 -0.98 -44.23
C ILE B 775 50.65 -1.16 -43.35
N GLN B 776 50.44 -1.06 -42.04
CA GLN B 776 51.50 -1.19 -41.05
C GLN B 776 51.45 -2.55 -40.40
N ILE B 777 52.60 -3.23 -40.33
CA ILE B 777 52.73 -4.54 -39.72
C ILE B 777 53.64 -4.40 -38.51
N PRO B 778 53.25 -4.91 -37.34
CA PRO B 778 54.11 -4.78 -36.16
C PRO B 778 55.42 -5.53 -36.31
N THR B 779 56.45 -5.04 -35.61
CA THR B 779 57.76 -5.65 -35.60
C THR B 779 58.19 -6.16 -34.24
N ASN B 780 57.56 -5.70 -33.16
CA ASN B 780 57.88 -6.15 -31.81
C ASN B 780 56.59 -6.20 -31.00
N PHE B 781 56.58 -7.06 -29.98
CA PHE B 781 55.36 -7.29 -29.22
C PHE B 781 55.70 -7.59 -27.77
N THR B 782 54.67 -7.57 -26.93
CA THR B 782 54.79 -7.92 -25.52
C THR B 782 53.46 -8.47 -25.05
N ILE B 783 53.43 -8.94 -23.81
CA ILE B 783 52.25 -9.51 -23.19
C ILE B 783 51.74 -8.55 -22.12
N ALA B 784 50.43 -8.28 -22.15
CA ALA B 784 49.81 -7.38 -21.20
C ALA B 784 48.66 -8.08 -20.49
N GLY B 785 48.36 -7.61 -19.29
CA GLY B 785 47.28 -8.19 -18.49
C GLY B 785 46.16 -7.22 -18.22
N HIS B 786 45.00 -7.74 -17.82
CA HIS B 786 43.84 -6.91 -17.54
C HIS B 786 42.90 -7.68 -16.63
N GLU B 787 42.48 -7.05 -15.54
CA GLU B 787 41.58 -7.66 -14.56
C GLU B 787 40.15 -7.26 -14.84
N GLU B 788 39.21 -8.13 -14.44
CA GLU B 788 37.80 -7.88 -14.63
C GLU B 788 37.02 -8.58 -13.52
N PHE B 789 36.06 -7.87 -12.93
CA PHE B 789 35.22 -8.40 -11.86
C PHE B 789 33.79 -8.52 -12.34
N ILE B 790 33.17 -9.67 -12.10
CA ILE B 790 31.78 -9.92 -12.46
C ILE B 790 31.06 -10.42 -11.21
N GLN B 791 30.05 -9.69 -10.77
CA GLN B 791 29.31 -10.07 -9.56
C GLN B 791 28.46 -11.31 -9.83
N THR B 792 28.55 -12.29 -8.94
CA THR B 792 27.81 -13.54 -9.07
C THR B 792 26.89 -13.83 -7.90
N SER B 793 26.92 -13.03 -6.84
CA SER B 793 26.08 -13.29 -5.67
C SER B 793 25.76 -11.98 -4.99
N SER B 794 24.89 -12.06 -3.98
CA SER B 794 24.45 -10.91 -3.20
C SER B 794 24.22 -11.36 -1.77
N PRO B 795 24.33 -10.45 -0.80
CA PRO B 795 24.09 -10.84 0.60
C PRO B 795 22.66 -11.34 0.80
N LYS B 796 22.54 -12.46 1.51
CA LYS B 796 21.24 -13.06 1.79
C LYS B 796 20.62 -12.36 2.99
N VAL B 797 19.59 -11.56 2.74
CA VAL B 797 18.94 -10.78 3.79
C VAL B 797 17.67 -11.48 4.21
N THR B 798 17.50 -11.68 5.52
CA THR B 798 16.32 -12.29 6.10
C THR B 798 15.69 -11.31 7.08
N ILE B 799 14.38 -11.09 6.95
CA ILE B 799 13.65 -10.12 7.75
C ILE B 799 12.60 -10.84 8.56
N ASP B 800 12.58 -10.59 9.87
CA ASP B 800 11.55 -11.14 10.75
C ASP B 800 10.34 -10.22 10.68
N CYS B 801 9.31 -10.66 9.94
CA CYS B 801 8.13 -9.84 9.71
C CYS B 801 7.36 -9.56 10.98
N SER B 802 7.51 -10.39 12.02
CA SER B 802 6.83 -10.17 13.28
C SER B 802 7.68 -9.39 14.28
N ALA B 803 8.93 -9.09 13.96
CA ALA B 803 9.81 -8.31 14.82
C ALA B 803 10.05 -6.90 14.32
N PHE B 804 10.12 -6.70 13.00
CA PHE B 804 10.24 -5.35 12.46
C PHE B 804 9.03 -4.51 12.84
N VAL B 805 7.83 -5.08 12.73
CA VAL B 805 6.61 -4.48 13.23
C VAL B 805 6.21 -5.23 14.49
N CYS B 806 5.75 -4.49 15.51
CA CYS B 806 5.31 -5.07 16.78
C CYS B 806 6.44 -5.89 17.42
N SER B 807 7.48 -5.15 17.82
CA SER B 807 8.70 -5.77 18.32
C SER B 807 8.41 -6.69 19.51
N ASN B 808 7.92 -6.13 20.60
CA ASN B 808 7.69 -6.92 21.81
C ASN B 808 6.38 -6.61 22.52
N TYR B 809 5.50 -5.82 21.93
CA TYR B 809 4.25 -5.44 22.57
C TYR B 809 3.15 -6.45 22.22
N ALA B 810 2.29 -6.73 23.20
CA ALA B 810 1.26 -7.75 23.01
C ALA B 810 0.06 -7.20 22.26
N ALA B 811 -0.37 -5.97 22.58
CA ALA B 811 -1.49 -5.37 21.87
C ALA B 811 -1.18 -5.20 20.40
N CYS B 812 0.07 -4.82 20.08
CA CYS B 812 0.48 -4.71 18.69
C CYS B 812 0.37 -6.04 17.97
N HIS B 813 0.78 -7.13 18.64
CA HIS B 813 0.66 -8.45 18.03
C HIS B 813 -0.79 -8.85 17.82
N ASP B 814 -1.65 -8.56 18.80
CA ASP B 814 -3.08 -8.87 18.64
C ASP B 814 -3.72 -8.06 17.53
N LEU B 815 -3.25 -6.83 17.30
CA LEU B 815 -3.78 -6.03 16.20
C LEU B 815 -3.24 -6.50 14.86
N LEU B 816 -1.98 -6.95 14.82
CA LEU B 816 -1.40 -7.45 13.59
C LEU B 816 -2.02 -8.79 13.19
N SER B 817 -2.46 -9.58 14.17
CA SER B 817 -3.12 -10.85 13.88
C SER B 817 -4.46 -10.65 13.19
N GLU B 818 -5.01 -9.44 13.17
CA GLU B 818 -6.28 -9.18 12.49
C GLU B 818 -6.11 -8.94 11.01
N TYR B 819 -4.89 -8.67 10.55
CA TYR B 819 -4.60 -8.44 9.14
C TYR B 819 -4.31 -9.74 8.38
N GLY B 820 -4.77 -10.87 8.89
CA GLY B 820 -4.42 -12.12 8.25
C GLY B 820 -2.97 -12.47 8.49
N THR B 821 -2.44 -13.33 7.62
CA THR B 821 -1.03 -13.70 7.68
C THR B 821 -0.15 -12.47 7.45
N PHE B 822 -0.20 -11.93 6.23
CA PHE B 822 0.50 -10.70 5.84
C PHE B 822 2.01 -10.77 6.05
N CYS B 823 2.54 -11.95 6.36
CA CYS B 823 3.98 -12.12 6.57
C CYS B 823 4.49 -13.30 5.75
N ASP B 824 3.59 -14.24 5.44
CA ASP B 824 3.97 -15.37 4.61
C ASP B 824 4.35 -14.94 3.20
N ASN B 825 3.69 -13.91 2.67
CA ASN B 825 4.02 -13.42 1.34
C ASN B 825 5.43 -12.84 1.29
N ILE B 826 5.91 -12.29 2.40
CA ILE B 826 7.28 -11.77 2.45
C ILE B 826 8.27 -12.90 2.70
N ASN B 827 7.91 -13.83 3.60
CA ASN B 827 8.79 -14.95 3.88
C ASN B 827 9.03 -15.81 2.65
N SER B 828 7.99 -16.03 1.84
CA SER B 828 8.13 -16.83 0.64
C SER B 828 9.04 -16.14 -0.38
N ILE B 829 8.91 -14.83 -0.53
CA ILE B 829 9.77 -14.09 -1.45
C ILE B 829 11.22 -14.17 -0.98
N LEU B 830 11.46 -13.97 0.31
CA LEU B 830 12.84 -14.05 0.83
C LEU B 830 13.41 -15.45 0.63
N ASN B 831 12.60 -16.48 0.90
CA ASN B 831 13.08 -17.85 0.74
C ASN B 831 13.38 -18.17 -0.73
N GLU B 832 12.55 -17.68 -1.65
CA GLU B 832 12.81 -17.96 -3.05
C GLU B 832 14.03 -17.20 -3.56
N VAL B 833 14.27 -15.99 -3.04
CA VAL B 833 15.50 -15.27 -3.40
C VAL B 833 16.72 -16.02 -2.87
N ASN B 834 16.66 -16.50 -1.64
CA ASN B 834 17.76 -17.28 -1.09
C ASN B 834 17.99 -18.56 -1.89
N ASP B 835 16.91 -19.21 -2.33
CA ASP B 835 17.05 -20.42 -3.13
C ASP B 835 17.66 -20.12 -4.48
N LEU B 836 17.28 -18.99 -5.11
CA LEU B 836 17.91 -18.60 -6.36
C LEU B 836 19.40 -18.34 -6.18
N LEU B 837 19.77 -17.67 -5.09
CA LEU B 837 21.19 -17.44 -4.81
C LEU B 837 21.94 -18.75 -4.61
N ASP B 838 21.34 -19.69 -3.88
CA ASP B 838 21.99 -20.99 -3.66
C ASP B 838 22.15 -21.75 -4.97
N ILE B 839 21.13 -21.72 -5.83
CA ILE B 839 21.22 -22.39 -7.12
C ILE B 839 22.30 -21.76 -7.98
N THR B 840 22.40 -20.43 -7.94
CA THR B 840 23.45 -19.73 -8.69
C THR B 840 24.83 -20.15 -8.21
N GLN B 841 25.02 -20.19 -6.89
CA GLN B 841 26.31 -20.58 -6.34
C GLN B 841 26.66 -22.02 -6.71
N LEU B 842 25.67 -22.92 -6.66
CA LEU B 842 25.90 -24.31 -7.03
C LEU B 842 26.25 -24.43 -8.50
N GLN B 843 25.59 -23.65 -9.37
CA GLN B 843 25.91 -23.69 -10.78
C GLN B 843 27.31 -23.17 -11.05
N VAL B 844 27.71 -22.10 -10.35
CA VAL B 844 29.07 -21.59 -10.51
C VAL B 844 30.09 -22.64 -10.06
N ALA B 845 29.83 -23.29 -8.93
CA ALA B 845 30.75 -24.33 -8.46
C ALA B 845 30.83 -25.49 -9.44
N ASN B 846 29.69 -25.88 -10.03
CA ASN B 846 29.69 -26.97 -11.00
C ASN B 846 30.44 -26.58 -12.26
N ALA B 847 30.28 -25.34 -12.72
CA ALA B 847 31.02 -24.88 -13.89
C ALA B 847 32.52 -24.84 -13.61
N LEU B 848 32.90 -24.49 -12.38
CA LEU B 848 34.32 -24.50 -12.03
C LEU B 848 34.87 -25.91 -11.90
N MET B 849 34.04 -26.86 -11.49
CA MET B 849 34.47 -28.23 -11.22
C MET B 849 33.87 -29.22 -12.23
N GLN B 850 33.82 -28.82 -13.50
CA GLN B 850 33.24 -29.64 -14.55
C GLN B 850 34.35 -30.31 -15.34
N GLY B 851 34.41 -31.64 -15.28
CA GLY B 851 35.36 -32.41 -16.05
C GLY B 851 36.81 -32.07 -15.79
N VAL B 852 37.24 -32.18 -14.54
CA VAL B 852 38.60 -31.87 -14.13
C VAL B 852 39.20 -33.08 -13.44
N THR B 853 40.44 -33.42 -13.79
CA THR B 853 41.13 -34.55 -13.19
C THR B 853 42.58 -34.18 -12.94
N LEU B 854 43.07 -34.44 -11.73
CA LEU B 854 44.42 -34.15 -11.31
C LEU B 854 45.12 -35.45 -10.89
N SER B 855 46.39 -35.32 -10.53
CA SER B 855 47.18 -36.44 -10.04
C SER B 855 47.25 -36.40 -8.51
N SER B 856 47.56 -37.56 -7.93
CA SER B 856 47.64 -37.71 -6.49
C SER B 856 49.07 -37.53 -5.96
N ASN B 857 49.94 -36.85 -6.72
CA ASN B 857 51.32 -36.65 -6.32
C ASN B 857 51.68 -35.17 -6.19
N LEU B 858 50.70 -34.28 -6.19
CA LEU B 858 50.95 -32.86 -6.05
C LEU B 858 50.95 -32.45 -4.59
N ASN B 859 51.69 -31.39 -4.28
CA ASN B 859 51.78 -30.87 -2.92
C ASN B 859 51.64 -29.35 -2.82
N THR B 860 51.71 -28.63 -3.93
CA THR B 860 51.59 -27.17 -4.01
C THR B 860 52.67 -26.44 -3.21
N ASN B 861 53.67 -27.17 -2.71
CA ASN B 861 54.79 -26.57 -2.00
C ASN B 861 56.11 -26.69 -2.73
N LEU B 862 56.21 -27.57 -3.72
CA LEU B 862 57.41 -27.73 -4.53
C LEU B 862 57.16 -27.58 -6.03
N HIS B 863 55.97 -27.91 -6.50
CA HIS B 863 55.61 -27.80 -7.92
C HIS B 863 54.67 -26.60 -8.06
N SER B 864 55.25 -25.42 -8.24
CA SER B 864 54.47 -24.19 -8.39
C SER B 864 55.02 -23.30 -9.49
N ASP B 865 55.69 -23.90 -10.48
CA ASP B 865 56.25 -23.13 -11.59
C ASP B 865 56.46 -24.06 -12.77
N VAL B 866 56.18 -23.55 -13.96
CA VAL B 866 56.37 -24.29 -15.21
C VAL B 866 56.85 -23.32 -16.28
N ASP B 867 57.89 -23.73 -17.02
CA ASP B 867 58.48 -22.90 -18.08
C ASP B 867 58.92 -21.54 -17.53
N ASN B 868 59.49 -21.54 -16.33
CA ASN B 868 59.99 -20.34 -15.68
C ASN B 868 58.90 -19.28 -15.52
N ILE B 869 57.68 -19.73 -15.22
CA ILE B 869 56.55 -18.85 -15.00
C ILE B 869 56.08 -19.04 -13.55
N ASP B 870 56.15 -17.97 -12.77
CA ASP B 870 55.78 -18.04 -11.36
C ASP B 870 54.27 -17.97 -11.21
N PHE B 871 53.68 -18.98 -10.58
CA PHE B 871 52.24 -19.05 -10.35
C PHE B 871 51.94 -19.25 -8.87
N LYS B 872 52.84 -18.83 -7.99
CA LYS B 872 52.61 -19.00 -6.55
C LYS B 872 51.54 -18.04 -6.03
N SER B 873 51.38 -16.88 -6.67
CA SER B 873 50.41 -15.89 -6.24
C SER B 873 48.99 -16.22 -6.69
N LEU B 874 48.79 -17.31 -7.43
CA LEU B 874 47.47 -17.68 -7.93
C LEU B 874 47.07 -19.08 -7.52
N LEU B 875 47.72 -19.65 -6.50
CA LEU B 875 47.43 -21.01 -6.06
C LEU B 875 47.26 -21.04 -4.54
N GLY B 876 46.37 -21.89 -4.08
CA GLY B 876 46.15 -22.08 -2.66
C GLY B 876 46.96 -23.24 -2.11
N CYS B 877 46.26 -24.28 -1.66
CA CYS B 877 46.93 -25.49 -1.17
C CYS B 877 46.20 -26.72 -1.69
N LEU B 878 46.97 -27.70 -2.14
CA LEU B 878 46.40 -28.97 -2.62
C LEU B 878 47.37 -30.08 -2.22
N GLY B 879 47.03 -30.82 -1.17
CA GLY B 879 47.88 -31.89 -0.70
C GLY B 879 47.46 -32.47 0.63
N SER B 880 48.44 -32.73 1.51
CA SER B 880 48.18 -33.36 2.79
C SER B 880 48.04 -32.33 3.92
N GLN B 881 49.05 -31.48 4.12
CA GLN B 881 49.06 -30.52 5.20
C GLN B 881 48.62 -29.15 4.68
N CYS B 882 47.61 -28.57 5.32
CA CYS B 882 47.13 -27.23 5.00
C CYS B 882 46.22 -26.76 6.13
N GLY B 883 46.25 -25.46 6.41
CA GLY B 883 45.44 -24.89 7.46
C GLY B 883 44.00 -24.66 7.03
N SER B 884 43.29 -23.87 7.84
CA SER B 884 41.91 -23.56 7.56
C SER B 884 41.73 -22.57 6.42
N SER B 885 42.79 -21.87 6.03
CA SER B 885 42.75 -20.90 4.95
C SER B 885 43.54 -21.42 3.76
N SER B 886 42.93 -21.37 2.58
CA SER B 886 43.55 -21.84 1.35
C SER B 886 43.49 -20.78 0.26
N ARG B 887 43.43 -19.51 0.65
CA ARG B 887 43.33 -18.42 -0.32
C ARG B 887 44.72 -18.01 -0.81
N SER B 888 44.80 -17.69 -2.09
CA SER B 888 46.05 -17.24 -2.67
C SER B 888 46.39 -15.83 -2.16
N PRO B 889 47.66 -15.43 -2.28
CA PRO B 889 48.03 -14.06 -1.86
C PRO B 889 47.21 -12.98 -2.54
N LEU B 890 46.84 -13.16 -3.80
CA LEU B 890 45.98 -12.19 -4.47
C LEU B 890 44.61 -12.12 -3.82
N GLU B 891 44.02 -13.29 -3.53
CA GLU B 891 42.74 -13.30 -2.84
C GLU B 891 42.87 -12.70 -1.44
N ASP B 892 44.01 -12.93 -0.79
CA ASP B 892 44.23 -12.32 0.52
C ASP B 892 44.26 -10.80 0.44
N LEU B 893 44.97 -10.27 -0.55
CA LEU B 893 45.03 -8.82 -0.74
C LEU B 893 43.65 -8.26 -1.11
N LEU B 894 42.85 -9.03 -1.85
CA LEU B 894 41.52 -8.56 -2.20
C LEU B 894 40.59 -8.54 -0.99
N PHE B 895 40.65 -9.59 -0.15
CA PHE B 895 39.75 -9.67 1.00
C PHE B 895 40.19 -8.79 2.17
N ASN B 896 41.48 -8.45 2.27
CA ASN B 896 41.94 -7.61 3.36
C ASN B 896 41.47 -6.17 3.24
N LYS B 897 40.98 -5.75 2.08
CA LYS B 897 40.52 -4.39 1.87
C LYS B 897 39.00 -4.25 1.97
N VAL B 898 38.28 -5.35 2.16
CA VAL B 898 36.83 -5.34 2.33
C VAL B 898 36.52 -5.93 3.69
N LYS B 899 35.67 -5.22 4.45
CA LYS B 899 35.33 -5.65 5.80
C LYS B 899 34.07 -6.50 5.84
N LEU B 900 33.05 -6.15 5.06
CA LEU B 900 31.79 -6.88 5.03
C LEU B 900 31.91 -8.03 4.04
N SER B 901 32.44 -9.15 4.52
CA SER B 901 32.60 -10.36 3.75
C SER B 901 31.79 -11.48 4.38
N ASP B 902 31.97 -12.70 3.89
CA ASP B 902 31.26 -13.85 4.44
C ASP B 902 31.61 -14.07 5.91
N VAL B 903 32.84 -13.76 6.31
CA VAL B 903 33.23 -13.87 7.71
C VAL B 903 33.06 -12.56 8.47
N GLY B 904 33.02 -11.42 7.77
CA GLY B 904 32.86 -10.15 8.46
C GLY B 904 31.51 -10.03 9.15
N PHE B 905 30.44 -10.44 8.46
CA PHE B 905 29.12 -10.42 9.09
C PHE B 905 29.06 -11.36 10.28
N VAL B 906 29.70 -12.53 10.17
CA VAL B 906 29.70 -13.48 11.28
C VAL B 906 30.42 -12.89 12.49
N GLU B 907 31.58 -12.27 12.26
CA GLU B 907 32.31 -11.66 13.38
C GLU B 907 31.54 -10.49 13.97
N ALA B 908 30.91 -9.68 13.14
CA ALA B 908 30.14 -8.55 13.65
C ALA B 908 28.95 -9.00 14.48
N TYR B 909 28.28 -10.08 14.04
CA TYR B 909 27.15 -10.60 14.81
C TYR B 909 27.62 -11.29 16.09
N ASN B 910 28.81 -11.89 16.07
CA ASN B 910 29.37 -12.45 17.30
C ASN B 910 29.69 -11.35 18.30
N ASN B 911 30.20 -10.22 17.82
CA ASN B 911 30.54 -9.09 18.68
C ASN B 911 29.33 -8.18 18.91
N CYS B 912 28.21 -8.75 19.35
CA CYS B 912 27.02 -7.99 19.70
C CYS B 912 26.65 -8.14 21.17
N THR B 913 26.60 -9.37 21.68
CA THR B 913 26.26 -9.60 23.07
C THR B 913 27.50 -9.43 23.94
N GLY B 914 27.35 -8.73 25.05
CA GLY B 914 28.48 -8.49 25.93
C GLY B 914 29.49 -7.57 25.26
N GLY B 915 30.75 -8.03 25.23
CA GLY B 915 31.80 -7.26 24.60
C GLY B 915 32.10 -5.96 25.34
N SER B 916 32.63 -5.00 24.58
CA SER B 916 32.98 -3.68 25.11
C SER B 916 32.10 -2.58 24.55
N GLU B 917 31.98 -2.48 23.22
CA GLU B 917 31.17 -1.46 22.57
C GLU B 917 30.22 -2.15 21.61
N ILE B 918 28.92 -1.90 21.79
CA ILE B 918 27.90 -2.49 20.93
C ILE B 918 27.24 -1.39 20.12
N ARG B 919 27.98 -0.31 19.86
CA ARG B 919 27.47 0.82 19.09
C ARG B 919 27.37 0.55 17.60
N ASP B 920 27.73 -0.65 17.15
CA ASP B 920 27.64 -0.97 15.74
C ASP B 920 26.19 -1.04 15.29
N LEU B 921 25.94 -0.61 14.05
CA LEU B 921 24.58 -0.61 13.51
C LEU B 921 24.09 -1.99 13.13
N LEU B 922 25.00 -2.94 12.89
CA LEU B 922 24.58 -4.28 12.51
C LEU B 922 23.86 -4.98 13.66
N CYS B 923 24.33 -4.79 14.89
CA CYS B 923 23.64 -5.37 16.04
C CYS B 923 22.27 -4.73 16.23
N VAL B 924 22.17 -3.42 15.98
CA VAL B 924 20.89 -2.74 16.09
C VAL B 924 19.91 -3.26 15.04
N GLN B 925 20.40 -3.54 13.83
CA GLN B 925 19.54 -4.10 12.80
C GLN B 925 19.13 -5.53 13.14
N SER B 926 20.06 -6.31 13.71
CA SER B 926 19.74 -7.68 14.10
C SER B 926 18.73 -7.72 15.23
N PHE B 927 18.75 -6.73 16.11
CA PHE B 927 17.79 -6.67 17.22
C PHE B 927 16.39 -6.30 16.76
N ASN B 928 16.19 -6.02 15.48
CA ASN B 928 14.87 -5.66 14.96
C ASN B 928 14.37 -6.62 13.90
N GLY B 929 15.13 -7.66 13.56
CA GLY B 929 14.70 -8.67 12.60
C GLY B 929 15.52 -8.72 11.34
N ILE B 930 16.31 -7.68 11.05
CA ILE B 930 17.11 -7.62 9.83
C ILE B 930 18.45 -8.28 10.12
N LYS B 931 18.70 -9.43 9.48
CA LYS B 931 19.94 -10.16 9.70
C LYS B 931 20.36 -10.81 8.38
N VAL B 932 21.67 -10.94 8.18
CA VAL B 932 22.25 -11.50 6.98
C VAL B 932 22.79 -12.89 7.30
N LEU B 933 22.43 -13.88 6.45
CA LEU B 933 22.87 -15.26 6.63
C LEU B 933 24.02 -15.58 5.68
N PRO B 934 24.93 -16.46 6.08
CA PRO B 934 26.05 -16.82 5.22
C PRO B 934 25.60 -17.74 4.10
N PRO B 935 26.33 -17.79 2.99
CA PRO B 935 25.95 -18.67 1.88
C PRO B 935 26.15 -20.14 2.25
N ILE B 936 25.63 -21.02 1.39
CA ILE B 936 25.70 -22.45 1.66
C ILE B 936 27.13 -22.95 1.53
N LEU B 937 27.92 -22.36 0.63
CA LEU B 937 29.30 -22.76 0.43
C LEU B 937 30.23 -21.70 1.00
N SER B 938 31.28 -22.15 1.69
CA SER B 938 32.24 -21.24 2.28
C SER B 938 33.19 -20.69 1.22
N GLU B 939 33.91 -19.63 1.58
CA GLU B 939 34.87 -19.03 0.66
C GLU B 939 36.08 -19.92 0.45
N THR B 940 36.44 -20.72 1.45
CA THR B 940 37.56 -21.64 1.31
C THR B 940 37.29 -22.69 0.24
N GLN B 941 36.05 -23.16 0.15
CA GLN B 941 35.71 -24.14 -0.89
C GLN B 941 35.80 -23.53 -2.28
N ILE B 942 35.34 -22.29 -2.44
CA ILE B 942 35.45 -21.61 -3.73
C ILE B 942 36.91 -21.38 -4.09
N SER B 943 37.73 -21.03 -3.10
CA SER B 943 39.15 -20.82 -3.35
C SER B 943 39.82 -22.13 -3.77
N GLY B 944 39.44 -23.24 -3.14
CA GLY B 944 39.98 -24.53 -3.52
C GLY B 944 39.55 -24.94 -4.92
N TYR B 945 38.30 -24.67 -5.27
CA TYR B 945 37.83 -24.95 -6.63
C TYR B 945 38.59 -24.13 -7.66
N THR B 946 38.83 -22.85 -7.35
CA THR B 946 39.59 -22.00 -8.26
C THR B 946 41.02 -22.50 -8.39
N THR B 947 41.64 -22.91 -7.27
CA THR B 947 43.00 -23.45 -7.33
C THR B 947 43.06 -24.71 -8.17
N ALA B 948 42.06 -25.60 -8.02
CA ALA B 948 42.03 -26.82 -8.83
C ALA B 948 41.85 -26.49 -10.31
N ALA B 949 40.99 -25.53 -10.62
CA ALA B 949 40.79 -25.14 -12.01
C ALA B 949 42.05 -24.52 -12.61
N THR B 950 42.81 -23.78 -11.80
CA THR B 950 44.06 -23.20 -12.28
C THR B 950 45.12 -24.27 -12.49
N VAL B 951 45.21 -25.23 -11.58
CA VAL B 951 46.19 -26.31 -11.72
C VAL B 951 45.84 -27.20 -12.91
N ALA B 952 44.55 -27.33 -13.24
CA ALA B 952 44.15 -28.17 -14.35
C ALA B 952 44.72 -27.72 -15.69
N ALA B 953 45.23 -26.48 -15.76
CA ALA B 953 45.84 -25.96 -16.98
C ALA B 953 47.32 -25.66 -16.76
N MET B 954 47.96 -26.39 -15.85
CA MET B 954 49.36 -26.16 -15.52
C MET B 954 50.21 -27.42 -15.47
N PHE B 955 49.61 -28.59 -15.25
CA PHE B 955 50.33 -29.85 -15.12
C PHE B 955 49.60 -30.92 -15.91
N PRO B 956 50.28 -32.00 -16.27
CA PRO B 956 49.59 -33.09 -16.97
C PRO B 956 48.49 -33.67 -16.10
N PRO B 957 47.45 -34.24 -16.72
CA PRO B 957 47.28 -34.41 -18.18
C PRO B 957 46.69 -33.20 -18.89
N TRP B 958 46.80 -32.01 -18.28
CA TRP B 958 46.32 -30.76 -18.88
C TRP B 958 44.84 -30.85 -19.21
N SER B 959 44.03 -30.99 -18.17
CA SER B 959 42.59 -31.17 -18.35
C SER B 959 41.95 -29.92 -18.94
N ALA B 960 42.34 -28.74 -18.46
CA ALA B 960 41.75 -27.49 -18.91
C ALA B 960 42.36 -26.97 -20.21
N ALA B 961 43.11 -27.82 -20.93
CA ALA B 961 43.70 -27.40 -22.20
C ALA B 961 43.53 -28.45 -23.28
N ALA B 962 42.57 -29.38 -23.11
CA ALA B 962 42.31 -30.46 -24.08
C ALA B 962 43.55 -31.31 -24.32
N GLY B 963 44.41 -31.43 -23.31
CA GLY B 963 45.59 -32.25 -23.44
C GLY B 963 46.76 -31.59 -24.14
N VAL B 964 46.90 -30.28 -24.03
CA VAL B 964 47.96 -29.53 -24.66
C VAL B 964 48.79 -28.87 -23.56
N PRO B 965 50.11 -28.97 -23.59
CA PRO B 965 50.93 -28.30 -22.57
C PRO B 965 50.75 -26.79 -22.61
N PHE B 966 51.15 -26.15 -21.51
CA PHE B 966 50.96 -24.70 -21.39
C PHE B 966 51.75 -23.89 -22.42
N PRO B 967 53.07 -24.06 -22.56
CA PRO B 967 53.77 -23.24 -23.57
C PRO B 967 53.36 -23.56 -24.99
N LEU B 968 53.08 -24.83 -25.29
CA LEU B 968 52.63 -25.18 -26.63
C LEU B 968 51.27 -24.56 -26.92
N ASN B 969 50.37 -24.56 -25.93
CA ASN B 969 49.07 -23.92 -26.13
C ASN B 969 49.20 -22.42 -26.33
N VAL B 970 50.08 -21.78 -25.56
CA VAL B 970 50.31 -20.35 -25.73
C VAL B 970 50.86 -20.04 -27.11
N GLN B 971 51.83 -20.86 -27.57
CA GLN B 971 52.39 -20.65 -28.90
C GLN B 971 51.34 -20.85 -29.98
N TYR B 972 50.48 -21.86 -29.83
CA TYR B 972 49.42 -22.07 -30.82
C TYR B 972 48.44 -20.92 -30.85
N ARG B 973 48.04 -20.41 -29.68
CA ARG B 973 47.09 -19.31 -29.64
C ARG B 973 47.69 -18.00 -30.11
N ILE B 974 49.01 -17.84 -30.01
CA ILE B 974 49.64 -16.64 -30.57
C ILE B 974 49.79 -16.79 -32.08
N ASN B 975 50.12 -17.99 -32.56
CA ASN B 975 50.21 -18.24 -33.99
C ASN B 975 48.85 -18.08 -34.67
N GLY B 976 47.77 -18.39 -33.97
CA GLY B 976 46.43 -18.25 -34.53
C GLY B 976 46.04 -16.82 -34.84
N LEU B 977 46.81 -15.83 -34.38
CA LEU B 977 46.53 -14.43 -34.64
C LEU B 977 47.33 -13.87 -35.81
N GLY B 978 48.16 -14.69 -36.45
CA GLY B 978 48.96 -14.24 -37.57
C GLY B 978 50.40 -13.95 -37.21
N VAL B 979 50.99 -14.82 -36.38
CA VAL B 979 52.38 -14.69 -35.95
C VAL B 979 53.10 -15.98 -36.33
N THR B 980 54.25 -15.85 -36.96
CA THR B 980 55.03 -17.01 -37.38
C THR B 980 55.51 -17.81 -36.17
N MET B 981 55.67 -19.11 -36.36
CA MET B 981 56.10 -20.00 -35.29
C MET B 981 57.60 -19.86 -34.98
N ASP B 982 58.39 -19.37 -35.94
CA ASP B 982 59.83 -19.25 -35.73
C ASP B 982 60.14 -18.23 -34.64
N VAL B 983 59.54 -17.04 -34.73
CA VAL B 983 59.79 -16.01 -33.73
C VAL B 983 59.23 -16.39 -32.38
N LEU B 984 58.25 -17.28 -32.33
CA LEU B 984 57.74 -17.76 -31.05
C LEU B 984 58.65 -18.81 -30.43
N ASN B 985 59.22 -19.70 -31.26
CA ASN B 985 60.16 -20.69 -30.75
C ASN B 985 61.46 -20.04 -30.32
N LYS B 986 61.88 -18.97 -31.00
CA LYS B 986 63.12 -18.29 -30.64
C LYS B 986 62.95 -17.45 -29.38
N ASN B 987 61.80 -16.79 -29.25
CA ASN B 987 61.52 -15.90 -28.11
C ASN B 987 60.58 -16.61 -27.16
N GLN B 988 61.14 -17.28 -26.16
CA GLN B 988 60.37 -17.95 -25.12
C GLN B 988 60.65 -17.37 -23.74
N LYS B 989 61.91 -17.15 -23.40
CA LYS B 989 62.23 -16.48 -22.14
C LYS B 989 61.66 -15.07 -22.09
N LEU B 990 61.60 -14.40 -23.24
CA LEU B 990 60.99 -13.08 -23.30
C LEU B 990 59.50 -13.16 -22.96
N ILE B 991 58.81 -14.18 -23.48
CA ILE B 991 57.39 -14.35 -23.17
C ILE B 991 57.20 -14.69 -21.70
N ALA B 992 58.08 -15.51 -21.13
CA ALA B 992 57.98 -15.82 -19.71
C ALA B 992 58.19 -14.58 -18.85
N ASN B 993 59.17 -13.76 -19.20
CA ASN B 993 59.41 -12.52 -18.46
C ASN B 993 58.24 -11.56 -18.61
N ALA B 994 57.63 -11.50 -19.79
CA ALA B 994 56.47 -10.65 -19.98
C ALA B 994 55.29 -11.11 -19.14
N PHE B 995 55.07 -12.43 -19.08
CA PHE B 995 54.00 -12.94 -18.22
C PHE B 995 54.27 -12.64 -16.76
N ASN B 996 55.52 -12.81 -16.31
CA ASN B 996 55.85 -12.50 -14.93
C ASN B 996 55.65 -11.02 -14.61
N LYS B 997 56.05 -10.15 -15.54
CA LYS B 997 55.87 -8.71 -15.33
C LYS B 997 54.39 -8.34 -15.31
N ALA B 998 53.58 -8.97 -16.17
CA ALA B 998 52.15 -8.70 -16.17
C ALA B 998 51.51 -9.15 -14.86
N LEU B 999 51.92 -10.32 -14.35
CA LEU B 999 51.39 -10.78 -13.07
C LEU B 999 51.79 -9.85 -11.94
N LEU B 1000 53.06 -9.40 -11.93
CA LEU B 1000 53.50 -8.48 -10.89
C LEU B 1000 52.74 -7.16 -10.96
N SER B 1001 52.48 -6.68 -12.18
CA SER B 1001 51.77 -5.41 -12.34
C SER B 1001 50.32 -5.54 -11.90
N ILE B 1002 49.66 -6.64 -12.28
CA ILE B 1002 48.26 -6.81 -11.88
C ILE B 1002 48.15 -7.11 -10.38
N GLN B 1003 49.23 -7.58 -9.76
CA GLN B 1003 49.22 -7.77 -8.31
C GLN B 1003 49.46 -6.46 -7.57
N ASN B 1004 50.33 -5.60 -8.11
CA ASN B 1004 50.65 -4.34 -7.44
C ASN B 1004 49.65 -3.24 -7.75
N GLY B 1005 48.84 -3.37 -8.80
CA GLY B 1005 47.89 -2.33 -9.14
C GLY B 1005 46.73 -2.21 -8.17
N PHE B 1006 46.46 -3.25 -7.38
CA PHE B 1006 45.36 -3.23 -6.43
C PHE B 1006 45.71 -2.51 -5.13
N THR B 1007 46.93 -1.97 -5.02
CA THR B 1007 47.34 -1.33 -3.78
C THR B 1007 46.83 0.10 -3.68
N ALA B 1008 47.22 0.95 -4.62
CA ALA B 1008 46.88 2.38 -4.54
C ALA B 1008 45.44 2.63 -5.00
N THR B 1009 45.15 2.35 -6.26
CA THR B 1009 43.84 2.63 -6.83
C THR B 1009 43.42 1.47 -7.73
N PRO B 1010 42.78 0.45 -7.16
CA PRO B 1010 42.31 -0.68 -7.96
C PRO B 1010 41.05 -0.32 -8.75
N SER B 1011 40.65 -1.24 -9.62
CA SER B 1011 39.45 -1.09 -10.42
C SER B 1011 38.37 -2.12 -10.10
N ALA B 1012 38.77 -3.35 -9.76
CA ALA B 1012 37.77 -4.37 -9.42
C ALA B 1012 37.18 -4.13 -8.03
N LEU B 1013 37.95 -3.55 -7.12
CA LEU B 1013 37.45 -3.27 -5.77
C LEU B 1013 36.39 -2.19 -5.77
N ALA B 1014 36.35 -1.35 -6.81
CA ALA B 1014 35.34 -0.29 -6.86
C ALA B 1014 33.93 -0.87 -6.93
N LYS B 1015 33.73 -1.88 -7.78
CA LYS B 1015 32.41 -2.50 -7.88
C LYS B 1015 32.03 -3.20 -6.58
N ILE B 1016 33.00 -3.86 -5.93
CA ILE B 1016 32.71 -4.55 -4.68
C ILE B 1016 32.29 -3.56 -3.60
N GLN B 1017 33.05 -2.47 -3.45
CA GLN B 1017 32.69 -1.48 -2.43
C GLN B 1017 31.40 -0.76 -2.79
N SER B 1018 31.10 -0.61 -4.08
CA SER B 1018 29.82 0.00 -4.47
C SER B 1018 28.65 -0.91 -4.09
N VAL B 1019 28.78 -2.21 -4.32
CA VAL B 1019 27.73 -3.15 -3.93
C VAL B 1019 27.56 -3.14 -2.40
N VAL B 1020 28.68 -3.13 -1.68
CA VAL B 1020 28.61 -3.12 -0.22
C VAL B 1020 27.92 -1.85 0.28
N ASN B 1021 28.28 -0.70 -0.30
CA ASN B 1021 27.66 0.56 0.12
C ASN B 1021 26.19 0.61 -0.24
N ALA B 1022 25.80 0.04 -1.38
CA ALA B 1022 24.40 -0.01 -1.75
C ALA B 1022 23.60 -0.86 -0.77
N ASN B 1023 24.12 -2.03 -0.43
CA ASN B 1023 23.44 -2.88 0.55
C ASN B 1023 23.34 -2.17 1.91
N ALA B 1024 24.41 -1.51 2.33
CA ALA B 1024 24.39 -0.80 3.61
C ALA B 1024 23.38 0.34 3.59
N GLN B 1025 23.28 1.06 2.47
CA GLN B 1025 22.32 2.15 2.37
C GLN B 1025 20.90 1.62 2.39
N ALA B 1026 20.64 0.51 1.70
CA ALA B 1026 19.31 -0.08 1.74
C ALA B 1026 18.94 -0.51 3.16
N LEU B 1027 19.88 -1.14 3.87
CA LEU B 1027 19.60 -1.56 5.25
C LEU B 1027 19.37 -0.35 6.15
N ASN B 1028 20.16 0.70 5.98
CA ASN B 1028 19.98 1.90 6.80
C ASN B 1028 18.65 2.56 6.52
N SER B 1029 18.22 2.59 5.26
CA SER B 1029 16.91 3.16 4.94
C SER B 1029 15.78 2.32 5.55
N LEU B 1030 15.87 1.00 5.43
CA LEU B 1030 14.85 0.13 6.02
C LEU B 1030 14.82 0.28 7.55
N LEU B 1031 15.97 0.53 8.17
CA LEU B 1031 16.00 0.73 9.62
C LEU B 1031 15.42 2.08 10.00
N GLN B 1032 15.78 3.14 9.29
CA GLN B 1032 15.27 4.47 9.58
C GLN B 1032 13.79 4.61 9.26
N GLN B 1033 13.24 3.69 8.45
CA GLN B 1033 11.81 3.71 8.17
C GLN B 1033 10.97 3.62 9.44
N LEU B 1034 11.52 3.03 10.51
CA LEU B 1034 10.78 2.85 11.75
C LEU B 1034 10.61 4.15 12.54
N PHE B 1035 11.25 5.24 12.12
CA PHE B 1035 11.20 6.51 12.85
C PHE B 1035 10.31 7.52 12.15
N ASN B 1036 9.19 7.06 11.57
CA ASN B 1036 8.23 7.91 10.90
C ASN B 1036 6.89 7.85 11.62
N LYS B 1037 6.21 8.99 11.69
CA LYS B 1037 4.93 9.04 12.39
C LYS B 1037 3.80 8.48 11.54
N PHE B 1038 3.85 8.71 10.22
CA PHE B 1038 2.81 8.23 9.30
C PHE B 1038 1.43 8.75 9.69
N GLY B 1039 1.37 10.01 10.09
CA GLY B 1039 0.12 10.62 10.50
C GLY B 1039 -0.27 10.39 11.95
N ALA B 1040 0.53 9.66 12.72
CA ALA B 1040 0.25 9.41 14.12
C ALA B 1040 0.87 10.50 14.99
N ILE B 1041 0.65 10.40 16.30
CA ILE B 1041 1.21 11.39 17.22
C ILE B 1041 2.68 11.13 17.52
N SER B 1042 3.16 9.91 17.35
CA SER B 1042 4.55 9.58 17.62
C SER B 1042 4.91 8.31 16.87
N SER B 1043 6.21 8.10 16.69
CA SER B 1043 6.74 6.92 16.01
C SER B 1043 7.13 5.81 16.98
N SER B 1044 6.83 5.97 18.27
CA SER B 1044 7.15 4.98 19.28
C SER B 1044 5.87 4.39 19.85
N LEU B 1045 5.80 3.07 19.93
CA LEU B 1045 4.62 2.40 20.47
C LEU B 1045 4.51 2.55 21.98
N GLN B 1046 5.64 2.75 22.67
CA GLN B 1046 5.60 2.85 24.13
C GLN B 1046 4.80 4.07 24.56
N GLU B 1047 5.04 5.22 23.92
CA GLU B 1047 4.30 6.43 24.29
C GLU B 1047 2.82 6.28 23.99
N ILE B 1048 2.48 5.66 22.85
CA ILE B 1048 1.08 5.48 22.50
C ILE B 1048 0.39 4.55 23.50
N LEU B 1049 1.08 3.51 23.93
CA LEU B 1049 0.49 2.57 24.89
C LEU B 1049 0.45 3.11 26.31
N SER B 1050 1.32 4.06 26.65
CA SER B 1050 1.36 4.62 27.99
C SER B 1050 0.67 5.98 28.09
N ARG B 1051 0.10 6.49 26.99
CA ARG B 1051 -0.55 7.79 27.01
C ARG B 1051 -2.03 7.73 26.64
N LEU B 1052 -2.41 6.88 25.68
CA LEU B 1052 -3.76 6.87 25.15
C LEU B 1052 -4.51 5.63 25.60
N ASP B 1053 -5.81 5.63 25.32
CA ASP B 1053 -6.69 4.51 25.62
C ASP B 1053 -6.47 3.37 24.63
N PRO B 1054 -6.89 2.16 24.97
CA PRO B 1054 -6.73 1.02 24.04
C PRO B 1054 -7.34 1.28 22.68
N PRO B 1055 -8.54 1.88 22.58
CA PRO B 1055 -9.04 2.20 21.24
C PRO B 1055 -8.21 3.25 20.53
N GLU B 1056 -7.82 4.33 21.22
CA GLU B 1056 -6.94 5.32 20.61
C GLU B 1056 -5.59 4.70 20.27
N ALA B 1057 -5.09 3.80 21.13
CA ALA B 1057 -3.85 3.11 20.83
C ALA B 1057 -3.96 2.29 19.55
N GLN B 1058 -5.08 1.58 19.37
CA GLN B 1058 -5.29 0.82 18.14
C GLN B 1058 -5.35 1.75 16.93
N VAL B 1059 -6.05 2.87 17.07
CA VAL B 1059 -6.17 3.81 15.96
C VAL B 1059 -4.80 4.35 15.56
N GLN B 1060 -3.94 4.62 16.54
CA GLN B 1060 -2.62 5.14 16.25
C GLN B 1060 -1.66 4.08 15.74
N ILE B 1061 -1.85 2.83 16.15
CA ILE B 1061 -0.93 1.77 15.74
C ILE B 1061 -1.29 1.23 14.36
N ASP B 1062 -2.56 1.36 13.95
CA ASP B 1062 -2.98 0.83 12.64
C ASP B 1062 -2.21 1.50 11.50
N ARG B 1063 -2.07 2.83 11.56
CA ARG B 1063 -1.38 3.54 10.48
C ARG B 1063 0.10 3.18 10.45
N LEU B 1064 0.73 3.04 11.61
CA LEU B 1064 2.12 2.60 11.65
C LEU B 1064 2.29 1.21 11.06
N ILE B 1065 1.37 0.30 11.38
CA ILE B 1065 1.43 -1.06 10.82
C ILE B 1065 1.30 -1.01 9.31
N ASN B 1066 0.34 -0.24 8.81
CA ASN B 1066 0.15 -0.15 7.36
C ASN B 1066 1.39 0.43 6.68
N GLY B 1067 1.96 1.48 7.26
CA GLY B 1067 3.15 2.08 6.66
C GLY B 1067 4.34 1.13 6.64
N ARG B 1068 4.55 0.41 7.74
CA ARG B 1068 5.68 -0.52 7.80
C ARG B 1068 5.47 -1.69 6.85
N LEU B 1069 4.23 -2.16 6.69
CA LEU B 1069 3.96 -3.23 5.73
C LEU B 1069 4.19 -2.74 4.30
N THR B 1070 3.78 -1.51 3.99
CA THR B 1070 4.07 -0.95 2.68
C THR B 1070 5.57 -0.85 2.43
N ALA B 1071 6.33 -0.45 3.46
CA ALA B 1071 7.77 -0.37 3.32
C ALA B 1071 8.38 -1.75 3.08
N LEU B 1072 7.89 -2.76 3.78
CA LEU B 1072 8.41 -4.12 3.56
C LEU B 1072 8.08 -4.63 2.16
N ASN B 1073 6.88 -4.31 1.66
CA ASN B 1073 6.53 -4.70 0.29
C ASN B 1073 7.44 -4.01 -0.73
N ALA B 1074 7.70 -2.71 -0.53
CA ALA B 1074 8.61 -2.01 -1.42
C ALA B 1074 10.01 -2.63 -1.36
N TYR B 1075 10.46 -3.01 -0.16
CA TYR B 1075 11.79 -3.60 -0.03
C TYR B 1075 11.88 -4.94 -0.74
N VAL B 1076 10.85 -5.78 -0.61
CA VAL B 1076 10.92 -7.09 -1.27
C VAL B 1076 10.80 -6.94 -2.78
N SER B 1077 10.05 -5.94 -3.25
CA SER B 1077 10.02 -5.67 -4.69
C SER B 1077 11.39 -5.24 -5.18
N GLN B 1078 12.08 -4.37 -4.43
CA GLN B 1078 13.44 -3.98 -4.79
C GLN B 1078 14.37 -5.17 -4.79
N GLN B 1079 14.20 -6.08 -3.82
CA GLN B 1079 15.06 -7.26 -3.75
C GLN B 1079 14.85 -8.16 -4.97
N LEU B 1080 13.60 -8.33 -5.40
CA LEU B 1080 13.35 -9.11 -6.62
C LEU B 1080 13.97 -8.43 -7.84
N SER B 1081 13.79 -7.12 -7.95
CA SER B 1081 14.36 -6.39 -9.09
C SER B 1081 15.88 -6.50 -9.11
N ASP B 1082 16.52 -6.58 -7.94
CA ASP B 1082 17.97 -6.71 -7.89
C ASP B 1082 18.42 -8.14 -8.17
N ILE B 1083 17.69 -9.13 -7.66
CA ILE B 1083 18.09 -10.52 -7.86
C ILE B 1083 17.93 -10.91 -9.32
N THR B 1084 17.00 -10.28 -10.04
CA THR B 1084 16.89 -10.55 -11.48
C THR B 1084 18.17 -10.16 -12.21
N LEU B 1085 18.69 -8.96 -11.93
CA LEU B 1085 19.94 -8.52 -12.54
C LEU B 1085 21.11 -9.37 -12.07
N ILE B 1086 21.10 -9.80 -10.80
CA ILE B 1086 22.16 -10.66 -10.30
C ILE B 1086 22.20 -11.97 -11.06
N LYS B 1087 21.02 -12.55 -11.34
CA LYS B 1087 20.96 -13.76 -12.15
C LYS B 1087 21.44 -13.50 -13.57
N ALA B 1088 21.03 -12.37 -14.15
CA ALA B 1088 21.44 -12.03 -15.51
C ALA B 1088 22.95 -11.91 -15.61
N GLY B 1089 23.60 -11.36 -14.57
CA GLY B 1089 25.04 -11.23 -14.56
C GLY B 1089 25.75 -12.55 -14.31
N ALA B 1090 25.20 -13.37 -13.40
CA ALA B 1090 25.80 -14.66 -13.12
C ALA B 1090 25.74 -15.59 -14.32
N SER B 1091 24.71 -15.45 -15.15
CA SER B 1091 24.66 -16.25 -16.38
C SER B 1091 25.86 -15.98 -17.27
N ARG B 1092 26.14 -14.70 -17.54
CA ARG B 1092 27.30 -14.34 -18.35
C ARG B 1092 28.60 -14.71 -17.65
N ALA B 1093 28.64 -14.63 -16.32
CA ALA B 1093 29.84 -15.04 -15.59
C ALA B 1093 30.13 -16.52 -15.82
N ILE B 1094 29.11 -17.37 -15.70
CA ILE B 1094 29.28 -18.81 -15.92
C ILE B 1094 29.66 -19.07 -17.38
N GLU B 1095 29.06 -18.34 -18.31
CA GLU B 1095 29.39 -18.51 -19.72
C GLU B 1095 30.86 -18.19 -19.98
N LYS B 1096 31.36 -17.09 -19.41
CA LYS B 1096 32.76 -16.73 -19.61
C LYS B 1096 33.70 -17.70 -18.91
N VAL B 1097 33.27 -18.25 -17.76
CA VAL B 1097 34.10 -19.25 -17.09
C VAL B 1097 34.20 -20.51 -17.94
N ASN B 1098 33.10 -20.90 -18.60
CA ASN B 1098 33.11 -22.13 -19.38
C ASN B 1098 33.76 -21.97 -20.74
N GLU B 1099 33.76 -20.75 -21.31
CA GLU B 1099 34.21 -20.56 -22.67
C GLU B 1099 35.51 -19.77 -22.80
N CYS B 1100 36.06 -19.23 -21.71
CA CYS B 1100 37.29 -18.45 -21.79
C CYS B 1100 38.42 -18.99 -20.93
N VAL B 1101 38.13 -19.75 -19.88
CA VAL B 1101 39.14 -20.25 -18.95
C VAL B 1101 39.41 -21.74 -19.18
N LYS B 1102 38.38 -22.57 -19.02
CA LYS B 1102 38.55 -24.02 -19.16
C LYS B 1102 38.57 -24.48 -20.61
N SER B 1103 38.45 -23.56 -21.57
CA SER B 1103 38.47 -23.93 -22.98
C SER B 1103 38.83 -22.70 -23.80
N GLN B 1104 39.27 -22.95 -25.02
CA GLN B 1104 39.65 -21.89 -25.97
C GLN B 1104 38.63 -21.88 -27.10
N SER B 1105 37.80 -20.84 -27.14
CA SER B 1105 36.75 -20.77 -28.14
C SER B 1105 37.16 -19.85 -29.30
N PRO B 1106 36.71 -20.15 -30.51
CA PRO B 1106 37.05 -19.30 -31.66
C PRO B 1106 36.27 -17.99 -31.68
N ARG B 1107 35.47 -17.74 -30.64
CA ARG B 1107 34.67 -16.53 -30.56
C ARG B 1107 35.59 -15.32 -30.37
N ILE B 1108 35.75 -14.53 -31.42
CA ILE B 1108 36.60 -13.35 -31.37
C ILE B 1108 35.82 -12.20 -30.73
N ASN B 1109 36.54 -11.33 -30.02
CA ASN B 1109 35.96 -10.16 -29.35
C ASN B 1109 34.93 -10.56 -28.30
N PHE B 1110 35.15 -11.69 -27.63
CA PHE B 1110 34.27 -12.15 -26.56
C PHE B 1110 34.97 -12.20 -25.22
N CYS B 1111 36.13 -12.86 -25.14
CA CYS B 1111 36.86 -12.93 -23.87
C CYS B 1111 37.73 -11.70 -23.66
N GLY B 1112 38.52 -11.32 -24.68
CA GLY B 1112 39.39 -10.18 -24.56
C GLY B 1112 38.99 -9.01 -25.44
N ASN B 1113 39.92 -8.51 -26.25
CA ASN B 1113 39.68 -7.37 -27.12
C ASN B 1113 40.23 -7.63 -28.51
N GLY B 1114 39.98 -8.83 -29.04
CA GLY B 1114 40.44 -9.21 -30.36
C GLY B 1114 41.80 -9.89 -30.38
N ASN B 1115 42.69 -9.53 -29.46
CA ASN B 1115 44.01 -10.15 -29.36
C ASN B 1115 44.13 -11.00 -28.09
N HIS B 1116 43.03 -11.62 -27.67
CA HIS B 1116 43.04 -12.43 -26.46
C HIS B 1116 43.89 -13.67 -26.66
N ILE B 1117 44.60 -14.06 -25.60
CA ILE B 1117 45.48 -15.23 -25.64
C ILE B 1117 45.01 -16.25 -24.61
N LEU B 1118 44.98 -15.86 -23.34
CA LEU B 1118 44.62 -16.77 -22.27
C LEU B 1118 43.90 -16.00 -21.18
N SER B 1119 42.95 -16.67 -20.52
CA SER B 1119 42.18 -16.09 -19.44
C SER B 1119 42.22 -17.02 -18.24
N LEU B 1120 42.37 -16.44 -17.05
CA LEU B 1120 42.39 -17.17 -15.80
C LEU B 1120 41.23 -16.72 -14.92
N VAL B 1121 41.02 -17.44 -13.83
CA VAL B 1121 39.93 -17.17 -12.89
C VAL B 1121 40.49 -17.09 -11.49
N GLN B 1122 39.93 -16.18 -10.69
CA GLN B 1122 40.31 -16.02 -9.29
C GLN B 1122 39.07 -15.76 -8.46
N ASN B 1123 39.16 -16.06 -7.17
CA ASN B 1123 38.04 -15.87 -6.26
C ASN B 1123 38.02 -14.43 -5.75
N ALA B 1124 36.84 -13.82 -5.76
CA ALA B 1124 36.66 -12.44 -5.36
C ALA B 1124 35.44 -12.34 -4.46
N PRO B 1125 35.38 -11.32 -3.60
CA PRO B 1125 34.18 -11.14 -2.76
C PRO B 1125 32.95 -10.86 -3.60
N TYR B 1126 31.95 -11.74 -3.47
CA TYR B 1126 30.67 -11.61 -4.17
C TYR B 1126 30.88 -11.60 -5.69
N GLY B 1127 31.65 -12.57 -6.17
CA GLY B 1127 31.90 -12.68 -7.60
C GLY B 1127 33.19 -13.42 -7.87
N LEU B 1128 33.72 -13.20 -9.07
CA LEU B 1128 34.97 -13.80 -9.50
C LEU B 1128 35.84 -12.75 -10.18
N LEU B 1129 37.14 -13.01 -10.20
CA LEU B 1129 38.11 -12.12 -10.82
C LEU B 1129 38.79 -12.84 -11.97
N PHE B 1130 38.78 -12.21 -13.15
CA PHE B 1130 39.37 -12.78 -14.35
C PHE B 1130 40.63 -12.02 -14.72
N ILE B 1131 41.67 -12.76 -15.10
CA ILE B 1131 42.93 -12.18 -15.55
C ILE B 1131 43.07 -12.50 -17.04
N HIS B 1132 42.91 -11.47 -17.87
CA HIS B 1132 42.93 -11.64 -19.33
C HIS B 1132 44.30 -11.21 -19.85
N PHE B 1133 44.96 -12.12 -20.57
CA PHE B 1133 46.22 -11.81 -21.23
C PHE B 1133 45.97 -11.57 -22.71
N SER B 1134 46.67 -10.58 -23.27
CA SER B 1134 46.44 -10.16 -24.65
C SER B 1134 47.78 -9.99 -25.36
N TYR B 1135 47.69 -9.82 -26.67
CA TYR B 1135 48.85 -9.60 -27.53
C TYR B 1135 48.91 -8.12 -27.87
N LYS B 1136 49.96 -7.44 -27.38
CA LYS B 1136 50.09 -6.00 -27.54
C LYS B 1136 51.35 -5.66 -28.31
N PRO B 1137 51.25 -5.17 -29.54
CA PRO B 1137 52.46 -4.74 -30.27
C PRO B 1137 53.03 -3.46 -29.68
N THR B 1138 54.31 -3.26 -29.94
CA THR B 1138 55.03 -2.07 -29.46
C THR B 1138 55.56 -1.20 -30.58
N SER B 1139 56.13 -1.80 -31.63
CA SER B 1139 56.67 -1.05 -32.75
C SER B 1139 55.95 -1.43 -34.03
N PHE B 1140 56.06 -0.56 -35.02
CA PHE B 1140 55.39 -0.77 -36.31
C PHE B 1140 56.31 -0.26 -37.43
N LYS B 1141 56.03 -0.72 -38.64
CA LYS B 1141 56.75 -0.25 -39.82
C LYS B 1141 55.79 -0.21 -40.99
N THR B 1142 56.12 0.63 -41.97
CA THR B 1142 55.28 0.85 -43.14
C THR B 1142 55.78 -0.04 -44.28
N VAL B 1143 54.89 -0.89 -44.80
CA VAL B 1143 55.21 -1.78 -45.90
C VAL B 1143 54.07 -1.74 -46.91
N LEU B 1144 54.36 -2.19 -48.12
CA LEU B 1144 53.38 -2.29 -49.19
C LEU B 1144 52.97 -3.75 -49.37
N VAL B 1145 51.67 -4.00 -49.32
CA VAL B 1145 51.13 -5.35 -49.36
C VAL B 1145 50.24 -5.50 -50.60
N SER B 1146 49.88 -6.73 -50.89
CA SER B 1146 49.01 -7.07 -52.02
C SER B 1146 47.90 -7.99 -51.56
N PRO B 1147 46.66 -7.73 -51.99
CA PRO B 1147 45.55 -8.59 -51.55
C PRO B 1147 45.59 -9.97 -52.17
N GLY B 1148 45.99 -10.09 -53.43
CA GLY B 1148 46.04 -11.38 -54.08
C GLY B 1148 46.77 -11.29 -55.40
N LEU B 1149 47.33 -12.42 -55.81
CA LEU B 1149 48.07 -12.52 -57.06
C LEU B 1149 47.46 -13.58 -57.97
N CYS B 1150 47.77 -13.47 -59.26
CA CYS B 1150 47.34 -14.44 -60.26
C CYS B 1150 48.56 -14.92 -61.03
N LEU B 1151 48.73 -16.24 -61.11
CA LEU B 1151 49.89 -16.82 -61.76
C LEU B 1151 49.59 -17.13 -63.22
N SER B 1152 50.58 -17.69 -63.91
CA SER B 1152 50.42 -18.03 -65.31
C SER B 1152 49.45 -19.20 -65.48
N GLY B 1153 48.71 -19.19 -66.58
CA GLY B 1153 47.72 -20.22 -66.84
C GLY B 1153 46.36 -19.96 -66.24
N ASP B 1154 45.98 -18.69 -66.10
CA ASP B 1154 44.70 -18.28 -65.52
C ASP B 1154 44.50 -18.79 -64.11
N ARG B 1155 45.58 -19.08 -63.39
CA ARG B 1155 45.51 -19.54 -62.01
C ARG B 1155 45.62 -18.36 -61.06
N GLY B 1156 45.10 -18.55 -59.85
CA GLY B 1156 45.13 -17.51 -58.84
C GLY B 1156 45.54 -18.06 -57.50
N ILE B 1157 46.16 -17.19 -56.70
CA ILE B 1157 46.61 -17.53 -55.35
C ILE B 1157 46.09 -16.47 -54.39
N ALA B 1158 45.73 -16.90 -53.18
CA ALA B 1158 45.20 -16.01 -52.17
C ALA B 1158 45.81 -16.36 -50.82
N PRO B 1159 46.37 -15.40 -50.10
CA PRO B 1159 46.96 -15.69 -48.79
C PRO B 1159 45.90 -15.84 -47.71
N LYS B 1160 46.28 -16.55 -46.64
CA LYS B 1160 45.42 -16.75 -45.48
C LYS B 1160 46.07 -16.11 -44.26
N GLN B 1161 45.38 -15.14 -43.66
CA GLN B 1161 45.86 -14.44 -42.47
C GLN B 1161 47.26 -13.85 -42.70
N GLY B 1162 47.42 -13.21 -43.86
CA GLY B 1162 48.70 -12.61 -44.18
C GLY B 1162 48.60 -11.76 -45.43
N TYR B 1163 49.77 -11.40 -45.95
CA TYR B 1163 49.87 -10.56 -47.13
C TYR B 1163 51.07 -11.00 -47.96
N PHE B 1164 51.19 -10.40 -49.15
CA PHE B 1164 52.31 -10.65 -50.05
C PHE B 1164 53.13 -9.37 -50.16
N ILE B 1165 54.39 -9.43 -49.76
CA ILE B 1165 55.28 -8.28 -49.78
C ILE B 1165 56.28 -8.46 -50.90
N LYS B 1166 57.03 -7.38 -51.18
CA LYS B 1166 58.03 -7.36 -52.25
C LYS B 1166 59.36 -6.88 -51.68
N GLN B 1167 60.37 -7.72 -51.79
CA GLN B 1167 61.73 -7.35 -51.41
C GLN B 1167 62.71 -7.98 -52.40
N ASN B 1168 63.79 -7.24 -52.68
CA ASN B 1168 64.82 -7.61 -53.65
C ASN B 1168 64.22 -8.21 -54.92
N ASP B 1169 63.12 -7.61 -55.40
CA ASP B 1169 62.42 -8.07 -56.60
C ASP B 1169 62.02 -9.54 -56.49
N SER B 1170 61.22 -9.83 -55.47
CA SER B 1170 60.75 -11.18 -55.22
C SER B 1170 59.48 -11.13 -54.38
N TRP B 1171 58.51 -11.97 -54.73
CA TRP B 1171 57.27 -12.06 -53.98
C TRP B 1171 57.41 -13.10 -52.86
N MET B 1172 57.06 -12.69 -51.63
CA MET B 1172 57.13 -13.57 -50.48
C MET B 1172 55.87 -13.39 -49.65
N PHE B 1173 55.84 -14.05 -48.49
CA PHE B 1173 54.68 -14.03 -47.61
C PHE B 1173 55.10 -13.55 -46.23
N THR B 1174 54.18 -12.87 -45.55
CA THR B 1174 54.41 -12.37 -44.20
C THR B 1174 53.12 -12.50 -43.40
N GLY B 1175 53.26 -12.47 -42.08
CA GLY B 1175 52.12 -12.58 -41.20
C GLY B 1175 51.36 -11.27 -41.07
N SER B 1176 50.16 -11.38 -40.51
CA SER B 1176 49.29 -10.22 -40.31
C SER B 1176 49.53 -9.53 -38.98
N SER B 1177 50.38 -10.09 -38.11
CA SER B 1177 50.66 -9.49 -36.81
C SER B 1177 52.15 -9.39 -36.50
N TYR B 1178 53.02 -9.83 -37.41
CA TYR B 1178 54.46 -9.73 -37.20
C TYR B 1178 55.15 -9.75 -38.55
N TYR B 1179 56.07 -8.80 -38.75
CA TYR B 1179 56.78 -8.69 -40.03
C TYR B 1179 57.91 -9.71 -40.05
N TYR B 1180 57.73 -10.78 -40.81
CA TYR B 1180 58.74 -11.83 -40.94
C TYR B 1180 58.59 -12.47 -42.31
N PRO B 1181 59.37 -12.04 -43.29
CA PRO B 1181 59.26 -12.62 -44.63
C PRO B 1181 59.65 -14.09 -44.65
N GLU B 1182 58.87 -14.89 -45.37
CA GLU B 1182 59.09 -16.31 -45.49
C GLU B 1182 58.69 -16.75 -46.90
N PRO B 1183 59.32 -17.81 -47.42
CA PRO B 1183 59.01 -18.25 -48.78
C PRO B 1183 57.56 -18.68 -48.91
N ILE B 1184 57.00 -18.49 -50.12
CA ILE B 1184 55.63 -18.85 -50.39
C ILE B 1184 55.51 -20.36 -50.51
N SER B 1185 54.56 -20.94 -49.77
CA SER B 1185 54.36 -22.39 -49.80
C SER B 1185 52.87 -22.71 -49.96
N ASP B 1186 52.53 -24.00 -49.86
CA ASP B 1186 51.15 -24.44 -50.01
C ASP B 1186 50.39 -24.49 -48.69
N LYS B 1187 51.06 -24.35 -47.56
CA LYS B 1187 50.42 -24.39 -46.25
C LYS B 1187 49.90 -23.03 -45.81
N ASN B 1188 50.14 -21.96 -46.58
CA ASN B 1188 49.67 -20.64 -46.21
C ASN B 1188 49.10 -19.86 -47.39
N VAL B 1189 48.76 -20.54 -48.49
CA VAL B 1189 48.23 -19.91 -49.69
C VAL B 1189 47.04 -20.72 -50.18
N VAL B 1190 45.92 -20.05 -50.40
CA VAL B 1190 44.72 -20.68 -50.94
C VAL B 1190 44.82 -20.71 -52.45
N PHE B 1191 44.70 -21.92 -53.03
CA PHE B 1191 44.80 -22.09 -54.47
C PHE B 1191 43.45 -21.90 -55.14
N MET B 1192 43.47 -21.24 -56.30
CA MET B 1192 42.27 -21.00 -57.09
C MET B 1192 42.52 -21.40 -58.53
N ASN B 1193 41.46 -21.37 -59.33
CA ASN B 1193 41.54 -21.74 -60.74
C ASN B 1193 40.99 -20.62 -61.63
N SER B 1194 41.10 -19.38 -61.18
CA SER B 1194 40.60 -18.24 -61.94
C SER B 1194 41.47 -17.03 -61.68
N CYS B 1195 41.90 -16.36 -62.74
CA CYS B 1195 42.71 -15.15 -62.64
C CYS B 1195 41.79 -13.95 -62.48
N SER B 1196 41.95 -13.23 -61.37
CA SER B 1196 41.09 -12.08 -61.09
C SER B 1196 41.49 -10.90 -61.97
N VAL B 1197 40.77 -9.79 -61.80
CA VAL B 1197 40.99 -8.61 -62.61
C VAL B 1197 42.03 -7.68 -61.98
N ASN B 1198 41.93 -7.45 -60.67
CA ASN B 1198 42.79 -6.50 -59.99
C ASN B 1198 43.96 -7.16 -59.28
N PHE B 1199 44.19 -8.45 -59.50
CA PHE B 1199 45.34 -9.13 -58.93
C PHE B 1199 46.58 -8.87 -59.76
N THR B 1200 47.71 -8.72 -59.08
CA THR B 1200 48.97 -8.45 -59.76
C THR B 1200 49.45 -9.69 -60.50
N LYS B 1201 49.84 -9.51 -61.76
CA LYS B 1201 50.32 -10.61 -62.59
C LYS B 1201 51.84 -10.70 -62.49
N ALA B 1202 52.33 -11.89 -62.16
CA ALA B 1202 53.77 -12.11 -62.01
C ALA B 1202 54.09 -13.54 -62.41
N PRO B 1203 54.48 -13.76 -63.68
CA PRO B 1203 54.84 -15.10 -64.16
C PRO B 1203 56.24 -15.56 -63.74
N PHE B 1204 56.55 -15.41 -62.45
CA PHE B 1204 57.86 -15.78 -61.95
C PHE B 1204 57.80 -16.54 -60.63
N ILE B 1205 56.61 -16.90 -60.15
CA ILE B 1205 56.47 -17.65 -58.91
C ILE B 1205 56.48 -19.13 -59.26
N TYR B 1206 57.56 -19.82 -58.90
CA TYR B 1206 57.72 -21.24 -59.23
C TYR B 1206 57.12 -22.10 -58.12
N LEU B 1207 55.79 -22.11 -58.07
CA LEU B 1207 55.03 -22.90 -57.12
C LEU B 1207 54.07 -23.81 -57.88
N ASN B 1208 54.01 -25.06 -57.47
CA ASN B 1208 53.13 -26.04 -58.11
C ASN B 1208 51.67 -25.80 -57.74
N VAL C 1 -10.58 -25.10 56.75
CA VAL C 1 -11.98 -25.50 56.75
C VAL C 1 -12.66 -25.04 55.47
N ILE C 2 -13.86 -25.57 55.21
CA ILE C 2 -14.64 -25.22 54.04
C ILE C 2 -15.79 -24.30 54.39
N GLY C 3 -16.57 -24.66 55.42
CA GLY C 3 -17.69 -23.87 55.86
C GLY C 3 -17.50 -23.30 57.26
N ASP C 4 -18.61 -22.86 57.85
CA ASP C 4 -18.59 -22.27 59.17
C ASP C 4 -19.46 -23.00 60.18
N PHE C 5 -20.11 -24.10 59.79
CA PHE C 5 -21.00 -24.84 60.67
C PHE C 5 -20.29 -26.04 61.24
N ASN C 6 -20.59 -26.36 62.50
CA ASN C 6 -19.93 -27.46 63.19
C ASN C 6 -20.24 -28.80 62.53
N CYS C 7 -21.50 -29.22 62.61
CA CYS C 7 -22.06 -30.37 61.89
C CYS C 7 -21.57 -31.71 62.43
N THR C 8 -20.60 -31.71 63.35
CA THR C 8 -20.03 -32.95 63.86
C THR C 8 -19.01 -32.63 64.94
N ASN C 9 -18.84 -33.58 65.87
CA ASN C 9 -17.78 -33.53 66.87
C ASN C 9 -17.16 -34.91 67.08
N SER C 10 -17.27 -35.79 66.10
CA SER C 10 -16.85 -37.17 66.22
C SER C 10 -15.70 -37.45 65.28
N PHE C 11 -14.62 -38.03 65.81
CA PHE C 11 -13.46 -38.47 65.04
C PHE C 11 -12.85 -37.31 64.24
N ILE C 12 -12.36 -36.33 64.97
CA ILE C 12 -11.68 -35.17 64.40
C ILE C 12 -10.20 -35.29 64.75
N ASN C 13 -9.38 -35.63 63.76
CA ASN C 13 -7.95 -35.83 63.95
C ASN C 13 -7.21 -34.56 63.54
N ASP C 14 -6.50 -33.95 64.49
CA ASP C 14 -5.75 -32.74 64.22
C ASP C 14 -4.36 -32.72 64.84
N TYR C 15 -3.95 -33.78 65.54
CA TYR C 15 -2.65 -33.84 66.20
C TYR C 15 -1.55 -34.42 65.31
N ASN C 16 -1.72 -34.38 64.00
CA ASN C 16 -0.72 -34.87 63.06
C ASN C 16 -0.25 -33.73 62.18
N LYS C 17 1.01 -33.83 61.74
CA LYS C 17 1.62 -32.81 60.90
C LYS C 17 2.15 -33.36 59.58
N THR C 18 2.04 -34.66 59.34
CA THR C 18 2.53 -35.25 58.10
C THR C 18 1.59 -34.89 56.95
N ILE C 19 2.11 -34.15 55.98
CA ILE C 19 1.32 -33.73 54.81
C ILE C 19 1.28 -34.88 53.80
N PRO C 20 0.10 -35.35 53.42
CA PRO C 20 0.03 -36.43 52.42
C PRO C 20 0.56 -35.97 51.07
N ARG C 21 1.20 -36.90 50.37
CA ARG C 21 1.77 -36.61 49.07
C ARG C 21 0.71 -36.69 47.98
N ILE C 22 0.79 -35.77 47.02
CA ILE C 22 -0.14 -35.71 45.90
C ILE C 22 0.61 -36.14 44.64
N SER C 23 0.09 -37.15 43.95
CA SER C 23 0.71 -37.63 42.73
C SER C 23 0.60 -36.61 41.62
N GLU C 24 1.48 -36.72 40.63
CA GLU C 24 1.51 -35.81 39.49
C GLU C 24 1.76 -36.61 38.22
N ASP C 25 1.09 -36.20 37.15
CA ASP C 25 1.22 -36.82 35.83
C ASP C 25 1.61 -35.76 34.81
N VAL C 26 1.59 -36.13 33.54
CA VAL C 26 1.93 -35.24 32.45
C VAL C 26 0.71 -35.09 31.54
N VAL C 27 0.65 -33.96 30.84
CA VAL C 27 -0.45 -33.64 29.94
C VAL C 27 -0.04 -34.04 28.53
N ASP C 28 -0.82 -34.92 27.91
CA ASP C 28 -0.57 -35.40 26.55
C ASP C 28 -1.84 -35.14 25.74
N VAL C 29 -1.79 -34.12 24.89
CA VAL C 29 -2.93 -33.72 24.08
C VAL C 29 -2.81 -34.22 22.64
N SER C 30 -1.91 -35.19 22.39
CA SER C 30 -1.69 -35.68 21.04
C SER C 30 -2.84 -36.54 20.53
N LEU C 31 -3.75 -36.98 21.40
CA LEU C 31 -4.88 -37.81 21.00
C LEU C 31 -6.21 -37.11 21.15
N GLY C 32 -6.21 -35.81 21.44
CA GLY C 32 -7.44 -35.06 21.60
C GLY C 32 -7.88 -34.83 23.02
N LEU C 33 -7.03 -35.11 24.00
CA LEU C 33 -7.38 -34.89 25.40
C LEU C 33 -7.42 -33.40 25.70
N GLY C 34 -8.49 -32.96 26.37
CA GLY C 34 -8.62 -31.57 26.76
C GLY C 34 -9.30 -30.67 25.75
N THR C 35 -9.91 -31.25 24.71
CA THR C 35 -10.59 -30.48 23.68
C THR C 35 -12.08 -30.77 23.71
N TYR C 36 -12.85 -29.88 23.09
CA TYR C 36 -14.30 -30.04 23.00
C TYR C 36 -14.76 -29.66 21.60
N TYR C 37 -15.97 -30.08 21.26
CA TYR C 37 -16.54 -29.81 19.95
C TYR C 37 -17.11 -28.39 19.90
N VAL C 38 -17.38 -27.94 18.67
CA VAL C 38 -17.99 -26.63 18.45
C VAL C 38 -19.47 -26.73 18.82
N LEU C 39 -20.14 -25.58 18.91
CA LEU C 39 -21.54 -25.56 19.31
C LEU C 39 -22.40 -26.38 18.35
N ASN C 40 -22.45 -25.97 17.08
CA ASN C 40 -23.26 -26.68 16.10
C ASN C 40 -22.55 -26.83 14.75
N ARG C 41 -21.24 -26.65 14.72
CA ARG C 41 -20.47 -26.75 13.49
C ARG C 41 -19.88 -28.15 13.33
N VAL C 42 -19.79 -28.60 12.08
CA VAL C 42 -19.26 -29.92 11.75
C VAL C 42 -18.11 -29.74 10.78
N TYR C 43 -16.99 -30.43 11.04
CA TYR C 43 -15.83 -30.40 10.18
C TYR C 43 -15.45 -31.82 9.80
N LEU C 44 -15.14 -32.04 8.52
CA LEU C 44 -14.85 -33.37 8.00
C LEU C 44 -13.56 -33.34 7.21
N ASN C 45 -12.58 -34.12 7.65
CA ASN C 45 -11.34 -34.37 6.90
C ASN C 45 -10.60 -33.05 6.61
N THR C 46 -10.30 -32.32 7.68
CA THR C 46 -9.60 -31.05 7.56
C THR C 46 -9.00 -30.69 8.90
N THR C 47 -8.13 -29.69 8.90
CA THR C 47 -7.51 -29.16 10.10
C THR C 47 -8.06 -27.77 10.38
N LEU C 48 -8.16 -27.43 11.67
CA LEU C 48 -8.75 -26.17 12.09
C LEU C 48 -7.97 -25.58 13.24
N LEU C 49 -7.70 -24.28 13.16
CA LEU C 49 -7.07 -23.54 14.24
C LEU C 49 -8.17 -22.88 15.08
N PHE C 50 -8.33 -23.35 16.31
CA PHE C 50 -9.38 -22.88 17.20
C PHE C 50 -8.79 -22.34 18.49
N THR C 51 -9.37 -21.26 18.99
CA THR C 51 -8.94 -20.63 20.23
C THR C 51 -10.04 -20.80 21.27
N GLY C 52 -9.70 -21.42 22.40
CA GLY C 52 -10.66 -21.63 23.45
C GLY C 52 -9.98 -21.94 24.76
N TYR C 53 -10.80 -22.30 25.75
CA TYR C 53 -10.31 -22.64 27.09
C TYR C 53 -9.77 -24.06 27.05
N PHE C 54 -8.47 -24.17 26.84
CA PHE C 54 -7.78 -25.45 26.73
C PHE C 54 -6.67 -25.54 27.78
N PRO C 55 -6.37 -26.74 28.28
CA PRO C 55 -5.26 -26.89 29.22
C PRO C 55 -3.92 -26.70 28.53
N LYS C 56 -2.90 -26.45 29.35
CA LYS C 56 -1.55 -26.24 28.86
C LYS C 56 -0.81 -27.56 28.76
N SER C 57 -0.23 -27.81 27.58
CA SER C 57 0.54 -29.03 27.38
C SER C 57 1.85 -28.98 28.16
N GLY C 58 2.26 -30.15 28.66
CA GLY C 58 3.46 -30.23 29.47
C GLY C 58 3.26 -29.85 30.92
N ALA C 59 2.03 -29.63 31.36
CA ALA C 59 1.75 -29.27 32.74
C ALA C 59 1.71 -30.54 33.59
N ASN C 60 1.27 -30.41 34.85
CA ASN C 60 1.22 -31.53 35.77
C ASN C 60 -0.17 -31.63 36.37
N PHE C 61 -0.75 -32.84 36.33
CA PHE C 61 -2.03 -33.08 36.96
C PHE C 61 -1.87 -33.11 38.48
N ARG C 62 -3.01 -33.10 39.17
CA ARG C 62 -3.04 -33.16 40.63
C ARG C 62 -4.17 -34.09 41.04
N ASP C 63 -3.83 -35.16 41.76
CA ASP C 63 -4.82 -36.14 42.21
C ASP C 63 -5.31 -35.72 43.59
N LEU C 64 -6.49 -35.10 43.63
CA LEU C 64 -7.09 -34.64 44.88
C LEU C 64 -8.06 -35.66 45.48
N ALA C 65 -8.04 -36.90 45.02
CA ALA C 65 -8.92 -37.92 45.54
C ALA C 65 -8.40 -38.42 46.87
N LEU C 66 -9.18 -38.21 47.93
CA LEU C 66 -8.81 -38.62 49.28
C LEU C 66 -9.84 -39.62 49.80
N LYS C 67 -9.35 -40.71 50.38
CA LYS C 67 -10.21 -41.77 50.90
C LYS C 67 -9.97 -41.90 52.40
N GLY C 68 -11.05 -42.12 53.14
CA GLY C 68 -10.96 -42.30 54.58
C GLY C 68 -11.84 -43.44 55.04
N SER C 69 -11.49 -43.99 56.21
CA SER C 69 -12.20 -45.13 56.78
C SER C 69 -12.92 -44.76 58.06
N ILE C 70 -12.21 -44.23 59.05
CA ILE C 70 -12.81 -43.92 60.35
C ILE C 70 -12.59 -42.45 60.67
N TYR C 71 -11.34 -42.04 60.76
CA TYR C 71 -10.99 -40.68 61.16
C TYR C 71 -10.89 -39.76 59.95
N LEU C 72 -11.12 -38.48 60.18
CA LEU C 72 -11.04 -37.44 59.15
C LEU C 72 -10.03 -36.40 59.62
N SER C 73 -8.88 -36.33 58.95
CA SER C 73 -7.85 -35.38 59.32
C SER C 73 -8.27 -33.96 58.96
N THR C 74 -7.72 -33.00 59.68
CA THR C 74 -8.01 -31.58 59.45
C THR C 74 -7.13 -30.97 58.37
N LEU C 75 -6.07 -31.65 57.94
CA LEU C 75 -5.22 -31.16 56.88
C LEU C 75 -5.82 -31.36 55.49
N TRP C 76 -6.87 -32.16 55.38
CA TRP C 76 -7.53 -32.40 54.09
C TRP C 76 -8.40 -31.24 53.65
N TYR C 77 -8.70 -30.29 54.53
CA TYR C 77 -9.54 -29.14 54.22
C TYR C 77 -8.75 -27.84 54.23
N LYS C 78 -7.47 -27.91 53.85
CA LYS C 78 -6.59 -26.76 53.80
C LYS C 78 -5.75 -26.86 52.53
N PRO C 79 -5.15 -25.76 52.10
CA PRO C 79 -4.24 -25.84 50.94
C PRO C 79 -3.11 -26.81 51.22
N PRO C 80 -2.56 -27.43 50.17
CA PRO C 80 -2.89 -27.21 48.76
C PRO C 80 -4.11 -28.00 48.28
N PHE C 81 -4.82 -28.67 49.19
CA PHE C 81 -6.01 -29.41 48.79
C PHE C 81 -7.14 -28.48 48.38
N LEU C 82 -7.17 -27.27 48.92
CA LEU C 82 -8.16 -26.25 48.55
C LEU C 82 -7.50 -25.31 47.56
N SER C 83 -7.61 -25.63 46.27
CA SER C 83 -6.95 -24.85 45.23
C SER C 83 -7.80 -23.64 44.84
N ASP C 84 -7.27 -22.83 43.94
CA ASP C 84 -7.93 -21.61 43.49
C ASP C 84 -8.54 -21.84 42.11
N PHE C 85 -9.71 -21.24 41.89
CA PHE C 85 -10.44 -21.34 40.63
C PHE C 85 -10.39 -19.97 39.96
N ASN C 86 -9.34 -19.73 39.18
CA ASN C 86 -9.16 -18.43 38.54
C ASN C 86 -9.99 -18.31 37.27
N ASN C 87 -9.71 -19.16 36.29
CA ASN C 87 -10.45 -19.18 35.03
C ASN C 87 -11.21 -20.47 34.81
N GLY C 88 -10.59 -21.62 35.09
CA GLY C 88 -11.26 -22.89 34.91
C GLY C 88 -10.31 -24.03 35.19
N ILE C 89 -10.88 -25.23 35.24
CA ILE C 89 -10.14 -26.45 35.51
C ILE C 89 -10.60 -27.54 34.56
N PHE C 90 -9.72 -28.53 34.36
CA PHE C 90 -10.01 -29.70 33.55
C PHE C 90 -9.86 -30.94 34.42
N SER C 91 -10.87 -31.80 34.41
CA SER C 91 -10.91 -32.97 35.28
C SER C 91 -10.90 -34.24 34.45
N LYS C 92 -10.22 -35.27 34.99
CA LYS C 92 -10.17 -36.61 34.38
C LYS C 92 -10.56 -37.60 35.47
N VAL C 93 -11.86 -37.89 35.57
CA VAL C 93 -12.38 -38.72 36.65
C VAL C 93 -12.24 -40.18 36.28
N LYS C 94 -11.96 -41.01 37.28
CA LYS C 94 -11.88 -42.45 37.11
C LYS C 94 -13.18 -43.09 37.61
N ASN C 95 -13.77 -43.95 36.80
CA ASN C 95 -15.04 -44.60 37.14
C ASN C 95 -14.72 -45.85 37.93
N THR C 96 -14.86 -45.76 39.25
CA THR C 96 -14.62 -46.90 40.14
C THR C 96 -15.79 -47.87 40.07
N LYS C 97 -15.54 -49.08 39.60
CA LYS C 97 -16.57 -50.11 39.45
C LYS C 97 -16.47 -51.08 40.62
N LEU C 98 -17.54 -51.14 41.41
CA LEU C 98 -17.63 -52.04 42.55
C LEU C 98 -18.73 -53.07 42.29
N TYR C 99 -18.41 -54.34 42.51
CA TYR C 99 -19.33 -55.45 42.26
C TYR C 99 -19.77 -56.05 43.59
N VAL C 100 -21.08 -56.03 43.83
CA VAL C 100 -21.66 -56.64 45.03
C VAL C 100 -22.92 -57.39 44.61
N ASN C 101 -23.01 -58.67 44.97
CA ASN C 101 -24.13 -59.53 44.61
C ASN C 101 -24.32 -59.58 43.10
N ASN C 102 -23.21 -59.61 42.37
CA ASN C 102 -23.20 -59.65 40.90
C ASN C 102 -23.98 -58.48 40.31
N THR C 103 -23.68 -57.28 40.81
CA THR C 103 -24.33 -56.06 40.33
C THR C 103 -23.29 -54.96 40.24
N LEU C 104 -23.33 -54.20 39.14
CA LEU C 104 -22.37 -53.13 38.89
C LEU C 104 -22.83 -51.85 39.57
N TYR C 105 -21.87 -51.15 40.18
CA TYR C 105 -22.12 -49.87 40.84
C TYR C 105 -21.00 -48.91 40.49
N SER C 106 -21.37 -47.73 40.01
CA SER C 106 -20.42 -46.70 39.62
C SER C 106 -20.45 -45.57 40.65
N GLU C 107 -19.31 -45.27 41.25
CA GLU C 107 -19.21 -44.23 42.25
C GLU C 107 -17.86 -43.52 42.12
N PHE C 108 -17.88 -42.19 42.30
CA PHE C 108 -16.65 -41.41 42.32
C PHE C 108 -16.88 -40.19 43.21
N SER C 109 -15.82 -39.41 43.41
CA SER C 109 -15.84 -38.31 44.36
C SER C 109 -16.75 -37.19 43.87
N THR C 110 -17.00 -36.23 44.76
CA THR C 110 -17.86 -35.08 44.50
C THR C 110 -17.04 -33.81 44.58
N ILE C 111 -17.23 -32.92 43.61
CA ILE C 111 -16.50 -31.66 43.53
C ILE C 111 -17.47 -30.52 43.79
N VAL C 112 -17.01 -29.53 44.56
CA VAL C 112 -17.80 -28.34 44.89
C VAL C 112 -17.03 -27.11 44.45
N ILE C 113 -17.76 -26.10 43.99
CA ILE C 113 -17.19 -24.84 43.52
C ILE C 113 -17.95 -23.70 44.18
N GLY C 114 -17.22 -22.73 44.72
CA GLY C 114 -17.83 -21.60 45.36
C GLY C 114 -16.85 -20.47 45.56
N SER C 115 -17.26 -19.50 46.38
CA SER C 115 -16.45 -18.33 46.69
C SER C 115 -16.02 -18.27 48.15
N VAL C 116 -16.97 -18.31 49.08
CA VAL C 116 -16.68 -18.24 50.50
C VAL C 116 -17.39 -19.36 51.24
N PHE C 117 -18.34 -20.01 50.56
CA PHE C 117 -19.07 -21.15 51.11
C PHE C 117 -19.81 -20.78 52.39
N VAL C 118 -20.75 -19.83 52.25
CA VAL C 118 -21.58 -19.38 53.35
C VAL C 118 -23.04 -19.39 52.89
N ASN C 119 -23.94 -18.94 53.77
CA ASN C 119 -25.35 -18.86 53.42
C ASN C 119 -25.63 -17.79 52.38
N THR C 120 -24.71 -16.85 52.17
CA THR C 120 -24.94 -15.71 51.31
C THR C 120 -24.52 -15.96 49.87
N SER C 121 -23.55 -16.83 49.64
CA SER C 121 -23.04 -17.12 48.31
C SER C 121 -23.57 -18.46 47.80
N TYR C 122 -23.53 -18.63 46.49
CA TYR C 122 -23.98 -19.85 45.85
C TYR C 122 -22.81 -20.84 45.70
N THR C 123 -23.14 -22.12 45.74
CA THR C 123 -22.15 -23.18 45.63
C THR C 123 -22.64 -24.22 44.63
N ILE C 124 -21.79 -24.56 43.67
CA ILE C 124 -22.12 -25.55 42.65
C ILE C 124 -21.60 -26.91 43.10
N VAL C 125 -22.48 -27.91 43.13
CA VAL C 125 -22.16 -29.25 43.57
C VAL C 125 -22.51 -30.23 42.47
N VAL C 126 -21.56 -31.11 42.13
CA VAL C 126 -21.76 -32.15 41.12
C VAL C 126 -21.57 -33.49 41.82
N GLN C 127 -22.68 -34.15 42.16
CA GLN C 127 -22.65 -35.40 42.89
C GLN C 127 -23.37 -36.48 42.10
N PRO C 128 -22.73 -37.63 41.85
CA PRO C 128 -23.40 -38.72 41.14
C PRO C 128 -24.19 -39.62 42.08
N HIS C 129 -25.30 -40.14 41.55
CA HIS C 129 -26.16 -41.07 42.29
C HIS C 129 -26.43 -42.28 41.39
N ASN C 130 -25.52 -43.25 41.41
CA ASN C 130 -25.64 -44.51 40.69
C ASN C 130 -26.03 -44.28 39.22
N GLY C 131 -25.16 -43.56 38.52
CA GLY C 131 -25.38 -43.28 37.12
C GLY C 131 -26.20 -42.06 36.81
N ILE C 132 -26.50 -41.22 37.80
CA ILE C 132 -27.27 -40.00 37.61
C ILE C 132 -26.52 -38.85 38.26
N LEU C 133 -26.20 -37.83 37.47
CA LEU C 133 -25.50 -36.66 37.98
C LEU C 133 -26.50 -35.63 38.48
N GLU C 134 -26.29 -35.14 39.70
CA GLU C 134 -27.14 -34.13 40.32
C GLU C 134 -26.32 -32.85 40.46
N ILE C 135 -26.58 -31.89 39.57
CA ILE C 135 -25.86 -30.62 39.56
C ILE C 135 -26.83 -29.55 40.06
N THR C 136 -26.54 -28.98 41.23
CA THR C 136 -27.38 -27.97 41.84
C THR C 136 -26.52 -26.75 42.21
N ALA C 137 -27.15 -25.58 42.21
CA ALA C 137 -26.51 -24.32 42.57
C ALA C 137 -27.46 -23.57 43.51
N CYS C 138 -27.29 -23.79 44.81
CA CYS C 138 -28.12 -23.18 45.84
C CYS C 138 -27.23 -22.48 46.85
N GLN C 139 -27.87 -21.83 47.82
CA GLN C 139 -27.15 -21.18 48.92
C GLN C 139 -27.12 -22.13 50.12
N TYR C 140 -26.36 -23.21 49.96
CA TYR C 140 -26.24 -24.20 51.00
C TYR C 140 -25.42 -23.66 52.18
N THR C 141 -25.60 -24.28 53.34
CA THR C 141 -24.82 -23.97 54.53
C THR C 141 -23.71 -25.01 54.61
N MET C 142 -22.56 -24.69 54.01
CA MET C 142 -21.46 -25.63 53.97
C MET C 142 -20.91 -25.90 55.36
N CYS C 143 -20.62 -27.17 55.63
CA CYS C 143 -20.02 -27.55 56.89
C CYS C 143 -18.50 -27.40 56.84
N GLU C 144 -17.89 -27.33 58.01
CA GLU C 144 -16.44 -27.15 58.08
C GLU C 144 -15.70 -28.40 57.64
N TYR C 145 -16.28 -29.58 57.83
CA TYR C 145 -15.66 -30.86 57.49
C TYR C 145 -16.61 -31.65 56.61
N PRO C 146 -16.70 -31.31 55.32
CA PRO C 146 -17.60 -32.05 54.42
C PRO C 146 -16.98 -33.33 53.91
N HIS C 147 -17.84 -34.31 53.66
CA HIS C 147 -17.41 -35.59 53.11
C HIS C 147 -18.63 -36.31 52.54
N THR C 148 -18.36 -37.28 51.67
CA THR C 148 -19.40 -38.09 51.06
C THR C 148 -19.44 -39.47 51.70
N VAL C 149 -20.41 -40.27 51.29
CA VAL C 149 -20.62 -41.60 51.86
C VAL C 149 -20.71 -42.62 50.73
N CYS C 150 -20.34 -43.86 51.04
CA CYS C 150 -20.41 -44.95 50.07
C CYS C 150 -21.82 -45.52 50.07
N LYS C 151 -22.55 -45.33 48.97
CA LYS C 151 -23.90 -45.86 48.87
C LYS C 151 -23.91 -47.38 48.89
N SER C 152 -22.94 -48.00 48.24
CA SER C 152 -22.82 -49.44 48.24
C SER C 152 -21.87 -49.90 49.34
N LYS C 153 -22.12 -51.11 49.84
CA LYS C 153 -21.35 -51.78 50.89
C LYS C 153 -21.43 -51.06 52.24
N GLY C 154 -22.20 -50.00 52.36
CA GLY C 154 -22.36 -49.31 53.62
C GLY C 154 -21.10 -48.55 54.04
N SER C 155 -21.19 -47.90 55.19
CA SER C 155 -20.10 -47.13 55.76
C SER C 155 -20.40 -46.89 57.23
N ILE C 156 -19.56 -46.08 57.88
CA ILE C 156 -19.76 -45.73 59.28
C ILE C 156 -20.47 -44.39 59.43
N ARG C 157 -20.02 -43.37 58.71
CA ARG C 157 -20.70 -42.09 58.70
C ARG C 157 -21.96 -42.18 57.83
N ASN C 158 -22.91 -41.28 58.10
CA ASN C 158 -24.13 -41.26 57.31
C ASN C 158 -24.04 -40.29 56.14
N GLU C 159 -23.89 -39.00 56.43
CA GLU C 159 -23.68 -37.96 55.44
C GLU C 159 -23.42 -36.65 56.16
N SER C 160 -22.47 -35.86 55.65
CA SER C 160 -22.23 -34.53 56.21
C SER C 160 -21.60 -33.67 55.11
N TRP C 161 -22.43 -32.89 54.42
CA TRP C 161 -21.92 -31.87 53.51
C TRP C 161 -22.70 -30.57 53.56
N HIS C 162 -23.79 -30.49 54.33
CA HIS C 162 -24.60 -29.29 54.47
C HIS C 162 -25.64 -29.54 55.54
N ILE C 163 -26.20 -28.45 56.06
CA ILE C 163 -27.26 -28.53 57.07
C ILE C 163 -28.25 -27.40 56.85
N ASP C 164 -29.51 -27.74 56.61
CA ASP C 164 -30.55 -26.74 56.39
C ASP C 164 -31.91 -27.39 56.55
N SER C 165 -32.75 -26.81 57.40
CA SER C 165 -34.09 -27.35 57.61
C SER C 165 -35.01 -26.99 56.44
N SER C 166 -34.98 -25.75 56.00
CA SER C 166 -35.80 -25.27 54.89
C SER C 166 -34.99 -25.28 53.60
N GLU C 167 -35.72 -25.32 52.48
CA GLU C 167 -35.08 -25.33 51.16
C GLU C 167 -34.49 -23.96 50.87
N PRO C 168 -33.18 -23.85 50.67
CA PRO C 168 -32.58 -22.54 50.38
C PRO C 168 -32.87 -22.10 48.95
N LEU C 169 -32.50 -20.85 48.67
CA LEU C 169 -32.69 -20.30 47.34
C LEU C 169 -31.73 -20.94 46.35
N CYS C 170 -32.25 -21.30 45.18
CA CYS C 170 -31.47 -21.97 44.16
C CYS C 170 -31.58 -21.22 42.83
N LEU C 171 -30.67 -21.55 41.92
CA LEU C 171 -30.70 -21.00 40.57
C LEU C 171 -30.66 -22.05 39.48
N PHE C 172 -30.21 -23.27 39.76
CA PHE C 172 -30.15 -24.33 38.77
C PHE C 172 -30.26 -25.67 39.48
N LYS C 173 -31.11 -26.55 38.95
CA LYS C 173 -31.31 -27.87 39.55
C LYS C 173 -31.78 -28.81 38.44
N LYS C 174 -30.88 -29.63 37.93
CA LYS C 174 -31.19 -30.57 36.87
C LYS C 174 -30.46 -31.88 37.13
N ASN C 175 -30.94 -32.94 36.49
CA ASN C 175 -30.35 -34.27 36.58
C ASN C 175 -29.94 -34.76 35.20
N PHE C 176 -28.76 -35.37 35.12
CA PHE C 176 -28.25 -35.92 33.87
C PHE C 176 -27.81 -37.35 34.09
N THR C 177 -27.82 -38.13 33.02
CA THR C 177 -27.44 -39.53 33.05
C THR C 177 -26.19 -39.74 32.21
N TYR C 178 -25.32 -40.64 32.68
CA TYR C 178 -24.08 -40.96 31.99
C TYR C 178 -23.93 -42.47 31.86
N ASN C 179 -23.00 -42.89 31.00
CA ASN C 179 -22.76 -44.31 30.77
C ASN C 179 -22.15 -44.93 32.03
N VAL C 180 -22.88 -45.87 32.63
CA VAL C 180 -22.43 -46.47 33.89
C VAL C 180 -21.22 -47.37 33.67
N SER C 181 -21.11 -47.97 32.48
CA SER C 181 -20.02 -48.88 32.18
C SER C 181 -18.81 -48.18 31.56
N ALA C 182 -18.72 -46.86 31.70
CA ALA C 182 -17.60 -46.11 31.16
C ALA C 182 -16.37 -46.32 32.04
N ASP C 183 -15.20 -46.02 31.46
CA ASP C 183 -13.93 -46.15 32.16
C ASP C 183 -13.41 -44.82 32.70
N TRP C 184 -13.56 -43.73 31.95
CA TRP C 184 -13.10 -42.42 32.37
C TRP C 184 -14.14 -41.37 32.02
N LEU C 185 -14.20 -40.32 32.83
CA LEU C 185 -15.14 -39.22 32.64
C LEU C 185 -14.37 -37.91 32.65
N TYR C 186 -14.59 -37.08 31.64
CA TYR C 186 -13.91 -35.81 31.49
C TYR C 186 -14.89 -34.66 31.64
N PHE C 187 -14.37 -33.51 32.10
CA PHE C 187 -15.20 -32.34 32.35
C PHE C 187 -14.42 -31.08 32.03
N HIS C 188 -15.14 -30.03 31.65
CA HIS C 188 -14.58 -28.70 31.41
C HIS C 188 -15.43 -27.69 32.14
N PHE C 189 -14.91 -27.12 33.22
CA PHE C 189 -15.59 -26.08 33.97
C PHE C 189 -14.80 -24.79 33.85
N TYR C 190 -15.49 -23.69 33.52
CA TYR C 190 -14.86 -22.39 33.44
C TYR C 190 -15.94 -21.32 33.51
N GLN C 191 -15.50 -20.06 33.59
CA GLN C 191 -16.40 -18.92 33.69
C GLN C 191 -15.91 -17.81 32.78
N GLU C 192 -16.85 -17.01 32.30
CA GLU C 192 -16.52 -15.89 31.42
C GLU C 192 -17.68 -14.89 31.46
N ARG C 193 -17.37 -13.64 31.82
CA ARG C 193 -18.35 -12.56 31.89
C ARG C 193 -19.51 -12.92 32.82
N GLY C 194 -19.19 -13.60 33.93
CA GLY C 194 -20.20 -13.96 34.90
C GLY C 194 -21.10 -15.10 34.50
N VAL C 195 -20.73 -15.88 33.48
CA VAL C 195 -21.51 -17.01 33.02
C VAL C 195 -20.70 -18.29 33.23
N PHE C 196 -21.29 -19.28 33.87
CA PHE C 196 -20.63 -20.54 34.15
C PHE C 196 -20.93 -21.54 33.04
N TYR C 197 -19.89 -22.20 32.54
CA TYR C 197 -20.02 -23.18 31.47
C TYR C 197 -19.50 -24.53 31.96
N ALA C 198 -20.15 -25.61 31.52
CA ALA C 198 -19.77 -26.96 31.92
C ALA C 198 -19.86 -27.89 30.74
N TYR C 199 -18.90 -28.81 30.65
CA TYR C 199 -18.86 -29.81 29.60
C TYR C 199 -18.76 -31.20 30.23
N TYR C 200 -19.18 -32.21 29.46
CA TYR C 200 -19.22 -33.58 29.96
C TYR C 200 -19.03 -34.54 28.80
N ALA C 201 -18.37 -35.67 29.09
CA ALA C 201 -18.16 -36.72 28.10
C ALA C 201 -17.98 -38.05 28.82
N ASP C 202 -18.77 -39.04 28.40
CA ASP C 202 -18.67 -40.39 28.94
C ASP C 202 -17.88 -41.33 28.03
N VAL C 203 -18.12 -41.26 26.73
CA VAL C 203 -17.38 -42.06 25.75
C VAL C 203 -16.52 -41.11 24.92
N GLY C 204 -15.23 -41.41 24.83
CA GLY C 204 -14.30 -40.58 24.11
C GLY C 204 -13.72 -39.46 24.96
N MET C 205 -12.55 -38.98 24.53
CA MET C 205 -11.84 -37.93 25.24
C MET C 205 -12.43 -36.54 25.00
N PRO C 206 -12.76 -36.15 23.75
CA PRO C 206 -13.39 -34.85 23.55
C PRO C 206 -14.74 -34.76 24.26
N THR C 207 -15.07 -33.56 24.72
CA THR C 207 -16.27 -33.31 25.51
C THR C 207 -17.29 -32.53 24.70
N THR C 208 -18.52 -32.51 25.21
CA THR C 208 -19.64 -31.83 24.57
C THR C 208 -20.30 -30.89 25.57
N PHE C 209 -20.96 -29.87 25.04
CA PHE C 209 -21.64 -28.89 25.88
C PHE C 209 -22.73 -29.56 26.70
N LEU C 210 -22.83 -29.17 27.97
CA LEU C 210 -23.81 -29.74 28.89
C LEU C 210 -24.87 -28.72 29.32
N PHE C 211 -24.45 -27.59 29.88
CA PHE C 211 -25.39 -26.55 30.29
C PHE C 211 -24.60 -25.27 30.57
N SER C 212 -25.34 -24.17 30.70
CA SER C 212 -24.78 -22.87 31.04
C SER C 212 -25.62 -22.24 32.14
N LEU C 213 -24.95 -21.50 33.02
CA LEU C 213 -25.61 -20.87 34.17
C LEU C 213 -25.06 -19.48 34.39
N TYR C 214 -25.96 -18.53 34.62
CA TYR C 214 -25.61 -17.14 34.91
C TYR C 214 -25.61 -16.91 36.41
N LEU C 215 -24.49 -16.43 36.94
CA LEU C 215 -24.34 -16.16 38.36
C LEU C 215 -24.26 -14.68 38.70
N GLY C 216 -23.48 -13.92 37.96
CA GLY C 216 -23.29 -12.51 38.24
C GLY C 216 -22.11 -12.18 39.13
N THR C 217 -21.49 -13.19 39.74
CA THR C 217 -20.33 -13.00 40.60
C THR C 217 -19.13 -13.74 40.00
N ILE C 218 -18.03 -13.77 40.75
CA ILE C 218 -16.79 -14.42 40.31
C ILE C 218 -16.49 -15.56 41.28
N LEU C 219 -16.33 -16.76 40.74
CA LEU C 219 -15.95 -17.90 41.56
C LEU C 219 -14.48 -17.82 41.95
N SER C 220 -14.17 -18.28 43.15
CA SER C 220 -12.83 -18.12 43.71
C SER C 220 -12.11 -19.45 43.93
N HIS C 221 -12.73 -20.39 44.63
CA HIS C 221 -12.07 -21.64 45.01
C HIS C 221 -12.92 -22.84 44.62
N TYR C 222 -12.27 -23.99 44.51
CA TYR C 222 -12.94 -25.26 44.30
C TYR C 222 -12.30 -26.29 45.23
N TYR C 223 -13.02 -27.39 45.45
CA TYR C 223 -12.56 -28.42 46.37
C TYR C 223 -13.17 -29.75 45.98
N VAL C 224 -12.39 -30.82 46.13
CA VAL C 224 -12.84 -32.18 45.88
C VAL C 224 -13.10 -32.85 47.22
N MET C 225 -14.36 -33.22 47.45
CA MET C 225 -14.75 -33.77 48.74
C MET C 225 -14.23 -35.21 48.88
N PRO C 226 -13.80 -35.60 50.08
CA PRO C 226 -13.36 -36.99 50.29
C PRO C 226 -14.50 -37.99 50.19
N LEU C 227 -14.18 -39.28 50.31
CA LEU C 227 -15.18 -40.34 50.22
C LEU C 227 -14.87 -41.37 51.28
N THR C 228 -15.82 -41.59 52.20
CA THR C 228 -15.67 -42.58 53.25
C THR C 228 -16.30 -43.90 52.78
N CYS C 229 -15.50 -44.96 52.76
CA CYS C 229 -15.96 -46.26 52.30
C CYS C 229 -15.26 -47.34 53.10
N ASN C 230 -15.90 -48.51 53.16
CA ASN C 230 -15.35 -49.67 53.87
C ASN C 230 -15.00 -50.81 52.92
N ALA C 231 -15.02 -50.57 51.61
CA ALA C 231 -14.71 -51.59 50.62
C ALA C 231 -13.67 -51.18 49.59
N ILE C 232 -13.41 -49.88 49.41
CA ILE C 232 -12.43 -49.41 48.43
C ILE C 232 -11.08 -49.39 49.14
N SER C 233 -10.40 -50.54 49.13
CA SER C 233 -9.09 -50.66 49.78
C SER C 233 -8.34 -51.81 49.15
N SER C 234 -7.03 -51.83 49.38
CA SER C 234 -6.19 -52.88 48.84
C SER C 234 -6.45 -54.23 49.48
N ASN C 235 -6.97 -54.25 50.71
CA ASN C 235 -7.22 -55.50 51.42
C ASN C 235 -8.59 -56.09 51.11
N THR C 236 -9.48 -55.34 50.47
CA THR C 236 -10.83 -55.81 50.18
C THR C 236 -11.07 -55.98 48.68
N ASP C 237 -10.85 -54.93 47.88
CA ASP C 237 -11.11 -54.98 46.45
C ASP C 237 -9.95 -54.50 45.60
N ASN C 238 -8.87 -54.00 46.20
CA ASN C 238 -7.71 -53.48 45.48
C ASN C 238 -8.09 -52.36 44.50
N GLU C 239 -9.09 -51.57 44.85
CA GLU C 239 -9.55 -50.46 44.03
C GLU C 239 -9.10 -49.14 44.65
N THR C 240 -8.91 -48.14 43.80
CA THR C 240 -8.47 -46.82 44.22
C THR C 240 -9.34 -45.75 43.59
N LEU C 241 -9.34 -44.57 44.19
CA LEU C 241 -10.07 -43.42 43.70
C LEU C 241 -9.09 -42.44 43.08
N GLU C 242 -9.39 -41.97 41.87
CA GLU C 242 -8.54 -41.03 41.15
C GLU C 242 -9.38 -39.85 40.67
N TYR C 243 -8.83 -38.64 40.84
CA TYR C 243 -9.50 -37.43 40.40
C TYR C 243 -8.41 -36.41 40.09
N TRP C 244 -8.07 -36.27 38.80
CA TRP C 244 -7.00 -35.40 38.37
C TRP C 244 -7.57 -34.05 37.92
N VAL C 245 -6.95 -32.96 38.39
CA VAL C 245 -7.40 -31.61 38.09
C VAL C 245 -6.21 -30.81 37.57
N THR C 246 -6.43 -30.06 36.49
CA THR C 246 -5.42 -29.19 35.91
C THR C 246 -6.07 -27.90 35.44
N PRO C 247 -5.41 -26.76 35.60
CA PRO C 247 -5.99 -25.49 35.15
C PRO C 247 -5.93 -25.35 33.64
N LEU C 248 -6.76 -24.45 33.12
CA LEU C 248 -6.84 -24.18 31.70
C LEU C 248 -7.01 -22.69 31.46
N SER C 249 -6.56 -22.23 30.30
CA SER C 249 -6.66 -20.83 29.91
C SER C 249 -6.98 -20.76 28.42
N ARG C 250 -7.05 -19.53 27.90
CA ARG C 250 -7.35 -19.32 26.49
C ARG C 250 -6.09 -19.56 25.67
N ARG C 251 -6.04 -20.70 24.98
CA ARG C 251 -4.90 -21.07 24.16
C ARG C 251 -5.38 -21.42 22.75
N GLN C 252 -4.43 -21.56 21.84
CA GLN C 252 -4.71 -21.89 20.45
C GLN C 252 -4.21 -23.28 20.15
N TYR C 253 -5.09 -24.13 19.62
CA TYR C 253 -4.77 -25.51 19.28
C TYR C 253 -4.85 -25.72 17.77
N LEU C 254 -4.51 -26.93 17.34
CA LEU C 254 -4.63 -27.37 15.95
C LEU C 254 -5.36 -28.70 15.96
N LEU C 255 -6.66 -28.68 15.67
CA LEU C 255 -7.48 -29.87 15.75
C LEU C 255 -7.46 -30.63 14.42
N ASN C 256 -7.73 -31.93 14.51
CA ASN C 256 -7.77 -32.81 13.35
C ASN C 256 -9.10 -33.55 13.34
N PHE C 257 -9.82 -33.46 12.22
CA PHE C 257 -11.10 -34.12 12.06
C PHE C 257 -10.99 -35.22 11.01
N ASP C 258 -11.60 -36.37 11.31
CA ASP C 258 -11.58 -37.51 10.41
C ASP C 258 -12.79 -37.43 9.47
N GLU C 259 -13.05 -38.52 8.74
CA GLU C 259 -14.19 -38.55 7.82
C GLU C 259 -15.52 -38.65 8.55
N HIS C 260 -15.53 -38.92 9.85
CA HIS C 260 -16.75 -38.97 10.64
C HIS C 260 -16.93 -37.73 11.52
N GLY C 261 -15.97 -36.82 11.53
CA GLY C 261 -16.06 -35.62 12.35
C GLY C 261 -15.59 -35.78 13.77
N VAL C 262 -14.82 -36.82 14.07
CA VAL C 262 -14.32 -37.08 15.42
C VAL C 262 -12.92 -36.49 15.54
N ILE C 263 -12.67 -35.76 16.62
CA ILE C 263 -11.35 -35.20 16.85
C ILE C 263 -10.38 -36.31 17.22
N THR C 264 -9.26 -36.37 16.50
CA THR C 264 -8.27 -37.43 16.70
C THR C 264 -6.95 -36.93 17.27
N ASN C 265 -6.55 -35.70 16.97
CA ASN C 265 -5.27 -35.17 17.45
C ASN C 265 -5.43 -33.69 17.78
N ALA C 266 -4.50 -33.20 18.60
CA ALA C 266 -4.47 -31.80 18.99
C ALA C 266 -3.03 -31.40 19.27
N VAL C 267 -2.71 -30.14 19.04
CA VAL C 267 -1.36 -29.62 19.19
C VAL C 267 -1.43 -28.26 19.87
N ASP C 268 -0.70 -28.11 20.98
CA ASP C 268 -0.60 -26.85 21.69
C ASP C 268 0.54 -26.04 21.07
N CYS C 269 0.18 -24.96 20.36
CA CYS C 269 1.16 -24.21 19.59
C CYS C 269 2.19 -23.48 20.47
N SER C 270 1.98 -23.40 21.77
CA SER C 270 2.90 -22.75 22.68
C SER C 270 3.50 -23.73 23.68
N SER C 271 3.77 -24.95 23.23
CA SER C 271 4.32 -26.00 24.07
C SER C 271 5.73 -26.41 23.67
N SER C 272 6.04 -26.42 22.38
CA SER C 272 7.35 -26.83 21.91
C SER C 272 7.60 -26.22 20.54
N PHE C 273 8.83 -26.41 20.05
CA PHE C 273 9.18 -25.88 18.73
C PHE C 273 8.55 -26.70 17.62
N LEU C 274 8.51 -28.02 17.78
CA LEU C 274 7.81 -28.88 16.83
C LEU C 274 6.34 -28.50 16.73
N SER C 275 5.73 -28.17 17.89
CA SER C 275 4.33 -27.74 17.88
C SER C 275 4.18 -26.42 17.13
N GLU C 276 5.12 -25.50 17.29
CA GLU C 276 5.06 -24.25 16.55
C GLU C 276 5.19 -24.48 15.06
N ILE C 277 6.08 -25.38 14.66
CA ILE C 277 6.23 -25.70 13.23
C ILE C 277 4.93 -26.31 12.69
N GLN C 278 4.34 -27.24 13.44
CA GLN C 278 3.10 -27.87 12.99
C GLN C 278 1.96 -26.88 12.92
N CYS C 279 1.94 -25.87 13.81
CA CYS C 279 0.87 -24.88 13.75
C CYS C 279 1.08 -23.87 12.63
N LYS C 280 2.33 -23.50 12.35
CA LYS C 280 2.59 -22.58 11.26
C LYS C 280 2.48 -23.23 9.90
N THR C 281 2.63 -24.55 9.81
CA THR C 281 2.44 -25.27 8.57
C THR C 281 1.06 -25.90 8.44
N GLN C 282 0.27 -25.92 9.52
CA GLN C 282 -1.08 -26.49 9.52
C GLN C 282 -1.07 -27.95 9.07
N SER C 283 -0.08 -28.71 9.54
CA SER C 283 0.03 -30.11 9.19
C SER C 283 0.73 -30.84 10.33
N PHE C 284 0.26 -32.05 10.64
CA PHE C 284 0.85 -32.85 11.69
C PHE C 284 2.12 -33.58 11.25
N ALA C 285 2.40 -33.63 9.95
CA ALA C 285 3.62 -34.23 9.42
C ALA C 285 4.20 -33.31 8.37
N PRO C 286 4.84 -32.22 8.78
CA PRO C 286 5.39 -31.27 7.81
C PRO C 286 6.60 -31.85 7.08
N ASN C 287 7.00 -31.16 6.02
CA ASN C 287 8.11 -31.60 5.19
C ASN C 287 9.44 -31.34 5.91
N THR C 288 10.52 -31.77 5.27
CA THR C 288 11.86 -31.61 5.82
C THR C 288 12.44 -30.30 5.33
N GLY C 289 12.87 -29.45 6.26
CA GLY C 289 13.45 -28.18 5.90
C GLY C 289 13.89 -27.42 7.13
N VAL C 290 14.43 -26.23 6.90
CA VAL C 290 14.89 -25.35 7.96
C VAL C 290 13.85 -24.25 8.16
N TYR C 291 13.25 -24.21 9.34
CA TYR C 291 12.20 -23.26 9.66
C TYR C 291 12.72 -22.21 10.64
N ASP C 292 12.33 -20.96 10.41
CA ASP C 292 12.67 -19.86 11.31
C ASP C 292 11.51 -19.62 12.25
N LEU C 293 11.74 -19.81 13.54
CA LEU C 293 10.69 -19.72 14.54
C LEU C 293 10.49 -18.27 14.97
N SER C 294 9.60 -18.07 15.95
CA SER C 294 9.31 -16.74 16.43
C SER C 294 10.45 -16.21 17.29
N GLY C 295 10.57 -14.88 17.33
CA GLY C 295 11.63 -14.27 18.11
C GLY C 295 11.39 -14.38 19.59
N PHE C 296 12.48 -14.24 20.35
CA PHE C 296 12.45 -14.31 21.81
C PHE C 296 13.21 -13.13 22.39
N THR C 297 12.87 -12.80 23.64
CA THR C 297 13.49 -11.69 24.35
C THR C 297 13.73 -12.09 25.80
N VAL C 298 14.90 -11.75 26.32
CA VAL C 298 15.24 -12.06 27.70
C VAL C 298 14.33 -11.28 28.63
N LYS C 299 13.63 -11.99 29.51
CA LYS C 299 12.71 -11.33 30.43
C LYS C 299 13.48 -10.63 31.55
N PRO C 300 13.04 -9.47 31.99
CA PRO C 300 13.73 -8.77 33.09
C PRO C 300 13.63 -9.55 34.39
N VAL C 301 14.62 -9.34 35.24
CA VAL C 301 14.69 -10.02 36.53
C VAL C 301 14.57 -9.07 37.71
N ALA C 302 14.51 -7.76 37.48
CA ALA C 302 14.42 -6.78 38.55
C ALA C 302 13.76 -5.52 38.00
N THR C 303 13.84 -4.44 38.77
CA THR C 303 13.28 -3.16 38.35
C THR C 303 14.08 -2.03 38.98
N VAL C 304 14.07 -0.88 38.30
CA VAL C 304 14.76 0.31 38.77
C VAL C 304 13.74 1.44 38.88
N TYR C 305 13.69 2.07 40.06
CA TYR C 305 12.76 3.15 40.33
C TYR C 305 13.52 4.29 41.00
N ARG C 306 13.54 5.46 40.35
CA ARG C 306 14.29 6.61 40.84
C ARG C 306 13.36 7.83 40.88
N ARG C 307 13.30 8.47 42.04
CA ARG C 307 12.51 9.68 42.22
C ARG C 307 13.25 10.64 43.13
N ILE C 308 12.91 11.93 43.00
CA ILE C 308 13.52 12.97 43.82
C ILE C 308 12.77 13.05 45.14
N PRO C 309 13.43 12.81 46.27
CA PRO C 309 12.73 12.87 47.56
C PRO C 309 12.58 14.30 48.08
N ASN C 310 12.06 14.43 49.30
CA ASN C 310 11.84 15.71 49.99
C ASN C 310 11.28 16.78 49.06
N LEU C 311 10.12 16.49 48.51
CA LEU C 311 9.41 17.42 47.66
C LEU C 311 8.13 17.89 48.34
N PRO C 312 7.83 19.18 48.31
CA PRO C 312 6.62 19.69 48.97
C PRO C 312 5.39 19.38 48.14
N ASP C 313 4.23 19.80 48.67
CA ASP C 313 2.95 19.60 48.00
C ASP C 313 2.41 20.94 47.51
N CYS C 314 1.57 20.87 46.48
CA CYS C 314 0.98 22.07 45.89
C CYS C 314 -0.37 22.41 46.48
N ASP C 315 -1.10 21.42 47.00
CA ASP C 315 -2.41 21.62 47.62
C ASP C 315 -3.39 22.27 46.64
N ILE C 316 -3.67 21.54 45.55
CA ILE C 316 -4.62 22.03 44.56
C ILE C 316 -6.03 22.06 45.15
N ASP C 317 -6.32 21.18 46.11
CA ASP C 317 -7.64 21.17 46.74
C ASP C 317 -7.91 22.48 47.48
N ASN C 318 -6.88 23.08 48.08
CA ASN C 318 -7.07 24.35 48.78
C ASN C 318 -7.35 25.47 47.79
N TRP C 319 -6.65 25.49 46.65
CA TRP C 319 -6.90 26.52 45.64
C TRP C 319 -8.26 26.35 44.98
N LEU C 320 -8.74 25.10 44.86
CA LEU C 320 -10.06 24.86 44.30
C LEU C 320 -11.18 25.10 45.30
N ASN C 321 -10.86 25.24 46.58
CA ASN C 321 -11.86 25.46 47.62
C ASN C 321 -11.75 26.84 48.25
N ASN C 322 -11.09 27.78 47.58
CA ASN C 322 -10.99 29.14 48.07
C ASN C 322 -12.34 29.86 47.90
N VAL C 323 -12.35 31.14 48.27
CA VAL C 323 -13.56 31.95 48.11
C VAL C 323 -13.33 32.94 46.97
N SER C 324 -13.66 32.52 45.75
CA SER C 324 -13.50 33.35 44.57
C SER C 324 -14.21 32.72 43.38
N VAL C 325 -15.01 33.50 42.66
CA VAL C 325 -15.69 33.01 41.47
C VAL C 325 -15.27 33.88 40.29
N PRO C 326 -14.14 33.58 39.64
CA PRO C 326 -13.70 34.40 38.52
C PRO C 326 -14.57 34.16 37.29
N SER C 327 -15.01 35.25 36.66
CA SER C 327 -15.82 35.16 35.47
C SER C 327 -14.97 34.70 34.28
N PRO C 328 -15.62 34.15 33.24
CA PRO C 328 -14.85 33.76 32.04
C PRO C 328 -14.11 34.91 31.39
N LEU C 329 -14.46 36.16 31.69
CA LEU C 329 -13.74 37.29 31.14
C LEU C 329 -12.37 37.47 31.82
N ASN C 330 -12.25 37.05 33.07
CA ASN C 330 -11.02 37.20 33.84
C ASN C 330 -10.69 35.89 34.57
N TRP C 331 -10.75 34.79 33.82
CA TRP C 331 -10.47 33.47 34.39
C TRP C 331 -9.05 33.41 34.93
N GLU C 332 -8.91 32.82 36.12
CA GLU C 332 -7.62 32.74 36.79
C GLU C 332 -6.81 31.56 36.27
N ARG C 333 -5.54 31.50 36.70
CA ARG C 333 -4.64 30.43 36.30
C ARG C 333 -3.53 30.33 37.34
N ARG C 334 -3.14 29.10 37.66
CA ARG C 334 -2.10 28.85 38.65
C ARG C 334 -1.25 27.67 38.18
N ILE C 335 0.02 27.93 37.92
CA ILE C 335 0.94 26.90 37.43
C ILE C 335 1.55 26.19 38.62
N PHE C 336 1.57 24.85 38.56
CA PHE C 336 2.11 24.02 39.62
C PHE C 336 3.34 23.27 39.11
N SER C 337 4.37 23.18 39.94
CA SER C 337 5.60 22.49 39.58
C SER C 337 6.32 22.06 40.85
N ASN C 338 7.07 20.96 40.74
CA ASN C 338 7.83 20.39 41.85
C ASN C 338 6.90 20.06 43.03
N CYS C 339 5.99 19.14 42.78
CA CYS C 339 5.00 18.77 43.78
C CYS C 339 4.68 17.29 43.67
N ASN C 340 4.17 16.73 44.76
CA ASN C 340 3.72 15.34 44.84
C ASN C 340 2.22 15.36 45.12
N PHE C 341 1.42 15.30 44.06
CA PHE C 341 -0.03 15.41 44.16
C PHE C 341 -0.68 14.04 44.04
N ASN C 342 -1.92 13.95 44.49
CA ASN C 342 -2.73 12.75 44.40
C ASN C 342 -4.02 13.06 43.66
N LEU C 343 -4.52 12.07 42.91
CA LEU C 343 -5.79 12.21 42.22
C LEU C 343 -6.96 11.78 43.09
N SER C 344 -6.80 10.68 43.85
CA SER C 344 -7.88 10.21 44.71
C SER C 344 -8.19 11.22 45.80
N THR C 345 -7.16 11.78 46.43
CA THR C 345 -7.38 12.79 47.47
C THR C 345 -8.03 14.04 46.89
N LEU C 346 -7.62 14.44 45.69
CA LEU C 346 -8.20 15.62 45.06
C LEU C 346 -9.66 15.40 44.71
N LEU C 347 -10.01 14.21 44.22
CA LEU C 347 -11.39 13.92 43.89
C LEU C 347 -12.25 13.63 45.11
N ARG C 348 -11.63 13.31 46.25
CA ARG C 348 -12.38 13.05 47.47
C ARG C 348 -12.65 14.34 48.25
N LEU C 349 -11.63 15.18 48.42
CA LEU C 349 -11.80 16.42 49.17
C LEU C 349 -12.61 17.47 48.43
N VAL C 350 -12.90 17.24 47.15
CA VAL C 350 -13.73 18.13 46.34
C VAL C 350 -14.96 17.35 45.88
N HIS C 351 -16.13 17.95 46.03
CA HIS C 351 -17.38 17.30 45.62
C HIS C 351 -17.41 17.21 44.11
N VAL C 352 -17.12 16.03 43.59
CA VAL C 352 -16.98 15.81 42.15
C VAL C 352 -18.32 15.41 41.57
N ASP C 353 -18.61 15.90 40.37
CA ASP C 353 -19.82 15.54 39.63
C ASP C 353 -19.54 14.99 38.24
N SER C 354 -18.47 15.44 37.59
CA SER C 354 -18.12 14.93 36.26
C SER C 354 -16.65 15.21 36.02
N PHE C 355 -15.90 14.17 35.63
CA PHE C 355 -14.47 14.29 35.38
C PHE C 355 -14.13 13.49 34.12
N SER C 356 -13.86 14.20 33.04
CA SER C 356 -13.50 13.58 31.77
C SER C 356 -12.20 14.19 31.25
N CYS C 357 -11.40 13.37 30.58
CA CYS C 357 -10.12 13.79 30.02
C CYS C 357 -10.18 13.77 28.50
N ASN C 358 -9.10 14.28 27.89
CA ASN C 358 -8.99 14.33 26.45
C ASN C 358 -7.52 14.20 26.07
N ASN C 359 -7.24 13.33 25.09
CA ASN C 359 -5.90 13.00 24.60
C ASN C 359 -5.05 12.29 25.63
N LEU C 360 -5.63 11.84 26.74
CA LEU C 360 -4.91 11.05 27.72
C LEU C 360 -5.93 10.33 28.60
N ASP C 361 -5.55 9.13 29.05
CA ASP C 361 -6.41 8.32 29.89
C ASP C 361 -6.20 8.68 31.36
N LYS C 362 -7.26 8.51 32.15
CA LYS C 362 -7.18 8.84 33.57
C LYS C 362 -6.30 7.87 34.34
N SER C 363 -6.28 6.60 33.95
CA SER C 363 -5.48 5.60 34.64
C SER C 363 -3.99 5.72 34.32
N LYS C 364 -3.63 6.44 33.25
CA LYS C 364 -2.23 6.62 32.88
C LYS C 364 -1.54 7.72 33.67
N ILE C 365 -2.24 8.40 34.57
CA ILE C 365 -1.65 9.45 35.38
C ILE C 365 -1.18 8.95 36.74
N PHE C 366 -1.67 7.81 37.20
CA PHE C 366 -1.32 7.27 38.52
C PHE C 366 0.10 6.72 38.47
N GLY C 367 1.07 7.62 38.56
CA GLY C 367 2.47 7.23 38.57
C GLY C 367 3.31 7.92 37.53
N SER C 368 2.74 8.92 36.86
CA SER C 368 3.44 9.64 35.80
C SER C 368 4.01 10.95 36.32
N CYS C 369 5.08 11.40 35.67
CA CYS C 369 5.73 12.66 36.00
C CYS C 369 5.51 13.66 34.89
N PHE C 370 5.40 14.94 35.27
CA PHE C 370 5.13 16.00 34.32
C PHE C 370 6.05 17.19 34.62
N ASN C 371 6.27 18.01 33.59
CA ASN C 371 7.04 19.23 33.76
C ASN C 371 6.28 20.23 34.64
N SER C 372 5.07 20.58 34.23
CA SER C 372 4.24 21.50 34.99
C SER C 372 2.78 21.22 34.68
N ILE C 373 1.90 21.64 35.60
CA ILE C 373 0.47 21.47 35.46
C ILE C 373 -0.19 22.83 35.64
N THR C 374 -0.88 23.29 34.61
CA THR C 374 -1.58 24.57 34.64
C THR C 374 -3.07 24.31 34.80
N VAL C 375 -3.64 24.80 35.90
CA VAL C 375 -5.05 24.59 36.23
C VAL C 375 -5.76 25.93 36.14
N ASP C 376 -6.93 25.94 35.51
CA ASP C 376 -7.75 27.13 35.36
C ASP C 376 -9.03 26.98 36.16
N LYS C 377 -9.75 28.09 36.33
CA LYS C 377 -10.97 28.11 37.10
C LYS C 377 -11.88 29.20 36.57
N PHE C 378 -13.16 28.87 36.42
CA PHE C 378 -14.16 29.80 35.90
C PHE C 378 -15.48 29.55 36.62
N ALA C 379 -16.56 30.12 36.09
CA ALA C 379 -17.89 29.97 36.65
C ALA C 379 -18.78 29.17 35.71
N ILE C 380 -19.89 28.69 36.24
CA ILE C 380 -20.85 27.88 35.49
C ILE C 380 -22.14 28.68 35.37
N PRO C 381 -22.48 29.19 34.19
CA PRO C 381 -23.77 29.84 33.98
C PRO C 381 -24.87 28.79 33.76
N ASN C 382 -26.07 29.29 33.48
CA ASN C 382 -27.21 28.42 33.20
C ASN C 382 -27.62 28.37 31.74
N ARG C 383 -27.36 29.45 30.99
CA ARG C 383 -27.70 29.47 29.58
C ARG C 383 -26.60 28.87 28.70
N ARG C 384 -25.33 29.03 29.11
CA ARG C 384 -24.19 28.50 28.37
C ARG C 384 -23.66 27.21 28.98
N ARG C 385 -24.53 26.43 29.64
CA ARG C 385 -24.10 25.17 30.24
C ARG C 385 -23.68 24.17 29.17
N ASP C 386 -24.44 24.07 28.09
CA ASP C 386 -24.14 23.15 27.00
C ASP C 386 -23.03 23.66 26.09
N ASP C 387 -22.54 24.88 26.31
CA ASP C 387 -21.47 25.43 25.48
C ASP C 387 -20.09 24.95 25.89
N LEU C 388 -19.97 24.25 27.03
CA LEU C 388 -18.68 23.75 27.50
C LEU C 388 -18.45 22.33 27.00
N GLN C 389 -18.47 22.19 25.68
CA GLN C 389 -18.23 20.93 25.01
C GLN C 389 -17.02 21.05 24.10
N LEU C 390 -16.34 19.92 23.89
CA LEU C 390 -15.15 19.88 23.05
C LEU C 390 -15.54 20.17 21.61
N GLY C 391 -15.12 21.33 21.10
CA GLY C 391 -15.44 21.73 19.75
C GLY C 391 -16.71 22.52 19.58
N SER C 392 -17.32 22.99 20.67
CA SER C 392 -18.55 23.75 20.57
C SER C 392 -18.30 25.11 19.94
N SER C 393 -19.27 25.57 19.13
CA SER C 393 -19.18 26.85 18.45
C SER C 393 -19.96 27.94 19.17
N GLY C 394 -20.05 27.86 20.49
CA GLY C 394 -20.76 28.85 21.27
C GLY C 394 -19.97 30.14 21.42
N PHE C 395 -20.39 30.95 22.39
CA PHE C 395 -19.73 32.23 22.66
C PHE C 395 -18.67 32.12 23.75
N LEU C 396 -18.88 31.26 24.74
CA LEU C 396 -17.89 31.10 25.80
C LEU C 396 -16.61 30.44 25.29
N GLN C 397 -16.71 29.66 24.21
CA GLN C 397 -15.54 29.03 23.59
C GLN C 397 -15.05 29.81 22.37
N SER C 398 -15.52 31.03 22.17
CA SER C 398 -15.10 31.86 21.05
C SER C 398 -14.71 33.28 21.42
N SER C 399 -15.16 33.79 22.56
CA SER C 399 -14.82 35.15 22.95
C SER C 399 -14.22 35.24 24.35
N ASN C 400 -14.66 34.42 25.28
CA ASN C 400 -14.19 34.46 26.66
C ASN C 400 -13.09 33.42 26.92
N TYR C 401 -13.38 32.15 26.67
CA TYR C 401 -12.44 31.05 26.90
C TYR C 401 -12.29 30.26 25.61
N LYS C 402 -11.40 29.28 25.63
CA LYS C 402 -11.21 28.38 24.48
C LYS C 402 -10.51 27.13 24.97
N ILE C 403 -11.16 25.98 24.83
CA ILE C 403 -10.59 24.71 25.25
C ILE C 403 -9.71 24.17 24.14
N ASP C 404 -8.46 23.86 24.47
CA ASP C 404 -7.54 23.33 23.47
C ASP C 404 -7.90 21.90 23.11
N ILE C 405 -7.72 21.55 21.84
CA ILE C 405 -8.03 20.22 21.35
C ILE C 405 -6.79 19.40 21.03
N SER C 406 -5.69 20.04 20.64
CA SER C 406 -4.47 19.32 20.28
C SER C 406 -3.60 18.98 21.48
N SER C 407 -3.96 19.43 22.68
CA SER C 407 -3.18 19.17 23.88
C SER C 407 -4.01 18.35 24.86
N SER C 408 -3.31 17.56 25.68
CA SER C 408 -3.98 16.74 26.67
C SER C 408 -4.58 17.60 27.77
N SER C 409 -5.81 17.28 28.17
CA SER C 409 -6.50 18.05 29.18
C SER C 409 -7.59 17.21 29.82
N CYS C 410 -7.94 17.56 31.05
CA CYS C 410 -8.99 16.88 31.81
C CYS C 410 -9.93 17.94 32.37
N GLN C 411 -11.21 17.83 32.05
CA GLN C 411 -12.21 18.78 32.53
C GLN C 411 -12.85 18.25 33.81
N LEU C 412 -13.03 19.15 34.78
CA LEU C 412 -13.60 18.81 36.07
C LEU C 412 -14.76 19.74 36.39
N TYR C 413 -15.85 19.16 36.87
CA TYR C 413 -17.05 19.91 37.26
C TYR C 413 -17.30 19.68 38.75
N TYR C 414 -17.40 20.76 39.50
CA TYR C 414 -17.68 20.68 40.93
C TYR C 414 -18.45 21.92 41.35
N SER C 415 -18.99 21.88 42.57
CA SER C 415 -19.78 22.96 43.11
C SER C 415 -19.39 23.23 44.55
N LEU C 416 -19.70 24.43 45.01
CA LEU C 416 -19.41 24.88 46.36
C LEU C 416 -20.66 25.47 47.00
N PRO C 417 -20.81 25.34 48.32
CA PRO C 417 -21.98 25.89 48.99
C PRO C 417 -22.05 27.41 48.86
N LEU C 418 -23.25 27.94 49.10
CA LEU C 418 -23.48 29.37 48.96
C LEU C 418 -22.79 30.20 50.04
N VAL C 419 -22.31 29.58 51.12
CA VAL C 419 -21.63 30.32 52.18
C VAL C 419 -20.21 30.69 51.80
N ASN C 420 -19.72 30.23 50.65
CA ASN C 420 -18.38 30.55 50.20
C ASN C 420 -18.32 31.17 48.81
N VAL C 421 -19.47 31.42 48.18
CA VAL C 421 -19.48 32.00 46.84
C VAL C 421 -19.15 33.48 46.93
N THR C 422 -18.21 33.92 46.08
CA THR C 422 -17.80 35.32 46.02
C THR C 422 -17.53 35.66 44.56
N ILE C 423 -18.49 36.35 43.93
CA ILE C 423 -18.36 36.69 42.52
C ILE C 423 -17.28 37.75 42.35
N ASN C 424 -16.36 37.49 41.43
CA ASN C 424 -15.27 38.43 41.13
C ASN C 424 -15.39 38.83 39.67
N ASN C 425 -15.87 40.05 39.43
CA ASN C 425 -16.03 40.59 38.09
C ASN C 425 -15.00 41.68 37.86
N PHE C 426 -14.26 41.58 36.75
CA PHE C 426 -13.22 42.53 36.43
C PHE C 426 -12.94 42.47 34.94
N ASN C 427 -12.56 43.62 34.37
CA ASN C 427 -12.26 43.71 32.95
C ASN C 427 -10.75 43.72 32.76
N PRO C 428 -10.15 42.70 32.16
CA PRO C 428 -8.70 42.69 31.98
C PRO C 428 -8.20 43.55 30.83
N SER C 429 -9.09 44.23 30.12
CA SER C 429 -8.66 45.06 29.00
C SER C 429 -7.97 46.33 29.50
N SER C 430 -6.87 46.69 28.84
CA SER C 430 -6.09 47.85 29.23
C SER C 430 -6.64 49.14 28.62
N TRP C 431 -6.87 49.14 27.31
CA TRP C 431 -7.37 50.34 26.65
C TRP C 431 -8.81 50.66 27.00
N ASN C 432 -9.55 49.69 27.56
CA ASN C 432 -10.90 49.98 28.04
C ASN C 432 -10.87 50.67 29.39
N ARG C 433 -10.01 50.21 30.30
CA ARG C 433 -9.89 50.83 31.61
C ARG C 433 -9.10 52.14 31.57
N ARG C 434 -8.28 52.35 30.55
CA ARG C 434 -7.53 53.59 30.44
C ARG C 434 -8.41 54.77 30.08
N TYR C 435 -9.56 54.52 29.44
CA TYR C 435 -10.46 55.58 29.00
C TYR C 435 -11.69 55.72 29.88
N GLY C 436 -11.54 55.49 31.19
CA GLY C 436 -12.62 55.74 32.13
C GLY C 436 -13.62 54.61 32.27
N PHE C 437 -13.14 53.42 32.62
CA PHE C 437 -14.00 52.28 32.89
C PHE C 437 -14.06 52.03 34.39
N GLY C 438 -15.25 51.72 34.88
CA GLY C 438 -15.43 51.49 36.30
C GLY C 438 -15.43 50.02 36.68
N SER C 439 -16.60 49.50 37.05
CA SER C 439 -16.73 48.10 37.43
C SER C 439 -18.14 47.63 37.13
N PHE C 440 -18.27 46.32 36.89
CA PHE C 440 -19.57 45.72 36.62
C PHE C 440 -20.40 45.63 37.89
N ASN C 441 -21.25 46.63 38.13
CA ASN C 441 -22.08 46.66 39.33
C ASN C 441 -23.32 45.81 39.08
N LEU C 442 -23.24 44.55 39.46
CA LEU C 442 -24.33 43.59 39.32
C LEU C 442 -24.84 43.18 40.70
N SER C 443 -25.82 42.28 40.71
CA SER C 443 -26.41 41.78 41.93
C SER C 443 -25.65 40.54 42.40
N SER C 444 -26.19 39.84 43.40
CA SER C 444 -25.54 38.67 43.95
C SER C 444 -25.75 37.45 43.07
N TYR C 445 -24.73 36.60 42.99
CA TYR C 445 -24.77 35.36 42.22
C TYR C 445 -25.10 35.61 40.75
N ASP C 446 -24.26 36.44 40.12
CA ASP C 446 -24.41 36.78 38.71
C ASP C 446 -23.03 36.85 38.07
N VAL C 447 -22.86 36.11 36.98
CA VAL C 447 -21.59 36.05 36.26
C VAL C 447 -21.76 36.73 34.92
N VAL C 448 -20.74 37.51 34.53
CA VAL C 448 -20.77 38.27 33.28
C VAL C 448 -19.89 37.57 32.26
N TYR C 449 -20.39 37.51 31.02
CA TYR C 449 -19.65 36.92 29.91
C TYR C 449 -19.70 37.86 28.71
N SER C 450 -18.70 37.75 27.84
CA SER C 450 -18.57 38.61 26.68
C SER C 450 -19.09 37.92 25.43
N ASP C 451 -19.65 38.73 24.52
CA ASP C 451 -20.15 38.25 23.25
C ASP C 451 -19.25 38.62 22.07
N HIS C 452 -18.61 39.77 22.11
CA HIS C 452 -17.71 40.21 21.06
C HIS C 452 -16.48 40.85 21.69
N CYS C 453 -15.34 40.67 21.03
CA CYS C 453 -14.07 41.19 21.52
C CYS C 453 -13.35 41.91 20.39
N PHE C 454 -12.90 43.13 20.66
CA PHE C 454 -12.25 43.98 19.66
C PHE C 454 -10.81 44.25 20.07
N SER C 455 -9.94 44.31 19.07
CA SER C 455 -8.52 44.59 19.27
C SER C 455 -8.15 45.86 18.50
N VAL C 456 -7.58 46.83 19.23
CA VAL C 456 -7.19 48.11 18.64
C VAL C 456 -5.67 48.25 18.74
N ASN C 457 -5.15 49.27 18.08
CA ASN C 457 -3.71 49.55 18.09
C ASN C 457 -3.36 50.39 19.32
N SER C 458 -2.14 50.91 19.35
CA SER C 458 -1.65 51.71 20.46
C SER C 458 -1.96 53.19 20.31
N ASP C 459 -2.67 53.58 19.25
CA ASP C 459 -3.04 54.98 19.00
C ASP C 459 -4.54 55.13 18.86
N PHE C 460 -5.30 54.43 19.70
CA PHE C 460 -6.75 54.46 19.65
C PHE C 460 -7.29 55.47 20.65
N CYS C 461 -8.33 56.20 20.26
CA CYS C 461 -8.98 57.16 21.13
C CYS C 461 -10.43 57.37 20.70
N PRO C 462 -11.40 57.13 21.59
CA PRO C 462 -12.80 57.33 21.18
C PRO C 462 -13.15 58.78 20.91
N CYS C 463 -12.55 59.71 21.65
CA CYS C 463 -12.83 61.12 21.46
C CYS C 463 -12.14 61.65 20.20
N ALA C 464 -12.64 62.78 19.72
CA ALA C 464 -12.13 63.41 18.51
C ALA C 464 -11.41 64.70 18.85
N ASP C 465 -10.81 65.30 17.82
CA ASP C 465 -10.08 66.55 17.99
C ASP C 465 -11.06 67.71 18.09
N PRO C 466 -11.02 68.51 19.16
CA PRO C 466 -11.96 69.64 19.27
C PRO C 466 -11.77 70.68 18.19
N SER C 467 -10.61 70.74 17.55
CA SER C 467 -10.36 71.73 16.51
C SER C 467 -11.11 71.45 15.21
N VAL C 468 -11.68 70.25 15.06
CA VAL C 468 -12.40 69.89 13.86
C VAL C 468 -13.90 69.71 14.09
N VAL C 469 -14.33 69.55 15.35
CA VAL C 469 -15.75 69.39 15.62
C VAL C 469 -16.52 70.68 15.36
N ASN C 470 -15.89 71.82 15.64
CA ASN C 470 -16.55 73.10 15.41
C ASN C 470 -16.80 73.36 13.93
N SER C 471 -15.93 72.85 13.05
CA SER C 471 -16.12 73.05 11.63
C SER C 471 -17.27 72.21 11.09
N CYS C 472 -17.51 71.04 11.67
CA CYS C 472 -18.59 70.15 11.24
C CYS C 472 -19.78 70.38 12.16
N ALA C 473 -20.66 71.30 11.75
CA ALA C 473 -21.83 71.64 12.54
C ALA C 473 -22.94 70.61 12.43
N LYS C 474 -22.79 69.59 11.59
CA LYS C 474 -23.82 68.56 11.41
C LYS C 474 -23.69 67.54 12.54
N SER C 475 -24.49 67.73 13.58
CA SER C 475 -24.55 66.83 14.74
C SER C 475 -23.17 66.69 15.39
N LYS C 476 -22.69 67.80 15.93
CA LYS C 476 -21.39 67.89 16.59
C LYS C 476 -21.26 66.82 17.67
N PRO C 477 -20.36 65.86 17.51
CA PRO C 477 -20.19 64.82 18.53
C PRO C 477 -19.39 65.35 19.70
N PRO C 478 -19.50 64.72 20.87
CA PRO C 478 -18.69 65.16 22.01
C PRO C 478 -17.21 64.88 21.78
N SER C 479 -16.37 65.84 22.16
CA SER C 479 -14.93 65.76 21.94
C SER C 479 -14.20 66.03 23.24
N ALA C 480 -12.95 65.61 23.28
CA ALA C 480 -12.08 65.80 24.43
C ALA C 480 -10.63 65.78 23.95
N ILE C 481 -9.70 65.67 24.89
CA ILE C 481 -8.27 65.65 24.59
C ILE C 481 -7.76 64.22 24.76
N CYS C 482 -7.20 63.66 23.68
CA CYS C 482 -6.63 62.33 23.74
C CYS C 482 -5.22 62.37 24.33
N PRO C 483 -4.78 61.28 24.96
CA PRO C 483 -3.41 61.24 25.49
C PRO C 483 -2.38 61.37 24.39
N ALA C 484 -1.16 61.76 24.78
CA ALA C 484 -0.08 61.94 23.82
C ALA C 484 0.31 60.60 23.20
N GLY C 485 0.64 60.64 21.92
CA GLY C 485 1.02 59.45 21.19
C GLY C 485 -0.14 58.67 20.59
N THR C 486 -1.36 59.18 20.67
CA THR C 486 -2.54 58.51 20.14
C THR C 486 -3.15 59.35 19.03
N LYS C 487 -3.87 58.68 18.13
CA LYS C 487 -4.52 59.34 17.02
C LYS C 487 -5.97 59.67 17.39
N TYR C 488 -6.43 60.84 16.94
CA TYR C 488 -7.77 61.29 17.22
C TYR C 488 -8.78 60.54 16.36
N ARG C 489 -10.06 60.67 16.72
CA ARG C 489 -11.13 60.01 15.99
C ARG C 489 -11.29 60.64 14.61
N HIS C 490 -11.43 59.78 13.60
CA HIS C 490 -11.59 60.24 12.23
C HIS C 490 -13.05 60.67 12.00
N CYS C 491 -13.24 61.93 11.64
CA CYS C 491 -14.57 62.45 11.38
C CYS C 491 -14.64 63.16 10.04
N CYS C 505 -18.68 61.16 11.56
CA CYS C 505 -17.57 60.36 12.07
C CYS C 505 -17.77 58.89 11.74
N SER C 506 -16.78 58.07 12.07
CA SER C 506 -16.84 56.64 11.82
C SER C 506 -17.43 55.91 13.02
N CYS C 507 -17.51 54.58 12.93
CA CYS C 507 -18.04 53.72 13.98
C CYS C 507 -19.49 54.09 14.30
N LEU C 508 -20.29 54.33 13.27
CA LEU C 508 -21.68 54.69 13.43
C LEU C 508 -22.60 53.56 12.97
N PRO C 509 -23.66 53.25 13.72
CA PRO C 509 -23.95 53.87 15.02
C PRO C 509 -23.25 53.17 16.18
N ASP C 510 -22.95 51.89 16.00
CA ASP C 510 -22.29 51.07 17.01
C ASP C 510 -21.18 50.26 16.37
N PRO C 511 -20.15 49.89 17.13
CA PRO C 511 -19.07 49.08 16.56
C PRO C 511 -19.49 47.66 16.20
N ILE C 512 -20.68 47.23 16.59
CA ILE C 512 -21.19 45.91 16.25
C ILE C 512 -22.21 45.97 15.11
N SER C 513 -23.16 46.90 15.20
CA SER C 513 -24.18 47.07 14.17
C SER C 513 -23.77 48.13 13.15
N THR C 514 -22.59 47.96 12.56
CA THR C 514 -22.08 48.90 11.58
C THR C 514 -22.44 48.47 10.17
N TYR C 515 -22.35 49.41 9.24
CA TYR C 515 -22.63 49.17 7.83
C TYR C 515 -21.38 49.23 6.96
N SER C 516 -20.20 49.34 7.57
CA SER C 516 -18.95 49.40 6.83
C SER C 516 -17.82 48.82 7.67
N PRO C 517 -17.30 47.64 7.30
CA PRO C 517 -16.26 47.01 8.14
C PRO C 517 -14.97 47.82 8.19
N ASN C 518 -14.41 48.19 7.04
CA ASN C 518 -13.12 48.86 6.99
C ASN C 518 -13.25 50.37 7.17
N THR C 519 -13.97 50.79 8.22
CA THR C 519 -14.08 52.20 8.57
C THR C 519 -13.87 52.49 10.04
N CYS C 520 -14.04 51.52 10.93
CA CYS C 520 -13.88 51.70 12.36
C CYS C 520 -12.63 50.98 12.85
N PRO C 521 -11.83 51.62 13.71
CA PRO C 521 -10.60 50.97 14.20
C PRO C 521 -10.86 49.68 14.96
N GLN C 522 -12.02 49.54 15.59
CA GLN C 522 -12.34 48.33 16.33
C GLN C 522 -12.64 47.19 15.36
N LYS C 523 -11.93 46.07 15.52
CA LYS C 523 -12.07 44.93 14.63
C LYS C 523 -12.31 43.67 15.46
N LYS C 524 -13.23 42.83 14.98
CA LYS C 524 -13.56 41.59 15.68
C LYS C 524 -12.45 40.56 15.47
N VAL C 525 -12.00 39.95 16.57
CA VAL C 525 -10.96 38.94 16.56
C VAL C 525 -11.39 37.78 17.45
N VAL C 526 -10.57 36.75 17.51
CA VAL C 526 -10.82 35.56 18.32
C VAL C 526 -9.93 35.62 19.56
N VAL C 527 -10.40 35.00 20.64
CA VAL C 527 -9.65 35.01 21.89
C VAL C 527 -8.37 34.20 21.75
N GLY C 528 -8.48 32.97 21.28
CA GLY C 528 -7.30 32.14 21.09
C GLY C 528 -7.03 31.23 22.28
N ILE C 529 -5.86 30.61 22.24
CA ILE C 529 -5.42 29.68 23.27
C ILE C 529 -4.47 30.40 24.21
N GLY C 530 -4.78 30.37 25.51
CA GLY C 530 -3.93 31.00 26.50
C GLY C 530 -3.99 32.52 26.51
N GLU C 531 -5.11 33.10 26.06
CA GLU C 531 -5.28 34.54 26.01
C GLU C 531 -6.66 34.90 26.57
N HIS C 532 -6.96 36.19 26.59
CA HIS C 532 -8.22 36.70 27.09
C HIS C 532 -8.89 37.58 26.02
N CYS C 533 -10.03 38.15 26.39
CA CYS C 533 -10.75 39.05 25.50
C CYS C 533 -9.98 40.36 25.38
N PRO C 534 -9.58 40.77 24.16
CA PRO C 534 -8.81 42.01 24.04
C PRO C 534 -9.55 43.25 24.51
N GLY C 535 -10.88 43.27 24.39
CA GLY C 535 -11.64 44.42 24.85
C GLY C 535 -13.08 44.43 24.38
N LEU C 536 -13.97 44.97 25.20
CA LEU C 536 -15.38 45.05 24.86
C LEU C 536 -15.63 46.21 23.91
N GLY C 537 -16.83 46.23 23.32
CA GLY C 537 -17.20 47.30 22.41
C GLY C 537 -17.44 48.60 23.17
N ILE C 538 -17.02 49.70 22.55
CA ILE C 538 -17.14 51.04 23.14
C ILE C 538 -17.90 51.91 22.15
N ASN C 539 -19.05 52.44 22.58
CA ASN C 539 -19.83 53.34 21.75
C ASN C 539 -19.19 54.73 21.77
N GLU C 540 -18.74 55.19 20.60
CA GLU C 540 -18.07 56.47 20.48
C GLU C 540 -19.01 57.66 20.54
N GLU C 541 -20.31 57.44 20.71
CA GLU C 541 -21.27 58.52 20.81
C GLU C 541 -21.53 58.94 22.27
N LYS C 542 -20.91 58.28 23.23
CA LYS C 542 -21.05 58.63 24.64
C LYS C 542 -19.72 58.97 25.30
N CYS C 543 -18.63 59.04 24.53
CA CYS C 543 -17.32 59.40 25.04
C CYS C 543 -17.05 60.87 24.76
N GLY C 544 -16.66 61.60 25.80
CA GLY C 544 -16.39 63.01 25.64
C GLY C 544 -15.66 63.58 26.83
N THR C 545 -15.68 64.91 26.93
CA THR C 545 -15.03 65.59 28.02
C THR C 545 -15.76 65.33 29.34
N GLN C 546 -15.00 65.34 30.43
CA GLN C 546 -15.53 65.10 31.75
C GLN C 546 -15.28 66.31 32.65
N LEU C 547 -16.12 66.46 33.66
CA LEU C 547 -16.00 67.59 34.58
C LEU C 547 -14.75 67.50 35.45
N ASN C 548 -14.13 66.32 35.54
CA ASN C 548 -12.92 66.17 36.36
C ASN C 548 -11.74 66.91 35.73
N HIS C 549 -11.43 66.58 34.47
CA HIS C 549 -10.32 67.21 33.76
C HIS C 549 -10.57 67.09 32.26
N SER C 550 -9.64 67.62 31.48
CA SER C 550 -9.75 67.60 30.01
C SER C 550 -9.15 66.29 29.48
N SER C 551 -9.82 65.19 29.83
CA SER C 551 -9.41 63.86 29.42
C SER C 551 -10.59 63.13 28.82
N CYS C 552 -10.30 62.25 27.86
CA CYS C 552 -11.34 61.48 27.19
C CYS C 552 -11.96 60.48 28.17
N PHE C 553 -13.25 60.62 28.42
CA PHE C 553 -13.97 59.77 29.36
C PHE C 553 -15.24 59.25 28.71
N CYS C 554 -15.53 57.97 28.93
CA CYS C 554 -16.72 57.33 28.38
C CYS C 554 -17.69 56.97 29.50
N SER C 555 -18.98 57.13 29.21
CA SER C 555 -20.00 56.82 30.21
C SER C 555 -20.03 55.32 30.48
N PRO C 556 -20.45 54.91 31.69
CA PRO C 556 -20.52 53.47 31.99
C PRO C 556 -21.48 52.71 31.12
N ASP C 557 -22.49 53.37 30.54
CA ASP C 557 -23.45 52.72 29.67
C ASP C 557 -22.97 52.64 28.22
N ALA C 558 -21.74 53.04 27.94
CA ALA C 558 -21.19 53.01 26.60
C ALA C 558 -20.44 51.72 26.29
N PHE C 559 -20.37 50.79 27.24
CA PHE C 559 -19.67 49.52 27.05
C PHE C 559 -20.72 48.43 26.84
N LEU C 560 -21.07 48.21 25.57
CA LEU C 560 -22.06 47.21 25.19
C LEU C 560 -21.39 46.02 24.55
N GLY C 561 -22.07 44.86 24.62
CA GLY C 561 -21.55 43.65 24.04
C GLY C 561 -21.36 42.54 25.05
N TRP C 562 -21.98 42.68 26.22
CA TRP C 562 -21.85 41.70 27.28
C TRP C 562 -23.22 41.45 27.90
N SER C 563 -23.36 40.29 28.54
CA SER C 563 -24.58 39.90 29.22
C SER C 563 -24.22 39.31 30.58
N PHE C 564 -25.24 38.88 31.32
CA PHE C 564 -25.05 38.31 32.65
C PHE C 564 -25.99 37.14 32.84
N ASP C 565 -25.59 36.20 33.70
CA ASP C 565 -26.38 35.02 33.99
C ASP C 565 -26.04 34.54 35.39
N SER C 566 -27.04 33.97 36.07
CA SER C 566 -26.87 33.55 37.45
C SER C 566 -26.21 32.17 37.52
N CYS C 567 -25.86 31.77 38.75
CA CYS C 567 -25.21 30.50 38.99
C CYS C 567 -26.02 29.55 39.86
N ILE C 568 -27.00 30.06 40.61
CA ILE C 568 -27.77 29.24 41.54
C ILE C 568 -28.62 28.24 40.76
N SER C 569 -28.26 26.95 40.85
CA SER C 569 -28.98 25.89 40.17
C SER C 569 -29.49 24.82 41.14
N ASN C 570 -28.62 24.29 41.99
CA ASN C 570 -28.98 23.22 42.92
C ASN C 570 -28.46 23.54 44.31
N ASN C 571 -28.68 24.78 44.75
CA ASN C 571 -28.26 25.32 46.04
C ASN C 571 -26.74 25.44 46.15
N ARG C 572 -25.99 25.12 45.11
CA ARG C 572 -24.54 25.24 45.11
C ARG C 572 -24.08 25.74 43.74
N CYS C 573 -23.34 26.84 43.73
CA CYS C 573 -22.85 27.40 42.48
C CYS C 573 -21.74 26.52 41.92
N ASN C 574 -22.00 25.91 40.76
CA ASN C 574 -21.02 25.01 40.15
C ASN C 574 -19.81 25.81 39.65
N ILE C 575 -18.65 25.17 39.72
CA ILE C 575 -17.39 25.77 39.31
C ILE C 575 -16.73 24.87 38.27
N PHE C 576 -16.12 25.49 37.26
CA PHE C 576 -15.45 24.78 36.20
C PHE C 576 -13.93 24.85 36.38
N SER C 577 -13.25 23.80 35.95
CA SER C 577 -11.79 23.74 36.03
C SER C 577 -11.27 22.96 34.84
N ASN C 578 -10.12 23.40 34.32
CA ASN C 578 -9.49 22.77 33.16
C ASN C 578 -8.05 22.44 33.51
N PHE C 579 -7.76 21.15 33.70
CA PHE C 579 -6.41 20.69 34.01
C PHE C 579 -5.64 20.44 32.73
N ILE C 580 -4.45 21.01 32.63
CA ILE C 580 -3.58 20.85 31.46
C ILE C 580 -2.26 20.24 31.92
N PHE C 581 -1.82 19.20 31.23
CA PHE C 581 -0.60 18.47 31.57
C PHE C 581 0.45 18.73 30.50
N ASN C 582 1.54 19.38 30.89
CA ASN C 582 2.66 19.65 30.00
C ASN C 582 3.84 18.79 30.41
N GLY C 583 4.41 18.06 29.44
CA GLY C 583 5.55 17.22 29.72
C GLY C 583 5.18 15.81 30.11
N ILE C 584 4.41 15.13 29.26
CA ILE C 584 3.98 13.77 29.55
C ILE C 584 5.19 12.87 29.73
N ASN C 585 5.26 12.21 30.89
CA ASN C 585 6.34 11.26 31.20
C ASN C 585 7.71 11.93 31.17
N SER C 586 7.78 13.16 31.63
CA SER C 586 9.04 13.89 31.70
C SER C 586 8.88 15.08 32.62
N GLY C 587 9.75 15.18 33.62
CA GLY C 587 9.75 16.31 34.53
C GLY C 587 9.93 15.84 35.96
N THR C 588 9.61 16.72 36.90
CA THR C 588 9.73 16.45 38.31
C THR C 588 8.41 16.34 39.04
N THR C 589 7.36 16.97 38.53
CA THR C 589 6.03 16.91 39.15
C THR C 589 5.44 15.53 38.86
N CYS C 590 5.54 14.62 39.82
CA CYS C 590 5.07 13.26 39.68
C CYS C 590 3.84 13.04 40.55
N SER C 591 3.26 11.84 40.41
CA SER C 591 2.11 11.41 41.20
C SER C 591 2.51 10.23 42.05
N ASN C 592 2.19 10.29 43.35
CA ASN C 592 2.58 9.26 44.31
C ASN C 592 1.41 8.35 44.69
N ASP C 593 0.47 8.13 43.76
CA ASP C 593 -0.61 7.20 44.03
C ASP C 593 -0.10 5.76 44.14
N LEU C 594 0.83 5.39 43.28
CA LEU C 594 1.50 4.08 43.32
C LEU C 594 2.96 4.34 43.68
N LEU C 595 3.24 4.39 44.98
CA LEU C 595 4.57 4.73 45.47
C LEU C 595 5.39 3.46 45.68
N TYR C 596 6.58 3.43 45.09
CA TYR C 596 7.51 2.32 45.23
C TYR C 596 8.82 2.84 45.79
N SER C 597 9.47 2.01 46.61
CA SER C 597 10.75 2.38 47.19
C SER C 597 11.84 2.42 46.13
N ASN C 598 12.78 3.34 46.31
CA ASN C 598 13.87 3.48 45.36
C ASN C 598 14.82 2.29 45.46
N THR C 599 15.30 1.84 44.30
CA THR C 599 16.22 0.72 44.21
C THR C 599 17.52 1.15 43.56
N GLU C 600 18.60 0.47 43.94
CA GLU C 600 19.92 0.79 43.38
C GLU C 600 19.99 0.35 41.92
N ILE C 601 20.68 1.15 41.11
CA ILE C 601 20.83 0.85 39.69
C ILE C 601 21.71 -0.39 39.54
N SER C 602 21.14 -1.45 38.99
CA SER C 602 21.84 -2.70 38.78
C SER C 602 22.37 -2.78 37.35
N THR C 603 23.62 -3.21 37.21
CA THR C 603 24.28 -3.32 35.92
C THR C 603 24.53 -4.79 35.59
N GLY C 604 24.40 -5.13 34.31
CA GLY C 604 24.64 -6.49 33.87
C GLY C 604 23.47 -7.11 33.13
N VAL C 605 22.25 -6.84 33.61
CA VAL C 605 21.04 -7.37 33.01
C VAL C 605 20.09 -6.23 32.68
N CYS C 606 19.23 -6.44 31.70
CA CYS C 606 18.26 -5.44 31.28
C CYS C 606 16.98 -5.64 32.09
N VAL C 607 16.55 -4.57 32.76
CA VAL C 607 15.37 -4.59 33.62
C VAL C 607 14.49 -3.39 33.30
N ASN C 608 13.24 -3.48 33.73
CA ASN C 608 12.28 -2.39 33.55
C ASN C 608 12.64 -1.24 34.48
N TYR C 609 13.13 -0.15 33.92
CA TYR C 609 13.55 1.00 34.70
C TYR C 609 12.55 2.14 34.55
N ASP C 610 12.44 2.94 35.62
CA ASP C 610 11.60 4.14 35.63
C ASP C 610 12.49 5.28 36.13
N LEU C 611 13.20 5.93 35.21
CA LEU C 611 14.17 6.97 35.55
C LEU C 611 13.49 8.33 35.37
N TYR C 612 12.82 8.78 36.43
CA TYR C 612 12.17 10.09 36.46
C TYR C 612 11.17 10.24 35.31
N GLY C 613 10.39 9.20 35.06
CA GLY C 613 9.41 9.23 34.00
C GLY C 613 9.78 8.39 32.81
N ILE C 614 11.08 8.35 32.49
CA ILE C 614 11.55 7.56 31.35
C ILE C 614 11.44 6.08 31.69
N THR C 615 10.78 5.33 30.82
CA THR C 615 10.54 3.91 31.03
C THR C 615 11.03 3.13 29.81
N GLY C 616 11.55 1.94 30.05
CA GLY C 616 12.02 1.10 28.97
C GLY C 616 12.82 -0.08 29.49
N GLN C 617 13.58 -0.69 28.59
CA GLN C 617 14.44 -1.82 28.92
C GLN C 617 15.81 -1.62 28.29
N GLY C 618 16.84 -2.12 28.97
CA GLY C 618 18.19 -2.01 28.47
C GLY C 618 19.27 -2.30 29.49
N ILE C 619 20.48 -2.55 29.01
CA ILE C 619 21.62 -2.84 29.87
C ILE C 619 22.19 -1.53 30.40
N PHE C 620 22.58 -1.54 31.67
CA PHE C 620 23.21 -0.38 32.30
C PHE C 620 24.70 -0.62 32.45
N LYS C 621 25.49 0.43 32.23
CA LYS C 621 26.94 0.36 32.37
C LYS C 621 27.46 1.71 32.83
N GLU C 622 28.18 1.73 33.94
CA GLU C 622 28.69 2.98 34.50
C GLU C 622 29.94 3.41 33.76
N VAL C 623 29.96 4.66 33.30
CA VAL C 623 31.09 5.24 32.59
C VAL C 623 31.45 6.57 33.26
N SER C 624 32.52 7.20 32.76
CA SER C 624 32.99 8.48 33.25
C SER C 624 32.79 9.52 32.17
N ALA C 625 31.84 10.43 32.38
CA ALA C 625 31.50 11.45 31.41
C ALA C 625 31.74 12.84 32.01
N ALA C 626 32.14 13.78 31.16
CA ALA C 626 32.40 15.15 31.57
C ALA C 626 31.70 16.17 30.67
N TYR C 627 30.75 15.73 29.86
CA TYR C 627 30.03 16.61 28.94
C TYR C 627 28.65 17.00 29.47
N TYR C 628 28.41 16.83 30.76
CA TYR C 628 27.15 17.20 31.38
C TYR C 628 27.30 18.53 32.10
N ASN C 629 26.43 19.48 31.79
CA ASN C 629 26.39 20.76 32.46
C ASN C 629 25.25 20.78 33.48
N ASN C 630 25.04 21.95 34.10
CA ASN C 630 23.98 22.06 35.10
C ASN C 630 22.60 22.12 34.47
N TRP C 631 22.50 22.41 33.18
CA TRP C 631 21.21 22.43 32.48
C TRP C 631 21.00 21.20 31.60
N GLN C 632 21.91 20.22 31.64
CA GLN C 632 21.82 19.03 30.84
C GLN C 632 21.73 17.81 31.75
N ASN C 633 20.80 16.91 31.46
CA ASN C 633 20.57 15.75 32.31
C ASN C 633 20.59 14.44 31.52
N LEU C 634 20.14 14.48 30.26
CA LEU C 634 19.96 13.29 29.46
C LEU C 634 20.82 13.36 28.20
N LEU C 635 21.24 12.18 27.73
CA LEU C 635 22.02 12.04 26.51
C LEU C 635 21.16 11.34 25.47
N TYR C 636 20.76 12.07 24.44
CA TYR C 636 19.90 11.54 23.39
C TYR C 636 20.70 11.26 22.13
N ASP C 637 20.01 10.77 21.11
CA ASP C 637 20.59 10.44 19.82
C ASP C 637 19.88 11.24 18.72
N SER C 638 20.43 11.15 17.51
CA SER C 638 19.86 11.89 16.38
C SER C 638 18.46 11.38 16.02
N ASN C 639 18.12 10.15 16.37
CA ASN C 639 16.81 9.59 16.06
C ASN C 639 15.80 9.76 17.20
N GLY C 640 16.20 10.38 18.30
CA GLY C 640 15.30 10.59 19.42
C GLY C 640 15.31 9.53 20.48
N ASN C 641 16.32 8.65 20.48
CA ASN C 641 16.42 7.60 21.47
C ASN C 641 17.31 8.03 22.64
N ILE C 642 17.08 7.43 23.79
CA ILE C 642 17.86 7.72 24.99
C ILE C 642 19.03 6.73 25.07
N ILE C 643 20.24 7.27 25.25
CA ILE C 643 21.44 6.43 25.25
C ILE C 643 22.31 6.74 26.45
N GLY C 644 21.76 7.47 27.42
CA GLY C 644 22.51 7.81 28.62
C GLY C 644 21.88 8.89 29.46
N PHE C 645 22.03 8.80 30.77
CA PHE C 645 21.41 9.75 31.70
C PHE C 645 22.42 10.08 32.79
N LYS C 646 21.97 10.87 33.77
CA LYS C 646 22.80 11.25 34.91
C LYS C 646 21.92 11.34 36.14
N ASP C 647 22.25 10.56 37.16
CA ASP C 647 21.45 10.53 38.37
C ASP C 647 21.62 11.83 39.16
N PHE C 648 20.52 12.29 39.77
CA PHE C 648 20.55 13.50 40.56
C PHE C 648 20.97 13.26 42.00
N LEU C 649 20.75 12.05 42.53
CA LEU C 649 21.04 11.78 43.93
C LEU C 649 22.49 11.42 44.18
N THR C 650 23.23 11.01 43.15
CA THR C 650 24.63 10.62 43.31
C THR C 650 25.57 11.21 42.26
N ASN C 651 25.05 11.83 41.21
CA ASN C 651 25.86 12.50 40.18
C ASN C 651 26.84 11.52 39.54
N LYS C 652 26.29 10.49 38.89
CA LYS C 652 27.08 9.54 38.12
C LYS C 652 26.36 9.25 36.81
N THR C 653 27.14 8.83 35.83
CA THR C 653 26.64 8.62 34.47
C THR C 653 26.50 7.13 34.18
N TYR C 654 25.70 6.83 33.16
CA TYR C 654 25.44 5.47 32.74
C TYR C 654 25.20 5.45 31.23
N THR C 655 25.06 4.24 30.69
CA THR C 655 24.72 4.04 29.29
C THR C 655 23.58 3.04 29.19
N ILE C 656 22.75 3.21 28.17
CA ILE C 656 21.57 2.38 27.95
C ILE C 656 21.72 1.66 26.62
N LEU C 657 21.82 0.32 26.69
CA LEU C 657 21.94 -0.51 25.50
C LEU C 657 20.93 -1.65 25.61
N PRO C 658 20.14 -1.91 24.58
CA PRO C 658 19.15 -3.00 24.67
C PRO C 658 19.82 -4.36 24.68
N CYS C 659 19.13 -5.33 25.26
CA CYS C 659 19.65 -6.68 25.36
C CYS C 659 19.27 -7.50 24.11
N TYR C 660 19.71 -8.75 24.08
CA TYR C 660 19.58 -9.56 22.87
C TYR C 660 18.13 -9.91 22.60
N SER C 661 17.77 -9.97 21.32
CA SER C 661 16.44 -10.37 20.89
C SER C 661 16.57 -10.94 19.48
N GLY C 662 16.55 -12.27 19.37
CA GLY C 662 16.71 -12.92 18.09
C GLY C 662 15.82 -14.12 17.89
N ARG C 663 16.13 -14.94 16.90
CA ARG C 663 15.35 -16.14 16.57
C ARG C 663 16.24 -17.37 16.68
N VAL C 664 15.63 -18.53 16.41
CA VAL C 664 16.32 -19.81 16.44
C VAL C 664 16.00 -20.57 15.16
N SER C 665 17.03 -21.12 14.53
CA SER C 665 16.88 -21.89 13.30
C SER C 665 16.77 -23.37 13.65
N ALA C 666 15.63 -23.97 13.32
CA ALA C 666 15.35 -25.36 13.64
C ALA C 666 15.41 -26.21 12.38
N ALA C 667 16.10 -27.34 12.46
CA ALA C 667 16.21 -28.30 11.36
C ALA C 667 15.37 -29.51 11.73
N PHE C 668 14.30 -29.75 10.97
CA PHE C 668 13.35 -30.82 11.26
C PHE C 668 13.30 -31.79 10.09
N TYR C 669 13.36 -33.08 10.39
CA TYR C 669 13.32 -34.12 9.38
C TYR C 669 11.87 -34.49 9.08
N GLN C 670 11.65 -35.57 8.34
CA GLN C 670 10.31 -35.94 7.92
C GLN C 670 9.49 -36.47 9.09
N ASN C 671 9.95 -37.56 9.72
CA ASN C 671 9.21 -38.23 10.78
C ASN C 671 9.98 -38.26 12.09
N SER C 672 10.78 -37.22 12.35
CA SER C 672 11.51 -37.15 13.61
C SER C 672 10.62 -36.61 14.71
N SER C 673 11.09 -36.76 15.95
CA SER C 673 10.31 -36.37 17.12
C SER C 673 10.74 -35.02 17.71
N SER C 674 11.94 -34.54 17.39
CA SER C 674 12.43 -33.28 17.92
C SER C 674 13.42 -32.68 16.93
N PRO C 675 13.24 -31.42 16.56
CA PRO C 675 14.16 -30.80 15.60
C PRO C 675 15.49 -30.42 16.26
N ALA C 676 16.45 -30.09 15.41
CA ALA C 676 17.77 -29.66 15.86
C ALA C 676 17.81 -28.14 15.95
N LEU C 677 18.20 -27.63 17.11
CA LEU C 677 18.23 -26.20 17.35
C LEU C 677 19.56 -25.60 16.89
N LEU C 678 19.53 -24.29 16.62
CA LEU C 678 20.74 -23.57 16.23
C LEU C 678 20.54 -22.10 16.57
N TYR C 679 21.26 -21.64 17.60
CA TYR C 679 21.27 -20.22 17.98
C TYR C 679 22.46 -19.58 17.28
N ARG C 680 22.18 -18.86 16.18
CA ARG C 680 23.25 -18.31 15.37
C ARG C 680 24.00 -17.22 16.11
N ASN C 681 25.34 -17.28 16.04
CA ASN C 681 26.22 -16.25 16.59
C ASN C 681 26.09 -16.13 18.11
N LEU C 682 25.70 -17.22 18.77
CA LEU C 682 25.58 -17.26 20.22
C LEU C 682 26.31 -18.49 20.75
N LYS C 683 26.94 -18.33 21.91
CA LYS C 683 27.63 -19.43 22.57
C LYS C 683 26.66 -20.20 23.46
N CYS C 684 26.98 -21.47 23.69
CA CYS C 684 26.10 -22.32 24.49
C CYS C 684 26.00 -21.84 25.93
N SER C 685 27.06 -21.22 26.46
CA SER C 685 27.03 -20.72 27.83
C SER C 685 25.97 -19.64 28.00
N TYR C 686 25.97 -18.66 27.10
CA TYR C 686 24.99 -17.58 27.17
C TYR C 686 23.58 -18.11 26.99
N VAL C 687 23.39 -19.09 26.09
CA VAL C 687 22.07 -19.66 25.87
C VAL C 687 21.57 -20.38 27.11
N LEU C 688 22.43 -21.18 27.73
CA LEU C 688 22.03 -21.95 28.90
C LEU C 688 21.94 -21.12 30.17
N ASN C 689 22.55 -19.93 30.20
CA ASN C 689 22.53 -19.11 31.41
C ASN C 689 21.55 -17.94 31.33
N ASN C 690 21.12 -17.54 30.13
CA ASN C 690 20.25 -16.38 29.99
C ASN C 690 19.03 -16.60 29.10
N ILE C 691 19.00 -17.65 28.28
CA ILE C 691 17.88 -17.86 27.36
C ILE C 691 17.22 -19.21 27.63
N SER C 692 17.97 -20.29 27.48
CA SER C 692 17.40 -21.62 27.62
C SER C 692 17.30 -22.01 29.10
N PHE C 693 16.18 -22.61 29.45
CA PHE C 693 15.94 -23.10 30.81
C PHE C 693 15.83 -24.62 30.90
N ILE C 694 15.39 -25.27 29.83
CA ILE C 694 15.29 -26.72 29.80
C ILE C 694 16.68 -27.32 29.62
N SER C 695 17.01 -28.31 30.43
CA SER C 695 18.32 -28.94 30.36
C SER C 695 18.43 -29.76 29.08
N GLN C 696 19.45 -29.45 28.26
CA GLN C 696 19.69 -30.16 27.02
C GLN C 696 20.92 -31.03 27.15
N PRO C 697 20.82 -32.34 26.86
CA PRO C 697 21.99 -33.21 27.04
C PRO C 697 23.11 -32.93 26.06
N PHE C 698 22.79 -32.67 24.80
CA PHE C 698 23.79 -32.49 23.76
C PHE C 698 23.82 -31.04 23.30
N TYR C 699 25.00 -30.43 23.36
CA TYR C 699 25.20 -29.05 22.92
C TYR C 699 26.69 -28.80 22.75
N PHE C 700 27.04 -27.99 21.76
CA PHE C 700 28.44 -27.66 21.50
C PHE C 700 28.51 -26.36 20.71
N ASP C 701 29.66 -25.71 20.77
CA ASP C 701 29.89 -24.45 20.09
C ASP C 701 30.43 -24.73 18.69
N SER C 702 29.65 -24.40 17.67
CA SER C 702 30.05 -24.58 16.29
C SER C 702 30.50 -23.23 15.71
N TYR C 703 30.83 -23.24 14.41
CA TYR C 703 31.24 -22.02 13.75
C TYR C 703 30.08 -21.05 13.58
N LEU C 704 28.86 -21.57 13.42
CA LEU C 704 27.69 -20.73 13.24
C LEU C 704 27.03 -20.34 14.56
N GLY C 705 27.15 -21.19 15.58
CA GLY C 705 26.55 -20.89 16.87
C GLY C 705 26.47 -22.16 17.71
N CYS C 706 25.57 -22.12 18.69
CA CYS C 706 25.37 -23.24 19.60
C CYS C 706 24.37 -24.21 18.98
N VAL C 707 24.84 -25.39 18.61
CA VAL C 707 24.00 -26.42 18.02
C VAL C 707 23.51 -27.35 19.13
N LEU C 708 22.21 -27.62 19.14
CA LEU C 708 21.59 -28.47 20.13
C LEU C 708 20.98 -29.69 19.46
N ASN C 709 20.93 -30.80 20.21
CA ASN C 709 20.36 -32.06 19.74
C ASN C 709 21.06 -32.54 18.47
N ALA C 710 22.40 -32.59 18.53
CA ALA C 710 23.20 -33.04 17.40
C ALA C 710 24.55 -33.48 17.92
N VAL C 711 25.26 -34.22 17.08
CA VAL C 711 26.60 -34.72 17.40
C VAL C 711 27.61 -34.04 16.51
N ASN C 712 28.85 -34.00 16.99
CA ASN C 712 29.95 -33.36 16.27
C ASN C 712 30.63 -34.39 15.37
N LEU C 713 30.37 -34.30 14.06
CA LEU C 713 30.95 -35.19 13.07
C LEU C 713 31.49 -34.38 11.89
N THR C 714 32.26 -33.34 12.20
CA THR C 714 32.82 -32.49 11.16
C THR C 714 33.80 -33.26 10.27
N SER C 715 34.39 -34.32 10.80
CA SER C 715 35.34 -35.13 10.02
C SER C 715 34.66 -36.00 8.97
N TYR C 716 33.34 -35.90 8.80
CA TYR C 716 32.60 -36.67 7.82
C TYR C 716 31.98 -35.71 6.81
N SER C 717 32.03 -36.09 5.53
CA SER C 717 31.52 -35.26 4.45
C SER C 717 30.44 -36.00 3.68
N VAL C 718 29.50 -35.23 3.12
CA VAL C 718 28.41 -35.78 2.31
C VAL C 718 28.38 -35.04 0.98
N SER C 719 27.78 -35.70 -0.02
CA SER C 719 27.65 -35.13 -1.35
C SER C 719 26.31 -34.46 -1.58
N SER C 720 25.24 -34.98 -0.99
CA SER C 720 23.90 -34.40 -1.11
C SER C 720 23.33 -34.22 0.28
N CYS C 721 22.77 -33.04 0.55
CA CYS C 721 22.23 -32.73 1.86
C CYS C 721 21.06 -31.77 1.70
N ASP C 722 20.01 -31.99 2.48
CA ASP C 722 18.80 -31.18 2.40
C ASP C 722 18.72 -30.09 3.46
N LEU C 723 19.23 -30.35 4.66
CA LEU C 723 19.19 -29.37 5.74
C LEU C 723 20.48 -28.54 5.74
N ARG C 724 20.61 -27.73 4.70
CA ARG C 724 21.78 -26.88 4.56
C ARG C 724 21.73 -25.75 5.59
N MET C 725 22.83 -25.55 6.32
CA MET C 725 22.89 -24.55 7.36
C MET C 725 23.81 -23.38 7.04
N GLY C 726 24.67 -23.50 6.04
CA GLY C 726 25.54 -22.42 5.64
C GLY C 726 26.98 -22.68 6.03
N SER C 727 27.88 -21.95 5.37
CA SER C 727 29.32 -22.02 5.63
C SER C 727 29.88 -23.42 5.41
N GLY C 728 29.27 -24.18 4.50
CA GLY C 728 29.75 -25.52 4.20
C GLY C 728 29.37 -26.58 5.20
N PHE C 729 28.35 -26.34 6.02
CA PHE C 729 27.89 -27.30 7.01
C PHE C 729 26.40 -27.60 6.79
N CYS C 730 25.99 -28.81 7.15
CA CYS C 730 24.60 -29.20 7.10
C CYS C 730 24.34 -30.24 8.17
N ILE C 731 23.07 -30.62 8.30
CA ILE C 731 22.63 -31.59 9.29
C ILE C 731 21.92 -32.73 8.56
N ASP C 732 22.38 -33.95 8.78
CA ASP C 732 21.77 -35.15 8.21
C ASP C 732 21.15 -36.00 9.32
N TYR C 733 20.18 -36.81 8.93
CA TYR C 733 19.44 -37.65 9.86
C TYR C 733 19.75 -39.12 9.60
N ALA C 734 19.99 -39.86 10.68
CA ALA C 734 20.30 -41.29 10.61
C ALA C 734 19.47 -42.03 11.63
N LEU C 735 18.80 -43.08 11.20
CA LEU C 735 17.98 -43.87 12.11
C LEU C 735 18.87 -44.60 13.12
N PRO C 736 18.49 -44.58 14.41
CA PRO C 736 19.25 -45.25 15.48
C PRO C 736 19.36 -46.76 15.26
N SER C 746 21.78 -41.98 21.51
CA SER C 746 22.13 -40.57 21.60
C SER C 746 21.22 -39.73 20.72
N SER C 747 21.82 -38.80 19.96
CA SER C 747 21.06 -37.92 19.08
C SER C 747 21.11 -38.45 17.66
N PRO C 748 19.97 -38.62 16.99
CA PRO C 748 20.00 -39.12 15.60
C PRO C 748 20.53 -38.10 14.60
N TYR C 749 20.59 -36.82 14.97
CA TYR C 749 21.08 -35.81 14.06
C TYR C 749 22.61 -35.76 14.08
N ARG C 750 23.20 -35.48 12.92
CA ARG C 750 24.63 -35.40 12.75
C ARG C 750 25.00 -34.07 12.12
N PHE C 751 26.08 -33.46 12.62
CA PHE C 751 26.56 -32.18 12.12
C PHE C 751 27.80 -32.45 11.28
N VAL C 752 27.61 -32.59 9.97
CA VAL C 752 28.69 -32.93 9.06
C VAL C 752 28.94 -31.77 8.10
N THR C 753 29.97 -31.90 7.26
CA THR C 753 30.30 -30.87 6.28
C THR C 753 29.46 -31.07 5.03
N PHE C 754 29.79 -30.35 3.96
CA PHE C 754 29.04 -30.42 2.72
C PHE C 754 30.01 -30.15 1.57
N GLU C 755 30.41 -31.21 0.88
CA GLU C 755 31.32 -31.14 -0.27
C GLU C 755 30.63 -31.77 -1.47
N PRO C 756 29.92 -30.98 -2.28
CA PRO C 756 29.16 -31.57 -3.40
C PRO C 756 30.00 -31.91 -4.61
N PHE C 757 31.19 -31.33 -4.77
CA PHE C 757 32.02 -31.57 -5.94
C PHE C 757 33.42 -31.96 -5.51
N ASN C 758 34.06 -32.78 -6.34
CA ASN C 758 35.42 -33.24 -6.09
C ASN C 758 36.14 -33.43 -7.42
N VAL C 759 37.40 -33.84 -7.35
CA VAL C 759 38.24 -34.05 -8.53
C VAL C 759 38.62 -35.53 -8.57
N SER C 760 38.51 -36.13 -9.75
CA SER C 760 38.93 -37.51 -9.95
C SER C 760 40.45 -37.56 -10.02
N PHE C 761 41.06 -38.28 -9.09
CA PHE C 761 42.51 -38.35 -9.00
C PHE C 761 43.04 -39.55 -9.78
N VAL C 762 44.26 -39.39 -10.30
CA VAL C 762 44.96 -40.46 -11.01
C VAL C 762 46.29 -40.72 -10.32
N ASN C 763 46.85 -41.91 -10.59
CA ASN C 763 48.09 -42.34 -9.98
C ASN C 763 49.30 -42.09 -10.89
N ASP C 764 49.26 -41.03 -11.68
CA ASP C 764 50.37 -40.70 -12.58
C ASP C 764 51.35 -39.78 -11.85
N SER C 765 52.43 -39.42 -12.56
CA SER C 765 53.45 -38.55 -12.01
C SER C 765 53.16 -37.09 -12.38
N VAL C 766 53.99 -36.20 -11.83
CA VAL C 766 53.86 -34.78 -12.10
C VAL C 766 55.04 -34.22 -12.89
N GLU C 767 56.23 -34.79 -12.74
CA GLU C 767 57.40 -34.35 -13.47
C GLU C 767 57.74 -35.32 -14.59
N THR C 768 58.51 -34.84 -15.55
CA THR C 768 58.91 -35.63 -16.70
C THR C 768 60.14 -36.47 -16.38
N VAL C 769 60.11 -37.72 -16.81
CA VAL C 769 61.22 -38.66 -16.61
C VAL C 769 61.77 -39.03 -17.98
N GLY C 770 63.05 -38.75 -18.20
CA GLY C 770 63.66 -39.03 -19.48
C GLY C 770 63.13 -38.22 -20.64
N GLY C 771 62.53 -37.06 -20.36
CA GLY C 771 61.97 -36.23 -21.41
C GLY C 771 60.59 -36.61 -21.87
N LEU C 772 59.93 -37.56 -21.20
CA LEU C 772 58.60 -38.02 -21.58
C LEU C 772 57.65 -37.85 -20.40
N PHE C 773 56.40 -37.51 -20.71
CA PHE C 773 55.37 -37.38 -19.69
C PHE C 773 54.60 -38.68 -19.56
N GLU C 774 53.62 -38.70 -18.64
CA GLU C 774 52.83 -39.89 -18.38
C GLU C 774 51.37 -39.49 -18.26
N ILE C 775 50.52 -40.01 -19.15
CA ILE C 775 49.10 -39.72 -19.19
C ILE C 775 48.33 -41.03 -19.35
N GLN C 776 47.01 -40.92 -19.43
CA GLN C 776 46.12 -42.06 -19.60
C GLN C 776 45.32 -41.88 -20.87
N ILE C 777 45.50 -42.78 -21.81
CA ILE C 777 44.80 -42.76 -23.10
C ILE C 777 43.79 -43.90 -23.11
N PRO C 778 42.53 -43.63 -23.44
CA PRO C 778 41.52 -44.69 -23.43
C PRO C 778 41.76 -45.73 -24.52
N THR C 779 41.22 -46.92 -24.29
CA THR C 779 41.29 -48.02 -25.24
C THR C 779 39.94 -48.50 -25.74
N ASN C 780 38.88 -48.30 -24.97
CA ASN C 780 37.53 -48.67 -25.37
C ASN C 780 36.56 -47.62 -24.87
N PHE C 781 35.47 -47.41 -25.62
CA PHE C 781 34.55 -46.32 -25.34
C PHE C 781 33.12 -46.81 -25.52
N THR C 782 32.18 -45.97 -25.08
CA THR C 782 30.76 -46.21 -25.26
C THR C 782 30.08 -44.85 -25.47
N ILE C 783 28.75 -44.85 -25.50
CA ILE C 783 27.96 -43.65 -25.70
C ILE C 783 26.93 -43.55 -24.58
N ALA C 784 26.90 -42.40 -23.92
CA ALA C 784 25.96 -42.13 -22.83
C ALA C 784 24.91 -41.13 -23.27
N GLY C 785 23.79 -41.14 -22.55
CA GLY C 785 22.69 -40.24 -22.86
C GLY C 785 22.18 -39.47 -21.67
N HIS C 786 22.19 -38.14 -21.77
CA HIS C 786 21.72 -37.26 -20.71
C HIS C 786 20.41 -36.60 -21.12
N GLU C 787 19.83 -35.84 -20.18
CA GLU C 787 18.58 -35.15 -20.42
C GLU C 787 18.63 -33.79 -19.72
N GLU C 788 17.93 -32.82 -20.29
CA GLU C 788 17.90 -31.47 -19.75
C GLU C 788 16.58 -30.81 -20.10
N PHE C 789 15.95 -30.16 -19.12
CA PHE C 789 14.69 -29.47 -19.30
C PHE C 789 14.90 -27.98 -19.03
N ILE C 790 14.47 -27.15 -19.98
CA ILE C 790 14.57 -25.69 -19.86
C ILE C 790 13.15 -25.13 -19.93
N GLN C 791 12.76 -24.39 -18.91
CA GLN C 791 11.43 -23.81 -18.86
C GLN C 791 11.30 -22.69 -19.88
N THR C 792 10.24 -22.72 -20.68
CA THR C 792 10.01 -21.73 -21.72
C THR C 792 8.71 -20.95 -21.51
N SER C 793 7.61 -21.63 -21.25
CA SER C 793 6.30 -21.00 -21.12
C SER C 793 5.89 -20.92 -19.66
N SER C 794 4.67 -20.43 -19.43
CA SER C 794 4.13 -20.26 -18.09
C SER C 794 2.62 -20.13 -18.20
N PRO C 795 1.87 -20.60 -17.20
CA PRO C 795 0.40 -20.47 -17.26
C PRO C 795 -0.02 -19.00 -17.32
N LYS C 796 -0.86 -18.69 -18.31
CA LYS C 796 -1.36 -17.33 -18.51
C LYS C 796 -2.49 -17.09 -17.53
N VAL C 797 -2.18 -16.38 -16.44
CA VAL C 797 -3.16 -16.11 -15.39
C VAL C 797 -3.85 -14.78 -15.68
N THR C 798 -5.18 -14.80 -15.74
CA THR C 798 -5.99 -13.62 -15.93
C THR C 798 -6.85 -13.41 -14.70
N ILE C 799 -6.89 -12.18 -14.20
CA ILE C 799 -7.59 -11.84 -12.96
C ILE C 799 -8.68 -10.83 -13.28
N ASP C 800 -9.92 -11.14 -12.91
CA ASP C 800 -11.03 -10.20 -13.00
C ASP C 800 -10.99 -9.33 -11.75
N CYS C 801 -10.37 -8.17 -11.87
CA CYS C 801 -10.12 -7.32 -10.70
C CYS C 801 -11.43 -6.86 -10.06
N SER C 802 -12.40 -6.45 -10.87
CA SER C 802 -13.67 -5.99 -10.32
C SER C 802 -14.39 -7.11 -9.58
N ALA C 803 -14.51 -8.28 -10.21
CA ALA C 803 -15.21 -9.39 -9.57
C ALA C 803 -14.45 -9.94 -8.38
N PHE C 804 -13.12 -9.80 -8.37
CA PHE C 804 -12.34 -10.28 -7.22
C PHE C 804 -12.45 -9.33 -6.03
N VAL C 805 -12.36 -8.03 -6.27
CA VAL C 805 -12.46 -7.07 -5.16
C VAL C 805 -13.88 -7.01 -4.64
N CYS C 806 -14.87 -6.99 -5.53
CA CYS C 806 -16.27 -6.89 -5.15
C CYS C 806 -17.06 -8.02 -5.79
N SER C 807 -17.89 -8.68 -4.99
CA SER C 807 -18.81 -9.70 -5.49
C SER C 807 -20.04 -9.00 -6.08
N ASN C 808 -21.10 -9.76 -6.32
CA ASN C 808 -22.32 -9.23 -6.92
C ASN C 808 -23.12 -8.43 -5.88
N TYR C 809 -22.50 -7.35 -5.41
CA TYR C 809 -23.13 -6.43 -4.47
C TYR C 809 -23.09 -5.01 -5.04
N ALA C 810 -24.17 -4.26 -4.83
CA ALA C 810 -24.27 -2.93 -5.42
C ALA C 810 -23.40 -1.91 -4.68
N ALA C 811 -23.41 -1.95 -3.35
CA ALA C 811 -22.66 -0.95 -2.58
C ALA C 811 -21.16 -1.09 -2.82
N CYS C 812 -20.66 -2.33 -2.91
CA CYS C 812 -19.23 -2.53 -3.13
C CYS C 812 -18.80 -1.95 -4.47
N HIS C 813 -19.59 -2.21 -5.53
CA HIS C 813 -19.25 -1.65 -6.85
C HIS C 813 -19.37 -0.14 -6.86
N ASP C 814 -20.38 0.41 -6.17
CA ASP C 814 -20.54 1.86 -6.11
C ASP C 814 -19.35 2.51 -5.41
N LEU C 815 -18.82 1.85 -4.37
CA LEU C 815 -17.65 2.40 -3.68
C LEU C 815 -16.38 2.21 -4.50
N LEU C 816 -16.27 1.10 -5.23
CA LEU C 816 -15.07 0.85 -6.02
C LEU C 816 -15.01 1.75 -7.23
N SER C 817 -16.16 2.18 -7.77
CA SER C 817 -16.17 3.08 -8.91
C SER C 817 -15.62 4.45 -8.58
N GLU C 818 -15.48 4.78 -7.29
CA GLU C 818 -14.97 6.08 -6.86
C GLU C 818 -13.49 6.04 -6.51
N TYR C 819 -12.77 5.01 -6.95
CA TYR C 819 -11.34 4.87 -6.68
C TYR C 819 -10.46 5.34 -7.83
N GLY C 820 -10.68 4.84 -9.02
CA GLY C 820 -9.91 5.24 -10.17
C GLY C 820 -9.79 4.10 -11.18
N THR C 821 -8.59 3.92 -11.71
CA THR C 821 -8.31 2.94 -12.74
C THR C 821 -7.31 1.90 -12.26
N PHE C 822 -7.41 1.50 -10.98
CA PHE C 822 -6.52 0.49 -10.45
C PHE C 822 -6.75 -0.86 -11.13
N CYS C 823 -8.01 -1.25 -11.27
CA CYS C 823 -8.33 -2.49 -11.98
C CYS C 823 -7.91 -2.41 -13.44
N ASP C 824 -8.03 -1.23 -14.06
CA ASP C 824 -7.61 -1.07 -15.43
C ASP C 824 -6.10 -1.25 -15.56
N ASN C 825 -5.33 -0.69 -14.63
CA ASN C 825 -3.88 -0.87 -14.66
C ASN C 825 -3.50 -2.34 -14.44
N ILE C 826 -4.21 -3.02 -13.54
CA ILE C 826 -3.94 -4.44 -13.31
C ILE C 826 -4.20 -5.24 -14.58
N ASN C 827 -5.33 -4.97 -15.23
CA ASN C 827 -5.66 -5.67 -16.47
C ASN C 827 -4.64 -5.37 -17.57
N SER C 828 -4.16 -4.12 -17.62
CA SER C 828 -3.15 -3.77 -18.62
C SER C 828 -1.85 -4.52 -18.37
N ILE C 829 -1.42 -4.63 -17.11
CA ILE C 829 -0.21 -5.37 -16.79
C ILE C 829 -0.37 -6.84 -17.17
N LEU C 830 -1.54 -7.41 -16.85
CA LEU C 830 -1.77 -8.82 -17.19
C LEU C 830 -1.77 -9.03 -18.71
N ASN C 831 -2.37 -8.10 -19.45
CA ASN C 831 -2.38 -8.22 -20.91
C ASN C 831 -0.98 -8.09 -21.48
N GLU C 832 -0.15 -7.21 -20.92
CA GLU C 832 1.22 -7.10 -21.38
C GLU C 832 1.99 -8.38 -21.10
N VAL C 833 1.78 -8.98 -19.93
CA VAL C 833 2.43 -10.25 -19.61
C VAL C 833 2.01 -11.34 -20.60
N ASN C 834 0.71 -11.40 -20.90
CA ASN C 834 0.23 -12.42 -21.84
C ASN C 834 0.79 -12.19 -23.24
N ASP C 835 0.89 -10.92 -23.66
CA ASP C 835 1.47 -10.63 -24.97
C ASP C 835 2.94 -11.00 -25.03
N LEU C 836 3.67 -10.75 -23.94
CA LEU C 836 5.08 -11.16 -23.90
C LEU C 836 5.21 -12.68 -24.00
N LEU C 837 4.35 -13.41 -23.28
CA LEU C 837 4.39 -14.86 -23.35
C LEU C 837 4.07 -15.36 -24.76
N ASP C 838 3.09 -14.73 -25.41
CA ASP C 838 2.73 -15.14 -26.77
C ASP C 838 3.86 -14.86 -27.75
N ILE C 839 4.51 -13.70 -27.63
CA ILE C 839 5.63 -13.39 -28.51
C ILE C 839 6.78 -14.37 -28.27
N THR C 840 7.01 -14.73 -27.01
CA THR C 840 8.06 -15.70 -26.70
C THR C 840 7.77 -17.06 -27.33
N GLN C 841 6.51 -17.51 -27.22
CA GLN C 841 6.14 -18.80 -27.82
C GLN C 841 6.26 -18.75 -29.34
N LEU C 842 5.89 -17.63 -29.95
CA LEU C 842 6.03 -17.51 -31.39
C LEU C 842 7.49 -17.54 -31.82
N GLN C 843 8.37 -16.89 -31.05
CA GLN C 843 9.79 -16.92 -31.35
C GLN C 843 10.35 -18.33 -31.21
N VAL C 844 9.90 -19.07 -30.18
CA VAL C 844 10.35 -20.45 -30.01
C VAL C 844 9.91 -21.30 -31.18
N ALA C 845 8.66 -21.14 -31.63
CA ALA C 845 8.18 -21.90 -32.78
C ALA C 845 8.96 -21.55 -34.04
N ASN C 846 9.23 -20.26 -34.25
CA ASN C 846 10.00 -19.84 -35.42
C ASN C 846 11.40 -20.42 -35.40
N ALA C 847 12.03 -20.46 -34.22
CA ALA C 847 13.36 -21.05 -34.12
C ALA C 847 13.32 -22.56 -34.34
N LEU C 848 12.23 -23.21 -33.92
CA LEU C 848 12.12 -24.66 -34.11
C LEU C 848 11.79 -25.03 -35.56
N MET C 849 11.18 -24.13 -36.32
CA MET C 849 10.75 -24.44 -37.69
C MET C 849 11.31 -23.44 -38.68
N GLN C 850 12.62 -23.19 -38.60
CA GLN C 850 13.29 -22.26 -39.49
C GLN C 850 14.21 -23.02 -40.43
N GLY C 851 14.03 -22.82 -41.74
CA GLY C 851 14.91 -23.42 -42.73
C GLY C 851 14.80 -24.92 -42.84
N VAL C 852 13.65 -25.49 -42.53
CA VAL C 852 13.44 -26.94 -42.59
C VAL C 852 12.86 -27.29 -43.95
N THR C 853 13.40 -28.33 -44.57
CA THR C 853 12.95 -28.80 -45.87
C THR C 853 12.74 -30.31 -45.81
N LEU C 854 11.53 -30.75 -46.11
CA LEU C 854 11.16 -32.16 -46.07
C LEU C 854 10.71 -32.61 -47.46
N SER C 855 10.36 -33.89 -47.57
CA SER C 855 9.90 -34.48 -48.81
C SER C 855 8.38 -34.66 -48.77
N SER C 856 7.76 -34.63 -49.96
CA SER C 856 6.32 -34.79 -50.04
C SER C 856 5.90 -36.23 -49.83
N ASN C 857 6.71 -37.19 -50.27
CA ASN C 857 6.41 -38.61 -50.13
C ASN C 857 7.26 -39.15 -48.97
N LEU C 858 6.72 -39.04 -47.75
CA LEU C 858 7.42 -39.48 -46.56
C LEU C 858 6.40 -39.86 -45.50
N ASN C 859 6.40 -41.14 -45.11
CA ASN C 859 5.50 -41.65 -44.08
C ASN C 859 6.33 -42.11 -42.90
N THR C 860 6.11 -41.46 -41.75
CA THR C 860 6.87 -41.80 -40.55
C THR C 860 6.52 -43.17 -40.00
N ASN C 861 5.33 -43.69 -40.31
CA ASN C 861 4.92 -45.00 -39.81
C ASN C 861 5.59 -46.14 -40.56
N LEU C 862 6.08 -45.91 -41.78
CA LEU C 862 6.70 -46.98 -42.56
C LEU C 862 8.16 -47.19 -42.18
N HIS C 863 8.98 -46.16 -42.40
CA HIS C 863 10.41 -46.26 -42.14
C HIS C 863 10.71 -46.53 -40.67
N SER C 864 10.37 -45.56 -39.81
CA SER C 864 10.49 -45.64 -38.36
C SER C 864 11.94 -45.84 -37.88
N ASP C 865 12.91 -45.85 -38.79
CA ASP C 865 14.30 -46.03 -38.39
C ASP C 865 15.20 -45.54 -39.52
N VAL C 866 16.47 -45.33 -39.18
CA VAL C 866 17.47 -44.88 -40.14
C VAL C 866 18.84 -45.41 -39.76
N ASP C 867 19.46 -46.17 -40.66
CA ASP C 867 20.80 -46.74 -40.47
C ASP C 867 20.87 -47.58 -39.19
N ASN C 868 19.93 -48.52 -39.06
CA ASN C 868 19.89 -49.46 -37.94
C ASN C 868 19.77 -48.75 -36.60
N ILE C 869 19.19 -47.56 -36.59
CA ILE C 869 18.97 -46.79 -35.36
C ILE C 869 17.48 -46.57 -35.21
N ASP C 870 16.93 -47.05 -34.09
CA ASP C 870 15.49 -46.94 -33.84
C ASP C 870 15.16 -45.55 -33.32
N PHE C 871 14.34 -44.82 -34.07
CA PHE C 871 13.89 -43.49 -33.68
C PHE C 871 12.36 -43.40 -33.70
N LYS C 872 11.69 -44.54 -33.51
CA LYS C 872 10.23 -44.54 -33.50
C LYS C 872 9.68 -43.85 -32.26
N SER C 873 10.39 -43.94 -31.13
CA SER C 873 9.96 -43.33 -29.89
C SER C 873 10.21 -41.82 -29.85
N LEU C 874 10.68 -41.23 -30.96
CA LEU C 874 10.96 -39.80 -31.01
C LEU C 874 10.22 -39.10 -32.15
N LEU C 875 9.24 -39.78 -32.78
CA LEU C 875 8.53 -39.23 -33.91
C LEU C 875 7.03 -39.38 -33.70
N GLY C 876 6.27 -38.44 -34.26
CA GLY C 876 4.82 -38.50 -34.22
C GLY C 876 4.24 -38.89 -35.57
N CYS C 877 3.70 -37.91 -36.29
CA CYS C 877 3.19 -38.13 -37.63
C CYS C 877 3.11 -36.80 -38.36
N LEU C 878 3.55 -36.79 -39.61
CA LEU C 878 3.52 -35.58 -40.43
C LEU C 878 2.99 -35.80 -41.84
N GLY C 879 2.89 -37.04 -42.31
CA GLY C 879 2.37 -37.32 -43.62
C GLY C 879 0.85 -37.24 -43.66
N SER C 880 0.31 -37.58 -44.83
CA SER C 880 -1.15 -37.58 -45.04
C SER C 880 -1.77 -38.91 -44.67
N GLN C 881 -1.52 -39.37 -43.44
CA GLN C 881 -2.05 -40.63 -42.97
C GLN C 881 -2.67 -40.58 -41.58
N CYS C 882 -2.42 -39.53 -40.81
CA CYS C 882 -2.99 -39.40 -39.47
C CYS C 882 -3.99 -38.26 -39.42
N GLY C 883 -4.85 -38.30 -38.40
CA GLY C 883 -5.93 -37.33 -38.26
C GLY C 883 -5.72 -36.35 -37.14
N SER C 884 -6.35 -36.61 -35.99
CA SER C 884 -6.32 -35.69 -34.87
C SER C 884 -4.94 -35.73 -34.20
N SER C 885 -4.84 -35.08 -33.04
CA SER C 885 -3.57 -34.94 -32.36
C SER C 885 -2.94 -36.30 -32.05
N SER C 886 -1.66 -36.43 -32.39
CA SER C 886 -0.91 -37.66 -32.13
C SER C 886 0.54 -37.27 -31.88
N ARG C 887 0.97 -37.41 -30.63
CA ARG C 887 2.31 -37.01 -30.22
C ARG C 887 3.25 -38.21 -30.26
N SER C 888 4.47 -38.01 -29.75
CA SER C 888 5.48 -39.06 -29.72
C SER C 888 5.30 -39.93 -28.48
N PRO C 889 5.66 -41.22 -28.57
CA PRO C 889 5.57 -42.09 -27.39
C PRO C 889 6.33 -41.55 -26.19
N LEU C 890 7.55 -41.05 -26.39
CA LEU C 890 8.28 -40.43 -25.29
C LEU C 890 7.55 -39.18 -24.79
N GLU C 891 7.01 -38.38 -25.71
CA GLU C 891 6.22 -37.22 -25.30
C GLU C 891 4.95 -37.64 -24.58
N ASP C 892 4.36 -38.77 -24.99
CA ASP C 892 3.18 -39.27 -24.30
C ASP C 892 3.52 -39.68 -22.87
N LEU C 893 4.63 -40.40 -22.69
CA LEU C 893 5.04 -40.79 -21.34
C LEU C 893 5.41 -39.59 -20.49
N LEU C 894 5.96 -38.54 -21.10
CA LEU C 894 6.31 -37.34 -20.35
C LEU C 894 5.08 -36.51 -19.99
N PHE C 895 4.06 -36.49 -20.84
CA PHE C 895 2.88 -35.68 -20.59
C PHE C 895 1.87 -36.38 -19.68
N ASN C 896 1.81 -37.72 -19.73
CA ASN C 896 0.84 -38.43 -18.90
C ASN C 896 1.39 -38.62 -17.48
N LYS C 897 1.90 -37.55 -16.89
CA LYS C 897 2.31 -37.55 -15.49
C LYS C 897 1.92 -36.28 -14.75
N VAL C 898 1.53 -35.22 -15.43
CA VAL C 898 1.12 -33.96 -14.82
C VAL C 898 -0.30 -33.67 -15.28
N LYS C 899 -1.24 -33.66 -14.34
CA LYS C 899 -2.64 -33.43 -14.68
C LYS C 899 -2.88 -32.00 -15.16
N LEU C 900 -2.15 -31.04 -14.61
CA LEU C 900 -2.34 -29.63 -14.95
C LEU C 900 -1.50 -29.25 -16.17
N SER C 901 -1.82 -29.88 -17.30
CA SER C 901 -1.18 -29.56 -18.57
C SER C 901 -1.99 -28.49 -19.30
N ASP C 902 -1.68 -28.26 -20.57
CA ASP C 902 -2.42 -27.28 -21.34
C ASP C 902 -3.88 -27.70 -21.51
N VAL C 903 -4.13 -29.01 -21.68
CA VAL C 903 -5.49 -29.51 -21.77
C VAL C 903 -6.09 -29.83 -20.40
N GLY C 904 -5.25 -29.94 -19.36
CA GLY C 904 -5.77 -30.24 -18.04
C GLY C 904 -6.64 -29.12 -17.49
N PHE C 905 -6.20 -27.87 -17.67
CA PHE C 905 -7.01 -26.74 -17.22
C PHE C 905 -8.35 -26.68 -17.95
N VAL C 906 -8.35 -26.98 -19.25
CA VAL C 906 -9.59 -26.98 -20.01
C VAL C 906 -10.52 -28.08 -19.52
N GLU C 907 -9.98 -29.29 -19.33
CA GLU C 907 -10.80 -30.40 -18.87
C GLU C 907 -11.31 -30.18 -17.45
N ALA C 908 -10.56 -29.43 -16.64
CA ALA C 908 -11.02 -29.14 -15.28
C ALA C 908 -12.08 -28.05 -15.27
N TYR C 909 -11.93 -27.03 -16.12
CA TYR C 909 -12.93 -25.97 -16.18
C TYR C 909 -14.21 -26.45 -16.85
N ASN C 910 -14.13 -27.47 -17.71
CA ASN C 910 -15.34 -28.03 -18.31
C ASN C 910 -16.19 -28.77 -17.31
N ASN C 911 -15.61 -29.27 -16.23
CA ASN C 911 -16.34 -30.04 -15.23
C ASN C 911 -16.86 -29.18 -14.08
N CYS C 912 -16.78 -27.85 -14.20
CA CYS C 912 -17.31 -26.98 -13.16
C CYS C 912 -18.82 -26.79 -13.25
N THR C 913 -19.41 -27.03 -14.41
CA THR C 913 -20.84 -26.92 -14.62
C THR C 913 -21.45 -28.26 -15.00
N GLY C 914 -20.98 -29.33 -14.35
CA GLY C 914 -21.48 -30.66 -14.64
C GLY C 914 -21.87 -31.44 -13.39
N GLY C 915 -21.51 -30.91 -12.23
CA GLY C 915 -21.82 -31.55 -10.97
C GLY C 915 -20.87 -32.65 -10.55
N SER C 916 -19.83 -32.93 -11.34
CA SER C 916 -18.88 -33.98 -10.98
C SER C 916 -18.06 -33.57 -9.76
N GLU C 917 -17.35 -32.45 -9.84
CA GLU C 917 -16.56 -31.97 -8.73
C GLU C 917 -17.42 -31.20 -7.74
N ILE C 918 -17.16 -31.39 -6.45
CA ILE C 918 -17.91 -30.75 -5.40
C ILE C 918 -17.19 -29.53 -4.84
N ARG C 919 -15.93 -29.71 -4.44
CA ARG C 919 -15.12 -28.65 -3.84
C ARG C 919 -13.79 -28.51 -4.58
N ASP C 920 -13.86 -28.48 -5.90
CA ASP C 920 -12.66 -28.31 -6.71
C ASP C 920 -12.12 -26.89 -6.56
N LEU C 921 -10.81 -26.77 -6.37
CA LEU C 921 -10.21 -25.46 -6.14
C LEU C 921 -10.23 -24.60 -7.39
N LEU C 922 -10.06 -25.21 -8.57
CA LEU C 922 -10.01 -24.42 -9.80
C LEU C 922 -11.36 -23.77 -10.10
N CYS C 923 -12.46 -24.47 -9.84
CA CYS C 923 -13.77 -23.88 -10.07
C CYS C 923 -14.04 -22.74 -9.10
N VAL C 924 -13.58 -22.89 -7.85
CA VAL C 924 -13.75 -21.81 -6.87
C VAL C 924 -12.92 -20.60 -7.27
N GLN C 925 -11.70 -20.81 -7.76
CA GLN C 925 -10.89 -19.70 -8.24
C GLN C 925 -11.51 -19.04 -9.46
N SER C 926 -12.13 -19.83 -10.34
CA SER C 926 -12.79 -19.26 -11.51
C SER C 926 -14.01 -18.44 -11.11
N PHE C 927 -14.74 -18.88 -10.08
CA PHE C 927 -15.91 -18.14 -9.61
C PHE C 927 -15.54 -16.83 -8.94
N ASN C 928 -14.26 -16.62 -8.60
CA ASN C 928 -13.82 -15.38 -7.98
C ASN C 928 -13.01 -14.50 -8.93
N GLY C 929 -12.93 -14.87 -10.21
CA GLY C 929 -12.24 -14.07 -11.19
C GLY C 929 -10.82 -14.50 -11.51
N ILE C 930 -10.38 -15.66 -11.05
CA ILE C 930 -9.03 -16.16 -11.30
C ILE C 930 -9.16 -17.34 -12.26
N LYS C 931 -8.71 -17.15 -13.50
CA LYS C 931 -8.83 -18.17 -14.52
C LYS C 931 -7.58 -18.16 -15.39
N VAL C 932 -7.20 -19.35 -15.86
CA VAL C 932 -6.02 -19.53 -16.70
C VAL C 932 -6.46 -19.75 -18.13
N LEU C 933 -5.86 -19.02 -19.07
CA LEU C 933 -6.19 -19.10 -20.48
C LEU C 933 -5.17 -19.96 -21.22
N PRO C 934 -5.61 -20.73 -22.22
CA PRO C 934 -4.67 -21.56 -22.96
C PRO C 934 -3.80 -20.71 -23.87
N PRO C 935 -2.60 -21.19 -24.22
CA PRO C 935 -1.74 -20.42 -25.12
C PRO C 935 -2.29 -20.36 -26.54
N ILE C 936 -1.68 -19.50 -27.35
CA ILE C 936 -2.14 -19.34 -28.73
C ILE C 936 -1.78 -20.53 -29.60
N LEU C 937 -0.77 -21.31 -29.22
CA LEU C 937 -0.36 -22.49 -29.97
C LEU C 937 -0.50 -23.72 -29.07
N SER C 938 -1.21 -24.72 -29.56
CA SER C 938 -1.41 -25.94 -28.80
C SER C 938 -0.14 -26.78 -28.79
N GLU C 939 -0.11 -27.76 -27.88
CA GLU C 939 1.04 -28.66 -27.79
C GLU C 939 1.14 -29.59 -28.99
N THR C 940 0.04 -29.80 -29.72
CA THR C 940 0.11 -30.64 -30.91
C THR C 940 0.98 -30.00 -31.98
N GLN C 941 0.86 -28.68 -32.18
CA GLN C 941 1.68 -28.00 -33.17
C GLN C 941 3.15 -28.01 -32.77
N ILE C 942 3.45 -27.85 -31.48
CA ILE C 942 4.83 -27.91 -31.02
C ILE C 942 5.39 -29.32 -31.21
N SER C 943 4.58 -30.34 -30.93
CA SER C 943 5.01 -31.71 -31.15
C SER C 943 5.29 -31.97 -32.62
N GLY C 944 4.44 -31.44 -33.50
CA GLY C 944 4.68 -31.59 -34.93
C GLY C 944 5.94 -30.88 -35.38
N TYR C 945 6.20 -29.69 -34.82
CA TYR C 945 7.43 -28.97 -35.14
C TYR C 945 8.65 -29.74 -34.69
N THR C 946 8.61 -30.31 -33.49
CA THR C 946 9.74 -31.10 -33.01
C THR C 946 9.93 -32.36 -33.85
N THR C 947 8.83 -32.99 -34.27
CA THR C 947 8.93 -34.17 -35.13
C THR C 947 9.56 -33.80 -36.48
N ALA C 948 9.16 -32.66 -37.05
CA ALA C 948 9.76 -32.23 -38.30
C ALA C 948 11.25 -31.92 -38.14
N ALA C 949 11.60 -31.27 -37.03
CA ALA C 949 13.01 -30.96 -36.79
C ALA C 949 13.84 -32.23 -36.61
N THR C 950 13.25 -33.25 -35.99
CA THR C 950 13.96 -34.52 -35.82
C THR C 950 14.09 -35.25 -37.15
N VAL C 951 13.05 -35.22 -37.98
CA VAL C 951 13.10 -35.88 -39.29
C VAL C 951 14.09 -35.17 -40.20
N ALA C 952 14.25 -33.86 -40.05
CA ALA C 952 15.16 -33.10 -40.89
C ALA C 952 16.63 -33.50 -40.73
N ALA C 953 16.95 -34.40 -39.81
CA ALA C 953 18.32 -34.84 -39.60
C ALA C 953 18.47 -36.36 -39.73
N MET C 954 17.55 -37.01 -40.44
CA MET C 954 17.61 -38.46 -40.61
C MET C 954 17.53 -38.85 -42.08
N PHE C 955 16.84 -38.05 -42.88
CA PHE C 955 16.60 -38.34 -44.28
C PHE C 955 17.04 -37.17 -45.13
N PRO C 956 17.32 -37.40 -46.41
CA PRO C 956 17.72 -36.29 -47.28
C PRO C 956 16.60 -35.27 -47.38
N PRO C 957 16.93 -33.99 -47.65
CA PRO C 957 18.28 -33.51 -47.93
C PRO C 957 19.07 -33.12 -46.67
N TRP C 958 18.61 -33.58 -45.50
CA TRP C 958 19.28 -33.34 -44.23
C TRP C 958 19.42 -31.84 -43.97
N SER C 959 18.28 -31.17 -43.85
CA SER C 959 18.24 -29.73 -43.63
C SER C 959 18.57 -29.34 -42.20
N ALA C 960 19.03 -30.28 -41.36
CA ALA C 960 19.41 -30.00 -40.00
C ALA C 960 20.85 -30.37 -39.69
N ALA C 961 21.62 -30.84 -40.69
CA ALA C 961 23.01 -31.20 -40.47
C ALA C 961 23.92 -30.68 -41.58
N ALA C 962 23.50 -29.63 -42.29
CA ALA C 962 24.23 -28.97 -43.37
C ALA C 962 24.40 -29.84 -44.61
N GLY C 963 23.89 -31.06 -44.61
CA GLY C 963 23.93 -31.89 -45.81
C GLY C 963 24.72 -33.17 -45.68
N VAL C 964 25.07 -33.56 -44.46
CA VAL C 964 25.82 -34.79 -44.23
C VAL C 964 24.88 -35.82 -43.60
N PRO C 965 24.93 -37.08 -44.02
CA PRO C 965 24.07 -38.11 -43.40
C PRO C 965 24.37 -38.26 -41.91
N PHE C 966 23.42 -38.90 -41.22
CA PHE C 966 23.52 -39.04 -39.77
C PHE C 966 24.73 -39.86 -39.33
N PRO C 967 24.99 -41.06 -39.85
CA PRO C 967 26.18 -41.79 -39.37
C PRO C 967 27.48 -41.10 -39.71
N LEU C 968 27.60 -40.51 -40.91
CA LEU C 968 28.80 -39.78 -41.25
C LEU C 968 28.98 -38.56 -40.35
N ASN C 969 27.87 -37.89 -40.01
CA ASN C 969 27.95 -36.75 -39.11
C ASN C 969 28.42 -37.18 -37.73
N VAL C 970 27.91 -38.29 -37.22
CA VAL C 970 28.34 -38.80 -35.92
C VAL C 970 29.82 -39.17 -35.96
N GLN C 971 30.26 -39.80 -37.05
CA GLN C 971 31.67 -40.17 -37.17
C GLN C 971 32.55 -38.93 -37.20
N TYR C 972 32.13 -37.89 -37.91
CA TYR C 972 32.91 -36.65 -37.95
C TYR C 972 32.95 -35.98 -36.59
N ARG C 973 31.82 -35.97 -35.87
CA ARG C 973 31.79 -35.36 -34.54
C ARG C 973 32.68 -36.11 -33.57
N ILE C 974 32.75 -37.44 -33.69
CA ILE C 974 33.63 -38.21 -32.81
C ILE C 974 35.09 -38.00 -33.19
N ASN C 975 35.38 -37.94 -34.49
CA ASN C 975 36.75 -37.71 -34.94
C ASN C 975 37.24 -36.32 -34.54
N GLY C 976 36.34 -35.34 -34.45
CA GLY C 976 36.73 -34.01 -34.03
C GLY C 976 37.27 -33.92 -32.62
N LEU C 977 37.03 -34.95 -31.80
CA LEU C 977 37.50 -34.98 -30.43
C LEU C 977 38.90 -35.57 -30.29
N GLY C 978 39.43 -36.20 -31.34
CA GLY C 978 40.76 -36.77 -31.28
C GLY C 978 40.77 -38.28 -31.40
N VAL C 979 39.78 -38.84 -32.10
CA VAL C 979 39.65 -40.28 -32.29
C VAL C 979 39.86 -40.57 -33.78
N THR C 980 40.69 -41.57 -34.08
CA THR C 980 40.95 -41.94 -35.46
C THR C 980 39.69 -42.49 -36.12
N MET C 981 39.58 -42.27 -37.43
CA MET C 981 38.41 -42.71 -38.16
C MET C 981 38.43 -44.21 -38.48
N ASP C 982 39.57 -44.88 -38.29
CA ASP C 982 39.64 -46.31 -38.57
C ASP C 982 38.78 -47.10 -37.60
N VAL C 983 38.92 -46.83 -36.30
CA VAL C 983 38.12 -47.54 -35.31
C VAL C 983 36.66 -47.16 -35.43
N LEU C 984 36.37 -45.95 -35.89
CA LEU C 984 34.97 -45.54 -36.09
C LEU C 984 34.36 -46.22 -37.31
N ASN C 985 35.16 -46.48 -38.34
CA ASN C 985 34.65 -47.11 -39.54
C ASN C 985 34.58 -48.63 -39.41
N LYS C 986 35.41 -49.21 -38.55
CA LYS C 986 35.40 -50.65 -38.34
C LYS C 986 34.47 -51.09 -37.21
N ASN C 987 33.78 -50.15 -36.56
CA ASN C 987 32.86 -50.45 -35.47
C ASN C 987 31.54 -49.70 -35.66
N GLN C 988 31.00 -49.75 -36.88
CA GLN C 988 29.73 -49.09 -37.14
C GLN C 988 28.56 -49.79 -36.46
N LYS C 989 28.69 -51.08 -36.19
CA LYS C 989 27.63 -51.83 -35.52
C LYS C 989 27.55 -51.56 -34.03
N LEU C 990 28.55 -50.87 -33.46
CA LEU C 990 28.55 -50.59 -32.03
C LEU C 990 27.89 -49.25 -31.71
N ILE C 991 28.03 -48.26 -32.59
CA ILE C 991 27.44 -46.95 -32.34
C ILE C 991 25.92 -47.02 -32.33
N ALA C 992 25.34 -47.78 -33.27
CA ALA C 992 23.90 -47.92 -33.29
C ALA C 992 23.37 -48.63 -32.05
N ASN C 993 24.07 -49.69 -31.62
CA ASN C 993 23.67 -50.39 -30.41
C ASN C 993 23.78 -49.49 -29.19
N ALA C 994 24.83 -48.66 -29.13
CA ALA C 994 24.98 -47.73 -28.02
C ALA C 994 23.87 -46.70 -28.00
N PHE C 995 23.51 -46.17 -29.17
CA PHE C 995 22.41 -45.21 -29.25
C PHE C 995 21.10 -45.85 -28.81
N ASN C 996 20.82 -47.07 -29.28
CA ASN C 996 19.59 -47.76 -28.88
C ASN C 996 19.56 -48.02 -27.39
N LYS C 997 20.70 -48.45 -26.81
CA LYS C 997 20.74 -48.70 -25.38
C LYS C 997 20.55 -47.42 -24.59
N ALA C 998 21.13 -46.31 -25.05
CA ALA C 998 20.94 -45.04 -24.36
C ALA C 998 19.49 -44.58 -24.41
N LEU C 999 18.84 -44.72 -25.58
CA LEU C 999 17.44 -44.35 -25.68
C LEU C 999 16.57 -45.21 -24.78
N LEU C 1000 16.84 -46.53 -24.75
CA LEU C 1000 16.07 -47.42 -23.89
C LEU C 1000 16.29 -47.09 -22.41
N SER C 1001 17.52 -46.76 -22.04
CA SER C 1001 17.81 -46.40 -20.65
C SER C 1001 17.08 -45.11 -20.26
N ILE C 1002 17.06 -44.13 -21.16
CA ILE C 1002 16.33 -42.89 -20.88
C ILE C 1002 14.84 -43.16 -20.74
N GLN C 1003 14.29 -43.99 -21.63
CA GLN C 1003 12.86 -44.30 -21.57
C GLN C 1003 12.51 -45.04 -20.29
N ASN C 1004 13.41 -45.92 -19.83
CA ASN C 1004 13.15 -46.64 -18.59
C ASN C 1004 13.31 -45.73 -17.38
N GLY C 1005 14.26 -44.79 -17.43
CA GLY C 1005 14.43 -43.86 -16.33
C GLY C 1005 13.30 -42.86 -16.22
N PHE C 1006 12.63 -42.56 -17.34
CA PHE C 1006 11.47 -41.68 -17.28
C PHE C 1006 10.31 -42.29 -16.49
N THR C 1007 10.31 -43.62 -16.32
CA THR C 1007 9.28 -44.25 -15.49
C THR C 1007 9.44 -43.85 -14.03
N ALA C 1008 10.67 -43.67 -13.57
CA ALA C 1008 10.93 -43.21 -12.21
C ALA C 1008 10.75 -41.70 -12.16
N THR C 1009 11.21 -41.07 -11.07
CA THR C 1009 11.10 -39.62 -10.88
C THR C 1009 12.50 -39.00 -10.94
N PRO C 1010 12.99 -38.62 -12.12
CA PRO C 1010 14.28 -37.94 -12.20
C PRO C 1010 14.17 -36.45 -11.93
N SER C 1011 15.27 -35.72 -12.11
CA SER C 1011 15.24 -34.27 -11.91
C SER C 1011 14.38 -33.56 -12.95
N ALA C 1012 14.19 -34.16 -14.12
CA ALA C 1012 13.37 -33.52 -15.16
C ALA C 1012 11.92 -33.40 -14.71
N LEU C 1013 11.35 -34.50 -14.21
CA LEU C 1013 9.98 -34.46 -13.72
C LEU C 1013 9.84 -33.50 -12.54
N ALA C 1014 10.87 -33.42 -11.69
CA ALA C 1014 10.83 -32.50 -10.57
C ALA C 1014 10.80 -31.06 -11.05
N LYS C 1015 11.64 -30.72 -12.02
CA LYS C 1015 11.65 -29.36 -12.57
C LYS C 1015 10.36 -29.05 -13.31
N ILE C 1016 9.73 -30.06 -13.92
CA ILE C 1016 8.47 -29.83 -14.61
C ILE C 1016 7.35 -29.57 -13.61
N GLN C 1017 7.29 -30.37 -12.55
CA GLN C 1017 6.22 -30.22 -11.56
C GLN C 1017 6.43 -29.03 -10.63
N SER C 1018 7.67 -28.51 -10.53
CA SER C 1018 7.92 -27.37 -9.66
C SER C 1018 7.15 -26.14 -10.14
N VAL C 1019 7.07 -25.93 -11.45
CA VAL C 1019 6.34 -24.78 -11.98
C VAL C 1019 4.86 -24.88 -11.64
N VAL C 1020 4.28 -26.06 -11.82
CA VAL C 1020 2.87 -26.26 -11.52
C VAL C 1020 2.62 -26.06 -10.03
N ASN C 1021 3.51 -26.59 -9.18
CA ASN C 1021 3.34 -26.43 -7.74
C ASN C 1021 3.43 -24.97 -7.33
N ALA C 1022 4.38 -24.23 -7.91
CA ALA C 1022 4.52 -22.81 -7.58
C ALA C 1022 3.30 -22.02 -8.04
N ASN C 1023 2.78 -22.31 -9.23
CA ASN C 1023 1.60 -21.62 -9.72
C ASN C 1023 0.39 -21.91 -8.83
N ALA C 1024 0.22 -23.18 -8.45
CA ALA C 1024 -0.90 -23.53 -7.58
C ALA C 1024 -0.78 -22.86 -6.22
N GLN C 1025 0.43 -22.82 -5.66
CA GLN C 1025 0.63 -22.17 -4.37
C GLN C 1025 0.35 -20.67 -4.45
N ALA C 1026 0.79 -20.04 -5.54
CA ALA C 1026 0.53 -18.61 -5.70
C ALA C 1026 -0.96 -18.33 -5.83
N LEU C 1027 -1.67 -19.15 -6.62
CA LEU C 1027 -3.11 -18.95 -6.78
C LEU C 1027 -3.84 -19.19 -5.46
N ASN C 1028 -3.42 -20.19 -4.68
CA ASN C 1028 -4.06 -20.44 -3.40
C ASN C 1028 -3.80 -19.31 -2.42
N SER C 1029 -2.58 -18.79 -2.39
CA SER C 1029 -2.27 -17.66 -1.52
C SER C 1029 -3.03 -16.41 -1.93
N LEU C 1030 -3.26 -16.21 -3.23
CA LEU C 1030 -4.03 -15.07 -3.67
C LEU C 1030 -5.51 -15.22 -3.32
N LEU C 1031 -6.04 -16.45 -3.44
CA LEU C 1031 -7.44 -16.69 -3.09
C LEU C 1031 -7.67 -16.59 -1.58
N GLN C 1032 -6.66 -16.94 -0.78
CA GLN C 1032 -6.81 -16.89 0.67
C GLN C 1032 -6.92 -15.46 1.19
N GLN C 1033 -6.59 -14.46 0.37
CA GLN C 1033 -6.66 -13.08 0.82
C GLN C 1033 -8.09 -12.61 1.01
N LEU C 1034 -9.08 -13.31 0.46
CA LEU C 1034 -10.48 -12.94 0.59
C LEU C 1034 -11.07 -13.31 1.95
N PHE C 1035 -10.30 -13.95 2.82
CA PHE C 1035 -10.78 -14.35 4.15
C PHE C 1035 -10.10 -13.57 5.26
N ASN C 1036 -9.47 -12.44 4.93
CA ASN C 1036 -8.81 -11.60 5.92
C ASN C 1036 -9.72 -10.42 6.29
N LYS C 1037 -9.63 -10.00 7.55
CA LYS C 1037 -10.49 -8.93 8.03
C LYS C 1037 -9.92 -7.54 7.71
N PHE C 1038 -8.58 -7.41 7.71
CA PHE C 1038 -7.91 -6.14 7.48
C PHE C 1038 -8.39 -5.08 8.47
N GLY C 1039 -8.64 -5.50 9.70
CA GLY C 1039 -9.11 -4.60 10.74
C GLY C 1039 -10.59 -4.31 10.73
N ALA C 1040 -11.36 -4.97 9.88
CA ALA C 1040 -12.80 -4.77 9.82
C ALA C 1040 -13.51 -5.72 10.79
N ILE C 1041 -14.83 -5.59 10.88
CA ILE C 1041 -15.59 -6.44 11.78
C ILE C 1041 -15.74 -7.85 11.22
N SER C 1042 -15.70 -8.01 9.90
CA SER C 1042 -15.84 -9.32 9.28
C SER C 1042 -15.22 -9.28 7.90
N SER C 1043 -14.88 -10.46 7.40
CA SER C 1043 -14.28 -10.60 6.07
C SER C 1043 -15.31 -10.88 4.99
N SER C 1044 -16.59 -10.98 5.34
CA SER C 1044 -17.66 -11.25 4.40
C SER C 1044 -18.51 -10.01 4.22
N LEU C 1045 -18.72 -9.59 2.96
CA LEU C 1045 -19.52 -8.41 2.68
C LEU C 1045 -20.99 -8.65 3.03
N GLN C 1046 -21.46 -9.89 2.95
CA GLN C 1046 -22.86 -10.18 3.23
C GLN C 1046 -23.20 -9.90 4.68
N GLU C 1047 -22.34 -10.33 5.61
CA GLU C 1047 -22.60 -10.07 7.02
C GLU C 1047 -22.55 -8.58 7.33
N ILE C 1048 -21.63 -7.85 6.69
CA ILE C 1048 -21.54 -6.41 6.91
C ILE C 1048 -22.79 -5.70 6.40
N LEU C 1049 -23.30 -6.13 5.25
CA LEU C 1049 -24.49 -5.50 4.69
C LEU C 1049 -25.76 -5.91 5.42
N SER C 1050 -25.76 -7.08 6.07
CA SER C 1050 -26.94 -7.55 6.80
C SER C 1050 -26.96 -7.11 8.25
N ARG C 1051 -25.82 -6.68 8.81
CA ARG C 1051 -25.76 -6.24 10.20
C ARG C 1051 -25.77 -4.73 10.34
N LEU C 1052 -25.09 -4.00 9.46
CA LEU C 1052 -24.98 -2.56 9.55
C LEU C 1052 -25.54 -1.90 8.30
N ASP C 1053 -25.99 -0.66 8.46
CA ASP C 1053 -26.44 0.15 7.34
C ASP C 1053 -25.26 0.65 6.54
N PRO C 1054 -25.48 1.09 5.30
CA PRO C 1054 -24.39 1.60 4.46
C PRO C 1054 -23.59 2.71 5.15
N PRO C 1055 -24.25 3.74 5.78
CA PRO C 1055 -23.46 4.82 6.39
C PRO C 1055 -22.40 4.35 7.37
N GLU C 1056 -22.59 3.17 7.97
CA GLU C 1056 -21.61 2.59 8.87
C GLU C 1056 -20.91 1.38 8.26
N ALA C 1057 -21.23 1.01 7.02
CA ALA C 1057 -20.58 -0.11 6.35
C ALA C 1057 -19.59 0.31 5.27
N GLN C 1058 -19.68 1.57 4.80
CA GLN C 1058 -18.74 2.03 3.79
C GLN C 1058 -17.30 1.98 4.30
N VAL C 1059 -17.10 2.26 5.59
CA VAL C 1059 -15.76 2.23 6.17
C VAL C 1059 -15.18 0.82 6.09
N GLN C 1060 -15.96 -0.18 6.48
CA GLN C 1060 -15.49 -1.55 6.44
C GLN C 1060 -15.25 -2.01 5.00
N ILE C 1061 -16.14 -1.62 4.09
CA ILE C 1061 -15.98 -1.99 2.68
C ILE C 1061 -14.70 -1.39 2.12
N ASP C 1062 -14.40 -0.13 2.47
CA ASP C 1062 -13.18 0.50 2.00
C ASP C 1062 -11.94 -0.16 2.61
N ARG C 1063 -12.01 -0.53 3.89
CA ARG C 1063 -10.88 -1.18 4.52
C ARG C 1063 -10.61 -2.56 3.91
N LEU C 1064 -11.66 -3.23 3.43
CA LEU C 1064 -11.45 -4.49 2.73
C LEU C 1064 -10.90 -4.26 1.31
N ILE C 1065 -11.45 -3.26 0.62
CA ILE C 1065 -11.03 -2.98 -0.75
C ILE C 1065 -9.56 -2.58 -0.80
N ASN C 1066 -9.11 -1.80 0.17
CA ASN C 1066 -7.70 -1.38 0.19
C ASN C 1066 -6.78 -2.59 0.28
N GLY C 1067 -7.07 -3.51 1.21
CA GLY C 1067 -6.24 -4.69 1.35
C GLY C 1067 -6.28 -5.59 0.12
N ARG C 1068 -7.46 -5.74 -0.46
CA ARG C 1068 -7.56 -6.58 -1.66
C ARG C 1068 -6.80 -5.99 -2.84
N LEU C 1069 -6.88 -4.67 -3.01
CA LEU C 1069 -6.11 -4.02 -4.07
C LEU C 1069 -4.62 -4.12 -3.82
N THR C 1070 -4.20 -3.99 -2.55
CA THR C 1070 -2.78 -4.15 -2.23
C THR C 1070 -2.30 -5.56 -2.55
N ALA C 1071 -3.11 -6.58 -2.22
CA ALA C 1071 -2.75 -7.95 -2.54
C ALA C 1071 -2.65 -8.17 -4.05
N LEU C 1072 -3.61 -7.62 -4.80
CA LEU C 1072 -3.56 -7.76 -6.26
C LEU C 1072 -2.34 -7.07 -6.84
N ASN C 1073 -1.98 -5.90 -6.32
CA ASN C 1073 -0.80 -5.20 -6.80
C ASN C 1073 0.47 -5.99 -6.51
N ALA C 1074 0.57 -6.56 -5.31
CA ALA C 1074 1.72 -7.38 -4.98
C ALA C 1074 1.81 -8.59 -5.90
N TYR C 1075 0.68 -9.22 -6.19
CA TYR C 1075 0.68 -10.40 -7.05
C TYR C 1075 1.13 -10.05 -8.47
N VAL C 1076 0.59 -8.96 -9.03
CA VAL C 1076 0.96 -8.61 -10.38
C VAL C 1076 2.42 -8.15 -10.45
N SER C 1077 2.92 -7.53 -9.38
CA SER C 1077 4.34 -7.17 -9.35
C SER C 1077 5.22 -8.42 -9.33
N GLN C 1078 4.86 -9.42 -8.52
CA GLN C 1078 5.62 -10.65 -8.50
C GLN C 1078 5.58 -11.36 -9.86
N GLN C 1079 4.42 -11.35 -10.51
CA GLN C 1079 4.32 -11.96 -11.83
C GLN C 1079 5.19 -11.24 -12.85
N LEU C 1080 5.15 -9.91 -12.85
CA LEU C 1080 5.98 -9.15 -13.78
C LEU C 1080 7.47 -9.34 -13.49
N SER C 1081 7.83 -9.59 -12.23
CA SER C 1081 9.22 -9.88 -11.91
C SER C 1081 9.64 -11.25 -12.41
N ASP C 1082 8.75 -12.25 -12.28
CA ASP C 1082 9.10 -13.60 -12.72
C ASP C 1082 9.11 -13.73 -14.23
N ILE C 1083 8.34 -12.89 -14.93
CA ILE C 1083 8.30 -12.96 -16.38
C ILE C 1083 9.68 -12.70 -16.99
N THR C 1084 10.48 -11.84 -16.35
CA THR C 1084 11.82 -11.56 -16.89
C THR C 1084 12.69 -12.81 -16.85
N LEU C 1085 12.69 -13.53 -15.73
CA LEU C 1085 13.47 -14.76 -15.65
C LEU C 1085 12.94 -15.81 -16.62
N ILE C 1086 11.61 -15.88 -16.79
CA ILE C 1086 11.04 -16.82 -17.75
C ILE C 1086 11.52 -16.50 -19.15
N LYS C 1087 11.54 -15.22 -19.52
CA LYS C 1087 12.00 -14.83 -20.86
C LYS C 1087 13.48 -15.09 -21.04
N ALA C 1088 14.28 -14.87 -19.99
CA ALA C 1088 15.70 -15.19 -20.08
C ALA C 1088 15.94 -16.67 -20.31
N GLY C 1089 15.23 -17.51 -19.56
CA GLY C 1089 15.34 -18.95 -19.77
C GLY C 1089 14.88 -19.37 -21.15
N ALA C 1090 13.82 -18.74 -21.66
CA ALA C 1090 13.34 -19.08 -23.00
C ALA C 1090 14.34 -18.65 -24.07
N SER C 1091 14.99 -17.50 -23.89
CA SER C 1091 16.01 -17.08 -24.84
C SER C 1091 17.21 -18.01 -24.81
N ARG C 1092 17.62 -18.46 -23.62
CA ARG C 1092 18.69 -19.44 -23.53
C ARG C 1092 18.29 -20.74 -24.23
N ALA C 1093 17.03 -21.16 -24.08
CA ALA C 1093 16.57 -22.37 -24.76
C ALA C 1093 16.59 -22.20 -26.27
N ILE C 1094 16.17 -21.03 -26.76
CA ILE C 1094 16.19 -20.77 -28.20
C ILE C 1094 17.62 -20.82 -28.73
N GLU C 1095 18.56 -20.20 -28.00
CA GLU C 1095 19.96 -20.24 -28.41
C GLU C 1095 20.50 -21.66 -28.43
N LYS C 1096 20.15 -22.45 -27.41
CA LYS C 1096 20.62 -23.83 -27.35
C LYS C 1096 20.04 -24.68 -28.48
N VAL C 1097 18.78 -24.40 -28.85
CA VAL C 1097 18.16 -25.13 -29.96
C VAL C 1097 18.84 -24.75 -31.27
N ASN C 1098 19.12 -23.46 -31.47
CA ASN C 1098 19.69 -23.02 -32.74
C ASN C 1098 21.17 -23.38 -32.85
N GLU C 1099 21.88 -23.59 -31.75
CA GLU C 1099 23.31 -23.82 -31.79
C GLU C 1099 23.73 -25.24 -31.42
N CYS C 1100 22.78 -26.11 -31.07
CA CYS C 1100 23.13 -27.49 -30.72
C CYS C 1100 22.29 -28.55 -31.42
N VAL C 1101 21.09 -28.23 -31.89
CA VAL C 1101 20.21 -29.23 -32.49
C VAL C 1101 20.28 -29.16 -34.00
N LYS C 1102 20.02 -27.97 -34.56
CA LYS C 1102 19.97 -27.78 -36.00
C LYS C 1102 21.35 -27.48 -36.60
N SER C 1103 22.39 -27.37 -35.77
CA SER C 1103 23.73 -27.10 -36.28
C SER C 1103 24.74 -27.55 -35.24
N GLN C 1104 25.93 -27.91 -35.72
CA GLN C 1104 27.02 -28.34 -34.86
C GLN C 1104 27.96 -27.15 -34.66
N SER C 1105 27.89 -26.54 -33.48
CA SER C 1105 28.70 -25.35 -33.22
C SER C 1105 30.10 -25.75 -32.75
N PRO C 1106 31.13 -25.01 -33.17
CA PRO C 1106 32.51 -25.27 -32.73
C PRO C 1106 32.83 -24.71 -31.35
N ARG C 1107 31.94 -24.98 -30.39
CA ARG C 1107 32.09 -24.50 -29.02
C ARG C 1107 32.19 -25.69 -28.07
N ILE C 1108 32.93 -25.50 -26.99
CA ILE C 1108 33.18 -26.55 -26.01
C ILE C 1108 32.50 -26.16 -24.70
N ASN C 1109 31.96 -27.17 -24.01
CA ASN C 1109 31.29 -26.98 -22.73
C ASN C 1109 30.08 -26.07 -22.83
N PHE C 1110 29.38 -26.12 -23.97
CA PHE C 1110 28.16 -25.35 -24.18
C PHE C 1110 26.94 -26.23 -24.35
N CYS C 1111 26.97 -27.19 -25.27
CA CYS C 1111 25.83 -28.07 -25.47
C CYS C 1111 25.82 -29.21 -24.46
N GLY C 1112 26.97 -29.82 -24.20
CA GLY C 1112 27.07 -30.91 -23.26
C GLY C 1112 28.14 -30.71 -22.22
N ASN C 1113 28.97 -31.73 -21.99
CA ASN C 1113 30.05 -31.68 -21.01
C ASN C 1113 31.34 -32.17 -21.69
N GLY C 1114 32.02 -31.25 -22.36
CA GLY C 1114 33.30 -31.55 -22.97
C GLY C 1114 33.20 -32.39 -24.23
N ASN C 1115 32.82 -33.66 -24.07
CA ASN C 1115 32.73 -34.60 -25.20
C ASN C 1115 31.27 -34.68 -25.64
N HIS C 1116 30.83 -33.66 -26.37
CA HIS C 1116 29.48 -33.60 -26.90
C HIS C 1116 29.49 -34.03 -28.36
N ILE C 1117 28.55 -34.90 -28.73
CA ILE C 1117 28.44 -35.43 -30.08
C ILE C 1117 27.23 -34.87 -30.81
N LEU C 1118 26.02 -35.12 -30.29
CA LEU C 1118 24.80 -34.70 -30.95
C LEU C 1118 23.70 -34.56 -29.91
N SER C 1119 22.76 -33.65 -30.19
CA SER C 1119 21.64 -33.39 -29.30
C SER C 1119 20.35 -33.34 -30.10
N LEU C 1120 19.27 -33.82 -29.48
CA LEU C 1120 17.94 -33.81 -30.07
C LEU C 1120 16.98 -33.01 -29.19
N VAL C 1121 15.85 -32.64 -29.78
CA VAL C 1121 14.85 -31.82 -29.10
C VAL C 1121 13.53 -32.57 -29.07
N GLN C 1122 12.84 -32.50 -27.92
CA GLN C 1122 11.53 -33.12 -27.76
C GLN C 1122 10.62 -32.15 -27.02
N ASN C 1123 9.32 -32.27 -27.29
CA ASN C 1123 8.35 -31.39 -26.65
C ASN C 1123 8.15 -31.78 -25.19
N ALA C 1124 8.01 -30.79 -24.33
CA ALA C 1124 7.84 -30.99 -22.90
C ALA C 1124 6.84 -29.98 -22.37
N PRO C 1125 6.14 -30.31 -21.29
CA PRO C 1125 5.18 -29.34 -20.69
C PRO C 1125 5.90 -28.11 -20.18
N TYR C 1126 5.47 -26.95 -20.67
CA TYR C 1126 6.01 -25.65 -20.25
C TYR C 1126 7.51 -25.56 -20.51
N GLY C 1127 7.93 -26.00 -21.70
CA GLY C 1127 9.33 -25.93 -22.06
C GLY C 1127 9.65 -26.93 -23.16
N LEU C 1128 10.92 -27.36 -23.18
CA LEU C 1128 11.40 -28.32 -24.16
C LEU C 1128 12.27 -29.34 -23.46
N LEU C 1129 12.49 -30.48 -24.13
CA LEU C 1129 13.30 -31.56 -23.61
C LEU C 1129 14.45 -31.82 -24.56
N PHE C 1130 15.66 -31.96 -24.01
CA PHE C 1130 16.87 -32.20 -24.79
C PHE C 1130 17.47 -33.54 -24.45
N ILE C 1131 17.98 -34.23 -25.45
CA ILE C 1131 18.63 -35.53 -25.29
C ILE C 1131 20.06 -35.38 -25.78
N HIS C 1132 21.01 -35.36 -24.84
CA HIS C 1132 22.42 -35.15 -25.15
C HIS C 1132 23.14 -36.49 -25.20
N PHE C 1133 23.88 -36.74 -26.27
CA PHE C 1133 24.70 -37.93 -26.43
C PHE C 1133 26.16 -37.54 -26.29
N SER C 1134 26.90 -38.29 -25.48
CA SER C 1134 28.28 -37.95 -25.15
C SER C 1134 29.19 -39.13 -25.44
N TYR C 1135 30.49 -38.84 -25.49
CA TYR C 1135 31.53 -39.82 -25.69
C TYR C 1135 32.14 -40.18 -24.34
N LYS C 1136 31.97 -41.44 -23.93
CA LYS C 1136 32.42 -41.88 -22.61
C LYS C 1136 33.35 -43.07 -22.73
N PRO C 1137 34.63 -42.93 -22.37
CA PRO C 1137 35.53 -44.08 -22.39
C PRO C 1137 35.19 -45.08 -21.28
N THR C 1138 35.71 -46.29 -21.44
CA THR C 1138 35.50 -47.36 -20.47
C THR C 1138 36.79 -47.84 -19.84
N SER C 1139 37.82 -48.11 -20.65
CA SER C 1139 39.10 -48.59 -20.16
C SER C 1139 40.19 -47.56 -20.48
N PHE C 1140 41.28 -47.63 -19.71
CA PHE C 1140 42.38 -46.70 -19.86
C PHE C 1140 43.69 -47.47 -19.93
N LYS C 1141 44.74 -46.79 -20.40
CA LYS C 1141 46.06 -47.38 -20.51
C LYS C 1141 47.11 -46.31 -20.27
N THR C 1142 48.12 -46.64 -19.46
CA THR C 1142 49.20 -45.70 -19.16
C THR C 1142 50.24 -45.77 -20.27
N VAL C 1143 50.40 -44.68 -21.02
CA VAL C 1143 51.33 -44.61 -22.14
C VAL C 1143 52.17 -43.35 -21.99
N LEU C 1144 53.48 -43.49 -22.15
CA LEU C 1144 54.39 -42.35 -22.10
C LEU C 1144 54.34 -41.60 -23.43
N VAL C 1145 54.18 -40.28 -23.35
CA VAL C 1145 54.02 -39.44 -24.53
C VAL C 1145 55.08 -38.35 -24.52
N SER C 1146 55.20 -37.67 -25.67
CA SER C 1146 56.14 -36.57 -25.85
C SER C 1146 55.44 -35.41 -26.51
N PRO C 1147 55.73 -34.16 -26.09
CA PRO C 1147 55.08 -33.00 -26.68
C PRO C 1147 55.75 -32.46 -27.94
N GLY C 1148 56.90 -32.98 -28.32
CA GLY C 1148 57.59 -32.51 -29.51
C GLY C 1148 58.94 -33.15 -29.72
N LEU C 1149 59.40 -33.18 -30.96
CA LEU C 1149 60.68 -33.79 -31.31
C LEU C 1149 61.52 -32.79 -32.10
N CYS C 1150 62.83 -33.05 -32.15
CA CYS C 1150 63.76 -32.23 -32.91
C CYS C 1150 64.34 -33.10 -34.02
N LEU C 1151 63.84 -32.92 -35.23
CA LEU C 1151 64.28 -33.70 -36.38
C LEU C 1151 65.64 -33.21 -36.86
N SER C 1152 66.17 -33.88 -37.89
CA SER C 1152 67.46 -33.50 -38.44
C SER C 1152 67.36 -32.18 -39.20
N GLY C 1153 68.49 -31.49 -39.30
CA GLY C 1153 68.52 -30.20 -39.96
C GLY C 1153 68.02 -29.04 -39.14
N ASP C 1154 68.00 -29.18 -37.81
CA ASP C 1154 67.52 -28.13 -36.90
C ASP C 1154 66.09 -27.73 -37.24
N ARG C 1155 65.22 -28.72 -37.38
CA ARG C 1155 63.82 -28.52 -37.69
C ARG C 1155 62.95 -29.05 -36.56
N GLY C 1156 61.83 -28.36 -36.33
CA GLY C 1156 60.91 -28.73 -35.27
C GLY C 1156 59.67 -29.43 -35.80
N ILE C 1157 59.02 -30.16 -34.90
CA ILE C 1157 57.80 -30.90 -35.24
C ILE C 1157 56.95 -31.02 -33.98
N ALA C 1158 55.65 -30.84 -34.13
CA ALA C 1158 54.71 -30.88 -33.02
C ALA C 1158 53.43 -31.56 -33.47
N PRO C 1159 52.80 -32.35 -32.60
CA PRO C 1159 51.58 -33.07 -33.01
C PRO C 1159 50.39 -32.14 -33.12
N LYS C 1160 49.38 -32.61 -33.85
CA LYS C 1160 48.13 -31.89 -34.06
C LYS C 1160 47.01 -32.67 -33.40
N GLN C 1161 46.60 -32.23 -32.21
CA GLN C 1161 45.56 -32.90 -31.43
C GLN C 1161 45.93 -34.37 -31.18
N GLY C 1162 47.14 -34.57 -30.67
CA GLY C 1162 47.60 -35.91 -30.40
C GLY C 1162 48.90 -35.90 -29.61
N TYR C 1163 49.58 -37.03 -29.62
CA TYR C 1163 50.83 -37.19 -28.88
C TYR C 1163 51.80 -38.02 -29.70
N PHE C 1164 53.08 -37.95 -29.31
CA PHE C 1164 54.14 -38.73 -29.92
C PHE C 1164 54.52 -39.86 -28.97
N ILE C 1165 54.39 -41.10 -29.44
CA ILE C 1165 54.72 -42.28 -28.65
C ILE C 1165 55.82 -43.05 -29.36
N LYS C 1166 56.52 -43.88 -28.58
CA LYS C 1166 57.61 -44.71 -29.09
C LYS C 1166 57.24 -46.17 -28.92
N GLN C 1167 57.23 -46.90 -30.03
CA GLN C 1167 56.89 -48.33 -30.04
C GLN C 1167 57.95 -49.08 -30.83
N ASN C 1168 58.65 -49.99 -30.17
CA ASN C 1168 59.71 -50.80 -30.79
C ASN C 1168 60.79 -49.91 -31.40
N ASP C 1169 61.26 -48.95 -30.60
CA ASP C 1169 62.32 -48.02 -31.00
C ASP C 1169 61.93 -47.22 -32.25
N SER C 1170 60.64 -46.91 -32.39
CA SER C 1170 60.15 -46.14 -33.52
C SER C 1170 59.10 -45.16 -33.03
N TRP C 1171 59.26 -43.89 -33.38
CA TRP C 1171 58.32 -42.87 -32.97
C TRP C 1171 57.08 -42.90 -33.86
N MET C 1172 55.91 -42.94 -33.23
CA MET C 1172 54.65 -42.98 -33.97
C MET C 1172 53.70 -41.90 -33.46
N PHE C 1173 52.46 -41.91 -33.93
CA PHE C 1173 51.46 -40.92 -33.56
C PHE C 1173 50.21 -41.63 -33.07
N THR C 1174 49.55 -41.02 -32.07
CA THR C 1174 48.33 -41.57 -31.50
C THR C 1174 47.37 -40.43 -31.20
N GLY C 1175 46.09 -40.79 -31.08
CA GLY C 1175 45.06 -39.82 -30.77
C GLY C 1175 45.03 -39.46 -29.29
N SER C 1176 44.33 -38.36 -29.00
CA SER C 1176 44.22 -37.88 -27.62
C SER C 1176 43.12 -38.60 -26.84
N SER C 1177 42.12 -39.17 -27.53
CA SER C 1177 41.02 -39.83 -26.87
C SER C 1177 40.95 -41.33 -27.16
N TYR C 1178 41.84 -41.85 -28.01
CA TYR C 1178 41.84 -43.28 -28.32
C TYR C 1178 43.27 -43.70 -28.61
N TYR C 1179 43.62 -44.92 -28.20
CA TYR C 1179 44.96 -45.46 -28.37
C TYR C 1179 45.00 -46.27 -29.65
N TYR C 1180 45.66 -45.73 -30.67
CA TYR C 1180 45.81 -46.43 -31.95
C TYR C 1180 47.05 -45.89 -32.66
N PRO C 1181 48.21 -46.55 -32.50
CA PRO C 1181 49.43 -46.05 -33.14
C PRO C 1181 49.33 -46.08 -34.66
N GLU C 1182 49.78 -45.00 -35.28
CA GLU C 1182 49.76 -44.86 -36.73
C GLU C 1182 51.03 -44.14 -37.17
N PRO C 1183 51.50 -44.40 -38.39
CA PRO C 1183 52.73 -43.74 -38.86
C PRO C 1183 52.56 -42.24 -38.95
N ILE C 1184 53.66 -41.53 -38.73
CA ILE C 1184 53.65 -40.07 -38.75
C ILE C 1184 53.76 -39.59 -40.18
N SER C 1185 52.85 -38.70 -40.59
CA SER C 1185 52.84 -38.13 -41.92
C SER C 1185 52.76 -36.61 -41.81
N ASP C 1186 52.70 -35.94 -42.96
CA ASP C 1186 52.63 -34.49 -43.00
C ASP C 1186 51.25 -33.95 -42.66
N LYS C 1187 50.22 -34.79 -42.60
CA LYS C 1187 48.88 -34.35 -42.30
C LYS C 1187 48.54 -34.41 -40.81
N ASN C 1188 49.43 -34.97 -39.98
CA ASN C 1188 49.18 -35.10 -38.56
C ASN C 1188 50.08 -34.24 -37.69
N VAL C 1189 51.09 -33.58 -38.27
CA VAL C 1189 52.05 -32.78 -37.52
C VAL C 1189 52.20 -31.42 -38.19
N VAL C 1190 52.92 -30.53 -37.51
CA VAL C 1190 53.24 -29.21 -38.03
C VAL C 1190 54.76 -29.10 -38.15
N PHE C 1191 55.21 -28.16 -38.98
CA PHE C 1191 56.62 -27.96 -39.25
C PHE C 1191 57.09 -26.65 -38.64
N MET C 1192 58.31 -26.67 -38.11
CA MET C 1192 58.93 -25.50 -37.51
C MET C 1192 60.35 -25.35 -38.03
N ASN C 1193 60.73 -24.13 -38.39
CA ASN C 1193 62.07 -23.89 -38.91
C ASN C 1193 63.14 -24.04 -37.84
N SER C 1194 62.78 -23.98 -36.56
CA SER C 1194 63.72 -24.15 -35.47
C SER C 1194 63.08 -24.99 -34.38
N CYS C 1195 63.80 -25.99 -33.89
CA CYS C 1195 63.30 -26.87 -32.85
C CYS C 1195 63.67 -26.35 -31.48
N SER C 1196 62.84 -26.67 -30.50
CA SER C 1196 63.07 -26.24 -29.13
C SER C 1196 64.16 -27.07 -28.47
N VAL C 1197 64.72 -26.54 -27.38
CA VAL C 1197 65.77 -27.23 -26.66
C VAL C 1197 65.21 -28.40 -25.85
N ASN C 1198 63.94 -28.36 -25.48
CA ASN C 1198 63.32 -29.42 -24.69
C ASN C 1198 62.73 -30.54 -25.53
N PHE C 1199 62.74 -30.40 -26.86
CA PHE C 1199 62.23 -31.45 -27.73
C PHE C 1199 63.26 -32.58 -27.84
N THR C 1200 62.78 -33.81 -27.73
CA THR C 1200 63.66 -34.97 -27.80
C THR C 1200 64.19 -35.14 -29.22
N LYS C 1201 65.52 -35.23 -29.35
CA LYS C 1201 66.14 -35.37 -30.65
C LYS C 1201 66.00 -36.79 -31.16
N ALA C 1202 65.71 -36.92 -32.45
CA ALA C 1202 65.54 -38.23 -33.07
C ALA C 1202 65.82 -38.13 -34.57
N PRO C 1203 67.07 -38.35 -35.00
CA PRO C 1203 67.38 -38.27 -36.43
C PRO C 1203 66.99 -39.50 -37.22
N PHE C 1204 66.65 -40.61 -36.56
CA PHE C 1204 66.31 -41.83 -37.28
C PHE C 1204 64.94 -41.77 -37.93
N ILE C 1205 64.08 -40.85 -37.51
CA ILE C 1205 62.74 -40.70 -38.08
C ILE C 1205 62.75 -39.53 -39.03
N TYR C 1206 62.24 -39.75 -40.25
CA TYR C 1206 62.20 -38.71 -41.27
C TYR C 1206 60.81 -38.59 -41.87
N LEU C 1207 60.67 -37.80 -42.92
CA LEU C 1207 59.38 -37.60 -43.58
C LEU C 1207 59.03 -38.86 -44.38
N ASN C 1208 58.25 -39.74 -43.77
CA ASN C 1208 57.85 -40.98 -44.42
C ASN C 1208 56.73 -40.73 -45.43
C1 NAG D . -50.49 32.76 -21.28
C2 NAG D . -50.96 33.99 -20.51
C3 NAG D . -52.47 33.93 -20.28
C4 NAG D . -53.20 33.74 -21.62
C5 NAG D . -52.63 32.52 -22.35
C6 NAG D . -53.21 32.34 -23.73
C7 NAG D . -49.43 35.10 -18.93
C8 NAG D . -49.23 36.14 -19.99
N2 NAG D . -50.27 34.09 -19.23
O3 NAG D . -52.91 35.13 -19.67
O4 NAG D . -54.59 33.54 -21.39
O5 NAG D . -51.21 32.67 -22.51
O6 NAG D . -52.45 33.03 -24.71
O7 NAG D . -48.86 35.16 -17.85
C1 NAG D . -55.31 34.66 -21.94
C2 NAG D . -56.79 34.29 -22.02
C3 NAG D . -57.61 35.47 -22.53
C4 NAG D . -57.34 36.71 -21.70
C5 NAG D . -55.83 36.99 -21.64
C6 NAG D . -55.48 38.14 -20.75
C7 NAG D . -56.70 33.01 -24.13
C8 NAG D . -57.01 31.69 -24.78
N2 NAG D . -57.00 33.10 -22.83
O3 NAG D . -58.99 35.14 -22.48
O4 NAG D . -57.99 37.84 -22.28
O5 NAG D . -55.15 35.84 -21.13
O6 NAG D . -56.10 39.36 -21.19
O7 NAG D . -56.20 33.94 -24.76
C1 NAG E . -42.54 -9.48 38.13
C2 NAG E . -42.70 -10.83 37.43
C3 NAG E . -43.13 -11.90 38.43
C4 NAG E . -42.18 -11.94 39.61
C5 NAG E . -42.05 -10.55 40.23
C6 NAG E . -41.02 -10.48 41.34
C7 NAG E . -44.94 -10.42 36.45
C8 NAG E . -45.73 -10.39 35.17
N2 NAG E . -43.65 -10.74 36.31
O3 NAG E . -43.17 -13.17 37.78
O4 NAG E . -42.67 -12.84 40.60
O5 NAG E . -41.62 -9.62 39.22
O6 NAG E . -39.71 -10.77 40.85
O7 NAG E . -45.45 -10.15 37.53
C1 NAG E . -41.79 -13.98 40.68
C2 NAG E . -42.28 -14.88 41.81
C3 NAG E . -41.40 -16.13 41.91
C4 NAG E . -41.32 -16.83 40.56
C5 NAG E . -40.88 -15.84 39.48
C6 NAG E . -40.89 -16.44 38.09
C7 NAG E . -43.43 -13.82 43.71
C8 NAG E . -44.71 -14.20 43.03
N2 NAG E . -42.30 -14.18 43.08
O3 NAG E . -41.94 -17.01 42.88
O4 NAG E . -40.40 -17.90 40.62
O5 NAG E . -41.75 -14.72 39.46
O6 NAG E . -40.29 -15.56 37.15
O7 NAG E . -43.41 -13.22 44.79
C1 NAG F . -63.60 19.97 -4.68
C2 NAG F . -64.79 20.92 -4.87
C3 NAG F . -66.05 20.31 -4.26
C4 NAG F . -66.28 18.91 -4.82
C5 NAG F . -65.04 18.05 -4.62
C6 NAG F . -65.16 16.68 -5.24
C7 NAG F . -64.34 23.33 -5.01
C8 NAG F . -64.43 23.16 -6.50
N2 NAG F . -64.52 22.22 -4.29
O3 NAG F . -67.17 21.14 -4.56
O4 NAG F . -67.39 18.30 -4.14
O5 NAG F . -63.91 18.69 -5.23
O6 NAG F . -64.55 16.64 -6.52
O7 NAG F . -64.12 24.42 -4.51
C1 NAG F . -68.48 18.15 -5.08
C2 NAG F . -69.39 17.02 -4.57
C3 NAG F . -70.58 16.86 -5.50
C4 NAG F . -71.31 18.18 -5.68
C5 NAG F . -70.32 19.25 -6.14
C6 NAG F . -70.95 20.63 -6.23
C7 NAG F . -68.15 15.32 -3.29
C8 NAG F . -67.42 14.02 -3.35
N2 NAG F . -68.65 15.78 -4.45
O3 NAG F . -71.47 15.89 -4.95
O4 NAG F . -72.34 18.04 -6.65
O5 NAG F . -69.24 19.35 -5.21
O6 NAG F . -70.86 21.33 -5.00
O7 NAG F . -68.29 15.95 -2.25
C1 BMA F . -73.62 18.10 -5.99
C2 BMA F . -74.62 18.78 -6.95
C3 BMA F . -76.04 18.71 -6.36
C4 BMA F . -76.39 17.28 -5.92
C5 BMA F . -75.31 16.76 -4.96
C6 BMA F . -75.57 15.33 -4.50
O2 BMA F . -74.66 18.13 -8.21
O3 BMA F . -77.01 19.19 -7.29
O4 BMA F . -77.65 17.27 -5.29
O5 BMA F . -74.05 16.79 -5.65
O6 BMA F . -76.92 15.24 -4.06
C1 NAG G . -25.78 -19.68 58.25
C2 NAG G . -24.55 -19.12 58.95
C3 NAG G . -24.28 -19.88 60.25
C4 NAG G . -25.52 -19.88 61.13
C5 NAG G . -26.72 -20.41 60.35
C6 NAG G . -28.02 -20.33 61.12
C7 NAG G . -22.58 -18.12 57.85
C8 NAG G . -22.95 -16.86 58.57
N2 NAG G . -23.39 -19.17 58.08
O3 NAG G . -23.18 -19.27 60.93
O4 NAG G . -25.30 -20.70 62.28
O5 NAG G . -26.90 -19.64 59.15
O6 NAG G . -29.10 -19.99 60.28
O7 NAG G . -21.60 -18.19 57.11
C1 NAG G . -25.19 -19.86 63.44
C2 NAG G . -25.08 -20.75 64.68
C3 NAG G . -24.90 -19.91 65.93
C4 NAG G . -23.73 -18.94 65.77
C5 NAG G . -23.90 -18.11 64.49
C6 NAG G . -22.72 -17.23 64.20
C7 NAG G . -26.17 -22.85 65.31
C8 NAG G . -27.47 -23.61 65.36
N2 NAG G . -26.24 -21.62 64.80
O3 NAG G . -24.68 -20.75 67.05
O4 NAG G . -23.67 -18.06 66.89
O5 NAG G . -24.05 -19.00 63.36
O6 NAG G . -21.89 -17.77 63.17
O7 NAG G . -25.12 -23.34 65.70
C1 NAG H . -10.71 17.81 -32.74
C2 NAG H . -9.82 18.72 -33.59
C3 NAG H . -9.14 17.90 -34.70
C4 NAG H . -8.41 16.71 -34.09
C5 NAG H . -9.36 15.89 -33.22
C6 NAG H . -8.66 14.76 -32.49
C7 NAG H . -10.54 21.06 -33.68
C8 NAG H . -11.39 22.07 -34.40
N2 NAG H . -10.57 19.81 -34.17
O3 NAG H . -8.22 18.73 -35.40
O4 NAG H . -7.90 15.88 -35.13
O5 NAG H . -9.95 16.74 -32.21
O6 NAG H . -7.70 15.25 -31.57
O7 NAG H . -9.85 21.36 -32.71
C1 NAG I . -46.23 -9.40 17.70
C2 NAG I . -47.14 -10.33 16.90
C3 NAG I . -48.39 -10.65 17.71
C4 NAG I . -48.02 -11.18 19.09
C5 NAG I . -47.06 -10.21 19.78
C6 NAG I . -46.55 -10.74 21.10
C7 NAG I . -47.51 -10.48 14.49
C8 NAG I . -47.89 -9.72 13.25
N2 NAG I . -47.49 -9.76 15.62
O3 NAG I . -49.17 -11.61 17.02
O4 NAG I . -49.19 -11.33 19.89
O5 NAG I . -45.91 -9.98 18.96
O6 NAG I . -46.11 -9.68 21.96
O7 NAG I . -47.23 -11.67 14.46
C1 NAG J . -30.99 -24.15 -16.52
C2 NAG J . -31.08 -24.67 -15.08
C3 NAG J . -31.76 -26.04 -15.06
C4 NAG J . -33.11 -25.97 -15.77
C5 NAG J . -32.94 -25.40 -17.17
C6 NAG J . -34.26 -25.19 -17.89
C7 NAG J . -29.45 -24.17 -13.31
C8 NAG J . -28.04 -24.35 -12.84
N2 NAG J . -29.76 -24.76 -14.48
O3 NAG J . -31.94 -26.46 -13.72
O4 NAG J . -33.68 -27.27 -15.86
O5 NAG J . -32.30 -24.11 -17.10
O6 NAG J . -34.79 -23.90 -17.63
O7 NAG J . -30.27 -23.51 -12.69
C1 NAG K . -37.45 27.59 -36.40
C2 NAG K . -36.33 28.62 -36.37
C3 NAG K . -35.94 29.03 -37.79
C4 NAG K . -35.60 27.80 -38.62
C5 NAG K . -36.74 26.79 -38.56
C6 NAG K . -36.42 25.49 -39.26
C7 NAG K . -35.99 30.28 -34.58
C8 NAG K . -36.55 31.49 -33.90
N2 NAG K . -36.72 29.79 -35.59
O3 NAG K . -34.82 29.91 -37.75
O4 NAG K . -35.39 28.18 -39.98
O5 NAG K . -37.04 26.46 -37.19
O6 NAG K . -36.20 24.44 -38.33
O7 NAG K . -34.94 29.76 -34.24
C1 NAG L . 3.46 -21.02 -44.95
C2 NAG L . 2.21 -20.82 -45.81
C3 NAG L . 2.36 -19.56 -46.67
C4 NAG L . 2.69 -18.36 -45.79
C5 NAG L . 3.91 -18.65 -44.92
C6 NAG L . 4.22 -17.54 -43.94
C7 NAG L . 0.90 -22.76 -46.53
C8 NAG L . -0.08 -22.38 -45.45
N2 NAG L . 1.98 -21.98 -46.65
O3 NAG L . 1.15 -19.32 -47.38
O4 NAG L . 2.95 -17.23 -46.61
O5 NAG L . 3.69 -19.84 -44.15
O6 NAG L . 3.64 -16.31 -44.34
O7 NAG L . 0.72 -23.74 -47.25
C1 NAG M . -36.40 -35.93 13.06
C2 NAG M . -37.82 -36.45 13.31
C3 NAG M . -38.25 -36.15 14.74
C4 NAG M . -37.21 -36.69 15.72
C5 NAG M . -35.82 -36.17 15.38
C6 NAG M . -34.74 -36.77 16.25
C7 NAG M . -39.33 -36.57 11.38
C8 NAG M . -40.28 -35.81 10.50
N2 NAG M . -38.75 -35.86 12.36
O3 NAG M . -39.52 -36.74 14.99
O4 NAG M . -37.55 -36.29 17.05
O5 NAG M . -35.50 -36.51 14.02
O6 NAG M . -35.09 -38.07 16.69
O7 NAG M . -39.12 -37.76 11.21
C1 NAG N . 21.02 -15.86 -62.80
C2 NAG N . 21.53 -15.99 -64.23
C3 NAG N . 21.97 -14.62 -64.75
C4 NAG N . 20.85 -13.60 -64.59
C5 NAG N . 20.36 -13.57 -63.14
C6 NAG N . 19.18 -12.68 -62.93
C7 NAG N . 22.56 -18.04 -65.09
C8 NAG N . 23.78 -18.92 -65.07
N2 NAG N . 22.61 -16.94 -64.32
O3 NAG N . 22.32 -14.73 -66.12
O4 NAG N . 21.31 -12.30 -64.95
O5 NAG N . 19.97 -14.89 -62.73
O6 NAG N . 18.12 -13.01 -63.81
O7 NAG N . 21.58 -18.31 -65.77
C1 NAG O . -17.04 -27.92 -37.58
C2 NAG O . -17.78 -29.05 -36.86
C3 NAG O . -16.87 -30.27 -36.72
C4 NAG O . -16.31 -30.68 -38.07
C5 NAG O . -15.63 -29.48 -38.75
C6 NAG O . -15.16 -29.79 -40.15
C7 NAG O . -19.54 -28.72 -35.19
C8 NAG O . -19.86 -28.22 -33.82
N2 NAG O . -18.27 -28.61 -35.56
O3 NAG O . -17.60 -31.34 -36.15
O4 NAG O . -15.35 -31.72 -37.91
O5 NAG O . -16.56 -28.39 -38.85
O6 NAG O . -16.16 -29.48 -41.11
O7 NAG O . -20.40 -29.21 -35.93
C1 NAG P . 23.86 -50.50 -44.60
C2 NAG P . 22.84 -49.78 -43.72
C3 NAG P . 21.86 -50.78 -43.10
C4 NAG P . 21.23 -51.65 -44.18
C5 NAG P . 22.32 -52.31 -45.03
C6 NAG P . 21.76 -53.09 -46.19
C7 NAG P . 24.28 -49.46 -41.74
C8 NAG P . 24.84 -48.46 -40.79
N2 NAG P . 23.49 -48.97 -42.70
O3 NAG P . 20.84 -50.07 -42.39
O4 NAG P . 20.44 -52.67 -43.57
O5 NAG P . 23.17 -51.29 -45.58
O6 NAG P . 21.78 -52.34 -47.39
O7 NAG P . 24.53 -50.66 -41.64
C1 NAG Q . -51.16 -0.96 38.42
C2 NAG Q . -52.00 -0.25 39.48
C3 NAG Q . -53.48 -0.28 39.11
C4 NAG Q . -53.68 0.27 37.69
C5 NAG Q . -52.78 -0.46 36.72
C6 NAG Q . -52.84 0.11 35.32
C7 NAG Q . -52.08 -2.09 41.14
C8 NAG Q . -51.79 -2.47 42.56
N2 NAG Q . -51.80 -0.82 40.81
O3 NAG Q . -54.23 0.50 40.04
O4 NAG Q . -55.03 0.12 37.30
O5 NAG Q . -51.42 -0.37 37.14
O6 NAG Q . -51.96 1.22 35.17
O7 NAG Q . -52.54 -2.89 40.33
C1 NAG R . -73.56 12.96 -14.61
C2 NAG R . -73.54 11.44 -14.35
C3 NAG R . -74.49 10.72 -15.32
C4 NAG R . -75.87 11.34 -15.24
C5 NAG R . -75.81 12.85 -15.46
C6 NAG R . -77.13 13.54 -15.30
C7 NAG R . -71.44 10.93 -15.56
C8 NAG R . -70.08 10.31 -15.44
N2 NAG R . -72.20 10.89 -14.45
O3 NAG R . -74.55 9.34 -14.98
O4 NAG R . -76.72 10.76 -16.24
O5 NAG R . -74.90 13.44 -14.51
O6 NAG R . -77.14 14.37 -14.14
O7 NAG R . -71.83 11.44 -16.60
C1 NAG S . 7.56 38.03 -17.13
C2 NAG S . 6.03 38.08 -17.19
C3 NAG S . 5.59 38.99 -18.33
C4 NAG S . 6.25 40.36 -18.23
C5 NAG S . 7.76 40.21 -18.11
C6 NAG S . 8.46 41.53 -17.88
C7 NAG S . 4.57 36.25 -16.48
C8 NAG S . 4.09 34.86 -16.79
N2 NAG S . 5.47 36.76 -17.33
O3 NAG S . 4.18 39.12 -18.31
O4 NAG S . 5.93 41.15 -19.37
O5 NAG S . 8.09 39.36 -17.01
O6 NAG S . 8.48 41.86 -16.50
O7 NAG S . 4.16 36.88 -15.52
C1 NAG T . 29.61 29.59 -26.68
C2 NAG T . 28.71 30.54 -27.46
C3 NAG T . 28.42 29.97 -28.85
C4 NAG T . 29.72 29.62 -29.56
C5 NAG T . 30.58 28.72 -28.70
C6 NAG T . 31.93 28.44 -29.30
C7 NAG T . 27.00 32.04 -26.53
C8 NAG T . 25.71 32.13 -25.77
N2 NAG T . 27.47 30.81 -26.75
O3 NAG T . 27.68 30.91 -29.61
O4 NAG T . 29.43 28.96 -30.79
O5 NAG T . 30.81 29.34 -27.42
O6 NAG T . 32.75 29.61 -29.31
O7 NAG T . 27.59 33.04 -26.92
C1 NAG U . 61.58 -6.02 -28.59
C2 NAG U . 63.08 -5.78 -28.77
C3 NAG U . 63.86 -6.36 -27.59
C4 NAG U . 63.31 -5.83 -26.28
C5 NAG U . 61.80 -6.06 -26.19
C6 NAG U . 61.18 -5.45 -24.96
C7 NAG U . 63.88 -5.59 -31.08
C8 NAG U . 64.34 -6.34 -32.29
N2 NAG U . 63.55 -6.35 -30.02
O3 NAG U . 65.23 -6.03 -27.72
O4 NAG U . 63.94 -6.49 -25.18
O5 NAG U . 61.15 -5.47 -27.32
O6 NAG U . 61.86 -4.26 -24.56
O7 NAG U . 63.80 -4.37 -31.06
C1 NAG V . -23.71 41.39 -23.45
C2 NAG V . -24.10 42.87 -23.49
C3 NAG V . -25.47 43.07 -22.83
C4 NAG V . -26.50 42.14 -23.45
C5 NAG V . -26.00 40.70 -23.42
C6 NAG V . -26.93 39.74 -24.13
C7 NAG V . -22.44 44.68 -23.49
C8 NAG V . -21.43 45.43 -22.67
N2 NAG V . -23.09 43.70 -22.85
O3 NAG V . -25.87 44.42 -22.98
O4 NAG V . -27.73 42.24 -22.75
O5 NAG V . -24.73 40.60 -24.07
O6 NAG V . -27.43 40.30 -25.34
O7 NAG V . -22.65 44.94 -24.66
C1 NAG W . -45.03 36.57 6.82
C2 NAG W . -44.74 37.90 6.11
C3 NAG W . -45.99 38.41 5.41
C4 NAG W . -46.57 37.34 4.50
C5 NAG W . -46.78 36.04 5.26
C6 NAG W . -47.23 34.89 4.39
C7 NAG W . -42.94 39.24 7.11
C8 NAG W . -42.60 40.28 8.13
N2 NAG W . -44.24 38.89 7.05
O3 NAG W . -45.68 39.57 4.65
O4 NAG W . -47.81 37.77 3.96
O5 NAG W . -45.54 35.63 5.88
O6 NAG W . -46.80 33.64 4.91
O7 NAG W . -42.10 38.75 6.38
C1 NAG X . 34.01 35.49 32.01
C2 NAG X . 34.44 34.09 32.46
C3 NAG X . 35.97 33.97 32.45
C4 NAG X . 36.52 34.38 31.08
C5 NAG X . 36.00 35.78 30.70
C6 NAG X . 36.41 36.19 29.31
C7 NAG X . 34.18 34.44 34.90
C8 NAG X . 33.53 33.92 36.14
N2 NAG X . 33.91 33.75 33.78
O3 NAG X . 36.34 32.64 32.74
O4 NAG X . 37.94 34.41 31.12
O5 NAG X . 34.57 35.79 30.73
O6 NAG X . 36.35 35.11 28.39
O7 NAG X . 34.92 35.41 34.92
C1 NAG Y . 39.62 -2.77 -59.54
C2 NAG Y . 38.50 -2.48 -58.54
C3 NAG Y . 37.49 -1.51 -59.16
C4 NAG Y . 38.20 -0.26 -59.67
C5 NAG Y . 39.34 -0.64 -60.61
C6 NAG Y . 40.16 0.53 -61.06
C7 NAG Y . 38.14 -4.35 -57.00
C8 NAG Y . 37.36 -5.60 -56.72
N2 NAG Y . 37.84 -3.71 -58.13
O3 NAG Y . 36.53 -1.15 -58.19
O4 NAG Y . 37.28 0.57 -60.37
O5 NAG Y . 40.24 -1.55 -59.96
O6 NAG Y . 41.29 0.13 -61.85
O7 NAG Y . 39.02 -3.95 -56.24
C1 NAG Z . -24.99 43.70 4.74
C2 NAG Z . -26.17 44.63 4.96
C3 NAG Z . -26.04 45.86 4.06
C4 NAG Z . -24.69 46.53 4.26
C5 NAG Z . -23.57 45.52 4.09
C6 NAG Z . -22.21 46.09 4.40
C7 NAG Z . -28.44 43.95 5.57
C8 NAG Z . -29.67 43.19 5.16
N2 NAG Z . -27.43 43.95 4.71
O3 NAG Z . -27.09 46.78 4.35
O4 NAG Z . -24.53 47.59 3.33
O5 NAG Z . -23.77 44.41 4.98
O6 NAG Z . -21.43 45.19 5.20
O7 NAG Z . -28.39 44.53 6.65
C1 NAG AA . 32.98 11.08 15.35
C2 NAG AA . 34.08 10.12 15.84
C3 NAG AA . 35.08 9.86 14.73
C4 NAG AA . 34.37 9.37 13.47
C5 NAG AA . 33.27 10.35 13.07
C6 NAG AA . 32.44 9.87 11.91
C7 NAG AA . 34.49 10.23 18.26
C8 NAG AA . 35.27 10.89 19.35
N2 NAG AA . 34.75 10.65 17.01
O3 NAG AA . 36.02 8.87 15.16
O4 NAG AA . 35.30 9.26 12.39
O5 NAG AA . 32.37 10.53 14.18
O6 NAG AA . 33.23 9.14 10.97
O7 NAG AA . 33.66 9.36 18.49
C1 NAG BA . -1.59 56.37 35.58
C2 NAG BA . -1.89 57.06 36.91
C3 NAG BA . -2.78 58.27 36.68
C4 NAG BA . -2.16 59.20 35.64
C5 NAG BA . -1.84 58.42 34.37
C6 NAG BA . -1.12 59.25 33.34
C7 NAG BA . -1.96 55.80 39.01
C8 NAG BA . -2.74 54.83 39.86
N2 NAG BA . -2.52 56.14 37.85
O3 NAG BA . -2.96 58.97 37.92
O4 NAG BA . -3.06 60.26 35.34
O5 NAG BA . -1.00 57.31 34.67
O6 NAG BA . 0.20 58.78 33.12
O7 NAG BA . -0.88 56.25 39.38
C1 NAG CA . -47.17 42.95 17.65
C2 NAG CA . -46.03 43.97 17.70
C3 NAG CA . -46.56 45.32 18.17
C4 NAG CA . -47.74 45.76 17.33
C5 NAG CA . -48.80 44.67 17.29
C6 NAG CA . -49.96 45.00 16.38
C7 NAG CA . -43.66 43.73 18.28
C8 NAG CA . -42.68 43.18 19.26
N2 NAG CA . -44.95 43.50 18.55
O3 NAG CA . -45.51 46.28 18.10
O4 NAG CA . -48.30 46.95 17.87
O5 NAG CA . -48.23 43.44 16.83
O6 NAG CA . -49.55 45.00 15.01
O7 NAG CA . -43.30 44.36 17.28
C1 NAG DA . -62.05 23.12 21.03
C2 NAG DA . -63.53 22.74 21.11
C3 NAG DA . -64.25 23.67 22.09
C4 NAG DA . -63.55 23.67 23.44
C5 NAG DA . -62.07 23.99 23.26
C6 NAG DA . -61.29 23.89 24.55
C7 NAG DA . -64.58 21.72 19.13
C8 NAG DA . -64.37 20.41 19.82
N2 NAG DA . -64.15 22.80 19.79
O3 NAG DA . -65.60 23.23 22.24
O4 NAG DA . -64.15 24.63 24.30
O5 NAG DA . -61.47 23.08 22.34
O6 NAG DA . -60.05 24.58 24.47
O7 NAG DA . -65.10 21.80 18.03
C1 NAG EA . -9.41 -36.81 3.06
C2 NAG EA . -9.88 -37.59 1.84
C3 NAG EA . -8.69 -38.23 1.12
C4 NAG EA . -7.64 -37.17 0.80
C5 NAG EA . -7.27 -36.41 2.07
C6 NAG EA . -6.31 -35.27 1.80
C7 NAG EA . -12.17 -38.44 2.04
C8 NAG EA . -13.04 -39.59 2.47
N2 NAG EA . -10.86 -38.60 2.21
O3 NAG EA . -9.14 -38.85 -0.07
O4 NAG EA . -6.48 -37.79 0.26
O5 NAG EA . -8.44 -35.84 2.66
O6 NAG EA . -6.63 -34.59 0.58
O7 NAG EA . -12.65 -37.43 1.54
C1 NAG FA . -20.86 -47.47 27.47
C2 NAG FA . -21.72 -47.59 26.22
C3 NAG FA . -21.58 -48.98 25.61
C4 NAG FA . -20.11 -49.30 25.36
C5 NAG FA . -19.31 -49.12 26.65
C6 NAG FA . -17.82 -49.30 26.45
C7 NAG FA . -23.95 -46.68 25.66
C8 NAG FA . -25.35 -46.48 26.14
N2 NAG FA . -23.12 -47.31 26.52
O3 NAG FA . -22.30 -49.04 24.38
O4 NAG FA . -19.98 -50.65 24.92
O5 NAG FA . -19.50 -47.78 27.15
O6 NAG FA . -17.12 -48.10 26.71
O7 NAG FA . -23.56 -46.30 24.57
C1 NAG GA . 34.40 -31.34 16.66
C2 NAG GA . 35.09 -30.40 17.65
C3 NAG GA . 36.32 -29.76 17.02
C4 NAG GA . 37.25 -30.83 16.46
C5 NAG GA . 36.48 -31.75 15.51
C6 NAG GA . 37.31 -32.91 15.02
C7 NAG GA . 34.13 -28.97 19.39
C8 NAG GA . 33.12 -27.90 19.71
N2 NAG GA . 34.16 -29.38 18.13
O3 NAG GA . 37.01 -28.99 18.00
O4 NAG GA . 38.32 -30.22 15.76
O5 NAG GA . 35.35 -32.31 16.19
O6 NAG GA . 36.55 -34.10 14.95
O7 NAG GA . 34.88 -29.42 20.25
C1 NAG HA . -32.26 -35.98 40.81
C2 NAG HA . -33.68 -35.51 41.13
C3 NAG HA . -33.89 -35.47 42.65
C4 NAG HA . -33.54 -36.83 43.26
C5 NAG HA . -32.13 -37.23 42.86
C6 NAG HA . -31.76 -38.62 43.34
C7 NAG HA . -35.02 -33.94 39.81
C8 NAG HA . -35.14 -32.55 39.29
N2 NAG HA . -33.94 -34.21 40.55
O3 NAG HA . -35.24 -35.15 42.93
O4 NAG HA . -33.61 -36.73 44.69
O5 NAG HA . -32.02 -37.25 41.43
O6 NAG HA . -32.33 -39.63 42.52
O7 NAG HA . -35.88 -34.79 39.58
C1 NAG IA . -0.97 11.99 48.93
C2 NAG IA . -1.22 12.88 50.14
C3 NAG IA . -0.08 12.73 51.15
C4 NAG IA . 0.13 11.26 51.50
C5 NAG IA . 0.33 10.44 50.22
C6 NAG IA . 0.44 8.96 50.49
C7 NAG IA . -0.49 15.01 49.14
C8 NAG IA . -0.89 16.43 48.85
N2 NAG IA . -1.41 14.27 49.77
O3 NAG IA . -0.39 13.47 52.33
O4 NAG IA . 1.29 11.12 52.32
O5 NAG IA . -0.79 10.63 49.35
O6 NAG IA . -0.84 8.35 50.53
O7 NAG IA . 0.61 14.58 48.84
C1 NAG JA . 62.92 -27.44 -20.34
C2 NAG JA . 64.40 -27.12 -20.18
C3 NAG JA . 64.75 -26.93 -18.70
C4 NAG JA . 63.84 -25.89 -18.07
C5 NAG JA . 62.38 -26.25 -18.31
C6 NAG JA . 61.42 -25.21 -17.81
C7 NAG JA . 66.35 -27.90 -21.45
C8 NAG JA . 67.07 -29.09 -21.99
N2 NAG JA . 65.22 -28.15 -20.77
O3 NAG JA . 66.11 -26.52 -18.58
O4 NAG JA . 64.08 -25.83 -16.66
O5 NAG JA . 62.14 -26.40 -19.71
O6 NAG JA . 61.66 -23.95 -18.41
O7 NAG JA . 66.76 -26.76 -21.62
C1 NAG KA . -18.76 -28.58 67.90
C2 NAG KA . -17.68 -27.59 68.33
C3 NAG KA . -16.83 -28.17 69.44
C4 NAG KA . -17.71 -28.64 70.60
C5 NAG KA . -18.78 -29.59 70.08
C6 NAG KA . -19.77 -30.01 71.15
C7 NAG KA . -16.69 -25.93 66.81
C8 NAG KA . -17.43 -24.90 67.60
N2 NAG KA . -16.84 -27.20 67.21
O3 NAG KA . -15.91 -27.19 69.91
O4 NAG KA . -16.93 -29.31 71.58
O5 NAG KA . -19.54 -28.96 69.04
O6 NAG KA . -20.77 -29.00 71.35
O7 NAG KA . -15.97 -25.64 65.85
C1 NAG LA . -26.24 -42.09 61.67
C2 NAG LA . -25.36 -41.58 62.82
C3 NAG LA . -25.61 -42.42 64.07
C4 NAG LA . -27.09 -42.47 64.41
C5 NAG LA . -27.89 -42.94 63.20
C6 NAG LA . -29.38 -42.89 63.43
C7 NAG LA . -23.09 -40.65 62.85
C8 NAG LA . -21.68 -40.82 62.38
N2 NAG LA . -23.96 -41.59 62.45
O3 NAG LA . -24.88 -41.86 65.16
O4 NAG LA . -27.31 -43.35 65.49
O5 NAG LA . -27.62 -42.09 62.07
O6 NAG LA . -29.99 -41.86 62.66
O7 NAG LA . -23.44 -39.71 63.56
C1 NAG MA . -7.36 31.22 49.84
C2 NAG MA . -7.24 32.67 50.32
C3 NAG MA . -6.02 32.84 51.21
C4 NAG MA . -6.03 31.81 52.34
C5 NAG MA . -6.18 30.40 51.77
C6 NAG MA . -6.33 29.34 52.85
C7 NAG MA . -6.26 33.62 48.26
C8 NAG MA . -6.42 34.68 47.20
N2 NAG MA . -7.21 33.60 49.21
O3 NAG MA . -6.00 34.16 51.75
O4 NAG MA . -4.82 31.89 53.08
O5 NAG MA . -7.37 30.33 50.97
O6 NAG MA . -6.47 28.04 52.28
O7 NAG MA . -5.32 32.84 48.25
#